data_1ZMD
#
_entry.id   1ZMD
#
_cell.length_a   175.871
_cell.length_b   210.914
_cell.length_c   127.096
_cell.angle_alpha   90.00
_cell.angle_beta   90.00
_cell.angle_gamma   90.00
#
_symmetry.space_group_name_H-M   'P 21 21 2'
#
loop_
_entity.id
_entity.type
_entity.pdbx_description
1 polymer 'Dihydrolipoyl dehydrogenase'
2 non-polymer 'SULFATE ION'
3 non-polymer 'FLAVIN-ADENINE DINUCLEOTIDE'
4 non-polymer '1,4-DIHYDRONICOTINAMIDE ADENINE DINUCLEOTIDE'
5 water water
#
_entity_poly.entity_id   1
_entity_poly.type   'polypeptide(L)'
_entity_poly.pdbx_seq_one_letter_code
;ADQPIDADVTVIGSGPGGYVAAIKAAQLGFKTVCIEKNETLGGTCLNVGCIPSKALLNNSHYYHMAHGTDFASRGIEMSE
VRLNLDKMMEQKSTAVKALTGGIAHLFKQNKVVHVNGYGKITGKNQVTATKADGGTQVIDTKNILIATGSEVTPFPGITI
DEDTIVSSTGALSLKKVPEKMVVIGAGVIGVELGSVWQRLGADVTAVEFLGHVGGVGIDMEISKNFQRILQKQGFKFKLN
TKVTGATKKSDGKIDVSIEAASGGKAEVITCDVLLVCIGRRPFTKNLGLEELGIELDPRGRIPVNTRFQTKIPNIYAIGD
VVAGPMLAHKAEDEGIICVEGMAGGAVHIDYNCVPSVIYTHPEVAWVGKSEEQLKEEGIEYKVGKFPFAANSRAKTNADT
DGMVKILGQKSTDRVLGAHILGPGAGEMVNEAALALEYGASCEDIARVCHAHPTLSEAFREANLAASFGKSINF
;
_entity_poly.pdbx_strand_id   A,B,C,D,E,F,G,H
#
loop_
_chem_comp.id
_chem_comp.type
_chem_comp.name
_chem_comp.formula
FAD non-polymer 'FLAVIN-ADENINE DINUCLEOTIDE' 'C27 H33 N9 O15 P2'
NAI non-polymer '1,4-DIHYDRONICOTINAMIDE ADENINE DINUCLEOTIDE' 'C21 H29 N7 O14 P2'
SO4 non-polymer 'SULFATE ION' 'O4 S -2'
#
# COMPACT_ATOMS: atom_id res chain seq x y z
N GLN A 3 50.24 27.85 37.64
CA GLN A 3 50.03 27.56 36.19
C GLN A 3 48.68 26.91 35.82
N PRO A 4 47.55 27.37 36.40
CA PRO A 4 46.26 26.75 36.05
C PRO A 4 45.80 27.27 34.69
N ILE A 5 45.10 26.43 33.94
CA ILE A 5 44.60 26.85 32.63
C ILE A 5 43.06 26.89 32.66
N ASP A 6 42.45 27.77 31.88
CA ASP A 6 41.01 27.82 31.89
C ASP A 6 40.38 27.52 30.54
N ALA A 7 39.18 26.98 30.58
CA ALA A 7 38.49 26.63 29.35
C ALA A 7 36.98 26.63 29.49
N ASP A 8 36.32 26.57 28.35
CA ASP A 8 34.86 26.47 28.28
C ASP A 8 34.48 24.99 28.33
N VAL A 9 35.27 24.17 27.64
CA VAL A 9 35.03 22.74 27.52
C VAL A 9 36.31 21.93 27.66
N THR A 10 36.30 20.98 28.59
CA THR A 10 37.46 20.14 28.79
C THR A 10 37.00 18.72 28.55
N VAL A 11 37.60 18.14 27.54
CA VAL A 11 37.31 16.79 27.10
C VAL A 11 38.32 15.81 27.70
N ILE A 12 37.83 14.82 28.42
CA ILE A 12 38.71 13.84 29.04
C ILE A 12 38.67 12.63 28.15
N GLY A 13 39.77 12.40 27.44
CA GLY A 13 39.87 11.28 26.51
C GLY A 13 39.95 11.75 25.05
N SER A 14 40.85 11.15 24.28
CA SER A 14 41.05 11.53 22.89
C SER A 14 40.72 10.45 21.89
N GLY A 15 39.84 9.53 22.24
CA GLY A 15 39.44 8.53 21.27
C GLY A 15 38.46 9.18 20.31
N PRO A 16 37.82 8.39 19.41
CA PRO A 16 36.85 8.89 18.44
C PRO A 16 35.84 9.91 19.03
N GLY A 17 35.25 9.56 20.17
CA GLY A 17 34.29 10.45 20.79
C GLY A 17 34.95 11.76 21.21
N GLY A 18 35.98 11.64 22.04
CA GLY A 18 36.67 12.80 22.56
C GLY A 18 37.38 13.72 21.59
N TYR A 19 38.19 13.17 20.70
CA TYR A 19 38.92 14.06 19.79
C TYR A 19 38.02 14.81 18.80
N VAL A 20 36.94 14.16 18.35
CA VAL A 20 36.00 14.80 17.45
C VAL A 20 35.22 15.87 18.19
N ALA A 21 34.78 15.57 19.42
CA ALA A 21 34.05 16.53 20.24
C ALA A 21 34.91 17.77 20.50
N ALA A 22 36.19 17.55 20.83
CA ALA A 22 37.15 18.65 21.10
C ALA A 22 37.28 19.55 19.87
N ILE A 23 37.47 18.94 18.70
CA ILE A 23 37.58 19.70 17.45
C ILE A 23 36.28 20.48 17.19
N LYS A 24 35.15 19.76 17.25
CA LYS A 24 33.86 20.40 17.02
C LYS A 24 33.66 21.57 18.00
N ALA A 25 33.96 21.35 19.27
CA ALA A 25 33.78 22.40 20.25
C ALA A 25 34.64 23.62 19.90
N ALA A 26 35.87 23.37 19.50
CA ALA A 26 36.75 24.47 19.14
C ALA A 26 36.17 25.22 17.91
N GLN A 27 35.71 24.46 16.92
CA GLN A 27 35.15 25.10 15.73
C GLN A 27 33.89 25.93 16.06
N LEU A 28 33.16 25.56 17.11
CA LEU A 28 31.95 26.28 17.52
C LEU A 28 32.27 27.52 18.32
N GLY A 29 33.56 27.71 18.64
CA GLY A 29 33.99 28.88 19.39
C GLY A 29 34.36 28.66 20.86
N PHE A 30 34.24 27.44 21.37
CA PHE A 30 34.59 27.20 22.77
C PHE A 30 36.10 27.08 22.97
N LYS A 31 36.61 27.67 24.04
CA LYS A 31 38.03 27.51 24.37
C LYS A 31 38.04 26.05 24.86
N THR A 32 38.78 25.20 24.14
CA THR A 32 38.76 23.77 24.42
C THR A 32 40.06 23.09 24.79
N VAL A 33 39.94 22.19 25.76
CA VAL A 33 41.06 21.42 26.24
C VAL A 33 40.74 19.95 26.13
N CYS A 34 41.71 19.16 25.64
CA CYS A 34 41.52 17.71 25.55
C CYS A 34 42.68 17.06 26.31
N ILE A 35 42.31 16.22 27.28
CA ILE A 35 43.25 15.51 28.14
C ILE A 35 43.34 14.05 27.75
N GLU A 36 44.55 13.56 27.58
CA GLU A 36 44.78 12.17 27.21
C GLU A 36 45.94 11.59 28.06
N LYS A 37 45.72 10.41 28.62
CA LYS A 37 46.76 9.76 29.43
C LYS A 37 47.73 8.93 28.61
N ASN A 38 47.32 8.40 27.46
CA ASN A 38 48.24 7.59 26.66
C ASN A 38 49.26 8.45 25.89
N GLU A 39 50.29 7.78 25.38
CA GLU A 39 51.38 8.46 24.65
C GLU A 39 50.96 9.03 23.33
N THR A 40 49.85 8.53 22.78
CA THR A 40 49.35 9.01 21.50
C THR A 40 47.87 9.36 21.69
N LEU A 41 47.32 10.04 20.69
CA LEU A 41 45.92 10.43 20.68
C LEU A 41 45.17 9.35 19.90
N GLY A 42 43.83 9.35 19.97
CA GLY A 42 43.11 8.40 19.15
C GLY A 42 42.41 7.25 19.83
N GLY A 43 42.63 7.12 21.13
CA GLY A 43 41.99 6.06 21.90
C GLY A 43 42.13 4.67 21.32
N THR A 44 41.16 3.83 21.67
CA THR A 44 41.13 2.44 21.25
C THR A 44 41.12 2.27 19.72
N CYS A 45 40.16 2.91 19.08
N CYS A 45 40.16 2.94 19.09
CA CYS A 45 39.98 2.82 17.64
CA CYS A 45 39.96 2.91 17.65
C CYS A 45 41.24 3.01 16.84
C CYS A 45 41.23 3.02 16.85
N LEU A 46 41.94 4.11 17.03
CA LEU A 46 43.16 4.32 16.28
C LEU A 46 44.36 3.48 16.67
N ASN A 47 44.57 3.30 17.97
CA ASN A 47 45.77 2.61 18.40
C ASN A 47 45.75 1.10 18.47
N VAL A 48 44.68 0.54 19.04
CA VAL A 48 44.60 -0.92 19.19
C VAL A 48 43.22 -1.42 18.80
N GLY A 49 42.64 -0.78 17.79
CA GLY A 49 41.33 -1.18 17.39
C GLY A 49 40.99 -1.18 15.92
N CYS A 50 40.07 -0.28 15.57
N CYS A 50 40.04 -0.31 15.57
CA CYS A 50 39.57 -0.13 14.22
CA CYS A 50 39.55 -0.19 14.21
C CYS A 50 40.68 -0.08 13.18
C CYS A 50 40.65 -0.04 13.14
N ILE A 51 41.60 0.88 13.36
CA ILE A 51 42.66 1.09 12.39
C ILE A 51 43.60 -0.10 12.16
N PRO A 52 44.29 -0.61 13.22
CA PRO A 52 45.18 -1.75 12.95
C PRO A 52 44.42 -3.02 12.53
N SER A 53 43.23 -3.27 13.07
CA SER A 53 42.51 -4.48 12.65
C SER A 53 42.12 -4.42 11.16
N LYS A 54 41.68 -3.24 10.68
CA LYS A 54 41.31 -3.13 9.27
C LYS A 54 42.55 -3.25 8.36
N ALA A 55 43.68 -2.72 8.82
CA ALA A 55 44.91 -2.84 8.04
C ALA A 55 45.25 -4.33 7.84
N LEU A 56 45.16 -5.11 8.92
CA LEU A 56 45.46 -6.54 8.85
C LEU A 56 44.44 -7.30 8.05
N LEU A 57 43.17 -6.92 8.20
CA LEU A 57 42.10 -7.56 7.44
C LEU A 57 42.34 -7.34 5.94
N ASN A 58 42.74 -6.13 5.59
CA ASN A 58 42.99 -5.82 4.19
C ASN A 58 44.21 -6.56 3.63
N ASN A 59 45.31 -6.51 4.36
CA ASN A 59 46.53 -7.17 3.91
C ASN A 59 46.38 -8.71 3.91
N SER A 60 45.74 -9.26 4.94
CA SER A 60 45.57 -10.72 5.00
C SER A 60 44.65 -11.20 3.89
N HIS A 61 43.69 -10.39 3.47
CA HIS A 61 42.79 -10.79 2.39
C HIS A 61 43.58 -10.84 1.07
N TYR A 62 44.40 -9.82 0.84
CA TYR A 62 45.21 -9.77 -0.36
C TYR A 62 46.21 -10.92 -0.39
N TYR A 63 46.78 -11.25 0.77
CA TYR A 63 47.70 -12.37 0.83
C TYR A 63 46.94 -13.60 0.31
N HIS A 64 45.76 -13.84 0.87
CA HIS A 64 44.92 -14.95 0.49
C HIS A 64 44.67 -15.01 -1.02
N MET A 65 44.34 -13.85 -1.62
CA MET A 65 44.05 -13.76 -3.06
C MET A 65 45.27 -14.13 -3.90
N ALA A 66 46.45 -13.75 -3.41
CA ALA A 66 47.71 -14.04 -4.09
C ALA A 66 48.20 -15.47 -3.88
N HIS A 67 48.30 -15.87 -2.62
CA HIS A 67 48.79 -17.19 -2.22
C HIS A 67 47.82 -18.28 -2.71
N GLY A 68 46.53 -18.00 -2.61
CA GLY A 68 45.50 -18.93 -3.01
C GLY A 68 45.32 -19.05 -4.51
N THR A 69 44.10 -19.36 -4.94
CA THR A 69 43.79 -19.54 -6.36
C THR A 69 43.24 -18.33 -7.13
N ASP A 70 42.87 -17.28 -6.41
CA ASP A 70 42.28 -16.13 -7.07
C ASP A 70 43.11 -15.44 -8.16
N PHE A 71 44.30 -14.97 -7.82
CA PHE A 71 45.11 -14.29 -8.84
C PHE A 71 45.45 -15.26 -9.96
N ALA A 72 45.73 -16.50 -9.61
CA ALA A 72 46.07 -17.50 -10.61
C ALA A 72 44.95 -17.59 -11.62
N SER A 73 43.71 -17.52 -11.15
CA SER A 73 42.55 -17.61 -12.04
C SER A 73 42.42 -16.38 -12.95
N ARG A 74 43.17 -15.32 -12.65
CA ARG A 74 43.07 -14.12 -13.46
C ARG A 74 44.27 -13.92 -14.39
N GLY A 75 45.12 -14.94 -14.50
CA GLY A 75 46.29 -14.84 -15.35
C GLY A 75 47.44 -14.12 -14.67
N ILE A 76 47.40 -14.01 -13.35
CA ILE A 76 48.46 -13.35 -12.60
C ILE A 76 49.24 -14.47 -11.95
N GLU A 77 50.23 -14.96 -12.70
CA GLU A 77 51.03 -16.08 -12.24
C GLU A 77 52.26 -15.73 -11.43
N MET A 78 52.31 -16.32 -10.24
CA MET A 78 53.41 -16.11 -9.30
C MET A 78 54.20 -17.37 -8.98
N SER A 79 55.50 -17.15 -8.82
CA SER A 79 56.44 -18.20 -8.46
C SER A 79 56.14 -18.83 -7.09
N GLU A 80 56.46 -18.11 -6.02
CA GLU A 80 56.24 -18.61 -4.66
C GLU A 80 55.75 -17.44 -3.80
N VAL A 81 54.46 -17.38 -3.49
CA VAL A 81 53.95 -16.29 -2.67
C VAL A 81 54.36 -16.56 -1.24
N ARG A 82 55.02 -15.59 -0.62
CA ARG A 82 55.51 -15.72 0.76
C ARG A 82 55.02 -14.59 1.70
N LEU A 83 54.84 -14.92 2.97
CA LEU A 83 54.41 -13.98 3.99
C LEU A 83 55.56 -13.40 4.79
N ASN A 84 55.72 -12.09 4.70
CA ASN A 84 56.73 -11.39 5.48
C ASN A 84 55.90 -10.71 6.58
N LEU A 85 55.65 -11.44 7.66
CA LEU A 85 54.84 -10.90 8.73
C LEU A 85 55.36 -9.59 9.28
N ASP A 86 56.68 -9.43 9.32
CA ASP A 86 57.25 -8.19 9.81
C ASP A 86 56.85 -7.00 8.94
N LYS A 87 56.96 -7.16 7.62
CA LYS A 87 56.62 -6.11 6.68
C LYS A 87 55.11 -5.78 6.76
N MET A 88 54.29 -6.81 6.84
CA MET A 88 52.86 -6.60 6.94
C MET A 88 52.47 -5.84 8.21
N MET A 89 53.17 -6.12 9.31
CA MET A 89 52.89 -5.45 10.57
C MET A 89 53.31 -4.01 10.50
N GLU A 90 54.33 -3.76 9.68
CA GLU A 90 54.89 -2.44 9.46
C GLU A 90 53.89 -1.54 8.71
N GLN A 91 53.24 -2.12 7.71
CA GLN A 91 52.25 -1.37 6.95
C GLN A 91 51.13 -0.92 7.92
N LYS A 92 50.72 -1.85 8.78
CA LYS A 92 49.68 -1.62 9.77
C LYS A 92 50.09 -0.46 10.70
N SER A 93 51.33 -0.52 11.15
CA SER A 93 51.89 0.47 12.05
C SER A 93 52.08 1.84 11.41
N THR A 94 52.47 1.86 10.15
CA THR A 94 52.67 3.12 9.45
C THR A 94 51.36 3.88 9.39
N ALA A 95 50.26 3.14 9.24
CA ALA A 95 48.95 3.76 9.14
C ALA A 95 48.55 4.33 10.48
N VAL A 96 48.72 3.55 11.54
CA VAL A 96 48.39 3.99 12.88
C VAL A 96 49.19 5.24 13.28
N LYS A 97 50.46 5.29 12.88
CA LYS A 97 51.30 6.44 13.22
C LYS A 97 50.86 7.67 12.45
N ALA A 98 50.59 7.49 11.17
CA ALA A 98 50.15 8.60 10.36
C ALA A 98 48.83 9.18 10.90
N LEU A 99 47.83 8.34 11.14
CA LEU A 99 46.55 8.83 11.62
C LEU A 99 46.58 9.48 13.00
N THR A 100 47.37 8.91 13.93
CA THR A 100 47.49 9.48 15.28
C THR A 100 48.18 10.83 15.23
N GLY A 101 49.14 10.97 14.31
CA GLY A 101 49.86 12.21 14.16
C GLY A 101 48.95 13.24 13.53
N GLY A 102 47.99 12.73 12.77
CA GLY A 102 47.04 13.59 12.10
C GLY A 102 46.15 14.27 13.12
N ILE A 103 45.75 13.55 14.15
CA ILE A 103 44.88 14.15 15.16
C ILE A 103 45.60 15.31 15.85
N ALA A 104 46.90 15.11 16.14
CA ALA A 104 47.71 16.14 16.79
C ALA A 104 47.73 17.41 15.95
N HIS A 105 47.89 17.25 14.63
N HIS A 105 47.88 17.24 14.63
CA HIS A 105 47.89 18.39 13.72
CA HIS A 105 47.88 18.38 13.73
C HIS A 105 46.50 19.08 13.70
C HIS A 105 46.50 19.08 13.68
N LEU A 106 45.42 18.29 13.71
CA LEU A 106 44.07 18.85 13.70
C LEU A 106 43.81 19.61 15.00
N PHE A 107 44.38 19.14 16.11
CA PHE A 107 44.18 19.84 17.38
C PHE A 107 44.84 21.21 17.28
N LYS A 108 46.01 21.23 16.67
CA LYS A 108 46.74 22.46 16.52
C LYS A 108 46.02 23.44 15.60
N GLN A 109 45.55 22.94 14.46
CA GLN A 109 44.83 23.73 13.46
C GLN A 109 43.56 24.38 14.03
N ASN A 110 42.91 23.66 14.94
CA ASN A 110 41.68 24.10 15.59
C ASN A 110 41.78 24.77 16.97
N LYS A 111 43.00 24.98 17.45
CA LYS A 111 43.24 25.59 18.75
C LYS A 111 42.91 24.69 19.93
N VAL A 112 42.85 23.38 19.74
CA VAL A 112 42.56 22.54 20.90
C VAL A 112 43.83 22.40 21.74
N VAL A 113 43.73 22.65 23.04
CA VAL A 113 44.87 22.53 23.93
C VAL A 113 44.93 21.09 24.44
N HIS A 114 45.99 20.41 24.04
CA HIS A 114 46.22 19.02 24.42
C HIS A 114 46.99 18.94 25.75
N VAL A 115 46.40 18.31 26.77
CA VAL A 115 47.09 18.12 28.04
C VAL A 115 47.34 16.61 28.20
N ASN A 116 48.59 16.25 28.44
CA ASN A 116 48.99 14.85 28.67
C ASN A 116 48.94 14.58 30.18
N GLY A 117 48.27 13.49 30.56
CA GLY A 117 48.15 13.13 31.97
C GLY A 117 46.82 12.43 32.24
N TYR A 118 46.71 11.79 33.40
CA TYR A 118 45.49 11.08 33.80
C TYR A 118 44.61 12.15 34.43
N GLY A 119 43.45 12.37 33.83
CA GLY A 119 42.58 13.40 34.35
C GLY A 119 41.64 12.93 35.40
N LYS A 120 41.32 13.82 36.34
CA LYS A 120 40.39 13.47 37.40
C LYS A 120 39.55 14.71 37.66
N ILE A 121 38.25 14.52 37.80
CA ILE A 121 37.38 15.68 38.05
C ILE A 121 37.55 15.94 39.53
N THR A 122 38.12 17.10 39.83
CA THR A 122 38.40 17.49 41.20
C THR A 122 37.50 18.61 41.70
N GLY A 123 36.45 18.87 40.92
CA GLY A 123 35.47 19.89 41.26
C GLY A 123 34.44 20.01 40.16
N LYS A 124 33.26 20.52 40.50
CA LYS A 124 32.19 20.72 39.54
C LYS A 124 32.75 21.42 38.31
N ASN A 125 33.67 22.36 38.50
CA ASN A 125 34.24 23.08 37.37
C ASN A 125 35.76 22.95 37.32
N GLN A 126 36.27 21.77 37.63
CA GLN A 126 37.71 21.59 37.62
C GLN A 126 38.17 20.18 37.32
N VAL A 127 39.19 20.09 36.48
CA VAL A 127 39.78 18.82 36.14
C VAL A 127 41.26 18.94 36.40
N THR A 128 41.83 17.90 37.02
CA THR A 128 43.28 17.89 37.27
C THR A 128 43.86 16.68 36.53
N ALA A 129 44.92 16.93 35.76
CA ALA A 129 45.58 15.89 34.99
C ALA A 129 46.96 15.69 35.60
N THR A 130 47.24 14.46 36.02
CA THR A 130 48.52 14.13 36.63
C THR A 130 49.38 13.34 35.66
N LYS A 131 50.56 13.86 35.35
CA LYS A 131 51.46 13.18 34.43
C LYS A 131 52.20 12.01 35.10
N ALA A 132 52.91 11.23 34.30
CA ALA A 132 53.67 10.09 34.80
C ALA A 132 54.66 10.51 35.88
N ASP A 133 55.32 11.64 35.64
CA ASP A 133 56.31 12.16 36.57
C ASP A 133 55.68 12.78 37.80
N GLY A 134 54.38 12.57 37.98
CA GLY A 134 53.71 13.15 39.13
C GLY A 134 53.36 14.61 38.94
N GLY A 135 53.82 15.20 37.83
CA GLY A 135 53.50 16.59 37.55
C GLY A 135 52.00 16.84 37.52
N THR A 136 51.60 18.08 37.78
CA THR A 136 50.19 18.42 37.80
C THR A 136 49.76 19.65 36.99
N GLN A 137 48.61 19.52 36.32
CA GLN A 137 48.01 20.60 35.53
C GLN A 137 46.53 20.68 35.89
N VAL A 138 46.11 21.86 36.32
CA VAL A 138 44.73 22.05 36.71
C VAL A 138 44.04 22.84 35.62
N ILE A 139 42.79 22.48 35.38
CA ILE A 139 41.99 23.14 34.36
C ILE A 139 40.64 23.55 34.97
N ASP A 140 40.43 24.86 35.05
CA ASP A 140 39.15 25.38 35.54
C ASP A 140 38.34 25.47 34.27
N THR A 141 37.17 24.87 34.29
CA THR A 141 36.38 24.78 33.09
C THR A 141 34.87 24.91 33.34
N LYS A 142 34.17 25.49 32.37
CA LYS A 142 32.73 25.64 32.46
C LYS A 142 32.05 24.28 32.29
N ASN A 143 32.54 23.50 31.35
CA ASN A 143 31.96 22.20 31.08
C ASN A 143 33.01 21.13 31.02
N ILE A 144 32.57 19.92 31.33
CA ILE A 144 33.41 18.72 31.31
C ILE A 144 32.72 17.66 30.47
N LEU A 145 33.49 17.09 29.54
CA LEU A 145 32.97 16.07 28.68
C LEU A 145 33.76 14.80 28.90
N ILE A 146 33.12 13.82 29.49
CA ILE A 146 33.78 12.56 29.76
C ILE A 146 33.68 11.68 28.51
N ALA A 147 34.84 11.35 27.96
CA ALA A 147 34.90 10.51 26.79
C ALA A 147 36.04 9.50 27.07
N THR A 148 35.98 8.91 28.26
CA THR A 148 36.99 7.96 28.73
C THR A 148 36.98 6.55 28.11
N GLY A 149 35.97 6.27 27.31
CA GLY A 149 35.92 5.01 26.62
C GLY A 149 35.71 3.69 27.33
N SER A 150 36.43 2.69 26.83
CA SER A 150 36.33 1.32 27.31
C SER A 150 37.67 0.60 27.49
N GLU A 151 37.56 -0.67 27.91
CA GLU A 151 38.69 -1.58 28.14
C GLU A 151 38.17 -2.98 27.80
N VAL A 152 39.07 -3.92 27.53
CA VAL A 152 38.59 -5.27 27.22
C VAL A 152 37.92 -5.86 28.46
N THR A 153 36.91 -6.67 28.27
CA THR A 153 36.24 -7.29 29.41
C THR A 153 37.06 -8.53 29.78
N PRO A 154 37.58 -8.58 31.01
CA PRO A 154 38.37 -9.74 31.41
C PRO A 154 37.55 -11.01 31.67
N PHE A 155 38.16 -12.15 31.37
CA PHE A 155 37.53 -13.45 31.56
C PHE A 155 38.09 -13.92 32.91
N PRO A 156 37.22 -14.04 33.93
CA PRO A 156 37.67 -14.47 35.25
C PRO A 156 38.34 -15.84 35.25
N GLY A 157 39.54 -15.93 35.82
CA GLY A 157 40.23 -17.20 35.86
C GLY A 157 41.33 -17.30 34.83
N ILE A 158 41.15 -16.63 33.69
CA ILE A 158 42.15 -16.64 32.64
C ILE A 158 42.75 -15.25 32.70
N THR A 159 44.06 -15.16 32.87
CA THR A 159 44.67 -13.84 32.89
C THR A 159 45.41 -13.63 31.58
N ILE A 160 45.15 -12.49 30.95
CA ILE A 160 45.75 -12.17 29.67
C ILE A 160 47.14 -11.61 29.85
N ASP A 161 48.09 -12.13 29.07
CA ASP A 161 49.47 -11.67 29.15
C ASP A 161 49.94 -11.04 27.86
N GLU A 162 49.02 -10.95 26.90
CA GLU A 162 49.32 -10.38 25.60
C GLU A 162 50.49 -11.08 24.93
N ASP A 163 50.80 -12.29 25.39
CA ASP A 163 51.87 -13.09 24.76
C ASP A 163 51.23 -14.32 24.12
N THR A 164 50.81 -15.29 24.94
CA THR A 164 50.16 -16.48 24.41
C THR A 164 48.67 -16.40 24.69
N ILE A 165 48.33 -15.72 25.77
CA ILE A 165 46.92 -15.52 26.09
C ILE A 165 46.71 -14.03 25.86
N VAL A 166 46.10 -13.71 24.74
CA VAL A 166 45.89 -12.31 24.34
C VAL A 166 44.47 -11.78 24.23
N SER A 167 44.38 -10.45 24.25
CA SER A 167 43.12 -9.73 24.07
C SER A 167 43.36 -9.29 22.62
N SER A 168 42.43 -8.50 22.07
CA SER A 168 42.58 -8.04 20.70
C SER A 168 43.89 -7.29 20.52
N THR A 169 44.38 -6.63 21.57
CA THR A 169 45.64 -5.89 21.44
C THR A 169 46.82 -6.79 21.07
N GLY A 170 47.06 -7.85 21.83
CA GLY A 170 48.14 -8.76 21.49
C GLY A 170 47.85 -9.50 20.19
N ALA A 171 46.59 -9.80 19.93
CA ALA A 171 46.24 -10.48 18.68
C ALA A 171 46.60 -9.62 17.48
N LEU A 172 46.63 -8.29 17.67
CA LEU A 172 46.96 -7.40 16.55
C LEU A 172 48.45 -7.29 16.28
N SER A 173 49.25 -7.76 17.24
CA SER A 173 50.71 -7.72 17.11
C SER A 173 51.43 -9.06 17.29
N LEU A 174 50.74 -10.17 17.08
CA LEU A 174 51.38 -11.49 17.20
C LEU A 174 52.67 -11.44 16.41
N LYS A 175 53.72 -12.02 16.96
CA LYS A 175 55.04 -12.03 16.33
C LYS A 175 55.17 -13.05 15.22
N LYS A 176 54.32 -14.05 15.26
CA LYS A 176 54.32 -15.09 14.24
C LYS A 176 52.95 -15.68 14.11
N VAL A 177 52.69 -16.32 12.98
CA VAL A 177 51.39 -16.92 12.75
C VAL A 177 51.23 -18.14 13.65
N PRO A 178 50.21 -18.16 14.52
CA PRO A 178 50.10 -19.36 15.36
C PRO A 178 49.65 -20.58 14.56
N GLU A 179 50.17 -21.74 14.95
CA GLU A 179 49.85 -22.98 14.29
C GLU A 179 48.38 -23.26 14.55
N LYS A 180 47.97 -23.11 15.81
CA LYS A 180 46.61 -23.37 16.22
C LYS A 180 46.11 -22.24 17.13
N MET A 181 44.91 -21.73 16.87
CA MET A 181 44.38 -20.65 17.71
C MET A 181 42.93 -20.88 18.07
N VAL A 182 42.61 -20.64 19.34
CA VAL A 182 41.23 -20.74 19.79
C VAL A 182 40.80 -19.34 20.19
N VAL A 183 39.56 -18.98 19.88
CA VAL A 183 39.06 -17.67 20.23
C VAL A 183 37.84 -17.81 21.12
N ILE A 184 37.83 -17.08 22.23
CA ILE A 184 36.69 -17.11 23.12
C ILE A 184 35.78 -15.98 22.70
N GLY A 185 34.62 -16.34 22.16
CA GLY A 185 33.65 -15.36 21.70
C GLY A 185 33.65 -15.21 20.19
N ALA A 186 32.53 -15.58 19.56
CA ALA A 186 32.36 -15.45 18.12
C ALA A 186 31.63 -14.15 17.81
N GLY A 187 32.07 -13.07 18.48
CA GLY A 187 31.49 -11.77 18.28
C GLY A 187 32.22 -11.12 17.12
N VAL A 188 32.11 -9.79 17.01
CA VAL A 188 32.75 -9.09 15.89
C VAL A 188 34.28 -9.25 15.87
N ILE A 189 34.93 -8.98 17.01
CA ILE A 189 36.39 -9.12 17.09
C ILE A 189 36.86 -10.55 16.80
N GLY A 190 36.19 -11.51 17.46
CA GLY A 190 36.53 -12.92 17.28
C GLY A 190 36.48 -13.30 15.83
N VAL A 191 35.43 -12.89 15.14
CA VAL A 191 35.32 -13.23 13.73
C VAL A 191 36.34 -12.48 12.87
N GLU A 192 36.54 -11.18 13.11
CA GLU A 192 37.51 -10.44 12.29
C GLU A 192 38.98 -10.91 12.47
N LEU A 193 39.46 -10.91 13.70
CA LEU A 193 40.84 -11.31 13.94
C LEU A 193 41.05 -12.80 13.69
N GLY A 194 40.02 -13.60 13.97
CA GLY A 194 40.14 -15.01 13.72
C GLY A 194 40.37 -15.19 12.24
N SER A 195 39.70 -14.37 11.43
CA SER A 195 39.84 -14.48 9.98
C SER A 195 41.19 -14.07 9.51
N VAL A 196 41.69 -12.98 10.10
CA VAL A 196 43.02 -12.50 9.76
C VAL A 196 44.04 -13.65 9.88
N TRP A 197 44.17 -14.18 11.10
CA TRP A 197 45.15 -15.23 11.32
C TRP A 197 44.89 -16.51 10.55
N GLN A 198 43.62 -16.88 10.40
CA GLN A 198 43.27 -18.06 9.64
C GLN A 198 43.91 -17.87 8.25
N ARG A 199 43.60 -16.76 7.61
CA ARG A 199 44.14 -16.43 6.31
C ARG A 199 45.66 -16.54 6.24
N LEU A 200 46.34 -16.16 7.30
CA LEU A 200 47.78 -16.17 7.27
C LEU A 200 48.38 -17.56 7.60
N GLY A 201 47.53 -18.57 7.70
CA GLY A 201 48.02 -19.92 7.98
C GLY A 201 47.58 -20.59 9.27
N ALA A 202 47.01 -19.84 10.21
CA ALA A 202 46.57 -20.43 11.46
C ALA A 202 45.33 -21.31 11.37
N ASP A 203 45.29 -22.33 12.24
CA ASP A 203 44.17 -23.24 12.38
C ASP A 203 43.36 -22.60 13.51
N VAL A 204 42.23 -22.02 13.13
CA VAL A 204 41.39 -21.29 14.08
C VAL A 204 40.03 -21.86 14.43
N THR A 205 39.72 -21.82 15.72
CA THR A 205 38.42 -22.24 16.22
C THR A 205 37.93 -21.19 17.21
N ALA A 206 36.68 -20.79 17.06
CA ALA A 206 36.08 -19.82 17.96
C ALA A 206 35.06 -20.60 18.77
N VAL A 207 35.06 -20.40 20.08
CA VAL A 207 34.10 -21.06 20.95
C VAL A 207 33.14 -19.99 21.43
N GLU A 208 31.86 -20.18 21.13
CA GLU A 208 30.83 -19.21 21.47
C GLU A 208 29.73 -19.78 22.37
N PHE A 209 29.47 -19.07 23.46
CA PHE A 209 28.44 -19.44 24.42
C PHE A 209 27.03 -19.43 23.81
N LEU A 210 26.78 -18.47 22.92
CA LEU A 210 25.47 -18.35 22.26
C LEU A 210 25.39 -19.23 21.04
N GLY A 211 24.22 -19.23 20.40
CA GLY A 211 24.03 -20.06 19.23
C GLY A 211 24.26 -19.41 17.86
N HIS A 212 24.97 -18.29 17.81
CA HIS A 212 25.22 -17.63 16.52
C HIS A 212 26.48 -16.78 16.57
N VAL A 213 27.02 -16.47 15.39
CA VAL A 213 28.23 -15.65 15.32
C VAL A 213 27.88 -14.21 14.89
N GLY A 214 28.68 -13.25 15.33
CA GLY A 214 28.45 -11.87 14.92
C GLY A 214 28.05 -10.89 15.99
N GLY A 215 27.80 -11.41 17.19
CA GLY A 215 27.43 -10.51 18.28
C GLY A 215 25.96 -10.15 18.36
N VAL A 216 25.69 -9.06 19.09
CA VAL A 216 24.34 -8.56 19.29
C VAL A 216 23.76 -7.82 18.09
N GLY A 217 22.46 -8.03 17.86
CA GLY A 217 21.79 -7.34 16.79
C GLY A 217 21.83 -7.94 15.40
N ILE A 218 22.85 -8.73 15.09
CA ILE A 218 22.92 -9.30 13.76
C ILE A 218 21.63 -10.07 13.48
N ASP A 219 21.14 -10.01 12.24
CA ASP A 219 19.95 -10.75 11.88
C ASP A 219 20.34 -12.25 11.81
N MET A 220 19.48 -13.11 12.36
CA MET A 220 19.78 -14.54 12.41
C MET A 220 19.99 -15.21 11.07
N GLU A 221 19.17 -14.89 10.09
CA GLU A 221 19.38 -15.52 8.79
C GLU A 221 20.78 -15.12 8.30
N ILE A 222 21.06 -13.83 8.35
CA ILE A 222 22.36 -13.32 7.92
C ILE A 222 23.53 -14.03 8.64
N SER A 223 23.43 -14.12 9.97
CA SER A 223 24.45 -14.76 10.81
C SER A 223 24.76 -16.19 10.39
N LYS A 224 23.71 -17.00 10.21
CA LYS A 224 23.92 -18.38 9.79
C LYS A 224 24.55 -18.47 8.41
N ASN A 225 24.16 -17.59 7.49
CA ASN A 225 24.74 -17.62 6.15
C ASN A 225 26.21 -17.21 6.24
N PHE A 226 26.48 -16.25 7.11
CA PHE A 226 27.83 -15.73 7.33
C PHE A 226 28.68 -16.88 7.91
N GLN A 227 28.19 -17.51 8.97
CA GLN A 227 28.90 -18.60 9.61
C GLN A 227 29.25 -19.70 8.63
N ARG A 228 28.28 -20.08 7.80
CA ARG A 228 28.50 -21.12 6.82
C ARG A 228 29.59 -20.70 5.83
N ILE A 229 29.62 -19.43 5.45
CA ILE A 229 30.63 -18.99 4.50
C ILE A 229 32.02 -19.01 5.17
N LEU A 230 32.07 -18.63 6.44
CA LEU A 230 33.33 -18.63 7.18
C LEU A 230 33.85 -20.07 7.35
N GLN A 231 32.95 -21.01 7.66
CA GLN A 231 33.36 -22.40 7.82
C GLN A 231 33.94 -22.96 6.52
N LYS A 232 33.42 -22.51 5.39
CA LYS A 232 33.92 -22.98 4.10
C LYS A 232 35.35 -22.45 3.90
N GLN A 233 35.66 -21.36 4.58
CA GLN A 233 36.97 -20.74 4.52
C GLN A 233 37.95 -21.46 5.45
N GLY A 234 37.43 -22.31 6.33
CA GLY A 234 38.29 -23.05 7.24
C GLY A 234 38.12 -22.60 8.67
N PHE A 235 37.30 -21.57 8.87
CA PHE A 235 37.08 -21.04 10.21
C PHE A 235 36.14 -22.02 10.92
N LYS A 236 36.58 -22.52 12.08
CA LYS A 236 35.82 -23.47 12.87
C LYS A 236 35.10 -22.80 14.03
N PHE A 237 33.91 -23.30 14.35
CA PHE A 237 33.11 -22.75 15.45
C PHE A 237 32.53 -23.83 16.37
N LYS A 238 32.53 -23.54 17.66
CA LYS A 238 31.93 -24.41 18.64
C LYS A 238 30.90 -23.53 19.31
N LEU A 239 29.67 -23.58 18.80
CA LEU A 239 28.57 -22.77 19.32
C LEU A 239 27.91 -23.38 20.55
N ASN A 240 27.18 -22.55 21.28
CA ASN A 240 26.48 -23.01 22.48
C ASN A 240 27.46 -23.78 23.36
N THR A 241 28.68 -23.25 23.43
CA THR A 241 29.77 -23.84 24.18
C THR A 241 30.44 -22.77 25.03
N LYS A 242 30.75 -23.14 26.27
CA LYS A 242 31.35 -22.22 27.19
C LYS A 242 32.74 -22.67 27.61
N VAL A 243 33.66 -21.71 27.71
CA VAL A 243 35.03 -22.01 28.13
C VAL A 243 35.03 -21.95 29.65
N THR A 244 35.44 -23.03 30.31
CA THR A 244 35.46 -23.08 31.77
C THR A 244 36.81 -22.72 32.36
N GLY A 245 37.82 -22.65 31.49
CA GLY A 245 39.14 -22.30 31.98
C GLY A 245 40.23 -22.60 30.97
N ALA A 246 41.41 -22.07 31.26
CA ALA A 246 42.56 -22.26 30.39
C ALA A 246 43.78 -22.39 31.28
N THR A 247 44.73 -23.20 30.83
CA THR A 247 45.95 -23.39 31.59
C THR A 247 47.09 -23.62 30.63
N LYS A 248 48.25 -23.06 30.93
CA LYS A 248 49.43 -23.18 30.08
C LYS A 248 50.39 -24.28 30.55
N LYS A 249 50.68 -25.21 29.64
CA LYS A 249 51.56 -26.34 29.92
C LYS A 249 53.05 -26.00 29.81
N SER A 250 53.89 -26.89 30.33
CA SER A 250 55.35 -26.72 30.28
C SER A 250 55.73 -26.75 28.81
N ASP A 251 54.85 -27.36 28.04
CA ASP A 251 54.96 -27.50 26.60
C ASP A 251 55.02 -26.12 25.96
N GLY A 252 54.28 -25.19 26.54
CA GLY A 252 54.21 -23.85 26.01
C GLY A 252 52.79 -23.62 25.49
N LYS A 253 52.17 -24.69 25.02
CA LYS A 253 50.82 -24.62 24.51
C LYS A 253 49.85 -24.39 25.67
N ILE A 254 48.59 -24.15 25.37
CA ILE A 254 47.63 -23.93 26.44
C ILE A 254 46.42 -24.87 26.21
N ASP A 255 45.91 -25.46 27.29
CA ASP A 255 44.75 -26.34 27.17
C ASP A 255 43.52 -25.55 27.54
N VAL A 256 42.48 -25.62 26.74
CA VAL A 256 41.26 -24.88 27.03
C VAL A 256 40.16 -25.86 27.37
N SER A 257 39.63 -25.76 28.59
CA SER A 257 38.55 -26.63 29.00
C SER A 257 37.24 -25.96 28.63
N ILE A 258 36.42 -26.69 27.88
CA ILE A 258 35.12 -26.20 27.42
C ILE A 258 34.06 -27.25 27.66
N GLU A 259 32.81 -26.85 27.44
CA GLU A 259 31.68 -27.74 27.60
C GLU A 259 30.44 -27.03 27.13
N ALA A 260 29.37 -27.79 26.96
CA ALA A 260 28.10 -27.22 26.53
C ALA A 260 27.77 -26.01 27.41
N ALA A 261 27.18 -24.99 26.81
CA ALA A 261 26.81 -23.77 27.53
C ALA A 261 25.88 -24.09 28.71
N SER A 262 25.01 -25.07 28.54
CA SER A 262 24.06 -25.45 29.59
C SER A 262 24.70 -26.39 30.62
N GLY A 263 25.86 -26.97 30.27
CA GLY A 263 26.54 -27.87 31.18
C GLY A 263 26.77 -29.26 30.61
N GLY A 264 27.80 -29.93 31.12
CA GLY A 264 28.12 -31.27 30.66
C GLY A 264 28.99 -31.25 29.42
N LYS A 265 29.05 -32.39 28.72
CA LYS A 265 29.82 -32.49 27.49
C LYS A 265 31.27 -31.97 27.58
N ALA A 266 31.77 -31.82 28.81
CA ALA A 266 33.13 -31.31 29.07
C ALA A 266 34.26 -31.90 28.23
N GLU A 267 35.21 -31.05 27.83
CA GLU A 267 36.36 -31.51 27.07
C GLU A 267 37.47 -30.46 27.02
N VAL A 268 38.60 -30.87 26.45
CA VAL A 268 39.75 -29.99 26.33
C VAL A 268 40.26 -29.89 24.89
N ILE A 269 40.70 -28.70 24.52
CA ILE A 269 41.24 -28.47 23.21
C ILE A 269 42.57 -27.80 23.47
N THR A 270 43.47 -27.82 22.51
CA THR A 270 44.79 -27.23 22.72
C THR A 270 45.19 -26.25 21.62
N CYS A 271 45.90 -25.19 21.97
CA CYS A 271 46.30 -24.19 20.98
C CYS A 271 47.60 -23.49 21.34
N ASP A 272 48.14 -22.77 20.35
CA ASP A 272 49.37 -22.01 20.53
C ASP A 272 49.03 -20.63 21.10
N VAL A 273 47.93 -20.05 20.61
CA VAL A 273 47.51 -18.74 21.08
C VAL A 273 46.06 -18.77 21.51
N LEU A 274 45.78 -18.11 22.64
CA LEU A 274 44.41 -18.03 23.11
C LEU A 274 43.97 -16.57 23.06
N LEU A 275 42.99 -16.28 22.20
CA LEU A 275 42.47 -14.92 22.08
C LEU A 275 41.20 -14.76 22.92
N VAL A 276 41.26 -13.87 23.90
CA VAL A 276 40.11 -13.63 24.75
C VAL A 276 39.35 -12.37 24.29
N CYS A 277 38.20 -12.54 23.64
CA CYS A 277 37.42 -11.38 23.21
C CYS A 277 35.94 -11.62 23.45
N ILE A 278 35.57 -11.54 24.71
CA ILE A 278 34.19 -11.77 25.08
C ILE A 278 33.46 -10.45 25.33
N GLY A 279 33.99 -9.35 24.76
CA GLY A 279 33.37 -8.05 24.92
C GLY A 279 34.26 -6.96 25.52
N ARG A 280 33.73 -5.74 25.56
CA ARG A 280 34.46 -4.62 26.14
C ARG A 280 33.54 -3.94 27.13
N ARG A 281 34.10 -3.11 28.00
CA ARG A 281 33.25 -2.48 29.00
C ARG A 281 33.70 -1.07 29.26
N PRO A 282 32.77 -0.22 29.74
CA PRO A 282 33.07 1.18 30.03
C PRO A 282 34.18 1.40 31.04
N PHE A 283 35.07 2.33 30.72
CA PHE A 283 36.20 2.66 31.59
C PHE A 283 36.04 4.01 32.26
N THR A 284 35.90 4.03 33.58
CA THR A 284 35.70 5.27 34.32
C THR A 284 36.62 5.36 35.52
N LYS A 285 37.64 4.50 35.55
CA LYS A 285 38.54 4.43 36.69
C LYS A 285 39.20 5.70 37.18
N ASN A 286 39.10 5.92 38.50
CA ASN A 286 39.73 7.06 39.15
C ASN A 286 39.40 8.39 38.50
N LEU A 287 38.17 8.52 37.99
CA LEU A 287 37.77 9.77 37.33
C LEU A 287 37.18 10.75 38.35
N GLY A 288 36.82 10.23 39.53
CA GLY A 288 36.27 11.05 40.59
C GLY A 288 34.76 11.05 40.63
N LEU A 289 34.16 10.12 39.91
CA LEU A 289 32.71 10.05 39.84
C LEU A 289 32.07 9.82 41.20
N GLU A 290 32.69 8.98 42.01
CA GLU A 290 32.10 8.66 43.31
C GLU A 290 31.97 9.89 44.21
N GLU A 291 32.98 10.77 44.19
CA GLU A 291 32.92 11.98 45.00
C GLU A 291 31.87 12.97 44.46
N LEU A 292 31.68 12.99 43.14
CA LEU A 292 30.71 13.91 42.54
C LEU A 292 29.28 13.47 42.78
N GLY A 293 29.10 12.20 43.15
CA GLY A 293 27.76 11.70 43.37
C GLY A 293 27.17 11.16 42.08
N ILE A 294 28.03 10.94 41.08
CA ILE A 294 27.61 10.40 39.79
C ILE A 294 27.76 8.89 39.84
N GLU A 295 26.62 8.21 39.97
CA GLU A 295 26.62 6.76 40.04
C GLU A 295 26.48 6.10 38.70
N LEU A 296 27.20 4.99 38.54
CA LEU A 296 27.21 4.21 37.32
C LEU A 296 26.02 3.25 37.30
N ASP A 297 25.59 2.81 36.11
CA ASP A 297 24.48 1.85 36.07
C ASP A 297 25.10 0.48 36.34
N PRO A 298 24.31 -0.60 36.30
CA PRO A 298 24.86 -1.94 36.56
C PRO A 298 26.01 -2.40 35.66
N ARG A 299 26.02 -1.89 34.42
CA ARG A 299 27.06 -2.26 33.47
C ARG A 299 28.25 -1.32 33.52
N GLY A 300 28.29 -0.45 34.53
CA GLY A 300 29.40 0.49 34.65
C GLY A 300 29.32 1.73 33.75
N ARG A 301 28.18 1.95 33.09
CA ARG A 301 28.03 3.13 32.24
C ARG A 301 27.53 4.38 32.99
N ILE A 302 27.89 5.54 32.46
CA ILE A 302 27.46 6.81 33.05
C ILE A 302 26.08 7.17 32.51
N PRO A 303 25.08 7.30 33.40
CA PRO A 303 23.73 7.66 32.96
C PRO A 303 23.73 9.12 32.47
N VAL A 304 23.12 9.36 31.31
CA VAL A 304 23.04 10.71 30.75
C VAL A 304 21.64 10.97 30.18
N ASN A 305 21.25 12.24 30.08
CA ASN A 305 19.94 12.60 29.56
C ASN A 305 20.06 12.86 28.05
N THR A 306 19.02 13.39 27.40
CA THR A 306 19.08 13.58 25.95
C THR A 306 20.10 14.61 25.43
N ARG A 307 20.70 15.39 26.33
CA ARG A 307 21.75 16.34 25.96
C ARG A 307 23.12 15.81 26.39
N PHE A 308 23.10 14.55 26.83
CA PHE A 308 24.29 13.82 27.28
C PHE A 308 24.83 14.36 28.61
N GLN A 309 23.97 15.11 29.30
CA GLN A 309 24.34 15.64 30.62
C GLN A 309 24.20 14.51 31.68
N THR A 310 25.18 14.44 32.59
CA THR A 310 25.17 13.49 33.71
C THR A 310 24.22 14.19 34.69
N LYS A 311 24.13 13.62 35.88
CA LYS A 311 23.32 14.15 36.98
C LYS A 311 23.72 15.63 37.26
N ILE A 312 25.00 15.93 37.08
CA ILE A 312 25.50 17.31 37.27
C ILE A 312 25.51 17.89 35.82
N PRO A 313 24.52 18.76 35.50
CA PRO A 313 24.34 19.39 34.17
C PRO A 313 25.44 20.01 33.31
N ASN A 314 26.56 20.40 33.91
CA ASN A 314 27.65 20.98 33.13
C ASN A 314 28.70 19.89 32.91
N ILE A 315 28.39 18.68 33.36
CA ILE A 315 29.28 17.53 33.18
C ILE A 315 28.56 16.52 32.28
N TYR A 316 29.21 16.19 31.18
CA TYR A 316 28.65 15.31 30.18
C TYR A 316 29.48 14.03 29.98
N ALA A 317 28.88 13.06 29.26
CA ALA A 317 29.52 11.80 28.90
C ALA A 317 28.95 11.30 27.56
N ILE A 318 29.83 10.72 26.75
CA ILE A 318 29.48 10.19 25.43
C ILE A 318 30.39 9.01 25.07
N GLY A 319 30.08 8.33 23.98
CA GLY A 319 30.90 7.23 23.50
C GLY A 319 30.73 5.94 24.26
N ASP A 320 31.82 5.15 24.30
CA ASP A 320 31.82 3.85 24.96
C ASP A 320 31.45 3.89 26.45
N VAL A 321 31.56 5.03 27.13
CA VAL A 321 31.16 5.05 28.55
C VAL A 321 29.67 5.16 28.78
N VAL A 322 28.93 5.40 27.72
CA VAL A 322 27.50 5.53 27.90
C VAL A 322 26.76 4.44 27.14
N ALA A 323 25.47 4.34 27.40
CA ALA A 323 24.65 3.34 26.71
C ALA A 323 24.65 3.48 25.16
N GLY A 324 24.28 2.40 24.48
CA GLY A 324 24.23 2.38 23.02
C GLY A 324 25.35 1.53 22.46
N PRO A 325 25.35 1.25 21.15
CA PRO A 325 26.41 0.42 20.56
C PRO A 325 27.82 1.01 20.74
N MET A 326 28.74 0.15 21.15
CA MET A 326 30.12 0.56 21.39
C MET A 326 30.87 0.54 20.08
N LEU A 327 30.60 1.57 19.28
CA LEU A 327 31.20 1.75 17.96
C LEU A 327 31.83 3.14 17.79
N ALA A 328 32.88 3.22 16.98
CA ALA A 328 33.57 4.49 16.77
C ALA A 328 32.66 5.59 16.18
N HIS A 329 31.87 5.27 15.16
CA HIS A 329 31.01 6.31 14.57
C HIS A 329 29.92 6.78 15.55
N LYS A 330 29.49 5.90 16.43
CA LYS A 330 28.48 6.25 17.40
C LYS A 330 29.07 7.28 18.36
N ALA A 331 30.25 6.98 18.87
CA ALA A 331 30.95 7.89 19.78
C ALA A 331 31.24 9.26 19.13
N GLU A 332 31.64 9.24 17.87
CA GLU A 332 31.95 10.48 17.19
C GLU A 332 30.71 11.37 17.04
N ASP A 333 29.59 10.77 16.63
CA ASP A 333 28.34 11.51 16.46
C ASP A 333 27.85 12.04 17.79
N GLU A 334 27.97 11.22 18.85
CA GLU A 334 27.55 11.65 20.18
C GLU A 334 28.38 12.84 20.64
N GLY A 335 29.65 12.84 20.27
CA GLY A 335 30.51 13.95 20.65
C GLY A 335 30.11 15.25 19.97
N ILE A 336 29.86 15.18 18.66
CA ILE A 336 29.43 16.38 17.92
C ILE A 336 28.10 16.97 18.42
N ILE A 337 27.07 16.14 18.51
CA ILE A 337 25.76 16.63 18.91
C ILE A 337 25.80 17.09 20.35
N CYS A 338 26.64 16.45 21.16
CA CYS A 338 26.73 16.86 22.56
C CYS A 338 27.22 18.31 22.63
N VAL A 339 28.29 18.57 21.89
CA VAL A 339 28.90 19.92 21.83
C VAL A 339 27.98 20.94 21.16
N GLU A 340 27.27 20.51 20.12
CA GLU A 340 26.30 21.39 19.47
C GLU A 340 25.20 21.77 20.50
N GLY A 341 24.85 20.84 21.36
CA GLY A 341 23.83 21.09 22.39
C GLY A 341 24.35 22.11 23.38
N MET A 342 25.63 21.96 23.76
CA MET A 342 26.27 22.92 24.66
C MET A 342 26.19 24.32 24.04
N ALA A 343 26.14 24.39 22.70
CA ALA A 343 26.05 25.69 22.04
C ALA A 343 24.58 26.07 21.77
N GLY A 344 23.69 25.38 22.48
CA GLY A 344 22.26 25.63 22.38
C GLY A 344 21.44 24.91 21.30
N GLY A 345 22.07 24.11 20.45
CA GLY A 345 21.33 23.44 19.40
C GLY A 345 20.61 22.17 19.77
N ALA A 346 19.78 21.69 18.85
CA ALA A 346 19.04 20.47 19.05
C ALA A 346 20.05 19.34 19.09
N VAL A 347 19.73 18.29 19.81
CA VAL A 347 20.58 17.11 19.99
C VAL A 347 19.74 15.89 19.63
N HIS A 348 20.11 15.19 18.56
CA HIS A 348 19.32 14.02 18.15
C HIS A 348 20.14 12.87 17.63
N ILE A 349 19.87 11.69 18.15
CA ILE A 349 20.53 10.50 17.68
C ILE A 349 19.57 9.34 17.84
N ASP A 350 19.42 8.58 16.79
CA ASP A 350 18.54 7.42 16.79
C ASP A 350 19.45 6.21 16.60
N TYR A 351 19.66 5.46 17.66
CA TYR A 351 20.52 4.28 17.59
C TYR A 351 20.05 3.19 16.62
N ASN A 352 18.81 3.29 16.15
CA ASN A 352 18.25 2.34 15.18
C ASN A 352 18.86 2.65 13.81
N CYS A 353 19.37 3.87 13.62
CA CYS A 353 19.96 4.25 12.35
C CYS A 353 21.50 4.25 12.36
N VAL A 354 22.07 3.73 13.44
CA VAL A 354 23.53 3.62 13.59
C VAL A 354 23.91 2.28 12.93
N PRO A 355 24.56 2.32 11.77
CA PRO A 355 24.88 1.03 11.19
C PRO A 355 25.93 0.20 11.94
N SER A 356 25.99 -1.08 11.57
CA SER A 356 26.95 -2.02 12.14
C SER A 356 27.65 -2.65 10.94
N VAL A 357 28.96 -2.86 11.01
CA VAL A 357 29.69 -3.52 9.92
C VAL A 357 30.72 -4.54 10.45
N ILE A 358 30.87 -5.68 9.77
CA ILE A 358 31.88 -6.65 10.15
C ILE A 358 32.79 -6.68 8.93
N TYR A 359 34.07 -6.35 9.12
CA TYR A 359 35.00 -6.24 7.97
C TYR A 359 35.75 -7.50 7.47
N THR A 360 35.10 -8.64 7.60
CA THR A 360 35.67 -9.89 7.10
C THR A 360 35.45 -9.84 5.59
N HIS A 361 35.73 -10.94 4.92
CA HIS A 361 35.46 -11.02 3.50
C HIS A 361 34.71 -12.34 3.28
N PRO A 362 33.43 -12.28 2.90
CA PRO A 362 32.56 -11.14 2.63
C PRO A 362 32.29 -10.33 3.89
N GLU A 363 31.98 -9.05 3.70
CA GLU A 363 31.66 -8.19 4.83
C GLU A 363 30.19 -8.40 5.19
N VAL A 364 29.84 -7.98 6.38
CA VAL A 364 28.46 -8.04 6.86
C VAL A 364 28.09 -6.60 7.28
N ALA A 365 26.90 -6.13 6.93
CA ALA A 365 26.54 -4.76 7.35
C ALA A 365 25.05 -4.63 7.53
N TRP A 366 24.64 -3.90 8.56
CA TRP A 366 23.22 -3.68 8.76
C TRP A 366 22.88 -2.39 9.48
N VAL A 367 21.64 -1.95 9.29
CA VAL A 367 21.15 -0.75 9.97
C VAL A 367 19.66 -0.97 10.02
N GLY A 368 19.03 -0.46 11.06
CA GLY A 368 17.62 -0.70 11.21
C GLY A 368 17.40 -1.98 12.01
N LYS A 369 16.21 -2.57 11.85
CA LYS A 369 15.84 -3.75 12.61
C LYS A 369 16.10 -5.09 11.94
N SER A 370 16.31 -6.13 12.76
CA SER A 370 16.52 -7.48 12.23
C SER A 370 15.13 -8.11 12.22
N GLU A 371 14.97 -9.27 11.59
CA GLU A 371 13.65 -9.92 11.59
C GLU A 371 13.23 -10.27 13.01
N GLU A 372 14.18 -10.70 13.83
CA GLU A 372 13.84 -11.04 15.20
C GLU A 372 13.34 -9.84 16.00
N GLN A 373 13.88 -8.66 15.73
CA GLN A 373 13.44 -7.48 16.46
C GLN A 373 12.01 -7.12 16.06
N LEU A 374 11.74 -7.14 14.76
CA LEU A 374 10.42 -6.82 14.26
C LEU A 374 9.38 -7.82 14.81
N LYS A 375 9.79 -9.08 14.92
CA LYS A 375 8.89 -10.09 15.46
C LYS A 375 8.56 -9.81 16.92
N GLU A 376 9.57 -9.64 17.77
CA GLU A 376 9.27 -9.39 19.18
C GLU A 376 8.51 -8.06 19.38
N GLU A 377 8.64 -7.14 18.42
CA GLU A 377 7.96 -5.86 18.51
C GLU A 377 6.55 -5.93 17.92
N GLY A 378 6.26 -7.04 17.24
CA GLY A 378 4.95 -7.22 16.64
C GLY A 378 4.72 -6.50 15.32
N ILE A 379 5.79 -5.93 14.75
CA ILE A 379 5.67 -5.22 13.49
C ILE A 379 5.38 -6.15 12.30
N GLU A 380 4.31 -5.88 11.56
CA GLU A 380 3.96 -6.68 10.40
C GLU A 380 4.90 -6.26 9.28
N TYR A 381 5.64 -7.20 8.69
CA TYR A 381 6.60 -6.80 7.64
C TYR A 381 6.71 -7.75 6.47
N LYS A 382 7.35 -7.27 5.41
CA LYS A 382 7.60 -8.07 4.21
C LYS A 382 9.12 -8.16 3.95
N VAL A 383 9.53 -9.10 3.12
CA VAL A 383 10.96 -9.31 2.87
C VAL A 383 11.36 -9.29 1.40
N GLY A 384 12.51 -8.70 1.11
CA GLY A 384 13.01 -8.66 -0.24
C GLY A 384 14.46 -9.10 -0.20
N LYS A 385 14.83 -10.06 -1.03
CA LYS A 385 16.21 -10.55 -1.08
C LYS A 385 16.76 -10.54 -2.48
N PHE A 386 18.07 -10.34 -2.60
CA PHE A 386 18.74 -10.40 -3.88
C PHE A 386 20.14 -10.96 -3.61
N PRO A 387 20.52 -12.06 -4.28
CA PRO A 387 21.85 -12.67 -4.07
C PRO A 387 22.95 -11.97 -4.89
N PHE A 388 24.15 -11.87 -4.32
CA PHE A 388 25.21 -11.23 -5.09
C PHE A 388 25.63 -12.06 -6.32
N ALA A 389 25.20 -13.32 -6.38
CA ALA A 389 25.50 -14.17 -7.54
C ALA A 389 24.83 -13.63 -8.79
N ALA A 390 23.72 -12.93 -8.61
CA ALA A 390 22.99 -12.36 -9.75
C ALA A 390 23.35 -10.89 -10.00
N ASN A 391 24.29 -10.37 -9.21
CA ASN A 391 24.73 -8.98 -9.36
C ASN A 391 25.90 -8.88 -10.34
N SER A 392 25.74 -8.02 -11.36
CA SER A 392 26.77 -7.88 -12.37
C SER A 392 28.17 -7.53 -11.93
N ARG A 393 28.33 -6.53 -11.09
CA ARG A 393 29.69 -6.22 -10.68
C ARG A 393 30.25 -7.38 -9.90
N ALA A 394 29.45 -7.96 -9.02
CA ALA A 394 29.92 -9.09 -8.23
C ALA A 394 30.33 -10.28 -9.12
N LYS A 395 29.55 -10.57 -10.15
CA LYS A 395 29.86 -11.70 -11.03
C LYS A 395 31.14 -11.50 -11.86
N THR A 396 31.28 -10.31 -12.43
CA THR A 396 32.45 -9.99 -13.25
C THR A 396 33.78 -10.03 -12.47
N ASN A 397 33.71 -9.75 -11.17
CA ASN A 397 34.88 -9.75 -10.31
C ASN A 397 35.05 -11.11 -9.63
N ALA A 398 34.13 -12.04 -9.88
CA ALA A 398 34.16 -13.39 -9.29
C ALA A 398 34.20 -13.35 -7.75
N ASP A 399 33.32 -12.54 -7.18
CA ASP A 399 33.22 -12.33 -5.75
C ASP A 399 31.71 -12.29 -5.55
N THR A 400 31.08 -13.46 -5.62
CA THR A 400 29.62 -13.54 -5.54
C THR A 400 28.91 -14.08 -4.28
N ASP A 401 29.62 -14.24 -3.17
CA ASP A 401 29.02 -14.71 -1.91
C ASP A 401 28.00 -13.69 -1.35
N GLY A 402 26.89 -14.19 -0.81
CA GLY A 402 25.93 -13.31 -0.16
C GLY A 402 24.70 -12.74 -0.82
N MET A 403 24.07 -11.81 -0.10
CA MET A 403 22.85 -11.17 -0.58
C MET A 403 22.53 -9.91 0.21
N VAL A 404 21.54 -9.18 -0.29
CA VAL A 404 21.01 -8.01 0.41
C VAL A 404 19.60 -8.46 0.81
N LYS A 405 19.21 -8.14 2.04
CA LYS A 405 17.89 -8.47 2.53
C LYS A 405 17.27 -7.20 3.08
N ILE A 406 16.11 -6.87 2.54
CA ILE A 406 15.39 -5.69 2.95
C ILE A 406 14.11 -6.06 3.69
N LEU A 407 13.84 -5.41 4.81
CA LEU A 407 12.63 -5.64 5.56
C LEU A 407 11.79 -4.36 5.47
N GLY A 408 10.59 -4.45 4.90
CA GLY A 408 9.72 -3.29 4.77
C GLY A 408 8.41 -3.47 5.55
N GLN A 409 7.80 -2.38 6.01
CA GLN A 409 6.54 -2.49 6.75
C GLN A 409 5.45 -2.94 5.75
N LYS A 410 4.74 -3.99 6.10
CA LYS A 410 3.72 -4.58 5.23
C LYS A 410 2.77 -3.61 4.52
N SER A 411 2.28 -2.62 5.25
CA SER A 411 1.34 -1.67 4.68
C SER A 411 1.94 -0.40 4.05
N THR A 412 2.81 0.28 4.79
CA THR A 412 3.43 1.52 4.33
C THR A 412 4.58 1.33 3.34
N ASP A 413 5.17 0.15 3.30
CA ASP A 413 6.29 -0.14 2.42
C ASP A 413 7.53 0.63 2.91
N ARG A 414 7.50 1.12 4.15
CA ARG A 414 8.66 1.81 4.68
C ARG A 414 9.76 0.84 5.03
N VAL A 415 10.98 1.17 4.62
CA VAL A 415 12.12 0.32 4.92
C VAL A 415 12.33 0.32 6.41
N LEU A 416 12.41 -0.87 6.98
CA LEU A 416 12.58 -1.00 8.42
C LEU A 416 13.97 -1.50 8.78
N GLY A 417 14.58 -2.24 7.87
CA GLY A 417 15.92 -2.78 8.11
C GLY A 417 16.62 -3.20 6.83
N ALA A 418 17.95 -3.05 6.81
CA ALA A 418 18.73 -3.46 5.64
C ALA A 418 19.86 -4.34 6.13
N HIS A 419 20.02 -5.52 5.52
CA HIS A 419 21.03 -6.46 5.93
C HIS A 419 21.80 -6.90 4.71
N ILE A 420 23.11 -6.76 4.76
CA ILE A 420 23.93 -7.06 3.61
C ILE A 420 25.05 -8.04 3.95
N LEU A 421 25.11 -9.12 3.18
CA LEU A 421 26.15 -10.11 3.38
C LEU A 421 26.83 -10.24 2.02
N GLY A 422 28.09 -9.86 1.96
CA GLY A 422 28.77 -9.95 0.69
C GLY A 422 29.75 -8.82 0.51
N PRO A 423 30.27 -8.67 -0.71
CA PRO A 423 31.23 -7.65 -1.12
C PRO A 423 30.67 -6.22 -1.05
N GLY A 424 31.47 -5.30 -0.50
CA GLY A 424 31.06 -3.90 -0.41
C GLY A 424 29.97 -3.55 0.59
N ALA A 425 29.72 -4.48 1.52
CA ALA A 425 28.69 -4.29 2.54
C ALA A 425 28.91 -3.05 3.39
N GLY A 426 30.12 -2.89 3.92
CA GLY A 426 30.46 -1.77 4.77
C GLY A 426 30.15 -0.43 4.16
N GLU A 427 30.49 -0.29 2.88
CA GLU A 427 30.23 0.95 2.15
C GLU A 427 28.74 1.10 1.81
N MET A 428 28.12 0.03 1.32
CA MET A 428 26.71 0.02 0.92
C MET A 428 25.71 0.37 2.01
N VAL A 429 26.04 0.02 3.25
CA VAL A 429 25.15 0.24 4.40
C VAL A 429 24.89 1.74 4.66
N ASN A 430 25.77 2.58 4.16
CA ASN A 430 25.62 4.02 4.34
C ASN A 430 24.50 4.60 3.46
N GLU A 431 24.33 4.05 2.28
CA GLU A 431 23.23 4.52 1.45
C GLU A 431 21.93 4.09 2.15
N ALA A 432 21.98 2.93 2.80
CA ALA A 432 20.83 2.38 3.49
C ALA A 432 20.52 3.26 4.68
N ALA A 433 21.56 3.71 5.39
CA ALA A 433 21.37 4.60 6.53
C ALA A 433 20.73 5.92 6.09
N LEU A 434 21.15 6.43 4.94
CA LEU A 434 20.57 7.68 4.43
C LEU A 434 19.10 7.39 4.17
N ALA A 435 18.83 6.22 3.59
CA ALA A 435 17.44 5.87 3.31
C ALA A 435 16.56 5.85 4.60
N LEU A 436 17.06 5.17 5.63
CA LEU A 436 16.32 5.10 6.89
C LEU A 436 16.08 6.48 7.50
N GLU A 437 17.09 7.37 7.45
CA GLU A 437 16.94 8.71 8.02
C GLU A 437 15.77 9.47 7.38
N TYR A 438 15.63 9.29 6.08
CA TYR A 438 14.58 9.95 5.34
C TYR A 438 13.23 9.23 5.43
N GLY A 439 13.22 8.05 6.04
CA GLY A 439 11.97 7.31 6.12
C GLY A 439 11.58 6.82 4.74
N ALA A 440 12.56 6.39 3.96
CA ALA A 440 12.29 5.90 2.62
C ALA A 440 11.40 4.68 2.58
N SER A 441 10.73 4.50 1.44
CA SER A 441 9.91 3.33 1.20
C SER A 441 10.80 2.45 0.31
N CYS A 442 10.52 1.16 0.26
CA CYS A 442 11.28 0.24 -0.59
C CYS A 442 11.18 0.71 -2.04
N GLU A 443 10.01 1.22 -2.39
CA GLU A 443 9.76 1.72 -3.73
C GLU A 443 10.63 2.91 -4.06
N ASP A 444 10.76 3.85 -3.12
CA ASP A 444 11.60 5.04 -3.34
C ASP A 444 13.01 4.58 -3.76
N ILE A 445 13.52 3.58 -3.07
CA ILE A 445 14.87 3.10 -3.35
C ILE A 445 14.96 2.42 -4.71
N ALA A 446 14.06 1.47 -4.97
CA ALA A 446 14.07 0.76 -6.25
C ALA A 446 13.96 1.73 -7.44
N ARG A 447 13.35 2.90 -7.23
CA ARG A 447 13.19 3.86 -8.32
C ARG A 447 14.36 4.84 -8.53
N VAL A 448 15.32 4.90 -7.61
CA VAL A 448 16.44 5.80 -7.87
C VAL A 448 17.39 5.09 -8.84
N CYS A 449 17.90 5.84 -9.81
CA CYS A 449 18.80 5.28 -10.79
C CYS A 449 20.18 5.01 -10.18
N HIS A 450 20.50 3.72 -10.02
CA HIS A 450 21.80 3.31 -9.50
C HIS A 450 22.69 3.01 -10.72
N ALA A 451 23.96 3.37 -10.63
CA ALA A 451 24.90 3.14 -11.71
C ALA A 451 25.10 1.66 -11.99
N HIS A 452 25.24 1.34 -13.28
CA HIS A 452 25.46 -0.02 -13.73
C HIS A 452 26.87 -0.08 -14.31
N PRO A 453 27.68 -1.07 -13.92
CA PRO A 453 27.41 -2.17 -12.97
C PRO A 453 28.00 -1.93 -11.58
N THR A 454 27.16 -1.89 -10.55
CA THR A 454 27.67 -1.70 -9.20
C THR A 454 27.05 -2.70 -8.24
N LEU A 455 27.76 -2.94 -7.15
CA LEU A 455 27.29 -3.85 -6.11
C LEU A 455 26.00 -3.27 -5.50
N SER A 456 25.89 -1.94 -5.52
CA SER A 456 24.73 -1.23 -4.96
C SER A 456 23.42 -1.62 -5.66
N GLU A 457 23.51 -2.05 -6.92
CA GLU A 457 22.32 -2.47 -7.65
C GLU A 457 21.60 -3.62 -6.94
N ALA A 458 22.36 -4.38 -6.16
CA ALA A 458 21.79 -5.49 -5.41
C ALA A 458 20.89 -4.87 -4.35
N PHE A 459 21.32 -3.75 -3.76
CA PHE A 459 20.53 -3.05 -2.75
C PHE A 459 19.20 -2.59 -3.36
N ARG A 460 19.31 -2.01 -4.55
CA ARG A 460 18.18 -1.51 -5.32
C ARG A 460 17.19 -2.64 -5.63
N GLU A 461 17.69 -3.72 -6.23
CA GLU A 461 16.89 -4.90 -6.60
C GLU A 461 16.17 -5.53 -5.41
N ALA A 462 16.84 -5.64 -4.26
CA ALA A 462 16.23 -6.21 -3.06
C ALA A 462 15.08 -5.33 -2.57
N ASN A 463 15.19 -4.02 -2.75
CA ASN A 463 14.10 -3.14 -2.35
C ASN A 463 12.95 -3.32 -3.35
N LEU A 464 13.32 -3.49 -4.62
CA LEU A 464 12.34 -3.71 -5.66
C LEU A 464 11.60 -5.00 -5.35
N ALA A 465 12.32 -6.02 -4.90
CA ALA A 465 11.67 -7.28 -4.58
C ALA A 465 10.70 -7.12 -3.41
N ALA A 466 11.11 -6.39 -2.36
CA ALA A 466 10.26 -6.17 -1.19
C ALA A 466 9.03 -5.32 -1.56
N SER A 467 9.25 -4.32 -2.40
CA SER A 467 8.18 -3.43 -2.84
C SER A 467 7.21 -4.02 -3.87
N PHE A 468 7.72 -4.43 -5.02
CA PHE A 468 6.92 -4.99 -6.11
C PHE A 468 6.63 -6.50 -6.01
N GLY A 469 7.52 -7.25 -5.37
CA GLY A 469 7.34 -8.68 -5.23
C GLY A 469 8.40 -9.48 -5.97
N LYS A 470 8.96 -8.88 -7.03
CA LYS A 470 10.01 -9.53 -7.82
C LYS A 470 11.08 -8.52 -8.21
N SER A 471 12.34 -8.94 -8.24
CA SER A 471 13.41 -8.05 -8.66
C SER A 471 13.52 -8.39 -10.15
N ILE A 472 14.31 -7.64 -10.90
CA ILE A 472 14.44 -7.89 -12.33
C ILE A 472 15.43 -9.00 -12.71
N ASN A 473 16.61 -9.03 -12.08
CA ASN A 473 17.64 -10.00 -12.42
C ASN A 473 17.72 -11.29 -11.62
N PHE A 474 16.69 -11.58 -10.83
CA PHE A 474 16.64 -12.83 -10.08
C PHE A 474 15.18 -13.24 -9.89
N PRO B 4 3.86 -17.92 -37.44
CA PRO B 4 3.31 -16.61 -37.03
C PRO B 4 2.78 -16.63 -35.59
N ILE B 5 3.10 -15.58 -34.83
CA ILE B 5 2.66 -15.47 -33.42
C ILE B 5 2.38 -14.03 -33.01
N ASP B 6 1.70 -13.85 -31.88
CA ASP B 6 1.35 -12.52 -31.41
C ASP B 6 1.82 -12.16 -30.00
N ALA B 7 1.63 -10.89 -29.64
CA ALA B 7 2.04 -10.41 -28.33
C ALA B 7 1.47 -9.03 -27.99
N ASP B 8 1.58 -8.68 -26.71
CA ASP B 8 1.15 -7.36 -26.24
C ASP B 8 2.30 -6.40 -26.51
N VAL B 9 3.52 -6.82 -26.16
CA VAL B 9 4.70 -6.00 -26.35
C VAL B 9 5.82 -6.74 -27.07
N THR B 10 6.33 -6.10 -28.12
CA THR B 10 7.44 -6.65 -28.90
C THR B 10 8.62 -5.67 -28.78
N VAL B 11 9.68 -6.12 -28.10
CA VAL B 11 10.86 -5.32 -27.90
C VAL B 11 11.97 -5.81 -28.85
N ILE B 12 12.48 -4.89 -29.67
CA ILE B 12 13.55 -5.22 -30.60
C ILE B 12 14.87 -4.81 -29.95
N GLY B 13 15.58 -5.78 -29.37
CA GLY B 13 16.84 -5.50 -28.74
C GLY B 13 16.93 -6.18 -27.38
N SER B 14 17.99 -6.95 -27.15
CA SER B 14 18.15 -7.63 -25.87
C SER B 14 19.25 -7.00 -25.02
N GLY B 15 19.49 -5.70 -25.24
CA GLY B 15 20.49 -4.98 -24.45
C GLY B 15 19.91 -4.54 -23.11
N PRO B 16 20.67 -3.76 -22.31
CA PRO B 16 20.19 -3.29 -21.01
C PRO B 16 18.75 -2.76 -21.07
N GLY B 17 18.49 -1.85 -21.99
CA GLY B 17 17.15 -1.31 -22.09
C GLY B 17 16.14 -2.39 -22.48
N GLY B 18 16.47 -3.12 -23.54
CA GLY B 18 15.60 -4.15 -24.09
C GLY B 18 15.20 -5.34 -23.24
N TYR B 19 16.19 -6.07 -22.72
CA TYR B 19 15.89 -7.25 -21.94
C TYR B 19 15.26 -6.94 -20.58
N VAL B 20 15.63 -5.81 -20.01
CA VAL B 20 15.06 -5.42 -18.72
C VAL B 20 13.58 -5.06 -18.97
N ALA B 21 13.31 -4.38 -20.08
CA ALA B 21 11.96 -3.99 -20.44
C ALA B 21 11.09 -5.24 -20.70
N ALA B 22 11.65 -6.21 -21.44
CA ALA B 22 10.95 -7.47 -21.75
C ALA B 22 10.48 -8.11 -20.45
N ILE B 23 11.44 -8.31 -19.56
CA ILE B 23 11.21 -8.92 -18.25
C ILE B 23 10.13 -8.17 -17.47
N LYS B 24 10.31 -6.85 -17.30
CA LYS B 24 9.36 -6.03 -16.54
C LYS B 24 7.95 -6.02 -17.15
N ALA B 25 7.87 -6.07 -18.49
CA ALA B 25 6.57 -6.07 -19.17
C ALA B 25 5.86 -7.39 -18.88
N ALA B 26 6.64 -8.47 -18.93
CA ALA B 26 6.13 -9.80 -18.65
C ALA B 26 5.62 -9.87 -17.21
N GLN B 27 6.41 -9.33 -16.29
CA GLN B 27 6.04 -9.32 -14.88
C GLN B 27 4.81 -8.46 -14.63
N LEU B 28 4.51 -7.59 -15.58
CA LEU B 28 3.38 -6.68 -15.49
C LEU B 28 2.10 -7.30 -16.05
N GLY B 29 2.22 -8.41 -16.76
CA GLY B 29 1.06 -9.08 -17.33
C GLY B 29 0.94 -9.00 -18.85
N PHE B 30 2.04 -8.64 -19.53
CA PHE B 30 2.01 -8.56 -20.98
C PHE B 30 2.54 -9.84 -21.59
N LYS B 31 2.04 -10.18 -22.78
CA LYS B 31 2.50 -11.35 -23.52
C LYS B 31 3.72 -10.70 -24.19
N THR B 32 4.91 -11.13 -23.79
CA THR B 32 6.11 -10.48 -24.32
C THR B 32 7.05 -11.26 -25.21
N VAL B 33 7.49 -10.64 -26.30
CA VAL B 33 8.44 -11.24 -27.23
C VAL B 33 9.66 -10.30 -27.34
N CYS B 34 10.86 -10.88 -27.34
CA CYS B 34 12.09 -10.10 -27.47
C CYS B 34 12.89 -10.61 -28.66
N ILE B 35 13.18 -9.72 -29.60
CA ILE B 35 13.93 -10.04 -30.83
C ILE B 35 15.39 -9.57 -30.74
N GLU B 36 16.33 -10.50 -30.94
CA GLU B 36 17.77 -10.22 -30.88
C GLU B 36 18.52 -10.77 -32.10
N LYS B 37 19.14 -9.87 -32.88
CA LYS B 37 19.89 -10.28 -34.06
C LYS B 37 21.20 -11.00 -33.78
N ASN B 38 21.88 -10.68 -32.67
CA ASN B 38 23.15 -11.32 -32.34
C ASN B 38 23.03 -12.74 -31.80
N GLU B 39 24.16 -13.41 -31.67
CA GLU B 39 24.20 -14.79 -31.18
C GLU B 39 23.93 -14.92 -29.70
N THR B 40 23.89 -13.78 -29.01
CA THR B 40 23.63 -13.79 -27.58
C THR B 40 22.80 -12.59 -27.18
N LEU B 41 22.21 -12.68 -26.00
CA LEU B 41 21.39 -11.60 -25.47
C LEU B 41 22.36 -10.76 -24.62
N GLY B 42 21.95 -9.57 -24.25
CA GLY B 42 22.82 -8.75 -23.43
C GLY B 42 23.28 -7.47 -24.11
N GLY B 43 23.19 -7.43 -25.43
CA GLY B 43 23.59 -6.25 -26.17
C GLY B 43 25.04 -5.84 -26.00
N THR B 44 25.30 -4.55 -26.20
CA THR B 44 26.63 -3.98 -26.09
C THR B 44 27.24 -4.16 -24.71
N CYS B 45 26.46 -3.84 -23.68
N CYS B 45 26.44 -3.85 -23.69
CA CYS B 45 26.93 -3.93 -22.29
CA CYS B 45 26.86 -3.96 -22.30
C CYS B 45 27.49 -5.30 -21.89
C CYS B 45 27.48 -5.29 -21.92
N LEU B 46 26.74 -6.37 -22.10
CA LEU B 46 27.24 -7.71 -21.74
C LEU B 46 28.34 -8.31 -22.62
N ASN B 47 28.19 -8.19 -23.91
CA ASN B 47 29.13 -8.82 -24.84
C ASN B 47 30.40 -8.07 -25.23
N VAL B 48 30.32 -6.77 -25.49
CA VAL B 48 31.51 -6.02 -25.88
C VAL B 48 31.62 -4.70 -25.13
N GLY B 49 30.98 -4.64 -23.97
CA GLY B 49 31.00 -3.38 -23.25
C GLY B 49 31.35 -3.40 -21.79
N CYS B 50 30.34 -3.07 -20.98
N CYS B 50 30.38 -3.01 -20.96
CA CYS B 50 30.44 -3.00 -19.52
CA CYS B 50 30.58 -2.94 -19.52
C CYS B 50 31.16 -4.17 -18.87
C CYS B 50 31.17 -4.18 -18.83
N ILE B 51 30.61 -5.35 -19.10
CA ILE B 51 31.10 -6.56 -18.49
C ILE B 51 32.55 -6.89 -18.84
N PRO B 52 32.86 -7.05 -20.14
CA PRO B 52 34.25 -7.37 -20.46
C PRO B 52 35.23 -6.27 -20.02
N SER B 53 34.85 -5.01 -20.17
CA SER B 53 35.77 -3.95 -19.77
C SER B 53 36.04 -3.95 -18.26
N LYS B 54 34.99 -4.09 -17.46
CA LYS B 54 35.17 -4.11 -16.02
C LYS B 54 36.01 -5.32 -15.60
N ALA B 55 35.82 -6.46 -16.27
CA ALA B 55 36.61 -7.64 -15.93
C ALA B 55 38.11 -7.35 -16.19
N LEU B 56 38.40 -6.77 -17.35
CA LEU B 56 39.80 -6.44 -17.64
C LEU B 56 40.31 -5.32 -16.71
N LEU B 57 39.45 -4.35 -16.38
CA LEU B 57 39.88 -3.28 -15.50
C LEU B 57 40.28 -3.89 -14.18
N ASN B 58 39.46 -4.84 -13.73
CA ASN B 58 39.67 -5.53 -12.47
C ASN B 58 40.96 -6.38 -12.42
N ASN B 59 41.13 -7.23 -13.43
CA ASN B 59 42.29 -8.10 -13.49
C ASN B 59 43.61 -7.36 -13.68
N SER B 60 43.58 -6.32 -14.50
CA SER B 60 44.78 -5.53 -14.75
C SER B 60 45.17 -4.75 -13.50
N HIS B 61 44.20 -4.29 -12.75
CA HIS B 61 44.54 -3.57 -11.53
C HIS B 61 45.21 -4.51 -10.55
N TYR B 62 44.68 -5.73 -10.45
CA TYR B 62 45.25 -6.73 -9.56
C TYR B 62 46.65 -7.12 -10.02
N TYR B 63 46.87 -7.19 -11.34
CA TYR B 63 48.19 -7.52 -11.89
C TYR B 63 49.17 -6.42 -11.43
N HIS B 64 48.72 -5.17 -11.57
CA HIS B 64 49.48 -3.99 -11.17
C HIS B 64 49.90 -4.04 -9.70
N MET B 65 48.97 -4.43 -8.82
CA MET B 65 49.23 -4.49 -7.39
C MET B 65 50.25 -5.58 -7.05
N ALA B 66 50.18 -6.70 -7.76
CA ALA B 66 51.10 -7.80 -7.52
C ALA B 66 52.46 -7.53 -8.15
N HIS B 67 52.41 -7.18 -9.43
CA HIS B 67 53.62 -6.94 -10.19
C HIS B 67 54.38 -5.70 -9.74
N GLY B 68 53.64 -4.69 -9.29
CA GLY B 68 54.25 -3.46 -8.82
C GLY B 68 54.71 -3.49 -7.38
N THR B 69 54.66 -2.33 -6.73
CA THR B 69 55.11 -2.17 -5.36
C THR B 69 54.10 -2.39 -4.24
N ASP B 70 52.82 -2.36 -4.57
CA ASP B 70 51.82 -2.50 -3.51
C ASP B 70 51.88 -3.73 -2.63
N PHE B 71 51.78 -4.90 -3.24
CA PHE B 71 51.78 -6.13 -2.45
C PHE B 71 53.00 -6.33 -1.59
N ALA B 72 54.18 -5.99 -2.10
CA ALA B 72 55.40 -6.15 -1.31
C ALA B 72 55.36 -5.28 -0.07
N SER B 73 54.88 -4.05 -0.22
CA SER B 73 54.79 -3.12 0.91
C SER B 73 53.88 -3.66 2.00
N ARG B 74 53.07 -4.65 1.64
CA ARG B 74 52.11 -5.24 2.58
C ARG B 74 52.58 -6.57 3.15
N GLY B 75 53.81 -6.95 2.82
CA GLY B 75 54.32 -8.21 3.34
C GLY B 75 53.98 -9.41 2.47
N ILE B 76 53.50 -9.17 1.26
CA ILE B 76 53.17 -10.26 0.35
C ILE B 76 54.32 -10.25 -0.64
N GLU B 77 55.30 -11.12 -0.39
CA GLU B 77 56.50 -11.22 -1.23
C GLU B 77 56.38 -12.33 -2.25
N MET B 78 56.73 -12.02 -3.49
CA MET B 78 56.62 -13.00 -4.54
C MET B 78 57.82 -12.84 -5.43
N SER B 79 58.53 -13.94 -5.64
CA SER B 79 59.72 -13.94 -6.47
C SER B 79 59.49 -13.34 -7.85
N GLU B 80 58.53 -13.89 -8.58
CA GLU B 80 58.27 -13.36 -9.92
C GLU B 80 56.78 -13.28 -10.18
N VAL B 81 56.40 -12.30 -10.99
CA VAL B 81 55.02 -12.06 -11.35
C VAL B 81 54.93 -11.92 -12.86
N ARG B 82 54.25 -12.86 -13.51
CA ARG B 82 54.13 -12.82 -14.96
C ARG B 82 52.68 -12.77 -15.42
N LEU B 83 52.45 -12.07 -16.53
CA LEU B 83 51.12 -11.94 -17.10
C LEU B 83 50.78 -13.09 -18.04
N ASN B 84 49.65 -13.74 -17.82
CA ASN B 84 49.20 -14.80 -18.71
C ASN B 84 47.96 -14.18 -19.34
N LEU B 85 48.17 -13.37 -20.36
CA LEU B 85 47.07 -12.71 -21.03
C LEU B 85 45.98 -13.68 -21.50
N ASP B 86 46.38 -14.88 -21.90
CA ASP B 86 45.39 -15.87 -22.34
C ASP B 86 44.39 -16.22 -21.23
N LYS B 87 44.92 -16.44 -20.03
CA LYS B 87 44.08 -16.79 -18.89
C LYS B 87 43.30 -15.59 -18.38
N MET B 88 43.87 -14.39 -18.48
CA MET B 88 43.18 -13.20 -18.00
C MET B 88 41.99 -12.95 -18.90
N MET B 89 42.17 -13.11 -20.20
CA MET B 89 41.06 -12.93 -21.14
C MET B 89 40.02 -14.04 -20.91
N GLU B 90 40.51 -15.20 -20.47
CA GLU B 90 39.65 -16.33 -20.21
C GLU B 90 38.68 -15.97 -19.09
N GLN B 91 39.20 -15.36 -18.03
CA GLN B 91 38.37 -14.96 -16.89
C GLN B 91 37.31 -14.01 -17.45
N LYS B 92 37.74 -13.05 -18.27
CA LYS B 92 36.82 -12.10 -18.89
C LYS B 92 35.68 -12.84 -19.59
N SER B 93 36.03 -13.71 -20.53
CA SER B 93 35.03 -14.46 -21.28
C SER B 93 34.06 -15.25 -20.41
N THR B 94 34.59 -15.86 -19.35
CA THR B 94 33.75 -16.64 -18.44
C THR B 94 32.64 -15.78 -17.87
N ALA B 95 32.97 -14.57 -17.42
CA ALA B 95 31.97 -13.65 -16.89
C ALA B 95 30.93 -13.33 -17.96
N VAL B 96 31.40 -13.03 -19.16
CA VAL B 96 30.49 -12.69 -20.25
C VAL B 96 29.59 -13.88 -20.62
N LYS B 97 30.14 -15.09 -20.61
CA LYS B 97 29.33 -16.25 -20.95
C LYS B 97 28.25 -16.49 -19.87
N ALA B 98 28.65 -16.41 -18.60
CA ALA B 98 27.73 -16.61 -17.50
C ALA B 98 26.59 -15.59 -17.46
N LEU B 99 26.92 -14.32 -17.68
CA LEU B 99 25.89 -13.30 -17.63
C LEU B 99 24.93 -13.33 -18.81
N THR B 100 25.42 -13.71 -19.99
CA THR B 100 24.52 -13.77 -21.11
C THR B 100 23.60 -14.95 -20.93
N GLY B 101 24.10 -16.01 -20.31
CA GLY B 101 23.28 -17.17 -20.06
C GLY B 101 22.18 -16.78 -19.08
N GLY B 102 22.57 -15.96 -18.11
CA GLY B 102 21.64 -15.50 -17.09
C GLY B 102 20.41 -14.85 -17.66
N ILE B 103 20.58 -14.09 -18.73
CA ILE B 103 19.45 -13.44 -19.36
C ILE B 103 18.57 -14.47 -20.07
N ALA B 104 19.18 -15.49 -20.66
CA ALA B 104 18.40 -16.54 -21.32
C ALA B 104 17.53 -17.17 -20.24
N HIS B 105 18.13 -17.44 -19.10
CA HIS B 105 17.40 -18.04 -17.98
C HIS B 105 16.31 -17.12 -17.41
N LEU B 106 16.62 -15.81 -17.33
CA LEU B 106 15.64 -14.86 -16.82
C LEU B 106 14.44 -14.71 -17.78
N PHE B 107 14.70 -14.76 -19.09
CA PHE B 107 13.61 -14.65 -20.06
C PHE B 107 12.70 -15.87 -19.89
N LYS B 108 13.32 -17.04 -19.77
CA LYS B 108 12.59 -18.29 -19.59
C LYS B 108 11.75 -18.22 -18.32
N GLN B 109 12.36 -17.78 -17.22
CA GLN B 109 11.67 -17.66 -15.94
C GLN B 109 10.47 -16.71 -15.98
N ASN B 110 10.57 -15.66 -16.77
CA ASN B 110 9.45 -14.72 -16.85
C ASN B 110 8.59 -14.99 -18.10
N LYS B 111 8.84 -16.13 -18.73
CA LYS B 111 8.10 -16.54 -19.91
C LYS B 111 8.12 -15.51 -21.03
N VAL B 112 9.26 -14.83 -21.18
CA VAL B 112 9.40 -13.88 -22.27
C VAL B 112 9.82 -14.81 -23.41
N VAL B 113 9.33 -14.57 -24.62
CA VAL B 113 9.71 -15.43 -25.73
C VAL B 113 10.83 -14.80 -26.56
N HIS B 114 11.89 -15.58 -26.74
CA HIS B 114 13.08 -15.15 -27.48
C HIS B 114 13.07 -15.49 -28.97
N VAL B 115 12.95 -14.44 -29.79
CA VAL B 115 12.95 -14.57 -31.24
C VAL B 115 14.35 -14.20 -31.74
N ASN B 116 15.11 -15.19 -32.19
CA ASN B 116 16.47 -14.96 -32.71
C ASN B 116 16.43 -14.53 -34.18
N GLY B 117 16.82 -13.28 -34.45
CA GLY B 117 16.80 -12.78 -35.82
C GLY B 117 16.86 -11.26 -35.92
N TYR B 118 17.03 -10.74 -37.13
CA TYR B 118 17.10 -9.30 -37.37
C TYR B 118 15.70 -8.76 -37.55
N GLY B 119 15.21 -8.02 -36.56
CA GLY B 119 13.88 -7.48 -36.63
C GLY B 119 13.72 -6.23 -37.47
N LYS B 120 12.53 -6.09 -38.06
CA LYS B 120 12.21 -4.93 -38.88
C LYS B 120 10.74 -4.66 -38.67
N ILE B 121 10.37 -3.40 -38.49
CA ILE B 121 8.96 -3.07 -38.29
C ILE B 121 8.26 -3.12 -39.65
N THR B 122 7.52 -4.21 -39.87
CA THR B 122 6.76 -4.45 -41.09
C THR B 122 5.28 -4.27 -40.77
N GLY B 123 4.87 -3.02 -40.52
CA GLY B 123 3.49 -2.74 -40.17
C GLY B 123 3.34 -2.16 -38.77
N LYS B 124 2.57 -1.08 -38.66
CA LYS B 124 2.35 -0.40 -37.39
C LYS B 124 1.97 -1.27 -36.21
N ASN B 125 1.81 -2.56 -36.44
CA ASN B 125 1.46 -3.47 -35.37
C ASN B 125 2.10 -4.81 -35.64
N GLN B 126 3.13 -4.77 -36.47
CA GLN B 126 3.84 -5.98 -36.81
C GLN B 126 5.35 -5.80 -36.95
N VAL B 127 6.08 -6.85 -36.58
CA VAL B 127 7.52 -6.86 -36.67
C VAL B 127 7.89 -8.23 -37.23
N THR B 128 8.69 -8.23 -38.28
CA THR B 128 9.14 -9.44 -38.94
C THR B 128 10.60 -9.71 -38.63
N ALA B 129 10.89 -10.87 -38.05
CA ALA B 129 12.26 -11.23 -37.70
C ALA B 129 12.88 -12.18 -38.72
N THR B 130 13.77 -11.64 -39.57
CA THR B 130 14.43 -12.42 -40.60
C THR B 130 15.79 -12.99 -40.17
N LYS B 131 15.82 -14.30 -39.95
CA LYS B 131 17.04 -14.99 -39.55
C LYS B 131 18.13 -14.89 -40.61
N ALA B 132 19.29 -15.49 -40.33
CA ALA B 132 20.43 -15.46 -41.25
C ALA B 132 20.23 -16.37 -42.46
N ASP B 133 19.48 -17.45 -42.25
CA ASP B 133 19.21 -18.41 -43.31
C ASP B 133 18.05 -17.93 -44.17
N GLY B 134 17.63 -16.68 -43.97
CA GLY B 134 16.52 -16.14 -44.74
C GLY B 134 15.18 -16.54 -44.16
N GLY B 135 15.17 -17.61 -43.38
CA GLY B 135 13.93 -18.06 -42.76
C GLY B 135 13.41 -17.00 -41.82
N THR B 136 12.17 -16.54 -42.05
CA THR B 136 11.59 -15.49 -41.23
C THR B 136 10.66 -15.94 -40.09
N GLN B 137 9.99 -14.95 -39.52
CA GLN B 137 9.05 -15.12 -38.42
C GLN B 137 8.28 -13.82 -38.28
N VAL B 138 6.97 -13.92 -38.11
CA VAL B 138 6.18 -12.71 -37.99
C VAL B 138 5.59 -12.58 -36.60
N ILE B 139 5.53 -11.35 -36.11
CA ILE B 139 4.99 -11.08 -34.79
C ILE B 139 4.03 -9.92 -34.87
N ASP B 140 2.77 -10.20 -34.56
CA ASP B 140 1.74 -9.16 -34.54
C ASP B 140 1.65 -8.76 -33.09
N THR B 141 1.75 -7.46 -32.86
CA THR B 141 1.76 -6.96 -31.50
C THR B 141 1.04 -5.63 -31.37
N LYS B 142 0.58 -5.37 -30.16
CA LYS B 142 -0.15 -4.16 -29.83
C LYS B 142 0.84 -2.98 -29.74
N ASN B 143 1.99 -3.23 -29.09
CA ASN B 143 3.00 -2.19 -28.94
C ASN B 143 4.39 -2.65 -29.39
N ILE B 144 5.14 -1.73 -29.98
CA ILE B 144 6.50 -2.03 -30.39
C ILE B 144 7.45 -1.17 -29.57
N LEU B 145 8.47 -1.80 -28.99
CA LEU B 145 9.47 -1.08 -28.21
C LEU B 145 10.83 -1.22 -28.90
N ILE B 146 11.32 -0.11 -29.45
CA ILE B 146 12.61 -0.15 -30.11
C ILE B 146 13.72 0.05 -29.06
N ALA B 147 14.60 -0.94 -28.94
CA ALA B 147 15.75 -0.91 -28.03
C ALA B 147 16.96 -1.46 -28.82
N THR B 148 17.14 -0.93 -30.03
CA THR B 148 18.21 -1.37 -30.92
C THR B 148 19.62 -0.88 -30.56
N GLY B 149 19.70 0.07 -29.64
CA GLY B 149 20.99 0.54 -29.17
C GLY B 149 21.90 1.41 -30.01
N SER B 150 23.19 1.11 -29.92
CA SER B 150 24.18 1.90 -30.62
C SER B 150 25.27 1.08 -31.26
N GLU B 151 26.12 1.78 -31.99
CA GLU B 151 27.28 1.21 -32.66
C GLU B 151 28.44 2.23 -32.45
N VAL B 152 29.67 1.78 -32.68
CA VAL B 152 30.84 2.64 -32.56
C VAL B 152 30.71 3.73 -33.60
N THR B 153 31.15 4.94 -33.25
CA THR B 153 31.10 6.05 -34.18
C THR B 153 32.41 6.00 -34.95
N PRO B 154 32.36 5.80 -36.28
CA PRO B 154 33.61 5.74 -37.03
C PRO B 154 34.31 7.08 -37.18
N PHE B 155 35.63 7.01 -37.37
CA PHE B 155 36.46 8.20 -37.58
C PHE B 155 36.73 8.18 -39.10
N PRO B 156 36.22 9.19 -39.82
CA PRO B 156 36.44 9.23 -41.28
C PRO B 156 37.91 9.23 -41.68
N GLY B 157 38.23 8.42 -42.68
CA GLY B 157 39.60 8.34 -43.16
C GLY B 157 40.35 7.18 -42.53
N ILE B 158 39.87 6.76 -41.36
CA ILE B 158 40.48 5.65 -40.65
C ILE B 158 39.50 4.52 -40.69
N THR B 159 39.93 3.35 -41.15
CA THR B 159 39.03 2.21 -41.21
C THR B 159 39.38 1.20 -40.13
N ILE B 160 38.43 0.93 -39.25
CA ILE B 160 38.66 -0.01 -38.18
C ILE B 160 38.63 -1.45 -38.69
N ASP B 161 39.64 -2.24 -38.34
CA ASP B 161 39.66 -3.64 -38.77
C ASP B 161 39.73 -4.61 -37.60
N GLU B 162 39.61 -4.08 -36.38
CA GLU B 162 39.62 -4.88 -35.16
C GLU B 162 40.81 -5.80 -35.01
N ASP B 163 41.84 -5.53 -35.79
CA ASP B 163 43.06 -6.30 -35.69
C ASP B 163 44.13 -5.39 -35.15
N THR B 164 44.55 -4.44 -35.97
CA THR B 164 45.61 -3.48 -35.62
C THR B 164 44.99 -2.10 -35.35
N ILE B 165 43.95 -1.77 -36.09
CA ILE B 165 43.22 -0.53 -35.90
C ILE B 165 41.88 -1.02 -35.36
N VAL B 166 41.66 -0.81 -34.06
CA VAL B 166 40.46 -1.31 -33.39
C VAL B 166 39.51 -0.30 -32.74
N SER B 167 38.33 -0.80 -32.37
CA SER B 167 37.32 -0.02 -31.63
C SER B 167 37.44 -0.65 -30.24
N SER B 168 36.56 -0.29 -29.31
CA SER B 168 36.62 -0.90 -27.98
C SER B 168 36.45 -2.44 -28.06
N THR B 169 35.74 -2.90 -29.07
CA THR B 169 35.49 -4.35 -29.26
C THR B 169 36.82 -5.06 -29.49
N GLY B 170 37.60 -4.59 -30.46
CA GLY B 170 38.90 -5.21 -30.70
C GLY B 170 39.85 -5.05 -29.51
N ALA B 171 39.78 -3.88 -28.86
CA ALA B 171 40.64 -3.58 -27.72
C ALA B 171 40.41 -4.48 -26.52
N LEU B 172 39.22 -5.04 -26.41
CA LEU B 172 38.85 -5.92 -25.30
C LEU B 172 39.35 -7.33 -25.52
N SER B 173 39.79 -7.58 -26.74
CA SER B 173 40.30 -8.90 -27.12
C SER B 173 41.64 -8.89 -27.84
N LEU B 174 42.49 -7.92 -27.49
CA LEU B 174 43.82 -7.81 -28.10
C LEU B 174 44.54 -9.13 -27.77
N LYS B 175 45.18 -9.73 -28.78
CA LYS B 175 45.86 -11.00 -28.59
C LYS B 175 47.18 -10.88 -27.83
N LYS B 176 47.79 -9.70 -27.89
CA LYS B 176 49.06 -9.48 -27.22
C LYS B 176 49.09 -8.06 -26.65
N VAL B 177 49.82 -7.86 -25.55
CA VAL B 177 49.95 -6.52 -24.99
C VAL B 177 50.68 -5.65 -26.03
N PRO B 178 50.02 -4.62 -26.58
CA PRO B 178 50.76 -3.82 -27.57
C PRO B 178 51.92 -3.06 -26.93
N GLU B 179 53.03 -2.95 -27.66
CA GLU B 179 54.18 -2.24 -27.13
C GLU B 179 53.87 -0.76 -27.04
N LYS B 180 53.29 -0.21 -28.09
CA LYS B 180 52.90 1.19 -28.09
C LYS B 180 51.47 1.28 -28.63
N MET B 181 50.61 2.01 -27.91
CA MET B 181 49.21 2.15 -28.32
C MET B 181 48.78 3.60 -28.29
N VAL B 182 48.09 3.99 -29.36
CA VAL B 182 47.55 5.35 -29.44
C VAL B 182 46.02 5.24 -29.38
N VAL B 183 45.40 6.12 -28.58
CA VAL B 183 43.95 6.15 -28.43
C VAL B 183 43.41 7.48 -28.91
N ILE B 184 42.42 7.45 -29.81
CA ILE B 184 41.81 8.69 -30.29
C ILE B 184 40.56 8.83 -29.42
N GLY B 185 40.45 9.93 -28.69
CA GLY B 185 39.32 10.12 -27.80
C GLY B 185 39.68 9.82 -26.34
N ALA B 186 39.86 10.85 -25.52
CA ALA B 186 40.19 10.64 -24.11
C ALA B 186 38.94 10.70 -23.23
N GLY B 187 37.90 10.01 -23.72
CA GLY B 187 36.61 9.90 -23.06
C GLY B 187 36.63 8.77 -22.03
N VAL B 188 35.47 8.21 -21.75
CA VAL B 188 35.40 7.14 -20.76
C VAL B 188 36.07 5.84 -21.22
N ILE B 189 35.76 5.38 -22.43
CA ILE B 189 36.37 4.16 -22.97
C ILE B 189 37.89 4.35 -23.10
N GLY B 190 38.28 5.50 -23.62
CA GLY B 190 39.69 5.78 -23.83
C GLY B 190 40.48 5.66 -22.54
N VAL B 191 40.01 6.32 -21.48
CA VAL B 191 40.72 6.25 -20.23
C VAL B 191 40.61 4.85 -19.63
N GLU B 192 39.46 4.20 -19.74
CA GLU B 192 39.36 2.86 -19.18
C GLU B 192 40.22 1.83 -19.94
N LEU B 193 40.01 1.71 -21.24
CA LEU B 193 40.78 0.73 -22.02
C LEU B 193 42.27 1.11 -22.09
N GLY B 194 42.55 2.41 -22.12
CA GLY B 194 43.93 2.86 -22.14
C GLY B 194 44.60 2.41 -20.85
N SER B 195 43.89 2.57 -19.74
CA SER B 195 44.43 2.20 -18.45
C SER B 195 44.72 0.70 -18.31
N VAL B 196 43.77 -0.11 -18.77
CA VAL B 196 43.96 -1.55 -18.74
C VAL B 196 45.30 -1.97 -19.46
N TRP B 197 45.48 -1.52 -20.70
CA TRP B 197 46.66 -1.88 -21.49
C TRP B 197 47.92 -1.21 -21.00
N GLN B 198 47.78 -0.03 -20.42
CA GLN B 198 48.92 0.65 -19.83
C GLN B 198 49.42 -0.24 -18.67
N ARG B 199 48.50 -0.70 -17.82
CA ARG B 199 48.87 -1.58 -16.70
C ARG B 199 49.54 -2.90 -17.12
N LEU B 200 49.10 -3.46 -18.23
CA LEU B 200 49.65 -4.72 -18.71
C LEU B 200 51.01 -4.55 -19.39
N GLY B 201 51.43 -3.30 -19.58
CA GLY B 201 52.71 -3.04 -20.19
C GLY B 201 52.80 -2.15 -21.42
N ALA B 202 51.67 -1.73 -21.98
CA ALA B 202 51.72 -0.87 -23.15
C ALA B 202 52.10 0.57 -22.82
N ASP B 203 52.67 1.25 -23.81
CA ASP B 203 53.05 2.65 -23.72
C ASP B 203 51.84 3.28 -24.39
N VAL B 204 51.04 3.96 -23.59
CA VAL B 204 49.81 4.57 -24.06
C VAL B 204 49.75 6.10 -24.12
N THR B 205 49.25 6.59 -25.25
CA THR B 205 49.04 8.02 -25.42
C THR B 205 47.60 8.20 -25.94
N ALA B 206 46.84 9.05 -25.26
CA ALA B 206 45.48 9.34 -25.72
C ALA B 206 45.51 10.70 -26.39
N VAL B 207 44.96 10.79 -27.60
CA VAL B 207 44.90 12.04 -28.34
C VAL B 207 43.45 12.54 -28.22
N GLU B 208 43.29 13.76 -27.71
CA GLU B 208 41.97 14.35 -27.46
C GLU B 208 41.72 15.73 -28.08
N PHE B 209 40.64 15.86 -28.82
CA PHE B 209 40.32 17.13 -29.46
C PHE B 209 39.97 18.26 -28.48
N LEU B 210 39.24 17.93 -27.40
CA LEU B 210 38.85 18.93 -26.40
C LEU B 210 39.98 19.13 -25.40
N GLY B 211 39.77 20.01 -24.43
CA GLY B 211 40.83 20.25 -23.46
C GLY B 211 40.77 19.56 -22.11
N HIS B 212 40.07 18.44 -21.99
CA HIS B 212 39.99 17.74 -20.71
C HIS B 212 39.68 16.28 -20.98
N VAL B 213 39.96 15.42 -20.01
CA VAL B 213 39.66 14.01 -20.19
C VAL B 213 38.38 13.61 -19.44
N GLY B 214 37.75 12.51 -19.84
CA GLY B 214 36.55 12.05 -19.15
C GLY B 214 35.19 12.22 -19.81
N GLY B 215 35.12 12.84 -20.98
CA GLY B 215 33.84 12.96 -21.66
C GLY B 215 33.01 14.14 -21.22
N VAL B 216 31.74 14.13 -21.59
CA VAL B 216 30.87 15.25 -21.28
C VAL B 216 30.30 15.21 -19.88
N GLY B 217 30.17 16.40 -19.30
CA GLY B 217 29.56 16.50 -17.99
C GLY B 217 30.47 16.36 -16.81
N ILE B 218 31.71 15.93 -17.02
CA ILE B 218 32.63 15.78 -15.90
C ILE B 218 33.01 17.18 -15.42
N ASP B 219 33.21 17.27 -14.11
CA ASP B 219 33.60 18.52 -13.48
C ASP B 219 35.07 18.80 -13.87
N MET B 220 35.36 20.00 -14.37
CA MET B 220 36.73 20.35 -14.80
C MET B 220 37.80 20.19 -13.72
N GLU B 221 37.54 20.62 -12.50
CA GLU B 221 38.51 20.43 -11.45
C GLU B 221 38.76 18.93 -11.23
N ILE B 222 37.69 18.13 -11.22
CA ILE B 222 37.85 16.69 -11.05
C ILE B 222 38.62 16.10 -12.26
N SER B 223 38.24 16.53 -13.47
CA SER B 223 38.85 16.06 -14.72
C SER B 223 40.34 16.31 -14.73
N LYS B 224 40.73 17.52 -14.30
CA LYS B 224 42.13 17.93 -14.23
C LYS B 224 42.91 17.09 -13.23
N ASN B 225 42.41 16.93 -12.00
CA ASN B 225 43.08 16.10 -10.99
C ASN B 225 43.21 14.64 -11.44
N PHE B 226 42.19 14.14 -12.13
CA PHE B 226 42.13 12.76 -12.66
C PHE B 226 43.27 12.58 -13.70
N GLN B 227 43.34 13.47 -14.68
CA GLN B 227 44.37 13.45 -15.69
C GLN B 227 45.79 13.39 -15.06
N ARG B 228 46.01 14.18 -14.05
CA ARG B 228 47.30 14.28 -13.39
C ARG B 228 47.67 12.95 -12.72
N ILE B 229 46.67 12.29 -12.14
CA ILE B 229 46.94 11.05 -11.50
C ILE B 229 47.24 9.96 -12.54
N LEU B 230 46.47 9.93 -13.62
CA LEU B 230 46.66 8.96 -14.69
C LEU B 230 48.04 9.22 -15.32
N GLN B 231 48.39 10.50 -15.49
CA GLN B 231 49.67 10.83 -16.07
C GLN B 231 50.81 10.30 -15.20
N LYS B 232 50.68 10.40 -13.87
CA LYS B 232 51.71 9.88 -12.99
C LYS B 232 51.76 8.34 -13.08
N GLN B 233 50.68 7.72 -13.57
CA GLN B 233 50.66 6.26 -13.73
C GLN B 233 51.35 5.81 -15.01
N GLY B 234 51.61 6.75 -15.91
CA GLY B 234 52.28 6.39 -17.15
C GLY B 234 51.46 6.76 -18.36
N PHE B 235 50.20 7.08 -18.10
CA PHE B 235 49.24 7.46 -19.14
C PHE B 235 49.54 8.85 -19.71
N LYS B 236 49.85 8.96 -21.00
CA LYS B 236 50.18 10.26 -21.59
C LYS B 236 49.01 10.83 -22.37
N PHE B 237 48.90 12.15 -22.40
CA PHE B 237 47.81 12.80 -23.12
C PHE B 237 48.23 13.94 -24.04
N LYS B 238 47.55 14.03 -25.17
CA LYS B 238 47.77 15.11 -26.12
C LYS B 238 46.38 15.75 -26.22
N LEU B 239 46.10 16.74 -25.37
CA LEU B 239 44.80 17.41 -25.38
C LEU B 239 44.76 18.53 -26.40
N ASN B 240 43.57 19.00 -26.74
CA ASN B 240 43.43 20.07 -27.72
C ASN B 240 44.18 19.73 -29.01
N THR B 241 44.14 18.46 -29.39
CA THR B 241 44.82 17.98 -30.58
C THR B 241 43.88 17.20 -31.50
N LYS B 242 43.99 17.50 -32.79
CA LYS B 242 43.19 16.83 -33.80
C LYS B 242 43.99 15.72 -34.51
N VAL B 243 43.32 14.65 -34.92
CA VAL B 243 44.00 13.58 -35.62
C VAL B 243 43.77 13.85 -37.11
N THR B 244 44.87 14.09 -37.83
CA THR B 244 44.86 14.39 -39.26
C THR B 244 44.56 13.12 -40.08
N GLY B 245 45.12 11.99 -39.63
CA GLY B 245 44.91 10.75 -40.33
C GLY B 245 45.76 9.64 -39.75
N ALA B 246 45.62 8.44 -40.30
CA ALA B 246 46.41 7.32 -39.83
C ALA B 246 46.63 6.34 -40.99
N THR B 247 47.86 5.85 -41.10
CA THR B 247 48.23 4.92 -42.16
C THR B 247 48.93 3.68 -41.61
N LYS B 248 48.50 2.52 -42.06
CA LYS B 248 49.12 1.28 -41.61
C LYS B 248 50.32 1.05 -42.54
N LYS B 249 51.50 0.82 -41.96
CA LYS B 249 52.72 0.65 -42.75
C LYS B 249 53.11 -0.80 -43.01
N SER B 250 53.85 -1.03 -44.10
CA SER B 250 54.27 -2.40 -44.45
C SER B 250 55.01 -3.12 -43.34
N ASP B 251 55.60 -2.40 -42.40
CA ASP B 251 56.32 -3.05 -41.30
C ASP B 251 55.32 -3.42 -40.18
N GLY B 252 54.04 -3.12 -40.42
CA GLY B 252 53.02 -3.40 -39.43
C GLY B 252 52.71 -2.26 -38.48
N LYS B 253 53.65 -1.32 -38.33
CA LYS B 253 53.44 -0.19 -37.47
C LYS B 253 52.35 0.76 -38.02
N ILE B 254 51.84 1.65 -37.18
CA ILE B 254 50.80 2.58 -37.59
C ILE B 254 51.26 4.02 -37.32
N ASP B 255 51.18 4.86 -38.34
CA ASP B 255 51.56 6.26 -38.18
C ASP B 255 50.29 7.09 -37.99
N VAL B 256 50.23 7.84 -36.89
CA VAL B 256 49.07 8.68 -36.58
C VAL B 256 49.45 10.16 -36.70
N SER B 257 48.90 10.85 -37.69
CA SER B 257 49.23 12.25 -37.86
C SER B 257 48.34 13.14 -37.00
N ILE B 258 48.94 14.10 -36.32
CA ILE B 258 48.18 15.01 -35.46
C ILE B 258 48.61 16.46 -35.64
N GLU B 259 47.79 17.36 -35.12
CA GLU B 259 48.00 18.81 -35.17
C GLU B 259 47.26 19.41 -34.01
N ALA B 260 47.61 20.63 -33.64
CA ALA B 260 46.91 21.33 -32.59
C ALA B 260 45.49 21.50 -33.15
N ALA B 261 44.47 21.38 -32.30
CA ALA B 261 43.09 21.51 -32.76
C ALA B 261 42.88 22.86 -33.47
N SER B 262 43.56 23.90 -33.00
CA SER B 262 43.44 25.22 -33.61
C SER B 262 44.41 25.38 -34.77
N GLY B 263 44.77 24.28 -35.42
CA GLY B 263 45.68 24.32 -36.55
C GLY B 263 47.17 24.43 -36.24
N GLY B 264 47.98 23.83 -37.11
CA GLY B 264 49.42 23.88 -36.92
C GLY B 264 49.97 22.78 -36.04
N LYS B 265 51.24 22.91 -35.70
CA LYS B 265 51.96 21.93 -34.88
C LYS B 265 51.81 20.49 -35.36
N ALA B 266 52.01 20.27 -36.65
CA ALA B 266 51.90 18.92 -37.23
C ALA B 266 52.85 17.98 -36.50
N GLU B 267 52.40 16.75 -36.27
CA GLU B 267 53.25 15.79 -35.61
C GLU B 267 52.76 14.43 -36.07
N VAL B 268 53.58 13.40 -35.82
CA VAL B 268 53.25 12.03 -36.19
C VAL B 268 53.63 11.12 -35.03
N ILE B 269 52.69 10.27 -34.63
CA ILE B 269 52.92 9.31 -33.54
C ILE B 269 52.86 7.90 -34.14
N THR B 270 53.86 7.07 -33.87
CA THR B 270 53.89 5.72 -34.41
C THR B 270 53.53 4.70 -33.32
N CYS B 271 52.61 3.79 -33.63
CA CYS B 271 52.18 2.79 -32.65
C CYS B 271 51.97 1.40 -33.24
N ASP B 272 51.71 0.44 -32.35
CA ASP B 272 51.47 -0.93 -32.78
C ASP B 272 49.97 -1.18 -32.89
N VAL B 273 49.20 -0.45 -32.08
CA VAL B 273 47.75 -0.59 -32.09
C VAL B 273 47.12 0.77 -31.94
N LEU B 274 46.11 1.02 -32.75
CA LEU B 274 45.36 2.26 -32.69
C LEU B 274 43.94 1.93 -32.24
N LEU B 275 43.50 2.60 -31.18
CA LEU B 275 42.15 2.44 -30.64
C LEU B 275 41.37 3.74 -30.93
N VAL B 276 40.32 3.60 -31.72
CA VAL B 276 39.46 4.70 -32.08
C VAL B 276 38.25 4.66 -31.12
N CYS B 277 38.09 5.70 -30.31
CA CYS B 277 36.94 5.76 -29.43
C CYS B 277 36.49 7.20 -29.25
N ILE B 278 35.88 7.74 -30.30
CA ILE B 278 35.42 9.11 -30.24
C ILE B 278 33.89 9.16 -30.02
N GLY B 279 33.37 8.14 -29.35
CA GLY B 279 31.94 8.08 -29.08
C GLY B 279 31.19 6.95 -29.78
N ARG B 280 29.88 6.88 -29.52
CA ARG B 280 29.01 5.88 -30.11
C ARG B 280 27.78 6.63 -30.60
N ARG B 281 27.02 5.97 -31.48
CA ARG B 281 25.81 6.56 -32.05
C ARG B 281 24.65 5.56 -32.11
N PRO B 282 23.42 6.06 -32.11
CA PRO B 282 22.25 5.18 -32.16
C PRO B 282 22.23 4.28 -33.40
N PHE B 283 21.91 3.02 -33.19
CA PHE B 283 21.86 2.07 -34.29
C PHE B 283 20.39 1.79 -34.65
N THR B 284 20.00 2.17 -35.87
CA THR B 284 18.63 1.98 -36.36
C THR B 284 18.53 1.51 -37.81
N LYS B 285 19.61 1.01 -38.42
CA LYS B 285 19.49 0.65 -39.83
C LYS B 285 18.67 -0.62 -40.14
N ASN B 286 17.95 -0.55 -41.26
CA ASN B 286 17.09 -1.63 -41.73
C ASN B 286 16.06 -2.06 -40.68
N LEU B 287 15.60 -1.09 -39.90
CA LEU B 287 14.60 -1.33 -38.88
C LEU B 287 13.20 -1.03 -39.43
N GLY B 288 13.18 -0.19 -40.47
CA GLY B 288 11.92 0.18 -41.13
C GLY B 288 11.35 1.53 -40.75
N LEU B 289 12.15 2.37 -40.11
CA LEU B 289 11.68 3.69 -39.70
C LEU B 289 11.41 4.66 -40.83
N GLU B 290 12.25 4.68 -41.86
CA GLU B 290 12.04 5.60 -42.97
C GLU B 290 10.69 5.26 -43.55
N GLU B 291 10.49 3.96 -43.75
CA GLU B 291 9.25 3.43 -44.28
C GLU B 291 8.07 3.90 -43.42
N LEU B 292 8.09 3.45 -42.17
CA LEU B 292 7.07 3.75 -41.17
C LEU B 292 6.74 5.22 -40.92
N GLY B 293 7.65 6.12 -41.29
CA GLY B 293 7.40 7.54 -41.07
C GLY B 293 8.14 8.15 -39.88
N ILE B 294 8.90 7.32 -39.16
CA ILE B 294 9.66 7.78 -38.00
C ILE B 294 10.92 8.50 -38.48
N GLU B 295 10.94 9.82 -38.29
CA GLU B 295 12.09 10.63 -38.67
C GLU B 295 13.10 10.75 -37.53
N LEU B 296 14.38 10.48 -37.82
CA LEU B 296 15.41 10.57 -36.80
C LEU B 296 15.81 12.04 -36.66
N ASP B 297 16.46 12.40 -35.56
CA ASP B 297 16.90 13.77 -35.38
C ASP B 297 18.24 13.87 -36.11
N PRO B 298 18.80 15.08 -36.26
CA PRO B 298 20.09 15.14 -36.97
C PRO B 298 21.20 14.18 -36.49
N ARG B 299 21.18 13.85 -35.20
CA ARG B 299 22.18 12.95 -34.63
C ARG B 299 21.83 11.46 -34.74
N GLY B 300 20.73 11.15 -35.42
CA GLY B 300 20.35 9.76 -35.60
C GLY B 300 19.47 9.14 -34.53
N ARG B 301 19.08 9.91 -33.52
CA ARG B 301 18.23 9.36 -32.47
C ARG B 301 16.75 9.36 -32.85
N ILE B 302 16.00 8.45 -32.25
CA ILE B 302 14.55 8.37 -32.48
C ILE B 302 13.89 9.30 -31.48
N PRO B 303 13.23 10.36 -31.98
CA PRO B 303 12.57 11.30 -31.06
C PRO B 303 11.42 10.61 -30.34
N VAL B 304 11.24 10.96 -29.07
CA VAL B 304 10.17 10.37 -28.25
C VAL B 304 9.72 11.41 -27.24
N ASN B 305 8.49 11.24 -26.74
CA ASN B 305 7.96 12.15 -25.73
C ASN B 305 8.26 11.59 -24.34
N THR B 306 7.71 12.24 -23.30
CA THR B 306 7.95 11.81 -21.92
C THR B 306 7.58 10.37 -21.58
N ARG B 307 6.80 9.72 -22.43
CA ARG B 307 6.40 8.32 -22.19
C ARG B 307 7.19 7.38 -23.10
N PHE B 308 8.17 7.94 -23.80
CA PHE B 308 9.04 7.19 -24.70
C PHE B 308 8.38 6.62 -25.95
N GLN B 309 7.30 7.26 -26.39
CA GLN B 309 6.63 6.82 -27.60
C GLN B 309 6.99 7.74 -28.77
N THR B 310 7.15 7.11 -29.93
CA THR B 310 7.48 7.82 -31.16
C THR B 310 6.28 8.57 -31.74
N LYS B 311 6.34 8.84 -33.04
CA LYS B 311 5.27 9.51 -33.77
C LYS B 311 4.07 8.60 -33.66
N ILE B 312 4.32 7.31 -33.90
CA ILE B 312 3.31 6.27 -33.81
C ILE B 312 3.10 5.97 -32.32
N PRO B 313 1.93 6.35 -31.78
CA PRO B 313 1.57 6.15 -30.36
C PRO B 313 1.81 4.78 -29.73
N ASN B 314 1.88 3.71 -30.53
CA ASN B 314 2.10 2.38 -29.94
C ASN B 314 3.51 1.87 -30.19
N ILE B 315 4.36 2.74 -30.75
CA ILE B 315 5.75 2.36 -31.01
C ILE B 315 6.64 3.24 -30.15
N TYR B 316 7.43 2.59 -29.29
CA TYR B 316 8.31 3.30 -28.37
C TYR B 316 9.78 3.02 -28.66
N ALA B 317 10.63 3.84 -28.08
CA ALA B 317 12.08 3.74 -28.23
C ALA B 317 12.71 4.17 -26.91
N ILE B 318 13.69 3.38 -26.47
CA ILE B 318 14.40 3.65 -25.22
C ILE B 318 15.90 3.35 -25.40
N GLY B 319 16.69 3.77 -24.41
CA GLY B 319 18.11 3.49 -24.41
C GLY B 319 19.04 4.29 -25.28
N ASP B 320 20.12 3.65 -25.73
CA ASP B 320 21.11 4.31 -26.58
C ASP B 320 20.51 4.84 -27.88
N VAL B 321 19.37 4.30 -28.29
CA VAL B 321 18.75 4.76 -29.53
C VAL B 321 18.03 6.10 -29.38
N VAL B 322 17.88 6.56 -28.14
CA VAL B 322 17.22 7.83 -27.89
C VAL B 322 18.13 8.83 -27.14
N ALA B 323 17.67 10.07 -27.02
CA ALA B 323 18.43 11.14 -26.36
C ALA B 323 18.76 10.82 -24.89
N GLY B 324 19.71 11.57 -24.34
CA GLY B 324 20.12 11.38 -22.96
C GLY B 324 21.47 10.67 -22.83
N PRO B 325 22.02 10.54 -21.62
CA PRO B 325 23.31 9.84 -21.52
C PRO B 325 23.22 8.42 -22.04
N MET B 326 24.21 8.03 -22.86
CA MET B 326 24.26 6.68 -23.42
C MET B 326 24.94 5.78 -22.43
N LEU B 327 24.19 5.38 -21.42
CA LEU B 327 24.66 4.54 -20.34
C LEU B 327 23.72 3.38 -20.14
N ALA B 328 24.23 2.28 -19.62
CA ALA B 328 23.40 1.09 -19.41
C ALA B 328 22.30 1.27 -18.32
N HIS B 329 22.63 1.84 -17.16
CA HIS B 329 21.62 2.01 -16.13
C HIS B 329 20.54 2.99 -16.58
N LYS B 330 20.89 3.92 -17.47
CA LYS B 330 19.91 4.88 -18.00
C LYS B 330 18.93 4.15 -18.94
N ALA B 331 19.47 3.22 -19.74
CA ALA B 331 18.66 2.45 -20.69
C ALA B 331 17.71 1.51 -19.94
N GLU B 332 18.19 0.87 -18.88
CA GLU B 332 17.33 -0.04 -18.11
C GLU B 332 16.18 0.72 -17.44
N ASP B 333 16.50 1.82 -16.79
CA ASP B 333 15.48 2.60 -16.14
C ASP B 333 14.41 3.04 -17.13
N GLU B 334 14.83 3.45 -18.33
CA GLU B 334 13.86 3.87 -19.33
C GLU B 334 13.00 2.70 -19.78
N GLY B 335 13.59 1.52 -19.86
CA GLY B 335 12.86 0.35 -20.26
C GLY B 335 11.75 0.09 -19.25
N ILE B 336 12.13 0.04 -17.97
CA ILE B 336 11.19 -0.21 -16.91
C ILE B 336 10.03 0.77 -16.88
N ILE B 337 10.34 2.07 -16.88
CA ILE B 337 9.28 3.06 -16.82
C ILE B 337 8.46 3.14 -18.09
N CYS B 338 9.09 2.86 -19.23
CA CYS B 338 8.35 2.90 -20.48
C CYS B 338 7.25 1.83 -20.46
N VAL B 339 7.58 0.58 -20.10
CA VAL B 339 6.54 -0.43 -20.07
C VAL B 339 5.56 -0.26 -18.90
N GLU B 340 5.99 0.45 -17.85
CA GLU B 340 5.09 0.71 -16.72
C GLU B 340 4.09 1.71 -17.26
N GLY B 341 4.58 2.61 -18.11
CA GLY B 341 3.72 3.60 -18.72
C GLY B 341 2.75 2.90 -19.65
N MET B 342 3.21 1.83 -20.29
CA MET B 342 2.37 1.05 -21.19
C MET B 342 1.21 0.45 -20.37
N ALA B 343 1.48 0.13 -19.12
CA ALA B 343 0.47 -0.45 -18.25
C ALA B 343 -0.40 0.60 -17.54
N GLY B 344 -0.18 1.87 -17.85
CA GLY B 344 -0.98 2.91 -17.23
C GLY B 344 -0.30 3.80 -16.19
N GLY B 345 0.84 3.35 -15.65
CA GLY B 345 1.51 4.15 -14.64
C GLY B 345 2.06 5.45 -15.18
N ALA B 346 2.51 6.34 -14.29
CA ALA B 346 3.11 7.61 -14.71
C ALA B 346 4.52 7.30 -15.24
N VAL B 347 5.06 8.16 -16.08
CA VAL B 347 6.40 7.90 -16.61
C VAL B 347 7.26 9.10 -16.40
N HIS B 348 8.27 8.97 -15.55
CA HIS B 348 9.14 10.11 -15.29
C HIS B 348 10.58 9.77 -14.95
N ILE B 349 11.50 10.40 -15.67
CA ILE B 349 12.91 10.23 -15.42
C ILE B 349 13.55 11.60 -15.45
N ASP B 350 14.50 11.80 -14.56
CA ASP B 350 15.23 13.05 -14.44
C ASP B 350 16.72 12.72 -14.70
N TYR B 351 17.21 13.06 -15.88
CA TYR B 351 18.59 12.75 -16.23
C TYR B 351 19.63 13.45 -15.34
N ASN B 352 19.22 14.46 -14.58
CA ASN B 352 20.15 15.15 -13.70
C ASN B 352 20.49 14.20 -12.53
N CYS B 353 19.66 13.18 -12.34
CA CYS B 353 19.87 12.25 -11.24
C CYS B 353 20.49 10.90 -11.65
N VAL B 354 20.93 10.81 -12.90
CA VAL B 354 21.55 9.60 -13.45
C VAL B 354 23.04 9.72 -13.21
N PRO B 355 23.63 8.80 -12.44
CA PRO B 355 25.08 9.00 -12.24
C PRO B 355 25.98 8.51 -13.37
N SER B 356 27.23 8.95 -13.33
CA SER B 356 28.26 8.56 -14.29
C SER B 356 29.41 7.96 -13.48
N VAL B 357 30.05 6.90 -13.98
CA VAL B 357 31.16 6.30 -13.23
C VAL B 357 32.25 5.97 -14.26
N ILE B 358 33.51 6.12 -13.83
CA ILE B 358 34.66 5.79 -14.68
C ILE B 358 35.36 4.76 -13.80
N TYR B 359 35.51 3.55 -14.33
CA TYR B 359 36.06 2.47 -13.54
C TYR B 359 37.57 2.28 -13.57
N THR B 360 38.27 3.38 -13.75
CA THR B 360 39.71 3.34 -13.69
C THR B 360 40.07 3.19 -12.21
N HIS B 361 41.36 3.39 -11.93
CA HIS B 361 41.86 3.37 -10.58
C HIS B 361 42.86 4.52 -10.47
N PRO B 362 42.50 5.58 -9.74
CA PRO B 362 41.25 5.77 -9.02
C PRO B 362 40.01 5.84 -9.90
N GLU B 363 38.86 5.50 -9.31
CA GLU B 363 37.59 5.57 -10.02
C GLU B 363 37.16 7.02 -9.97
N VAL B 364 36.22 7.38 -10.82
CA VAL B 364 35.69 8.73 -10.84
C VAL B 364 34.17 8.53 -10.92
N ALA B 365 33.40 9.35 -10.23
CA ALA B 365 31.95 9.20 -10.29
C ALA B 365 31.27 10.51 -9.93
N TRP B 366 30.13 10.78 -10.56
CA TRP B 366 29.42 12.00 -10.27
C TRP B 366 27.94 11.93 -10.64
N VAL B 367 27.18 12.84 -10.02
CA VAL B 367 25.77 12.94 -10.28
C VAL B 367 25.41 14.39 -9.97
N GLY B 368 24.46 14.92 -10.71
CA GLY B 368 24.05 16.29 -10.50
C GLY B 368 24.90 17.23 -11.37
N LYS B 369 25.08 18.46 -10.91
CA LYS B 369 25.81 19.46 -11.68
C LYS B 369 27.27 19.65 -11.35
N SER B 370 28.01 20.06 -12.37
CA SER B 370 29.42 20.37 -12.20
C SER B 370 29.48 21.86 -11.88
N GLU B 371 30.63 22.37 -11.45
CA GLU B 371 30.73 23.80 -11.19
C GLU B 371 30.53 24.64 -12.46
N GLU B 372 30.97 24.13 -13.61
CA GLU B 372 30.82 24.88 -14.85
C GLU B 372 29.33 25.07 -15.11
N GLN B 373 28.55 24.02 -14.88
CA GLN B 373 27.12 24.09 -15.09
C GLN B 373 26.46 25.11 -14.18
N LEU B 374 26.83 25.11 -12.91
CA LEU B 374 26.24 26.06 -11.97
C LEU B 374 26.64 27.49 -12.32
N LYS B 375 27.92 27.72 -12.64
CA LYS B 375 28.33 29.08 -13.02
C LYS B 375 27.59 29.53 -14.29
N GLU B 376 27.45 28.62 -15.23
CA GLU B 376 26.76 28.94 -16.47
C GLU B 376 25.29 29.27 -16.20
N GLU B 377 24.72 28.69 -15.15
CA GLU B 377 23.33 28.90 -14.82
C GLU B 377 23.10 30.05 -13.83
N GLY B 378 24.19 30.68 -13.37
CA GLY B 378 24.09 31.79 -12.44
C GLY B 378 23.65 31.36 -11.05
N ILE B 379 23.91 30.11 -10.70
CA ILE B 379 23.53 29.59 -9.38
C ILE B 379 24.52 30.03 -8.29
N GLU B 380 24.01 30.50 -7.17
CA GLU B 380 24.89 30.88 -6.07
C GLU B 380 25.07 29.57 -5.24
N TYR B 381 26.29 29.04 -5.22
CA TYR B 381 26.54 27.79 -4.53
C TYR B 381 27.72 27.83 -3.60
N LYS B 382 27.84 26.75 -2.83
CA LYS B 382 28.90 26.52 -1.83
C LYS B 382 29.68 25.27 -2.23
N VAL B 383 30.96 25.21 -1.87
CA VAL B 383 31.77 24.06 -2.22
C VAL B 383 32.35 23.41 -0.97
N GLY B 384 32.32 22.09 -0.91
CA GLY B 384 32.88 21.36 0.22
C GLY B 384 33.82 20.33 -0.39
N LYS B 385 35.07 20.29 0.06
CA LYS B 385 36.01 19.30 -0.48
C LYS B 385 36.63 18.53 0.66
N PHE B 386 36.91 17.25 0.43
CA PHE B 386 37.53 16.43 1.45
C PHE B 386 38.46 15.44 0.77
N PRO B 387 39.76 15.48 1.08
CA PRO B 387 40.74 14.58 0.46
C PRO B 387 40.70 13.15 1.04
N PHE B 388 40.87 12.14 0.19
CA PHE B 388 40.84 10.78 0.71
C PHE B 388 42.10 10.57 1.54
N ALA B 389 43.08 11.47 1.40
CA ALA B 389 44.31 11.35 2.20
C ALA B 389 43.98 11.51 3.69
N ALA B 390 42.83 12.13 4.00
CA ALA B 390 42.42 12.32 5.38
C ALA B 390 41.33 11.35 5.80
N ASN B 391 41.01 10.41 4.91
CA ASN B 391 40.00 9.41 5.23
C ASN B 391 40.63 8.17 5.88
N SER B 392 40.09 7.76 7.02
CA SER B 392 40.57 6.62 7.75
C SER B 392 40.71 5.33 6.98
N ARG B 393 39.69 4.96 6.23
CA ARG B 393 39.77 3.69 5.51
C ARG B 393 40.74 3.73 4.35
N ALA B 394 40.79 4.87 3.65
CA ALA B 394 41.69 5.04 2.53
C ALA B 394 43.13 5.01 3.04
N LYS B 395 43.38 5.72 4.13
CA LYS B 395 44.73 5.74 4.68
C LYS B 395 45.13 4.34 5.18
N THR B 396 44.20 3.65 5.82
CA THR B 396 44.51 2.33 6.34
C THR B 396 44.84 1.38 5.19
N ASN B 397 44.11 1.49 4.09
CA ASN B 397 44.29 0.65 2.90
C ASN B 397 45.51 1.12 2.11
N ALA B 398 46.10 2.23 2.52
CA ALA B 398 47.23 2.83 1.80
C ALA B 398 46.87 3.05 0.35
N ASP B 399 45.72 3.68 0.13
CA ASP B 399 45.20 3.98 -1.23
C ASP B 399 44.45 5.28 -1.00
N THR B 400 45.18 6.39 -1.13
CA THR B 400 44.66 7.70 -0.83
C THR B 400 44.52 8.78 -1.92
N ASP B 401 44.60 8.44 -3.20
CA ASP B 401 44.46 9.47 -4.22
C ASP B 401 43.07 10.12 -4.22
N GLY B 402 43.02 11.40 -4.55
CA GLY B 402 41.74 12.07 -4.74
C GLY B 402 40.96 12.73 -3.65
N MET B 403 39.71 13.06 -3.97
CA MET B 403 38.85 13.74 -3.02
C MET B 403 37.38 13.61 -3.38
N VAL B 404 36.56 14.09 -2.45
CA VAL B 404 35.13 14.17 -2.69
C VAL B 404 34.85 15.69 -2.72
N LYS B 405 34.11 16.14 -3.75
CA LYS B 405 33.73 17.54 -3.88
C LYS B 405 32.20 17.64 -3.95
N ILE B 406 31.62 18.43 -3.05
CA ILE B 406 30.16 18.64 -2.98
C ILE B 406 29.85 20.10 -3.30
N LEU B 407 28.84 20.28 -4.16
CA LEU B 407 28.32 21.59 -4.57
C LEU B 407 26.92 21.71 -3.92
N GLY B 408 26.73 22.74 -3.10
CA GLY B 408 25.45 22.93 -2.44
C GLY B 408 24.85 24.31 -2.74
N GLN B 409 23.53 24.38 -2.78
CA GLN B 409 22.88 25.65 -3.03
C GLN B 409 23.06 26.54 -1.81
N LYS B 410 23.53 27.75 -2.04
CA LYS B 410 23.78 28.67 -0.93
C LYS B 410 22.54 28.92 -0.06
N SER B 411 21.42 29.20 -0.70
CA SER B 411 20.17 29.52 -0.02
C SER B 411 19.48 28.42 0.78
N THR B 412 19.47 27.21 0.25
CA THR B 412 18.77 26.11 0.92
C THR B 412 19.65 24.93 1.39
N ASP B 413 20.95 25.01 1.06
CA ASP B 413 21.92 23.96 1.40
C ASP B 413 21.64 22.65 0.64
N ARG B 414 20.71 22.69 -0.31
CA ARG B 414 20.42 21.50 -1.09
C ARG B 414 21.66 21.02 -1.90
N VAL B 415 21.91 19.72 -1.88
CA VAL B 415 23.01 19.18 -2.65
C VAL B 415 22.70 19.32 -4.13
N LEU B 416 23.54 20.06 -4.85
CA LEU B 416 23.31 20.23 -6.29
C LEU B 416 24.23 19.32 -7.14
N GLY B 417 25.36 18.90 -6.57
CA GLY B 417 26.27 18.08 -7.35
C GLY B 417 27.20 17.36 -6.43
N ALA B 418 27.47 16.10 -6.75
CA ALA B 418 28.41 15.29 -5.99
C ALA B 418 29.46 14.75 -6.97
N HIS B 419 30.75 14.94 -6.65
CA HIS B 419 31.85 14.53 -7.53
C HIS B 419 32.92 13.84 -6.72
N ILE B 420 33.25 12.61 -7.14
CA ILE B 420 34.23 11.80 -6.43
C ILE B 420 35.37 11.29 -7.32
N LEU B 421 36.59 11.52 -6.86
CA LEU B 421 37.80 11.07 -7.54
C LEU B 421 38.50 10.27 -6.47
N GLY B 422 38.58 8.96 -6.63
CA GLY B 422 39.25 8.17 -5.62
C GLY B 422 38.70 6.77 -5.45
N PRO B 423 39.15 6.09 -4.39
CA PRO B 423 38.68 4.73 -4.13
C PRO B 423 37.20 4.65 -3.83
N GLY B 424 36.57 3.59 -4.34
CA GLY B 424 35.15 3.36 -4.11
C GLY B 424 34.14 4.39 -4.63
N ALA B 425 34.57 5.23 -5.56
CA ALA B 425 33.68 6.26 -6.12
C ALA B 425 32.41 5.70 -6.78
N GLY B 426 32.55 4.60 -7.53
CA GLY B 426 31.43 4.00 -8.21
C GLY B 426 30.29 3.56 -7.31
N GLU B 427 30.62 3.05 -6.14
CA GLU B 427 29.60 2.62 -5.21
C GLU B 427 29.09 3.82 -4.44
N MET B 428 30.02 4.70 -4.07
CA MET B 428 29.69 5.86 -3.28
C MET B 428 28.70 6.82 -3.96
N VAL B 429 28.76 6.96 -5.28
CA VAL B 429 27.88 7.88 -6.00
C VAL B 429 26.37 7.51 -5.90
N ASN B 430 26.09 6.27 -5.50
CA ASN B 430 24.70 5.84 -5.35
C ASN B 430 24.09 6.41 -4.08
N GLU B 431 24.91 6.66 -3.05
CA GLU B 431 24.37 7.30 -1.85
C GLU B 431 24.01 8.72 -2.30
N ALA B 432 24.83 9.29 -3.19
CA ALA B 432 24.63 10.64 -3.71
C ALA B 432 23.37 10.74 -4.58
N ALA B 433 23.17 9.75 -5.45
CA ALA B 433 21.98 9.73 -6.33
C ALA B 433 20.70 9.69 -5.46
N LEU B 434 20.74 8.91 -4.41
CA LEU B 434 19.60 8.80 -3.47
C LEU B 434 19.34 10.15 -2.83
N ALA B 435 20.39 10.79 -2.34
CA ALA B 435 20.25 12.12 -1.73
C ALA B 435 19.55 13.11 -2.70
N LEU B 436 20.07 13.21 -3.92
CA LEU B 436 19.48 14.11 -4.91
C LEU B 436 18.02 13.79 -5.24
N GLU B 437 17.65 12.51 -5.15
CA GLU B 437 16.29 12.12 -5.45
C GLU B 437 15.31 12.73 -4.45
N TYR B 438 15.75 12.85 -3.20
CA TYR B 438 14.93 13.46 -2.16
C TYR B 438 15.14 14.97 -2.07
N GLY B 439 16.13 15.49 -2.79
CA GLY B 439 16.40 16.91 -2.67
C GLY B 439 17.04 17.16 -1.30
N ALA B 440 17.79 16.18 -0.83
CA ALA B 440 18.45 16.28 0.49
C ALA B 440 19.48 17.40 0.51
N SER B 441 19.73 17.93 1.69
CA SER B 441 20.70 19.00 1.90
C SER B 441 22.09 18.43 2.27
N CYS B 442 23.10 19.30 2.23
CA CYS B 442 24.44 18.90 2.62
C CYS B 442 24.42 18.55 4.10
N GLU B 443 23.68 19.32 4.87
CA GLU B 443 23.58 19.05 6.30
C GLU B 443 22.91 17.68 6.56
N ASP B 444 21.86 17.36 5.80
CA ASP B 444 21.16 16.08 5.94
C ASP B 444 22.20 14.97 5.92
N ILE B 445 22.98 14.97 4.86
CA ILE B 445 23.98 13.94 4.69
C ILE B 445 25.01 13.92 5.80
N ALA B 446 25.46 15.11 6.21
CA ALA B 446 26.46 15.22 7.27
C ALA B 446 26.00 14.67 8.60
N ARG B 447 24.69 14.76 8.85
CA ARG B 447 24.15 14.27 10.11
C ARG B 447 23.77 12.81 10.04
N VAL B 448 23.87 12.18 8.86
CA VAL B 448 23.54 10.75 8.81
C VAL B 448 24.75 10.03 9.38
N CYS B 449 24.53 9.06 10.26
CA CYS B 449 25.66 8.33 10.86
C CYS B 449 26.24 7.31 9.89
N HIS B 450 27.44 7.60 9.36
CA HIS B 450 28.12 6.71 8.43
C HIS B 450 29.03 5.77 9.20
N ALA B 451 29.19 4.52 8.76
CA ALA B 451 30.03 3.55 9.46
C ALA B 451 31.51 3.96 9.46
N HIS B 452 32.18 3.73 10.59
CA HIS B 452 33.61 4.03 10.73
C HIS B 452 34.36 2.73 10.89
N PRO B 453 35.42 2.51 10.10
CA PRO B 453 35.96 3.40 9.06
C PRO B 453 35.55 2.96 7.66
N THR B 454 34.99 3.87 6.89
CA THR B 454 34.60 3.55 5.52
C THR B 454 34.95 4.72 4.62
N LEU B 455 35.02 4.46 3.31
CA LEU B 455 35.28 5.51 2.34
C LEU B 455 34.10 6.51 2.29
N SER B 456 32.89 6.02 2.59
CA SER B 456 31.69 6.87 2.57
C SER B 456 31.88 8.08 3.49
N GLU B 457 32.75 7.95 4.49
CA GLU B 457 33.01 9.06 5.41
C GLU B 457 33.63 10.29 4.74
N ALA B 458 34.31 10.10 3.61
CA ALA B 458 34.90 11.24 2.86
C ALA B 458 33.72 12.01 2.31
N PHE B 459 32.70 11.26 1.88
CA PHE B 459 31.46 11.81 1.32
C PHE B 459 30.76 12.60 2.41
N ARG B 460 30.59 11.98 3.56
CA ARG B 460 29.94 12.66 4.63
C ARG B 460 30.66 13.96 5.04
N GLU B 461 31.99 13.91 5.15
CA GLU B 461 32.76 15.09 5.55
C GLU B 461 32.77 16.20 4.53
N ALA B 462 32.68 15.85 3.24
CA ALA B 462 32.67 16.87 2.19
C ALA B 462 31.32 17.63 2.32
N ASN B 463 30.25 16.89 2.63
CA ASN B 463 28.94 17.54 2.82
C ASN B 463 28.99 18.45 4.05
N LEU B 464 29.63 17.98 5.11
CA LEU B 464 29.76 18.77 6.33
C LEU B 464 30.50 20.09 6.01
N ALA B 465 31.60 19.96 5.27
CA ALA B 465 32.38 21.13 4.86
C ALA B 465 31.51 22.08 4.03
N ALA B 466 30.77 21.54 3.07
CA ALA B 466 29.90 22.35 2.23
C ALA B 466 28.83 23.03 3.10
N SER B 467 28.29 22.27 4.05
CA SER B 467 27.23 22.82 4.86
C SER B 467 27.63 23.84 5.93
N PHE B 468 28.56 23.44 6.79
CA PHE B 468 29.00 24.21 7.93
C PHE B 468 30.25 25.05 7.66
N GLY B 469 31.00 24.71 6.61
CA GLY B 469 32.21 25.47 6.31
C GLY B 469 33.49 24.69 6.60
N LYS B 470 33.44 23.75 7.54
CA LYS B 470 34.62 22.97 7.91
C LYS B 470 34.21 21.54 8.15
N SER B 471 35.03 20.59 7.74
CA SER B 471 34.77 19.17 8.07
C SER B 471 35.54 18.98 9.42
N ILE B 472 35.47 17.82 10.04
CA ILE B 472 36.21 17.58 11.29
C ILE B 472 37.71 17.18 11.06
N ASN B 473 37.93 16.23 10.14
CA ASN B 473 39.26 15.68 9.87
C ASN B 473 40.19 16.33 8.86
N PHE B 474 39.88 17.55 8.47
CA PHE B 474 40.75 18.25 7.56
C PHE B 474 40.44 19.73 7.75
N PRO C 4 -52.22 -15.63 -105.45
CA PRO C 4 -52.79 -14.31 -105.05
C PRO C 4 -53.04 -14.25 -103.54
N ILE C 5 -52.39 -13.30 -102.86
CA ILE C 5 -52.51 -13.16 -101.41
C ILE C 5 -53.30 -11.93 -100.95
N ASP C 6 -54.02 -12.11 -99.85
CA ASP C 6 -54.82 -11.03 -99.25
C ASP C 6 -54.07 -10.38 -98.09
N ALA C 7 -54.24 -9.08 -97.92
CA ALA C 7 -53.57 -8.37 -96.85
C ALA C 7 -54.19 -7.04 -96.44
N ASP C 8 -54.02 -6.72 -95.16
CA ASP C 8 -54.47 -5.46 -94.57
C ASP C 8 -53.28 -4.49 -94.75
N VAL C 9 -52.09 -5.01 -94.46
CA VAL C 9 -50.85 -4.24 -94.55
C VAL C 9 -49.74 -4.99 -95.28
N THR C 10 -49.21 -4.39 -96.33
CA THR C 10 -48.11 -5.00 -97.05
C THR C 10 -46.89 -4.08 -96.95
N VAL C 11 -45.89 -4.54 -96.22
CA VAL C 11 -44.65 -3.80 -96.00
C VAL C 11 -43.56 -4.20 -96.99
N ILE C 12 -43.12 -3.24 -97.81
CA ILE C 12 -42.06 -3.53 -98.78
C ILE C 12 -40.69 -3.15 -98.20
N GLY C 13 -40.02 -4.15 -97.63
CA GLY C 13 -38.73 -3.91 -97.04
C GLY C 13 -38.65 -4.48 -95.64
N SER C 14 -37.58 -5.21 -95.37
CA SER C 14 -37.41 -5.80 -94.05
C SER C 14 -36.29 -5.18 -93.21
N GLY C 15 -35.97 -3.90 -93.47
CA GLY C 15 -34.95 -3.23 -92.68
C GLY C 15 -35.56 -2.82 -91.34
N PRO C 16 -34.81 -2.16 -90.44
CA PRO C 16 -35.42 -1.79 -89.16
C PRO C 16 -36.80 -1.13 -89.25
N GLY C 17 -37.01 -0.31 -90.29
CA GLY C 17 -38.30 0.34 -90.43
C GLY C 17 -39.40 -0.66 -90.81
N GLY C 18 -39.17 -1.41 -91.88
CA GLY C 18 -40.14 -2.37 -92.36
C GLY C 18 -40.46 -3.54 -91.46
N TYR C 19 -39.43 -4.27 -91.04
CA TYR C 19 -39.67 -5.46 -90.22
C TYR C 19 -40.27 -5.15 -88.84
N VAL C 20 -39.94 -3.99 -88.28
CA VAL C 20 -40.53 -3.62 -87.00
C VAL C 20 -41.98 -3.18 -87.25
N ALA C 21 -42.21 -2.52 -88.38
CA ALA C 21 -43.55 -2.07 -88.78
C ALA C 21 -44.46 -3.31 -88.99
N ALA C 22 -43.90 -4.32 -89.67
CA ALA C 22 -44.60 -5.57 -89.96
C ALA C 22 -45.03 -6.26 -88.67
N ILE C 23 -44.08 -6.47 -87.77
CA ILE C 23 -44.35 -7.11 -86.50
C ILE C 23 -45.43 -6.39 -85.68
N LYS C 24 -45.26 -5.07 -85.52
CA LYS C 24 -46.22 -4.24 -84.77
C LYS C 24 -47.61 -4.27 -85.41
N ALA C 25 -47.67 -4.29 -86.74
CA ALA C 25 -48.93 -4.34 -87.47
C ALA C 25 -49.62 -5.67 -87.16
N ALA C 26 -48.85 -6.75 -87.16
CA ALA C 26 -49.38 -8.06 -86.86
C ALA C 26 -49.98 -8.06 -85.47
N GLN C 27 -49.20 -7.58 -84.51
CA GLN C 27 -49.63 -7.49 -83.11
C GLN C 27 -50.85 -6.58 -82.88
N LEU C 28 -51.13 -5.69 -83.83
CA LEU C 28 -52.26 -4.77 -83.75
C LEU C 28 -53.53 -5.35 -84.39
N GLY C 29 -53.48 -6.60 -84.84
CA GLY C 29 -54.64 -7.21 -85.46
C GLY C 29 -54.73 -6.99 -86.96
N PHE C 30 -53.57 -6.94 -87.62
CA PHE C 30 -53.50 -6.74 -89.07
C PHE C 30 -52.95 -7.98 -89.76
N LYS C 31 -53.56 -8.32 -90.89
CA LYS C 31 -53.11 -9.45 -91.72
C LYS C 31 -51.91 -8.81 -92.38
N THR C 32 -50.71 -9.27 -92.05
CA THR C 32 -49.51 -8.62 -92.57
C THR C 32 -48.53 -9.39 -93.46
N VAL C 33 -48.12 -8.73 -94.54
CA VAL C 33 -47.17 -9.30 -95.49
C VAL C 33 -45.93 -8.41 -95.55
N CYS C 34 -44.75 -9.04 -95.61
CA CYS C 34 -43.50 -8.29 -95.70
C CYS C 34 -42.70 -8.80 -96.89
N ILE C 35 -42.42 -7.90 -97.83
CA ILE C 35 -41.67 -8.22 -99.03
C ILE C 35 -40.19 -7.78 -98.93
N GLU C 36 -39.27 -8.72 -99.16
CA GLU C 36 -37.83 -8.45 -99.12
C GLU C 36 -37.12 -9.03 -100.36
N LYS C 37 -36.50 -8.14 -101.16
CA LYS C 37 -35.78 -8.54 -102.37
C LYS C 37 -34.44 -9.25 -102.13
N ASN C 38 -33.83 -9.05 -100.97
CA ASN C 38 -32.54 -9.68 -100.68
C ASN C 38 -32.68 -11.07 -100.09
N GLU C 39 -31.56 -11.77 -99.97
CA GLU C 39 -31.62 -13.12 -99.44
C GLU C 39 -31.77 -13.26 -97.92
N THR C 40 -31.73 -12.14 -97.20
CA THR C 40 -31.93 -12.20 -95.76
C THR C 40 -32.75 -10.99 -95.38
N LEU C 41 -33.36 -11.03 -94.20
CA LEU C 41 -34.17 -9.94 -93.70
C LEU C 41 -33.24 -9.03 -92.90
N GLY C 42 -33.70 -7.84 -92.54
CA GLY C 42 -32.87 -6.96 -91.74
C GLY C 42 -32.29 -5.72 -92.41
N GLY C 43 -32.40 -5.66 -93.73
CA GLY C 43 -31.93 -4.50 -94.47
C GLY C 43 -30.47 -4.09 -94.32
N THR C 44 -30.21 -2.81 -94.56
CA THR C 44 -28.87 -2.24 -94.46
C THR C 44 -28.30 -2.46 -93.06
N CYS C 45 -29.05 -2.05 -92.04
N CYS C 45 -29.08 -2.07 -92.06
CA CYS C 45 -28.62 -2.16 -90.64
CA CYS C 45 -28.69 -2.18 -90.66
C CYS C 45 -28.07 -3.53 -90.23
C CYS C 45 -28.08 -3.52 -90.25
N LEU C 46 -28.84 -4.59 -90.44
CA LEU C 46 -28.39 -5.92 -90.08
C LEU C 46 -27.26 -6.52 -90.92
N ASN C 47 -27.42 -6.41 -92.23
CA ASN C 47 -26.47 -7.03 -93.14
C ASN C 47 -25.19 -6.29 -93.53
N VAL C 48 -25.27 -5.00 -93.81
CA VAL C 48 -24.08 -4.24 -94.21
C VAL C 48 -23.97 -2.94 -93.46
N GLY C 49 -24.63 -2.85 -92.32
CA GLY C 49 -24.59 -1.62 -91.58
C GLY C 49 -24.24 -1.66 -90.12
N CYS C 50 -25.25 -1.39 -89.29
N CYS C 50 -25.22 -1.35 -89.27
CA CYS C 50 -25.17 -1.34 -87.84
CA CYS C 50 -25.02 -1.29 -87.82
C CYS C 50 -24.44 -2.50 -87.16
C CYS C 50 -24.42 -2.51 -87.13
N ILE C 51 -24.94 -3.70 -87.40
CA ILE C 51 -24.40 -4.89 -86.78
C ILE C 51 -22.96 -5.23 -87.14
N PRO C 52 -22.65 -5.37 -88.43
CA PRO C 52 -21.25 -5.69 -88.73
C PRO C 52 -20.28 -4.58 -88.28
N SER C 53 -20.66 -3.33 -88.47
CA SER C 53 -19.75 -2.28 -88.07
C SER C 53 -19.52 -2.26 -86.54
N LYS C 54 -20.58 -2.41 -85.74
CA LYS C 54 -20.37 -2.40 -84.29
C LYS C 54 -19.54 -3.61 -83.87
N ALA C 55 -19.72 -4.76 -84.50
CA ALA C 55 -18.91 -5.96 -84.17
C ALA C 55 -17.42 -5.65 -84.44
N LEU C 56 -17.11 -5.07 -85.60
CA LEU C 56 -15.72 -4.73 -85.91
C LEU C 56 -15.19 -3.63 -84.96
N LEU C 57 -16.02 -2.65 -84.61
CA LEU C 57 -15.58 -1.60 -83.71
C LEU C 57 -15.20 -2.25 -82.38
N ASN C 58 -16.02 -3.19 -81.92
CA ASN C 58 -15.77 -3.88 -80.68
C ASN C 58 -14.53 -4.74 -80.68
N ASN C 59 -14.36 -5.56 -81.71
CA ASN C 59 -13.20 -6.44 -81.76
C ASN C 59 -11.90 -5.70 -81.96
N SER C 60 -11.94 -4.65 -82.78
CA SER C 60 -10.75 -3.85 -83.02
C SER C 60 -10.38 -3.07 -81.76
N HIS C 61 -11.39 -2.65 -81.01
CA HIS C 61 -11.09 -1.91 -79.78
C HIS C 61 -10.33 -2.81 -78.83
N TYR C 62 -10.85 -4.04 -78.67
CA TYR C 62 -10.25 -5.03 -77.79
C TYR C 62 -8.85 -5.45 -78.26
N TYR C 63 -8.66 -5.53 -79.58
CA TYR C 63 -7.35 -5.88 -80.12
C TYR C 63 -6.37 -4.76 -79.67
N HIS C 64 -6.80 -3.50 -79.79
CA HIS C 64 -6.01 -2.33 -79.40
C HIS C 64 -5.61 -2.35 -77.93
N MET C 65 -6.55 -2.71 -77.07
CA MET C 65 -6.31 -2.79 -75.63
C MET C 65 -5.31 -3.91 -75.31
N ALA C 66 -5.41 -5.00 -76.03
CA ALA C 66 -4.53 -6.14 -75.82
C ALA C 66 -3.16 -5.92 -76.45
N HIS C 67 -3.17 -5.35 -77.65
CA HIS C 67 -1.98 -5.11 -78.43
C HIS C 67 -1.18 -3.89 -77.99
N GLY C 68 -1.89 -2.88 -77.45
CA GLY C 68 -1.24 -1.66 -77.00
C GLY C 68 -0.78 -1.71 -75.55
N THR C 69 -0.78 -0.58 -74.89
CA THR C 69 -0.30 -0.50 -73.53
C THR C 69 -1.36 -0.73 -72.46
N ASP C 70 -2.62 -0.71 -72.86
CA ASP C 70 -3.66 -0.83 -71.85
C ASP C 70 -3.64 -2.07 -70.98
N PHE C 71 -3.71 -3.25 -71.59
CA PHE C 71 -3.71 -4.47 -70.80
C PHE C 71 -2.47 -4.65 -69.93
N ALA C 72 -1.30 -4.27 -70.44
CA ALA C 72 -0.09 -4.42 -69.65
C ALA C 72 -0.17 -3.55 -68.40
N SER C 73 -0.74 -2.35 -68.55
CA SER C 73 -0.84 -1.46 -67.40
C SER C 73 -1.73 -2.03 -66.32
N ARG C 74 -2.56 -3.01 -66.67
CA ARG C 74 -3.47 -3.64 -65.70
C ARG C 74 -3.00 -4.97 -65.13
N GLY C 75 -1.75 -5.33 -65.44
CA GLY C 75 -1.22 -6.59 -64.94
C GLY C 75 -1.59 -7.77 -65.81
N ILE C 76 -2.06 -7.50 -67.02
CA ILE C 76 -2.43 -8.55 -67.94
C ILE C 76 -1.31 -8.54 -68.97
N GLU C 77 -0.40 -9.51 -68.84
CA GLU C 77 0.75 -9.60 -69.72
C GLU C 77 0.71 -10.71 -70.73
N MET C 78 0.93 -10.34 -71.98
CA MET C 78 0.95 -11.29 -73.08
C MET C 78 2.30 -11.24 -73.73
N SER C 79 2.77 -12.38 -74.18
CA SER C 79 4.05 -12.48 -74.87
C SER C 79 3.90 -11.69 -76.17
N GLU C 80 2.99 -12.13 -77.03
CA GLU C 80 2.74 -11.44 -78.28
C GLU C 80 1.27 -11.52 -78.60
N VAL C 81 0.75 -10.44 -79.16
CA VAL C 81 -0.64 -10.35 -79.55
C VAL C 81 -0.66 -10.21 -81.05
N ARG C 82 -1.33 -11.15 -81.72
CA ARG C 82 -1.40 -11.12 -83.16
C ARG C 82 -2.84 -11.09 -83.64
N LEU C 83 -3.03 -10.48 -84.80
CA LEU C 83 -4.34 -10.35 -85.41
C LEU C 83 -4.69 -11.51 -86.33
N ASN C 84 -5.89 -12.03 -86.18
CA ASN C 84 -6.37 -13.10 -87.04
C ASN C 84 -7.61 -12.52 -87.69
N LEU C 85 -7.40 -11.71 -88.71
CA LEU C 85 -8.49 -11.04 -89.41
C LEU C 85 -9.62 -11.97 -89.80
N ASP C 86 -9.30 -13.13 -90.36
CA ASP C 86 -10.35 -14.08 -90.75
C ASP C 86 -11.27 -14.48 -89.59
N LYS C 87 -10.70 -14.64 -88.41
CA LYS C 87 -11.49 -15.02 -87.26
C LYS C 87 -12.26 -13.83 -86.67
N MET C 88 -11.71 -12.63 -86.80
CA MET C 88 -12.39 -11.46 -86.28
C MET C 88 -13.60 -11.23 -87.17
N MET C 89 -13.41 -11.47 -88.47
CA MET C 89 -14.48 -11.31 -89.44
C MET C 89 -15.55 -12.38 -89.23
N GLU C 90 -15.11 -13.54 -88.77
CA GLU C 90 -16.03 -14.63 -88.52
C GLU C 90 -16.95 -14.28 -87.34
N GLN C 91 -16.37 -13.69 -86.29
CA GLN C 91 -17.16 -13.29 -85.12
C GLN C 91 -18.23 -12.34 -85.66
N LYS C 92 -17.80 -11.42 -86.51
CA LYS C 92 -18.69 -10.45 -87.14
C LYS C 92 -19.87 -11.13 -87.83
N SER C 93 -19.57 -12.05 -88.74
CA SER C 93 -20.61 -12.75 -89.48
C SER C 93 -21.57 -13.53 -88.59
N THR C 94 -21.03 -14.20 -87.59
CA THR C 94 -21.84 -14.97 -86.66
C THR C 94 -22.93 -14.11 -86.04
N ALA C 95 -22.60 -12.86 -85.73
CA ALA C 95 -23.59 -11.96 -85.16
C ALA C 95 -24.63 -11.58 -86.21
N VAL C 96 -24.19 -11.38 -87.45
CA VAL C 96 -25.13 -11.02 -88.52
C VAL C 96 -26.07 -12.19 -88.83
N LYS C 97 -25.51 -13.39 -88.93
CA LYS C 97 -26.29 -14.58 -89.22
C LYS C 97 -27.37 -14.78 -88.15
N ALA C 98 -26.92 -14.77 -86.89
CA ALA C 98 -27.81 -14.94 -85.75
C ALA C 98 -28.94 -13.92 -85.67
N LEU C 99 -28.64 -12.66 -85.99
CA LEU C 99 -29.67 -11.63 -85.91
C LEU C 99 -30.63 -11.66 -87.09
N THR C 100 -30.16 -12.11 -88.25
CA THR C 100 -31.08 -12.15 -89.38
C THR C 100 -32.04 -13.31 -89.21
N GLY C 101 -31.55 -14.40 -88.62
CA GLY C 101 -32.40 -15.55 -88.37
C GLY C 101 -33.47 -15.15 -87.37
N GLY C 102 -33.08 -14.26 -86.47
CA GLY C 102 -33.99 -13.76 -85.45
C GLY C 102 -35.21 -13.09 -86.04
N ILE C 103 -35.00 -12.28 -87.07
CA ILE C 103 -36.12 -11.61 -87.71
C ILE C 103 -37.01 -12.68 -88.36
N ALA C 104 -36.38 -13.70 -88.96
CA ALA C 104 -37.14 -14.79 -89.57
C ALA C 104 -38.03 -15.41 -88.48
N HIS C 105 -37.44 -15.72 -87.34
CA HIS C 105 -38.20 -16.32 -86.24
C HIS C 105 -39.29 -15.39 -85.70
N LEU C 106 -38.99 -14.10 -85.56
CA LEU C 106 -39.97 -13.16 -85.04
C LEU C 106 -41.18 -13.01 -85.98
N PHE C 107 -40.93 -13.07 -87.28
CA PHE C 107 -42.01 -12.99 -88.26
C PHE C 107 -42.93 -14.22 -88.09
N LYS C 108 -42.31 -15.39 -87.93
CA LYS C 108 -43.07 -16.61 -87.74
C LYS C 108 -43.94 -16.46 -86.49
N GLN C 109 -43.31 -16.09 -85.38
CA GLN C 109 -44.00 -15.92 -84.10
C GLN C 109 -45.22 -14.98 -84.18
N ASN C 110 -45.07 -13.88 -84.90
CA ASN C 110 -46.17 -12.93 -85.02
C ASN C 110 -47.03 -13.20 -86.25
N LYS C 111 -46.76 -14.32 -86.90
CA LYS C 111 -47.49 -14.74 -88.08
C LYS C 111 -47.47 -13.71 -89.21
N VAL C 112 -46.30 -13.13 -89.46
CA VAL C 112 -46.16 -12.17 -90.55
C VAL C 112 -45.80 -13.06 -91.74
N VAL C 113 -46.34 -12.74 -92.91
CA VAL C 113 -46.04 -13.53 -94.10
C VAL C 113 -44.89 -12.93 -94.86
N HIS C 114 -43.81 -13.71 -94.98
CA HIS C 114 -42.60 -13.28 -95.68
C HIS C 114 -42.56 -13.66 -97.17
N VAL C 115 -42.61 -12.64 -98.02
CA VAL C 115 -42.58 -12.82 -99.46
C VAL C 115 -41.19 -12.45 -99.99
N ASN C 116 -40.46 -13.43 -100.52
CA ASN C 116 -39.12 -13.20 -101.04
C ASN C 116 -39.07 -12.76 -102.51
N GLY C 117 -39.02 -11.45 -102.75
CA GLY C 117 -38.97 -10.95 -104.12
C GLY C 117 -38.92 -9.43 -104.24
N TYR C 118 -38.69 -8.94 -105.45
CA TYR C 118 -38.62 -7.51 -105.68
C TYR C 118 -40.03 -6.96 -105.86
N GLY C 119 -40.53 -6.27 -104.84
CA GLY C 119 -41.87 -5.72 -104.92
C GLY C 119 -41.98 -4.48 -105.78
N LYS C 120 -43.17 -4.29 -106.37
CA LYS C 120 -43.48 -3.13 -107.17
C LYS C 120 -44.96 -2.86 -107.00
N ILE C 121 -45.31 -1.62 -106.67
CA ILE C 121 -46.71 -1.27 -106.52
C ILE C 121 -47.32 -1.39 -107.91
N THR C 122 -48.19 -2.37 -108.07
CA THR C 122 -48.86 -2.64 -109.33
C THR C 122 -50.34 -2.23 -109.29
N GLY C 123 -50.68 -1.33 -108.37
CA GLY C 123 -52.05 -0.86 -108.23
C GLY C 123 -52.25 -0.23 -106.87
N LYS C 124 -53.08 0.81 -106.80
CA LYS C 124 -53.36 1.50 -105.55
C LYS C 124 -53.66 0.53 -104.41
N ASN C 125 -54.02 -0.69 -104.74
CA ASN C 125 -54.32 -1.66 -103.70
C ASN C 125 -53.64 -2.99 -103.99
N GLN C 126 -52.58 -2.91 -104.79
CA GLN C 126 -51.83 -4.11 -105.13
C GLN C 126 -50.31 -3.91 -105.24
N VAL C 127 -49.59 -4.99 -104.95
CA VAL C 127 -48.13 -4.99 -105.01
C VAL C 127 -47.76 -6.34 -105.62
N THR C 128 -46.73 -6.35 -106.47
CA THR C 128 -46.31 -7.61 -107.09
C THR C 128 -44.85 -7.91 -106.83
N ALA C 129 -44.57 -9.04 -106.19
CA ALA C 129 -43.21 -9.45 -105.89
C ALA C 129 -42.68 -10.46 -106.92
N THR C 130 -41.72 -10.00 -107.72
CA THR C 130 -41.11 -10.82 -108.74
C THR C 130 -39.82 -11.44 -108.20
N LYS C 131 -39.79 -12.77 -108.16
CA LYS C 131 -38.62 -13.48 -107.67
C LYS C 131 -37.47 -13.38 -108.68
N ALA C 132 -36.33 -13.97 -108.31
CA ALA C 132 -35.15 -13.93 -109.15
C ALA C 132 -35.30 -14.79 -110.40
N ASP C 133 -36.20 -15.77 -110.32
CA ASP C 133 -36.44 -16.67 -111.45
C ASP C 133 -37.67 -16.29 -112.26
N GLY C 134 -38.09 -15.03 -112.15
CA GLY C 134 -39.26 -14.57 -112.89
C GLY C 134 -40.56 -14.91 -112.18
N GLY C 135 -40.50 -15.85 -111.26
CA GLY C 135 -41.68 -16.26 -110.50
C GLY C 135 -42.32 -15.08 -109.80
N THR C 136 -43.53 -14.72 -110.22
CA THR C 136 -44.25 -13.60 -109.65
C THR C 136 -45.17 -13.98 -108.48
N GLN C 137 -45.56 -12.97 -107.71
CA GLN C 137 -46.45 -13.16 -106.56
C GLN C 137 -47.29 -11.90 -106.34
N VAL C 138 -48.62 -12.08 -106.31
CA VAL C 138 -49.50 -10.94 -106.12
C VAL C 138 -50.08 -10.83 -104.72
N ILE C 139 -50.12 -9.60 -104.23
CA ILE C 139 -50.64 -9.30 -102.90
C ILE C 139 -51.64 -8.18 -103.04
N ASP C 140 -52.90 -8.45 -102.71
CA ASP C 140 -53.90 -7.40 -102.78
C ASP C 140 -53.99 -6.94 -101.34
N THR C 141 -53.86 -5.64 -101.15
CA THR C 141 -53.82 -5.09 -99.82
C THR C 141 -54.52 -3.76 -99.69
N LYS C 142 -55.05 -3.52 -98.51
CA LYS C 142 -55.72 -2.26 -98.23
C LYS C 142 -54.68 -1.12 -98.13
N ASN C 143 -53.62 -1.38 -97.38
CA ASN C 143 -52.54 -0.38 -97.18
C ASN C 143 -51.18 -0.87 -97.66
N ILE C 144 -50.41 0.04 -98.24
CA ILE C 144 -49.06 -0.25 -98.70
C ILE C 144 -48.09 0.60 -97.85
N LEU C 145 -47.06 -0.03 -97.30
CA LEU C 145 -46.06 0.68 -96.50
C LEU C 145 -44.71 0.49 -97.16
N ILE C 146 -44.17 1.58 -97.69
CA ILE C 146 -42.89 1.58 -98.36
C ILE C 146 -41.79 1.82 -97.31
N ALA C 147 -40.92 0.83 -97.18
CA ALA C 147 -39.79 0.88 -96.25
C ALA C 147 -38.62 0.32 -97.06
N THR C 148 -38.42 0.87 -98.25
CA THR C 148 -37.36 0.41 -99.15
C THR C 148 -35.95 0.92 -98.84
N GLY C 149 -35.86 1.84 -97.89
CA GLY C 149 -34.57 2.34 -97.46
C GLY C 149 -33.66 3.18 -98.35
N SER C 150 -32.38 2.91 -98.23
CA SER C 150 -31.35 3.68 -98.93
C SER C 150 -30.28 2.84 -99.58
N GLU C 151 -29.38 3.54 -100.27
CA GLU C 151 -28.24 2.94 -100.93
C GLU C 151 -27.10 3.94 -100.76
N VAL C 152 -25.87 3.49 -100.96
CA VAL C 152 -24.69 4.35 -100.87
C VAL C 152 -24.82 5.45 -101.92
N THR C 153 -24.35 6.65 -101.60
CA THR C 153 -24.41 7.77 -102.53
C THR C 153 -23.06 7.69 -103.23
N PRO C 154 -23.09 7.48 -104.56
CA PRO C 154 -21.79 7.39 -105.22
C PRO C 154 -21.08 8.74 -105.39
N PHE C 155 -19.76 8.68 -105.53
CA PHE C 155 -18.97 9.87 -105.75
C PHE C 155 -18.77 9.90 -107.27
N PRO C 156 -19.30 10.94 -107.93
CA PRO C 156 -19.15 11.04 -109.40
C PRO C 156 -17.72 11.01 -109.88
N GLY C 157 -17.43 10.09 -110.81
CA GLY C 157 -16.10 10.00 -111.35
C GLY C 157 -15.27 8.91 -110.70
N ILE C 158 -15.74 8.39 -109.58
CA ILE C 158 -15.02 7.34 -108.90
C ILE C 158 -15.95 6.16 -108.85
N THR C 159 -15.51 5.04 -109.39
CA THR C 159 -16.35 3.86 -109.41
C THR C 159 -15.99 2.90 -108.29
N ILE C 160 -16.98 2.56 -107.47
CA ILE C 160 -16.77 1.64 -106.36
C ILE C 160 -16.85 0.23 -106.93
N ASP C 161 -15.88 -0.61 -106.59
CA ASP C 161 -15.89 -1.99 -107.07
C ASP C 161 -15.81 -2.96 -105.90
N GLU C 162 -15.95 -2.42 -104.69
CA GLU C 162 -15.88 -3.22 -103.47
C GLU C 162 -14.66 -4.13 -103.41
N ASP C 163 -13.62 -3.78 -104.16
CA ASP C 163 -12.38 -4.54 -104.14
C ASP C 163 -11.37 -3.61 -103.44
N THR C 164 -10.83 -2.64 -104.19
CA THR C 164 -9.88 -1.67 -103.63
C THR C 164 -10.57 -0.32 -103.46
N ILE C 165 -11.58 -0.05 -104.29
CA ILE C 165 -12.37 1.18 -104.18
C ILE C 165 -13.71 0.69 -103.62
N VAL C 166 -13.90 0.87 -102.31
CA VAL C 166 -15.08 0.39 -101.60
C VAL C 166 -16.03 1.39 -100.95
N SER C 167 -17.25 0.91 -100.68
CA SER C 167 -18.25 1.69 -99.96
C SER C 167 -18.15 1.07 -98.57
N SER C 168 -19.05 1.43 -97.67
CA SER C 168 -19.03 0.86 -96.32
C SER C 168 -19.13 -0.67 -96.37
N THR C 169 -19.83 -1.19 -97.37
CA THR C 169 -20.02 -2.64 -97.51
C THR C 169 -18.70 -3.37 -97.76
N GLY C 170 -17.91 -2.88 -98.71
CA GLY C 170 -16.63 -3.51 -98.98
C GLY C 170 -15.69 -3.34 -97.80
N ALA C 171 -15.75 -2.17 -97.16
CA ALA C 171 -14.90 -1.87 -96.02
C ALA C 171 -15.16 -2.80 -94.82
N LEU C 172 -16.38 -3.30 -94.72
CA LEU C 172 -16.73 -4.19 -93.61
C LEU C 172 -16.22 -5.60 -93.81
N SER C 173 -15.77 -5.90 -95.02
CA SER C 173 -15.27 -7.23 -95.33
C SER C 173 -13.89 -7.28 -96.00
N LEU C 174 -13.04 -6.29 -95.73
CA LEU C 174 -11.70 -6.28 -96.32
C LEU C 174 -10.97 -7.56 -95.95
N LYS C 175 -10.27 -8.15 -96.93
CA LYS C 175 -9.54 -9.38 -96.73
C LYS C 175 -8.24 -9.23 -95.97
N LYS C 176 -7.63 -8.07 -96.08
CA LYS C 176 -6.38 -7.80 -95.37
C LYS C 176 -6.44 -6.37 -94.85
N VAL C 177 -5.67 -6.12 -93.82
CA VAL C 177 -5.59 -4.78 -93.27
C VAL C 177 -4.86 -3.95 -94.34
N PRO C 178 -5.49 -2.89 -94.86
CA PRO C 178 -4.75 -2.15 -95.88
C PRO C 178 -3.60 -1.36 -95.25
N GLU C 179 -2.49 -1.25 -95.97
CA GLU C 179 -1.35 -0.51 -95.46
C GLU C 179 -1.71 0.97 -95.37
N LYS C 180 -2.35 1.49 -96.42
CA LYS C 180 -2.79 2.88 -96.45
C LYS C 180 -4.22 2.91 -96.94
N MET C 181 -5.06 3.67 -96.25
CA MET C 181 -6.44 3.79 -96.63
C MET C 181 -6.84 5.24 -96.61
N VAL C 182 -7.53 5.66 -97.66
CA VAL C 182 -8.02 7.03 -97.73
C VAL C 182 -9.52 6.90 -97.63
N VAL C 183 -10.12 7.77 -96.83
CA VAL C 183 -11.57 7.77 -96.65
C VAL C 183 -12.10 9.11 -97.13
N ILE C 184 -13.09 9.06 -98.02
CA ILE C 184 -13.72 10.30 -98.51
C ILE C 184 -14.98 10.44 -97.65
N GLY C 185 -15.06 11.53 -96.89
CA GLY C 185 -16.19 11.76 -96.01
C GLY C 185 -15.81 11.44 -94.56
N ALA C 186 -15.64 12.47 -93.74
CA ALA C 186 -15.31 12.26 -92.33
C ALA C 186 -16.61 12.33 -91.55
N GLY C 187 -17.61 11.63 -92.07
CA GLY C 187 -18.92 11.57 -91.46
C GLY C 187 -18.91 10.46 -90.43
N VAL C 188 -20.08 9.91 -90.10
CA VAL C 188 -20.12 8.88 -89.07
C VAL C 188 -19.48 7.57 -89.51
N ILE C 189 -19.81 7.13 -90.73
CA ILE C 189 -19.23 5.90 -91.26
C ILE C 189 -17.73 6.04 -91.37
N GLY C 190 -17.30 7.19 -91.91
CA GLY C 190 -15.88 7.45 -92.13
C GLY C 190 -15.08 7.31 -90.86
N VAL C 191 -15.53 8.00 -89.83
CA VAL C 191 -14.83 7.92 -88.57
C VAL C 191 -14.93 6.54 -87.91
N GLU C 192 -16.07 5.87 -88.03
CA GLU C 192 -16.14 4.54 -87.43
C GLU C 192 -15.28 3.49 -88.17
N LEU C 193 -15.45 3.36 -89.49
CA LEU C 193 -14.68 2.35 -90.23
C LEU C 193 -13.19 2.74 -90.28
N GLY C 194 -12.92 4.04 -90.33
CA GLY C 194 -11.56 4.50 -90.32
C GLY C 194 -10.91 4.07 -89.01
N SER C 195 -11.63 4.23 -87.88
CA SER C 195 -11.07 3.82 -86.58
C SER C 195 -10.79 2.32 -86.55
N VAL C 196 -11.73 1.56 -87.07
CA VAL C 196 -11.60 0.10 -87.11
C VAL C 196 -10.27 -0.34 -87.80
N TRP C 197 -10.07 0.12 -89.02
CA TRP C 197 -8.88 -0.26 -89.77
C TRP C 197 -7.64 0.41 -89.25
N GLN C 198 -7.79 1.61 -88.70
CA GLN C 198 -6.65 2.29 -88.12
C GLN C 198 -6.12 1.43 -86.95
N ARG C 199 -7.04 0.95 -86.11
CA ARG C 199 -6.68 0.11 -84.96
C ARG C 199 -6.01 -1.21 -85.36
N LEU C 200 -6.47 -1.80 -86.46
CA LEU C 200 -5.93 -3.06 -86.93
C LEU C 200 -4.57 -2.88 -87.61
N GLY C 201 -4.20 -1.63 -87.86
CA GLY C 201 -2.89 -1.36 -88.44
C GLY C 201 -2.80 -0.49 -89.69
N ALA C 202 -3.92 -0.06 -90.24
CA ALA C 202 -3.85 0.80 -91.43
C ALA C 202 -3.42 2.23 -91.10
N ASP C 203 -2.85 2.89 -92.11
CA ASP C 203 -2.44 4.28 -92.00
C ASP C 203 -3.64 4.94 -92.66
N VAL C 204 -4.45 5.60 -91.83
CA VAL C 204 -5.69 6.20 -92.29
C VAL C 204 -5.76 7.73 -92.36
N THR C 205 -6.31 8.22 -93.47
CA THR C 205 -6.53 9.64 -93.67
C THR C 205 -7.93 9.82 -94.25
N ALA C 206 -8.74 10.64 -93.60
CA ALA C 206 -10.08 10.93 -94.10
C ALA C 206 -10.02 12.32 -94.71
N VAL C 207 -10.62 12.48 -95.89
CA VAL C 207 -10.66 13.76 -96.57
C VAL C 207 -12.08 14.25 -96.50
N GLU C 208 -12.24 15.47 -95.99
CA GLU C 208 -13.57 16.08 -95.77
C GLU C 208 -13.77 17.46 -96.39
N PHE C 209 -14.86 17.60 -97.14
CA PHE C 209 -15.18 18.87 -97.77
C PHE C 209 -15.49 20.01 -96.79
N LEU C 210 -16.20 19.69 -95.71
CA LEU C 210 -16.60 20.66 -94.69
C LEU C 210 -15.49 20.84 -93.68
N GLY C 211 -15.70 21.74 -92.71
CA GLY C 211 -14.66 21.99 -91.73
C GLY C 211 -14.69 21.25 -90.40
N HIS C 212 -15.44 20.16 -90.31
CA HIS C 212 -15.52 19.41 -89.06
C HIS C 212 -15.85 17.94 -89.34
N VAL C 213 -15.57 17.07 -88.38
CA VAL C 213 -15.88 15.64 -88.55
C VAL C 213 -17.13 15.29 -87.75
N GLY C 214 -17.82 14.20 -88.14
CA GLY C 214 -19.00 13.75 -87.42
C GLY C 214 -20.36 13.92 -88.09
N GLY C 215 -20.39 14.55 -89.27
CA GLY C 215 -21.65 14.73 -89.97
C GLY C 215 -22.50 15.89 -89.52
N VAL C 216 -23.75 15.90 -89.94
CA VAL C 216 -24.68 16.97 -89.61
C VAL C 216 -25.28 16.88 -88.20
N GLY C 217 -25.45 18.04 -87.57
CA GLY C 217 -26.03 18.11 -86.23
C GLY C 217 -25.09 18.04 -85.05
N ILE C 218 -23.85 17.57 -85.27
CA ILE C 218 -22.90 17.45 -84.17
C ILE C 218 -22.52 18.85 -83.65
N ASP C 219 -22.33 18.98 -82.35
CA ASP C 219 -21.94 20.26 -81.78
C ASP C 219 -20.47 20.52 -82.17
N MET C 220 -20.17 21.75 -82.60
CA MET C 220 -18.83 22.11 -83.02
C MET C 220 -17.73 21.93 -81.99
N GLU C 221 -17.97 22.30 -80.73
CA GLU C 221 -16.94 22.10 -79.71
C GLU C 221 -16.69 20.61 -79.52
N ILE C 222 -17.77 19.83 -79.46
CA ILE C 222 -17.64 18.37 -79.32
C ILE C 222 -16.86 17.79 -80.55
N SER C 223 -17.25 18.20 -81.76
CA SER C 223 -16.61 17.73 -82.99
C SER C 223 -15.11 18.00 -82.97
N LYS C 224 -14.77 19.21 -82.54
CA LYS C 224 -13.38 19.62 -82.44
C LYS C 224 -12.60 18.77 -81.46
N ASN C 225 -13.15 18.56 -80.27
CA ASN C 225 -12.47 17.74 -79.26
C ASN C 225 -12.30 16.30 -79.73
N PHE C 226 -13.33 15.78 -80.40
CA PHE C 226 -13.37 14.41 -80.95
C PHE C 226 -12.23 14.22 -82.00
N GLN C 227 -12.15 15.15 -82.95
CA GLN C 227 -11.15 15.11 -84.00
C GLN C 227 -9.76 15.06 -83.39
N ARG C 228 -9.54 15.93 -82.41
CA ARG C 228 -8.25 16.02 -81.73
C ARG C 228 -7.87 14.67 -81.10
N ILE C 229 -8.83 14.04 -80.43
CA ILE C 229 -8.56 12.77 -79.80
C ILE C 229 -8.30 11.66 -80.81
N LEU C 230 -9.03 11.68 -81.91
CA LEU C 230 -8.86 10.66 -82.95
C LEU C 230 -7.49 10.88 -83.60
N GLN C 231 -7.10 12.14 -83.75
CA GLN C 231 -5.82 12.49 -84.34
C GLN C 231 -4.68 11.96 -83.49
N LYS C 232 -4.83 12.02 -82.17
CA LYS C 232 -3.78 11.49 -81.31
C LYS C 232 -3.76 9.95 -81.41
N GLN C 233 -4.86 9.36 -81.87
CA GLN C 233 -4.93 7.91 -82.05
C GLN C 233 -4.19 7.50 -83.33
N GLY C 234 -3.91 8.48 -84.17
CA GLY C 234 -3.20 8.20 -85.42
C GLY C 234 -4.03 8.51 -86.63
N PHE C 235 -5.33 8.72 -86.42
CA PHE C 235 -6.28 9.00 -87.51
C PHE C 235 -6.01 10.43 -88.02
N LYS C 236 -5.64 10.56 -89.29
CA LYS C 236 -5.36 11.88 -89.86
C LYS C 236 -6.54 12.43 -90.64
N PHE C 237 -6.61 13.75 -90.73
CA PHE C 237 -7.71 14.43 -91.44
C PHE C 237 -7.29 15.58 -92.36
N LYS C 238 -8.00 15.70 -93.46
CA LYS C 238 -7.80 16.79 -94.42
C LYS C 238 -9.17 17.45 -94.52
N LEU C 239 -9.45 18.42 -93.65
CA LEU C 239 -10.75 19.13 -93.66
C LEU C 239 -10.78 20.25 -94.70
N ASN C 240 -11.95 20.73 -95.04
CA ASN C 240 -12.07 21.79 -96.04
C ASN C 240 -11.29 21.43 -97.29
N THR C 241 -11.34 20.16 -97.66
CA THR C 241 -10.67 19.64 -98.83
C THR C 241 -11.65 18.92 -99.74
N LYS C 242 -11.45 19.11 -101.03
CA LYS C 242 -12.30 18.51 -102.05
C LYS C 242 -11.49 17.42 -102.80
N VAL C 243 -12.12 16.27 -103.06
CA VAL C 243 -11.46 15.22 -103.83
C VAL C 243 -11.75 15.49 -105.32
N THR C 244 -10.71 15.79 -106.09
CA THR C 244 -10.88 16.08 -107.51
C THR C 244 -10.92 14.82 -108.37
N GLY C 245 -10.53 13.68 -107.79
CA GLY C 245 -10.53 12.45 -108.56
C GLY C 245 -9.73 11.33 -107.94
N ALA C 246 -9.88 10.12 -108.48
CA ALA C 246 -9.15 8.97 -108.01
C ALA C 246 -8.85 8.04 -109.19
N THR C 247 -7.66 7.46 -109.21
CA THR C 247 -7.28 6.57 -110.29
C THR C 247 -6.55 5.34 -109.78
N LYS C 248 -7.01 4.16 -110.19
CA LYS C 248 -6.37 2.91 -109.81
C LYS C 248 -5.14 2.79 -110.70
N LYS C 249 -4.02 2.35 -110.15
CA LYS C 249 -2.81 2.23 -110.96
C LYS C 249 -2.43 0.79 -111.27
N SER C 250 -1.60 0.61 -112.29
CA SER C 250 -1.13 -0.72 -112.72
C SER C 250 -0.44 -1.49 -111.61
N ASP C 251 0.12 -0.79 -110.62
CA ASP C 251 0.80 -1.43 -109.52
C ASP C 251 -0.23 -1.78 -108.45
N GLY C 252 -1.48 -1.42 -108.71
CA GLY C 252 -2.54 -1.70 -107.74
C GLY C 252 -2.83 -0.55 -106.78
N LYS C 253 -1.94 0.43 -106.69
CA LYS C 253 -2.16 1.58 -105.81
C LYS C 253 -3.28 2.47 -106.35
N ILE C 254 -3.76 3.37 -105.49
CA ILE C 254 -4.81 4.29 -105.88
C ILE C 254 -4.31 5.68 -105.56
N ASP C 255 -4.41 6.58 -106.54
CA ASP C 255 -3.98 7.96 -106.35
C ASP C 255 -5.25 8.79 -106.21
N VAL C 256 -5.35 9.49 -105.08
CA VAL C 256 -6.51 10.34 -104.80
C VAL C 256 -6.09 11.81 -104.94
N SER C 257 -6.65 12.50 -105.93
CA SER C 257 -6.30 13.89 -106.14
C SER C 257 -7.23 14.77 -105.32
N ILE C 258 -6.65 15.74 -104.62
CA ILE C 258 -7.42 16.65 -103.77
C ILE C 258 -6.95 18.08 -103.91
N GLU C 259 -7.80 19.00 -103.46
CA GLU C 259 -7.58 20.45 -103.51
C GLU C 259 -8.24 21.06 -102.28
N ALA C 260 -7.89 22.28 -101.96
CA ALA C 260 -8.53 22.98 -100.84
C ALA C 260 -9.95 23.14 -101.37
N ALA C 261 -10.95 23.01 -100.51
CA ALA C 261 -12.33 23.14 -100.94
C ALA C 261 -12.56 24.46 -101.71
N SER C 262 -11.87 25.51 -101.29
CA SER C 262 -11.98 26.82 -101.94
C SER C 262 -10.95 27.01 -103.06
N GLY C 263 -10.59 25.92 -103.75
CA GLY C 263 -9.63 26.00 -104.84
C GLY C 263 -8.15 26.08 -104.47
N GLY C 264 -7.31 25.47 -105.30
CA GLY C 264 -5.88 25.50 -105.05
C GLY C 264 -5.41 24.37 -104.15
N LYS C 265 -4.16 24.45 -103.72
CA LYS C 265 -3.55 23.45 -102.83
C LYS C 265 -3.66 22.05 -103.45
N ALA C 266 -3.41 21.94 -104.75
CA ALA C 266 -3.49 20.65 -105.41
C ALA C 266 -2.52 19.65 -104.78
N GLU C 267 -3.07 18.51 -104.39
CA GLU C 267 -2.25 17.46 -103.81
C GLU C 267 -2.76 16.11 -104.33
N VAL C 268 -1.98 15.06 -104.10
CA VAL C 268 -2.33 13.69 -104.48
C VAL C 268 -1.96 12.80 -103.31
N ILE C 269 -2.86 11.90 -102.94
CA ILE C 269 -2.61 10.97 -101.85
C ILE C 269 -2.70 9.59 -102.47
N THR C 270 -1.73 8.75 -102.16
CA THR C 270 -1.69 7.39 -102.69
C THR C 270 -2.01 6.39 -101.58
N CYS C 271 -2.90 5.45 -101.88
CA CYS C 271 -3.33 4.45 -100.90
C CYS C 271 -3.58 3.06 -101.51
N ASP C 272 -3.86 2.09 -100.65
CA ASP C 272 -4.11 0.73 -101.10
C ASP C 272 -5.60 0.48 -101.17
N VAL C 273 -6.34 1.23 -100.36
CA VAL C 273 -7.77 1.12 -100.32
C VAL C 273 -8.43 2.50 -100.19
N LEU C 274 -9.41 2.76 -101.04
CA LEU C 274 -10.17 4.00 -101.02
C LEU C 274 -11.59 3.64 -100.54
N LEU C 275 -12.04 4.30 -99.47
CA LEU C 275 -13.40 4.07 -98.93
C LEU C 275 -14.18 5.34 -99.21
N VAL C 276 -15.26 5.19 -99.96
CA VAL C 276 -16.13 6.30 -100.31
C VAL C 276 -17.37 6.28 -99.41
N CYS C 277 -17.48 7.30 -98.56
CA CYS C 277 -18.63 7.41 -97.66
C CYS C 277 -19.05 8.87 -97.49
N ILE C 278 -19.65 9.41 -98.55
CA ILE C 278 -20.09 10.79 -98.51
C ILE C 278 -21.58 10.85 -98.26
N GLY C 279 -22.15 9.79 -97.73
CA GLY C 279 -23.58 9.78 -97.46
C GLY C 279 -24.36 8.61 -98.09
N ARG C 280 -25.65 8.56 -97.79
CA ARG C 280 -26.55 7.54 -98.32
C ARG C 280 -27.76 8.29 -98.82
N ARG C 281 -28.55 7.63 -99.67
CA ARG C 281 -29.73 8.28 -100.24
C ARG C 281 -30.90 7.29 -100.43
N PRO C 282 -32.14 7.82 -100.47
CA PRO C 282 -33.37 7.03 -100.62
C PRO C 282 -33.35 6.08 -101.80
N PHE C 283 -33.79 4.85 -101.58
CA PHE C 283 -33.85 3.88 -102.65
C PHE C 283 -35.30 3.56 -102.97
N THR C 284 -35.72 3.91 -104.20
CA THR C 284 -37.08 3.68 -104.68
C THR C 284 -37.10 3.16 -106.13
N LYS C 285 -35.99 2.62 -106.60
CA LYS C 285 -35.88 2.11 -107.97
C LYS C 285 -36.90 1.00 -108.30
N ASN C 286 -37.63 1.17 -109.40
CA ASN C 286 -38.62 0.21 -109.88
C ASN C 286 -39.69 -0.18 -108.90
N LEU C 287 -40.14 0.78 -108.10
CA LEU C 287 -41.17 0.55 -107.11
C LEU C 287 -42.54 0.84 -107.73
N GLY C 288 -42.54 1.65 -108.79
CA GLY C 288 -43.78 1.99 -109.47
C GLY C 288 -44.31 3.35 -109.09
N LEU C 289 -43.49 4.17 -108.43
CA LEU C 289 -43.91 5.49 -108.01
C LEU C 289 -44.21 6.46 -109.15
N GLU C 290 -43.46 6.37 -110.24
CA GLU C 290 -43.70 7.25 -111.37
C GLU C 290 -45.08 6.92 -111.91
N GLU C 291 -45.42 5.64 -111.88
CA GLU C 291 -46.71 5.17 -112.35
C GLU C 291 -47.86 5.70 -111.51
N LEU C 292 -47.68 5.64 -110.18
CA LEU C 292 -48.70 6.08 -109.25
C LEU C 292 -48.91 7.58 -109.19
N GLY C 293 -47.92 8.35 -109.59
CA GLY C 293 -48.06 9.81 -109.53
C GLY C 293 -47.43 10.32 -108.25
N ILE C 294 -46.71 9.43 -107.58
CA ILE C 294 -46.01 9.76 -106.36
C ILE C 294 -44.63 10.29 -106.79
N GLU C 295 -44.48 11.60 -106.80
CA GLU C 295 -43.22 12.21 -107.21
C GLU C 295 -42.33 12.48 -105.99
N LEU C 296 -41.03 12.32 -106.18
CA LEU C 296 -40.05 12.50 -105.13
C LEU C 296 -39.61 13.95 -104.97
N ASP C 297 -39.01 14.28 -103.83
CA ASP C 297 -38.52 15.63 -103.62
C ASP C 297 -37.18 15.67 -104.35
N PRO C 298 -36.54 16.86 -104.42
CA PRO C 298 -35.25 16.94 -105.12
C PRO C 298 -34.18 15.95 -104.67
N ARG C 299 -34.20 15.57 -103.39
CA ARG C 299 -33.21 14.63 -102.86
C ARG C 299 -33.59 13.16 -102.98
N GLY C 300 -34.64 12.90 -103.75
CA GLY C 300 -35.09 11.53 -103.98
C GLY C 300 -35.97 10.92 -102.91
N ARG C 301 -36.47 11.74 -101.99
CA ARG C 301 -37.31 11.20 -100.94
C ARG C 301 -38.81 11.25 -101.23
N ILE C 302 -39.54 10.30 -100.66
CA ILE C 302 -40.99 10.21 -100.82
C ILE C 302 -41.66 11.18 -99.86
N PRO C 303 -42.35 12.21 -100.38
CA PRO C 303 -43.02 13.16 -99.50
C PRO C 303 -44.16 12.47 -98.75
N VAL C 304 -44.31 12.76 -97.46
CA VAL C 304 -45.39 12.19 -96.65
C VAL C 304 -45.82 13.21 -95.61
N ASN C 305 -47.02 13.05 -95.07
CA ASN C 305 -47.50 13.96 -94.05
C ASN C 305 -47.18 13.44 -92.63
N THR C 306 -47.85 14.01 -91.64
CA THR C 306 -47.64 13.64 -90.24
C THR C 306 -47.97 12.20 -89.87
N ARG C 307 -48.84 11.57 -90.66
CA ARG C 307 -49.23 10.20 -90.39
C ARG C 307 -48.42 9.24 -91.28
N PHE C 308 -47.45 9.81 -92.00
CA PHE C 308 -46.58 9.07 -92.91
C PHE C 308 -47.29 8.57 -94.19
N GLN C 309 -48.35 9.29 -94.55
CA GLN C 309 -49.13 9.00 -95.75
C GLN C 309 -48.52 9.72 -96.96
N THR C 310 -48.52 9.07 -98.11
CA THR C 310 -48.01 9.69 -99.32
C THR C 310 -49.16 10.48 -99.99
N LYS C 311 -49.03 10.74 -101.28
CA LYS C 311 -50.08 11.48 -101.99
C LYS C 311 -51.32 10.57 -102.03
N ILE C 312 -51.08 9.27 -102.08
CA ILE C 312 -52.14 8.26 -102.13
C ILE C 312 -52.41 7.79 -100.69
N PRO C 313 -53.54 8.22 -100.09
CA PRO C 313 -54.03 7.94 -98.73
C PRO C 313 -53.75 6.59 -98.06
N ASN C 314 -53.71 5.51 -98.84
CA ASN C 314 -53.48 4.19 -98.26
C ASN C 314 -52.06 3.69 -98.47
N ILE C 315 -51.21 4.54 -99.04
CA ILE C 315 -49.81 4.17 -99.29
C ILE C 315 -48.91 5.04 -98.40
N TYR C 316 -48.11 4.38 -97.56
CA TYR C 316 -47.23 5.08 -96.63
C TYR C 316 -45.75 4.83 -96.92
N ALA C 317 -44.90 5.66 -96.32
CA ALA C 317 -43.44 5.53 -96.46
C ALA C 317 -42.79 5.94 -95.14
N ILE C 318 -41.80 5.19 -94.71
CA ILE C 318 -41.09 5.49 -93.48
C ILE C 318 -39.62 5.12 -93.64
N GLY C 319 -38.80 5.59 -92.70
CA GLY C 319 -37.38 5.28 -92.69
C GLY C 319 -36.50 6.11 -93.59
N ASP C 320 -35.44 5.47 -94.08
CA ASP C 320 -34.47 6.12 -94.95
C ASP C 320 -35.03 6.62 -96.24
N VAL C 321 -36.25 6.20 -96.59
CA VAL C 321 -36.86 6.63 -97.84
C VAL C 321 -37.57 7.99 -97.70
N VAL C 322 -37.79 8.42 -96.48
CA VAL C 322 -38.40 9.71 -96.26
C VAL C 322 -37.39 10.66 -95.60
N ALA C 323 -37.82 11.88 -95.29
CA ALA C 323 -36.96 12.89 -94.67
C ALA C 323 -36.67 12.58 -93.19
N GLY C 324 -35.72 13.32 -92.62
CA GLY C 324 -35.36 13.15 -91.22
C GLY C 324 -34.05 12.41 -91.13
N PRO C 325 -33.45 12.28 -89.95
CA PRO C 325 -32.17 11.57 -89.85
C PRO C 325 -32.26 10.13 -90.32
N MET C 326 -31.28 9.72 -91.13
CA MET C 326 -31.23 8.37 -91.66
C MET C 326 -30.56 7.45 -90.66
N LEU C 327 -31.32 7.10 -89.64
CA LEU C 327 -30.87 6.26 -88.54
C LEU C 327 -31.85 5.11 -88.37
N ALA C 328 -31.34 3.98 -87.88
CA ALA C 328 -32.17 2.78 -87.69
C ALA C 328 -33.27 2.99 -86.65
N HIS C 329 -32.92 3.55 -85.49
CA HIS C 329 -33.91 3.77 -84.44
C HIS C 329 -34.99 4.74 -84.89
N LYS C 330 -34.64 5.62 -85.82
CA LYS C 330 -35.62 6.57 -86.34
C LYS C 330 -36.61 5.86 -87.28
N ALA C 331 -36.11 4.92 -88.08
CA ALA C 331 -36.95 4.16 -89.02
C ALA C 331 -37.94 3.27 -88.27
N GLU C 332 -37.45 2.56 -87.25
CA GLU C 332 -38.30 1.70 -86.45
C GLU C 332 -39.43 2.49 -85.77
N ASP C 333 -39.07 3.57 -85.07
CA ASP C 333 -40.08 4.38 -84.40
C ASP C 333 -41.15 4.77 -85.40
N GLU C 334 -40.71 5.21 -86.57
CA GLU C 334 -41.64 5.63 -87.60
C GLU C 334 -42.52 4.46 -88.02
N GLY C 335 -41.92 3.28 -88.10
CA GLY C 335 -42.68 2.11 -88.49
C GLY C 335 -43.77 1.83 -87.48
N ILE C 336 -43.41 1.87 -86.20
CA ILE C 336 -44.35 1.60 -85.14
C ILE C 336 -45.53 2.56 -85.13
N ILE C 337 -45.24 3.86 -85.11
CA ILE C 337 -46.30 4.84 -85.05
C ILE C 337 -47.10 4.98 -86.34
N CYS C 338 -46.49 4.65 -87.47
CA CYS C 338 -47.22 4.72 -88.74
C CYS C 338 -48.30 3.62 -88.71
N VAL C 339 -47.90 2.43 -88.27
CA VAL C 339 -48.81 1.30 -88.16
C VAL C 339 -49.89 1.54 -87.09
N GLU C 340 -49.54 2.26 -86.03
CA GLU C 340 -50.50 2.58 -84.96
C GLU C 340 -51.52 3.58 -85.51
N GLY C 341 -51.07 4.41 -86.44
CA GLY C 341 -51.94 5.39 -87.07
C GLY C 341 -52.94 4.65 -87.93
N MET C 342 -52.47 3.64 -88.67
CA MET C 342 -53.34 2.84 -89.51
C MET C 342 -54.43 2.17 -88.67
N ALA C 343 -54.16 1.97 -87.38
CA ALA C 343 -55.16 1.36 -86.50
C ALA C 343 -56.00 2.44 -85.81
N GLY C 344 -55.79 3.69 -86.21
CA GLY C 344 -56.55 4.79 -85.63
C GLY C 344 -55.86 5.54 -84.50
N GLY C 345 -54.65 5.11 -84.15
CA GLY C 345 -53.93 5.77 -83.07
C GLY C 345 -53.42 7.12 -83.50
N ALA C 346 -52.93 7.88 -82.53
CA ALA C 346 -52.36 9.19 -82.80
C ALA C 346 -50.97 8.95 -83.42
N VAL C 347 -50.51 9.86 -84.27
CA VAL C 347 -49.20 9.66 -84.88
C VAL C 347 -48.33 10.88 -84.67
N HIS C 348 -47.24 10.71 -83.94
CA HIS C 348 -46.36 11.84 -83.69
C HIS C 348 -44.92 11.52 -83.31
N ILE C 349 -44.00 12.18 -83.99
CA ILE C 349 -42.59 12.05 -83.70
C ILE C 349 -41.93 13.42 -83.78
N ASP C 350 -40.96 13.64 -82.90
CA ASP C 350 -40.22 14.90 -82.80
C ASP C 350 -38.74 14.58 -83.05
N TYR C 351 -38.23 14.94 -84.24
CA TYR C 351 -36.84 14.63 -84.54
C TYR C 351 -35.82 15.29 -83.62
N ASN C 352 -36.23 16.32 -82.88
CA ASN C 352 -35.33 17.00 -81.94
C ASN C 352 -35.03 16.03 -80.79
N CYS C 353 -35.90 15.05 -80.60
CA CYS C 353 -35.72 14.08 -79.54
C CYS C 353 -35.05 12.75 -79.97
N VAL C 354 -34.65 12.61 -81.24
CA VAL C 354 -33.97 11.35 -81.60
C VAL C 354 -32.45 11.52 -81.46
N PRO C 355 -31.84 10.65 -80.66
CA PRO C 355 -30.41 10.73 -80.44
C PRO C 355 -29.54 10.23 -81.59
N SER C 356 -28.26 10.67 -81.56
CA SER C 356 -27.25 10.27 -82.53
C SER C 356 -26.09 9.68 -81.73
N VAL C 357 -25.49 8.60 -82.23
CA VAL C 357 -24.36 8.01 -81.54
C VAL C 357 -23.28 7.67 -82.58
N ILE C 358 -22.03 7.88 -82.21
CA ILE C 358 -20.88 7.53 -83.05
C ILE C 358 -20.18 6.51 -82.17
N TYR C 359 -20.03 5.28 -82.67
CA TYR C 359 -19.43 4.20 -81.87
C TYR C 359 -17.93 4.00 -81.91
N THR C 360 -17.19 5.11 -82.02
CA THR C 360 -15.75 5.07 -81.99
C THR C 360 -15.38 4.89 -80.53
N HIS C 361 -14.12 5.06 -80.20
CA HIS C 361 -13.70 5.01 -78.81
C HIS C 361 -12.74 6.17 -78.69
N PRO C 362 -13.11 7.23 -77.96
CA PRO C 362 -14.37 7.43 -77.24
C PRO C 362 -15.58 7.53 -78.16
N GLU C 363 -16.73 7.18 -77.61
CA GLU C 363 -17.98 7.28 -78.35
C GLU C 363 -18.37 8.75 -78.29
N VAL C 364 -19.35 9.12 -79.11
CA VAL C 364 -19.86 10.48 -79.14
C VAL C 364 -21.38 10.27 -79.18
N ALA C 365 -22.16 11.08 -78.48
CA ALA C 365 -23.61 10.93 -78.55
C ALA C 365 -24.26 12.25 -78.20
N TRP C 366 -25.40 12.52 -78.81
CA TRP C 366 -26.07 13.75 -78.50
C TRP C 366 -27.54 13.69 -78.87
N VAL C 367 -28.32 14.58 -78.27
CA VAL C 367 -29.73 14.67 -78.56
C VAL C 367 -30.11 16.12 -78.25
N GLY C 368 -31.08 16.65 -78.99
CA GLY C 368 -31.46 18.04 -78.76
C GLY C 368 -30.61 18.98 -79.60
N LYS C 369 -30.49 20.21 -79.20
CA LYS C 369 -29.76 21.21 -80.00
C LYS C 369 -28.29 21.38 -79.72
N SER C 370 -27.55 21.74 -80.73
CA SER C 370 -26.13 22.02 -80.57
C SER C 370 -26.04 23.48 -80.18
N GLU C 371 -24.87 23.94 -79.77
CA GLU C 371 -24.73 25.33 -79.41
C GLU C 371 -24.89 26.23 -80.67
N GLU C 372 -24.44 25.77 -81.83
CA GLU C 372 -24.61 26.55 -83.05
C GLU C 372 -26.10 26.75 -83.35
N GLN C 373 -26.90 25.69 -83.18
CA GLN C 373 -28.34 25.80 -83.41
C GLN C 373 -29.00 26.82 -82.47
N LEU C 374 -28.63 26.80 -81.19
CA LEU C 374 -29.22 27.75 -80.26
C LEU C 374 -28.85 29.21 -80.61
N LYS C 375 -27.61 29.44 -81.03
CA LYS C 375 -27.21 30.81 -81.39
C LYS C 375 -27.95 31.28 -82.65
N GLU C 376 -28.11 30.38 -83.62
CA GLU C 376 -28.80 30.76 -84.85
C GLU C 376 -30.27 31.07 -84.52
N GLU C 377 -30.80 30.46 -83.47
CA GLU C 377 -32.18 30.67 -83.09
C GLU C 377 -32.35 31.84 -82.12
N GLY C 378 -31.26 32.41 -81.65
CA GLY C 378 -31.34 33.52 -80.72
C GLY C 378 -31.87 33.09 -79.36
N ILE C 379 -31.60 31.84 -78.99
CA ILE C 379 -32.02 31.31 -77.69
C ILE C 379 -31.03 31.71 -76.57
N GLU C 380 -31.54 32.26 -75.48
CA GLU C 380 -30.65 32.59 -74.36
C GLU C 380 -30.44 31.28 -73.58
N TYR C 381 -29.20 30.80 -73.52
CA TYR C 381 -28.94 29.53 -72.86
C TYR C 381 -27.75 29.57 -71.92
N LYS C 382 -27.64 28.50 -71.11
CA LYS C 382 -26.58 28.27 -70.13
C LYS C 382 -25.79 27.02 -70.54
N VAL C 383 -24.53 26.97 -70.14
CA VAL C 383 -23.68 25.83 -70.48
C VAL C 383 -23.09 25.21 -69.21
N GLY C 384 -23.13 23.88 -69.15
CA GLY C 384 -22.53 23.18 -68.03
C GLY C 384 -21.64 22.11 -68.63
N LYS C 385 -20.40 22.04 -68.18
CA LYS C 385 -19.50 21.02 -68.71
C LYS C 385 -18.84 20.25 -67.58
N PHE C 386 -18.60 18.96 -67.80
CA PHE C 386 -17.96 18.14 -66.78
C PHE C 386 -17.05 17.13 -67.52
N PRO C 387 -15.74 17.14 -67.25
CA PRO C 387 -14.83 16.21 -67.93
C PRO C 387 -14.84 14.81 -67.31
N PHE C 388 -14.66 13.80 -68.15
CA PHE C 388 -14.63 12.45 -67.61
C PHE C 388 -13.38 12.24 -66.75
N ALA C 389 -12.38 13.11 -66.91
CA ALA C 389 -11.17 13.00 -66.10
C ALA C 389 -11.53 13.19 -64.63
N ALA C 390 -12.71 13.78 -64.38
CA ALA C 390 -13.17 14.00 -63.00
C ALA C 390 -14.25 13.05 -62.55
N ASN C 391 -14.59 12.09 -63.42
CA ASN C 391 -15.59 11.09 -63.11
C ASN C 391 -14.95 9.87 -62.44
N SER C 392 -15.51 9.46 -61.32
CA SER C 392 -14.94 8.34 -60.58
C SER C 392 -14.80 7.04 -61.32
N ARG C 393 -15.83 6.63 -62.04
CA ARG C 393 -15.73 5.36 -62.73
C ARG C 393 -14.73 5.43 -63.88
N ALA C 394 -14.77 6.53 -64.63
CA ALA C 394 -13.89 6.71 -65.76
C ALA C 394 -12.44 6.68 -65.26
N LYS C 395 -12.18 7.38 -64.18
CA LYS C 395 -10.82 7.41 -63.64
C LYS C 395 -10.40 6.03 -63.11
N THR C 396 -11.35 5.32 -62.50
CA THR C 396 -11.07 4.00 -62.00
C THR C 396 -10.74 3.03 -63.16
N ASN C 397 -11.43 3.20 -64.29
CA ASN C 397 -11.18 2.35 -65.46
C ASN C 397 -9.96 2.84 -66.22
N ALA C 398 -9.39 3.97 -65.81
CA ALA C 398 -8.25 4.55 -66.53
C ALA C 398 -8.66 4.79 -67.99
N ASP C 399 -9.85 5.36 -68.19
CA ASP C 399 -10.40 5.64 -69.54
C ASP C 399 -11.16 6.95 -69.35
N THR C 400 -10.42 8.06 -69.47
CA THR C 400 -10.97 9.37 -69.18
C THR C 400 -11.09 10.47 -70.23
N ASP C 401 -11.08 10.16 -71.52
CA ASP C 401 -11.17 11.25 -72.50
C ASP C 401 -12.54 11.91 -72.52
N GLY C 402 -12.58 13.18 -72.94
CA GLY C 402 -13.83 13.88 -73.12
C GLY C 402 -14.62 14.49 -72.00
N MET C 403 -15.87 14.81 -72.32
CA MET C 403 -16.73 15.46 -71.37
C MET C 403 -18.19 15.33 -71.74
N VAL C 404 -19.02 15.80 -70.81
CA VAL C 404 -20.45 15.89 -71.05
C VAL C 404 -20.70 17.41 -71.11
N LYS C 405 -21.42 17.87 -72.13
CA LYS C 405 -21.77 19.27 -72.29
C LYS C 405 -23.29 19.37 -72.30
N ILE C 406 -23.84 20.14 -71.37
CA ILE C 406 -25.31 20.34 -71.30
C ILE C 406 -25.66 21.79 -71.63
N LEU C 407 -26.69 21.96 -72.47
CA LEU C 407 -27.17 23.29 -72.86
C LEU C 407 -28.57 23.42 -72.22
N GLY C 408 -28.73 24.42 -71.35
CA GLY C 408 -30.02 24.65 -70.69
C GLY C 408 -30.61 26.03 -70.96
N GLN C 409 -31.93 26.10 -71.02
CA GLN C 409 -32.59 27.38 -71.27
C GLN C 409 -32.40 28.25 -70.05
N LYS C 410 -31.96 29.49 -70.28
CA LYS C 410 -31.69 30.35 -69.16
C LYS C 410 -32.94 30.64 -68.34
N SER C 411 -34.05 30.89 -69.01
CA SER C 411 -35.28 31.21 -68.30
C SER C 411 -35.93 30.11 -67.48
N THR C 412 -36.06 28.92 -68.07
CA THR C 412 -36.75 27.80 -67.42
C THR C 412 -35.85 26.65 -66.96
N ASP C 413 -34.56 26.74 -67.27
CA ASP C 413 -33.57 25.71 -66.92
C ASP C 413 -33.86 24.39 -67.63
N ARG C 414 -34.73 24.46 -68.64
CA ARG C 414 -35.06 23.30 -69.43
C ARG C 414 -33.83 22.79 -70.21
N VAL C 415 -33.59 21.49 -70.19
CA VAL C 415 -32.49 20.95 -70.96
C VAL C 415 -32.84 21.11 -72.45
N LEU C 416 -31.98 21.79 -73.19
CA LEU C 416 -32.23 21.99 -74.63
C LEU C 416 -31.29 21.07 -75.43
N GLY C 417 -30.14 20.73 -74.84
CA GLY C 417 -29.22 19.90 -75.58
C GLY C 417 -28.29 19.16 -74.66
N ALA C 418 -28.03 17.90 -75.02
CA ALA C 418 -27.14 17.07 -74.25
C ALA C 418 -26.11 16.50 -75.24
N HIS C 419 -24.81 16.69 -74.95
CA HIS C 419 -23.73 16.24 -75.86
C HIS C 419 -22.65 15.51 -75.06
N ILE C 420 -22.31 14.29 -75.51
CA ILE C 420 -21.35 13.47 -74.78
C ILE C 420 -20.22 12.93 -75.66
N LEU C 421 -18.99 13.19 -75.22
CA LEU C 421 -17.77 12.72 -75.88
C LEU C 421 -17.09 11.96 -74.77
N GLY C 422 -17.02 10.63 -74.92
CA GLY C 422 -16.38 9.86 -73.88
C GLY C 422 -16.90 8.45 -73.74
N PRO C 423 -16.45 7.75 -72.70
CA PRO C 423 -16.89 6.38 -72.48
C PRO C 423 -18.35 6.33 -72.12
N GLY C 424 -19.03 5.31 -72.64
CA GLY C 424 -20.45 5.10 -72.37
C GLY C 424 -21.45 6.11 -72.92
N ALA C 425 -21.00 6.98 -73.81
CA ALA C 425 -21.84 8.02 -74.41
C ALA C 425 -23.12 7.44 -75.04
N GLY C 426 -22.96 6.38 -75.84
CA GLY C 426 -24.10 5.75 -76.49
C GLY C 426 -25.24 5.33 -75.57
N GLU C 427 -24.91 4.76 -74.41
CA GLU C 427 -25.95 4.33 -73.49
C GLU C 427 -26.47 5.50 -72.70
N MET C 428 -25.56 6.41 -72.37
CA MET C 428 -25.85 7.61 -71.58
C MET C 428 -26.85 8.56 -72.23
N VAL C 429 -26.77 8.69 -73.54
CA VAL C 429 -27.65 9.61 -74.26
C VAL C 429 -29.13 9.24 -74.17
N ASN C 430 -29.42 8.01 -73.75
CA ASN C 430 -30.80 7.59 -73.66
C ASN C 430 -31.45 8.16 -72.40
N GLU C 431 -30.64 8.41 -71.39
CA GLU C 431 -31.16 9.03 -70.18
C GLU C 431 -31.47 10.45 -70.61
N ALA C 432 -30.59 11.02 -71.45
CA ALA C 432 -30.78 12.37 -71.95
C ALA C 432 -32.04 12.46 -72.80
N ALA C 433 -32.28 11.44 -73.63
CA ALA C 433 -33.49 11.45 -74.49
C ALA C 433 -34.79 11.42 -73.67
N LEU C 434 -34.78 10.63 -72.60
CA LEU C 434 -35.94 10.53 -71.71
C LEU C 434 -36.22 11.91 -71.09
N ALA C 435 -35.17 12.56 -70.61
CA ALA C 435 -35.31 13.90 -70.01
C ALA C 435 -35.99 14.87 -70.99
N LEU C 436 -35.45 14.94 -72.21
CA LEU C 436 -36.01 15.81 -73.26
C LEU C 436 -37.49 15.51 -73.55
N GLU C 437 -37.89 14.23 -73.56
CA GLU C 437 -39.31 13.88 -73.83
C GLU C 437 -40.21 14.49 -72.75
N TYR C 438 -39.71 14.62 -71.52
CA TYR C 438 -40.47 15.23 -70.43
C TYR C 438 -40.30 16.72 -70.31
N GLY C 439 -39.40 17.31 -71.09
CA GLY C 439 -39.18 18.75 -70.94
C GLY C 439 -38.52 18.98 -69.58
N ALA C 440 -37.77 17.97 -69.12
CA ALA C 440 -37.07 18.02 -67.85
C ALA C 440 -36.00 19.15 -67.81
N SER C 441 -35.75 19.68 -66.61
CA SER C 441 -34.77 20.75 -66.41
C SER C 441 -33.38 20.19 -66.02
N CYS C 442 -32.37 21.05 -66.09
CA CYS C 442 -31.04 20.65 -65.71
C CYS C 442 -31.10 20.30 -64.23
N GLU C 443 -31.84 21.10 -63.46
CA GLU C 443 -31.98 20.81 -62.04
C GLU C 443 -32.63 19.44 -61.81
N ASP C 444 -33.66 19.11 -62.59
CA ASP C 444 -34.34 17.83 -62.42
C ASP C 444 -33.32 16.71 -62.42
N ILE C 445 -32.48 16.72 -63.45
CA ILE C 445 -31.46 15.68 -63.62
C ILE C 445 -30.46 15.74 -62.51
N ALA C 446 -30.02 16.95 -62.16
CA ALA C 446 -29.07 17.12 -61.06
C ALA C 446 -29.54 16.49 -59.73
N ARG C 447 -30.84 16.53 -59.48
CA ARG C 447 -31.41 16.02 -58.23
C ARG C 447 -31.82 14.55 -58.25
N VAL C 448 -31.72 13.91 -59.41
CA VAL C 448 -32.00 12.48 -59.48
C VAL C 448 -30.75 11.76 -58.90
N CYS C 449 -30.96 10.83 -57.98
CA CYS C 449 -29.82 10.12 -57.38
C CYS C 449 -29.24 9.13 -58.39
N HIS C 450 -28.04 9.41 -58.88
CA HIS C 450 -27.38 8.51 -59.82
C HIS C 450 -26.47 7.57 -59.05
N ALA C 451 -26.37 6.31 -59.48
CA ALA C 451 -25.51 5.33 -58.80
C ALA C 451 -24.01 5.73 -58.83
N HIS C 452 -23.30 5.44 -57.73
CA HIS C 452 -21.88 5.74 -57.62
C HIS C 452 -21.09 4.43 -57.48
N PRO C 453 -20.01 4.24 -58.25
CA PRO C 453 -19.47 5.17 -59.26
C PRO C 453 -19.93 4.73 -60.64
N THR C 454 -20.52 5.66 -61.38
CA THR C 454 -20.94 5.34 -62.73
C THR C 454 -20.58 6.50 -63.65
N LEU C 455 -20.51 6.20 -64.93
CA LEU C 455 -20.21 7.21 -65.93
C LEU C 455 -21.36 8.26 -65.98
N SER C 456 -22.57 7.82 -65.67
CA SER C 456 -23.75 8.69 -65.73
C SER C 456 -23.62 9.88 -64.78
N GLU C 457 -22.80 9.76 -63.75
CA GLU C 457 -22.59 10.86 -62.81
C GLU C 457 -21.96 12.06 -63.50
N ALA C 458 -21.21 11.85 -64.57
CA ALA C 458 -20.64 13.00 -65.31
C ALA C 458 -21.79 13.79 -65.95
N PHE C 459 -22.80 13.05 -66.39
CA PHE C 459 -24.01 13.62 -67.00
C PHE C 459 -24.75 14.41 -65.91
N ARG C 460 -24.90 13.78 -64.75
CA ARG C 460 -25.56 14.43 -63.64
C ARG C 460 -24.84 15.71 -63.22
N GLU C 461 -23.52 15.63 -63.10
CA GLU C 461 -22.73 16.79 -62.72
C GLU C 461 -22.74 17.91 -63.76
N ALA C 462 -22.79 17.59 -65.05
CA ALA C 462 -22.81 18.65 -66.07
C ALA C 462 -24.17 19.39 -65.98
N ASN C 463 -25.22 18.63 -65.68
CA ASN C 463 -26.54 19.23 -65.49
C ASN C 463 -26.51 20.14 -64.24
N LEU C 464 -25.82 19.70 -63.17
CA LEU C 464 -25.71 20.51 -61.95
C LEU C 464 -24.97 21.82 -62.29
N ALA C 465 -23.81 21.68 -62.94
CA ALA C 465 -23.06 22.85 -63.36
C ALA C 465 -23.96 23.80 -64.19
N ALA C 466 -24.69 23.24 -65.16
CA ALA C 466 -25.55 24.08 -65.98
C ALA C 466 -26.66 24.77 -65.16
N SER C 467 -27.23 24.05 -64.22
CA SER C 467 -28.30 24.59 -63.42
C SER C 467 -27.89 25.65 -62.40
N PHE C 468 -27.00 25.24 -61.51
CA PHE C 468 -26.51 26.01 -60.36
C PHE C 468 -25.24 26.82 -60.66
N GLY C 469 -24.53 26.48 -61.75
CA GLY C 469 -23.33 27.21 -62.08
C GLY C 469 -22.04 26.45 -61.77
N LYS C 470 -22.11 25.51 -60.83
CA LYS C 470 -20.94 24.72 -60.46
C LYS C 470 -21.31 23.28 -60.23
N SER C 471 -20.40 22.39 -60.59
CA SER C 471 -20.48 20.96 -60.34
C SER C 471 -19.89 20.79 -58.91
N ILE C 472 -19.96 19.60 -58.34
CA ILE C 472 -19.31 19.34 -57.04
C ILE C 472 -17.83 18.92 -57.26
N ASN C 473 -17.62 17.98 -58.19
CA ASN C 473 -16.30 17.42 -58.44
C ASN C 473 -15.34 18.04 -59.46
N PHE C 474 -15.65 19.25 -59.91
CA PHE C 474 -14.78 19.96 -60.81
C PHE C 474 -15.01 21.44 -60.62
N GLN D 3 -4.49 28.02 -31.87
CA GLN D 3 -5.57 29.05 -31.85
C GLN D 3 -6.88 28.59 -32.50
N PRO D 4 -8.02 28.85 -31.83
CA PRO D 4 -9.35 28.46 -32.32
C PRO D 4 -9.70 29.01 -33.70
N ILE D 5 -10.49 28.24 -34.45
CA ILE D 5 -10.96 28.67 -35.76
C ILE D 5 -12.48 28.72 -35.67
N ASP D 6 -13.12 29.61 -36.43
CA ASP D 6 -14.57 29.66 -36.41
C ASP D 6 -15.13 29.29 -37.76
N ALA D 7 -16.32 28.74 -37.75
CA ALA D 7 -16.95 28.31 -38.98
C ALA D 7 -18.46 28.35 -38.86
N ASP D 8 -19.12 28.32 -40.01
CA ASP D 8 -20.58 28.25 -40.05
C ASP D 8 -20.99 26.77 -40.02
N VAL D 9 -20.25 25.96 -40.76
CA VAL D 9 -20.51 24.55 -40.89
C VAL D 9 -19.22 23.73 -40.68
N THR D 10 -19.23 22.80 -39.72
CA THR D 10 -18.06 21.94 -39.50
C THR D 10 -18.55 20.53 -39.76
N VAL D 11 -17.93 19.90 -40.75
CA VAL D 11 -18.24 18.56 -41.21
C VAL D 11 -17.26 17.56 -40.61
N ILE D 12 -17.77 16.56 -39.91
CA ILE D 12 -16.88 15.57 -39.31
C ILE D 12 -16.89 14.33 -40.18
N GLY D 13 -15.77 14.10 -40.88
CA GLY D 13 -15.63 12.98 -41.78
C GLY D 13 -15.54 13.49 -43.23
N SER D 14 -14.65 12.88 -44.01
CA SER D 14 -14.48 13.27 -45.41
C SER D 14 -14.82 12.19 -46.44
N GLY D 15 -15.67 11.26 -46.07
CA GLY D 15 -16.10 10.26 -47.03
C GLY D 15 -17.06 10.94 -48.01
N PRO D 16 -17.68 10.16 -48.91
CA PRO D 16 -18.63 10.67 -49.90
C PRO D 16 -19.61 11.70 -49.31
N GLY D 17 -20.18 11.38 -48.16
CA GLY D 17 -21.15 12.27 -47.55
C GLY D 17 -20.55 13.58 -47.08
N GLY D 18 -19.49 13.46 -46.27
CA GLY D 18 -18.86 14.63 -45.73
C GLY D 18 -18.11 15.54 -46.68
N TYR D 19 -17.28 14.97 -47.56
CA TYR D 19 -16.52 15.85 -48.45
C TYR D 19 -17.44 16.55 -49.46
N VAL D 20 -18.51 15.87 -49.88
CA VAL D 20 -19.44 16.49 -50.82
C VAL D 20 -20.27 17.58 -50.08
N ALA D 21 -20.75 17.27 -48.88
CA ALA D 21 -21.48 18.25 -48.08
C ALA D 21 -20.61 19.46 -47.83
N ALA D 22 -19.33 19.23 -47.54
CA ALA D 22 -18.39 20.33 -47.28
C ALA D 22 -18.24 21.23 -48.51
N ILE D 23 -18.09 20.63 -49.68
CA ILE D 23 -17.96 21.42 -50.92
C ILE D 23 -19.24 22.21 -51.20
N LYS D 24 -20.38 21.53 -51.11
CA LYS D 24 -21.66 22.20 -51.33
C LYS D 24 -21.87 23.35 -50.32
N ALA D 25 -21.58 23.12 -49.04
CA ALA D 25 -21.78 24.18 -48.08
C ALA D 25 -20.89 25.39 -48.41
N ALA D 26 -19.65 25.15 -48.77
CA ALA D 26 -18.75 26.25 -49.09
C ALA D 26 -19.32 26.94 -50.34
N GLN D 27 -19.78 26.17 -51.32
CA GLN D 27 -20.37 26.75 -52.53
C GLN D 27 -21.62 27.61 -52.21
N LEU D 28 -22.37 27.24 -51.18
CA LEU D 28 -23.55 28.00 -50.79
C LEU D 28 -23.18 29.23 -49.97
N GLY D 29 -21.89 29.40 -49.70
CA GLY D 29 -21.43 30.55 -48.97
C GLY D 29 -21.16 30.37 -47.49
N PHE D 30 -21.25 29.14 -46.98
CA PHE D 30 -20.95 28.93 -45.56
C PHE D 30 -19.43 28.83 -45.35
N LYS D 31 -18.93 29.39 -44.25
CA LYS D 31 -17.51 29.25 -43.95
C LYS D 31 -17.48 27.80 -43.45
N THR D 32 -16.77 26.95 -44.19
CA THR D 32 -16.76 25.52 -43.94
C THR D 32 -15.45 24.84 -43.53
N VAL D 33 -15.55 23.96 -42.56
CA VAL D 33 -14.41 23.17 -42.11
C VAL D 33 -14.77 21.69 -42.23
N CYS D 34 -13.81 20.88 -42.69
CA CYS D 34 -14.01 19.44 -42.78
C CYS D 34 -12.89 18.75 -42.00
N ILE D 35 -13.27 17.93 -41.03
CA ILE D 35 -12.30 17.20 -40.20
C ILE D 35 -12.20 15.75 -40.61
N GLU D 36 -10.97 15.30 -40.78
CA GLU D 36 -10.71 13.93 -41.16
C GLU D 36 -9.60 13.37 -40.27
N LYS D 37 -9.85 12.19 -39.71
CA LYS D 37 -8.87 11.56 -38.86
C LYS D 37 -7.85 10.75 -39.65
N ASN D 38 -8.24 10.23 -40.81
CA ASN D 38 -7.32 9.43 -41.60
C ASN D 38 -6.27 10.24 -42.38
N GLU D 39 -5.31 9.52 -42.94
CA GLU D 39 -4.21 10.11 -43.69
C GLU D 39 -4.58 10.75 -45.02
N THR D 40 -5.66 10.26 -45.63
CA THR D 40 -6.15 10.82 -46.88
C THR D 40 -7.65 11.10 -46.69
N LEU D 41 -8.23 11.86 -47.62
CA LEU D 41 -9.64 12.22 -47.59
C LEU D 41 -10.36 11.15 -48.42
N GLY D 42 -11.69 11.12 -48.40
CA GLY D 42 -12.39 10.14 -49.25
C GLY D 42 -13.11 9.02 -48.54
N GLY D 43 -12.80 8.87 -47.27
CA GLY D 43 -13.43 7.87 -46.42
C GLY D 43 -13.35 6.45 -46.94
N THR D 44 -14.38 5.68 -46.59
CA THR D 44 -14.48 4.28 -47.02
C THR D 44 -14.50 4.06 -48.53
N CYS D 45 -15.41 4.75 -49.20
N CYS D 45 -15.41 4.78 -49.18
CA CYS D 45 -15.55 4.60 -50.65
CA CYS D 45 -15.59 4.69 -50.63
C CYS D 45 -14.26 4.77 -51.47
C CYS D 45 -14.30 4.79 -51.46
N LEU D 46 -13.56 5.87 -51.26
CA LEU D 46 -12.36 6.11 -52.02
C LEU D 46 -11.14 5.24 -51.66
N ASN D 47 -10.95 5.01 -50.37
CA ASN D 47 -9.78 4.31 -49.90
C ASN D 47 -9.78 2.83 -49.76
N VAL D 48 -10.84 2.27 -49.20
CA VAL D 48 -10.94 0.82 -49.00
C VAL D 48 -12.30 0.29 -49.44
N GLY D 49 -12.90 0.99 -50.39
CA GLY D 49 -14.21 0.59 -50.85
C GLY D 49 -14.56 0.58 -52.33
N CYS D 50 -15.49 1.46 -52.70
N CYS D 50 -15.51 1.41 -52.70
CA CYS D 50 -15.97 1.57 -54.08
CA CYS D 50 -15.98 1.49 -54.08
C CYS D 50 -14.90 1.61 -55.15
C CYS D 50 -14.91 1.63 -55.17
N ILE D 51 -13.99 2.57 -55.03
CA ILE D 51 -12.96 2.76 -56.02
C ILE D 51 -11.97 1.56 -56.16
N PRO D 52 -11.30 1.15 -55.06
CA PRO D 52 -10.40 0.01 -55.28
C PRO D 52 -11.13 -1.25 -55.77
N SER D 53 -12.35 -1.50 -55.27
CA SER D 53 -13.09 -2.69 -55.70
C SER D 53 -13.49 -2.63 -57.19
N LYS D 54 -13.94 -1.48 -57.68
CA LYS D 54 -14.32 -1.42 -59.11
C LYS D 54 -13.08 -1.55 -59.99
N ALA D 55 -11.96 -1.00 -59.54
CA ALA D 55 -10.70 -1.13 -60.29
C ALA D 55 -10.35 -2.61 -60.46
N LEU D 56 -10.41 -3.39 -59.38
CA LEU D 56 -10.10 -4.82 -59.45
C LEU D 56 -11.14 -5.59 -60.24
N LEU D 57 -12.42 -5.21 -60.12
CA LEU D 57 -13.48 -5.88 -60.91
C LEU D 57 -13.24 -5.67 -62.40
N ASN D 58 -12.89 -4.44 -62.78
CA ASN D 58 -12.61 -4.10 -64.18
C ASN D 58 -11.39 -4.87 -64.67
N ASN D 59 -10.29 -4.81 -63.91
CA ASN D 59 -9.07 -5.50 -64.32
C ASN D 59 -9.19 -7.04 -64.31
N SER D 60 -9.89 -7.61 -63.33
CA SER D 60 -10.01 -9.07 -63.26
C SER D 60 -10.94 -9.55 -64.38
N HIS D 61 -11.90 -8.72 -64.76
CA HIS D 61 -12.77 -9.07 -65.87
C HIS D 61 -11.97 -9.15 -67.17
N TYR D 62 -11.15 -8.12 -67.41
CA TYR D 62 -10.34 -8.07 -68.62
C TYR D 62 -9.32 -9.19 -68.64
N TYR D 63 -8.78 -9.53 -67.48
CA TYR D 63 -7.84 -10.65 -67.39
C TYR D 63 -8.63 -11.88 -67.87
N HIS D 64 -9.85 -12.04 -67.35
CA HIS D 64 -10.69 -13.17 -67.72
C HIS D 64 -10.95 -13.25 -69.22
N MET D 65 -11.20 -12.10 -69.86
CA MET D 65 -11.47 -12.04 -71.30
C MET D 65 -10.26 -12.41 -72.16
N ALA D 66 -9.08 -12.02 -71.69
CA ALA D 66 -7.85 -12.30 -72.42
C ALA D 66 -7.33 -13.72 -72.18
N HIS D 67 -7.29 -14.11 -70.90
CA HIS D 67 -6.80 -15.43 -70.52
C HIS D 67 -7.77 -16.53 -70.96
N GLY D 68 -9.06 -16.22 -70.94
CA GLY D 68 -10.08 -17.18 -71.31
C GLY D 68 -10.29 -17.31 -72.80
N THR D 69 -11.53 -17.61 -73.16
CA THR D 69 -11.97 -17.82 -74.53
C THR D 69 -12.37 -16.58 -75.34
N ASP D 70 -12.82 -15.54 -74.65
CA ASP D 70 -13.30 -14.35 -75.33
C ASP D 70 -12.42 -13.71 -76.42
N PHE D 71 -11.25 -13.21 -76.07
CA PHE D 71 -10.41 -12.60 -77.11
C PHE D 71 -10.11 -13.55 -78.25
N ALA D 72 -9.84 -14.82 -77.93
CA ALA D 72 -9.52 -15.80 -78.95
C ALA D 72 -10.65 -15.89 -79.98
N SER D 73 -11.89 -15.84 -79.48
CA SER D 73 -13.06 -15.91 -80.37
C SER D 73 -13.18 -14.66 -81.25
N ARG D 74 -12.40 -13.63 -80.93
CA ARG D 74 -12.48 -12.37 -81.70
C ARG D 74 -11.36 -12.16 -82.69
N GLY D 75 -10.45 -13.14 -82.77
CA GLY D 75 -9.32 -13.02 -83.67
C GLY D 75 -8.14 -12.36 -82.96
N ILE D 76 -8.25 -12.24 -81.65
CA ILE D 76 -7.18 -11.62 -80.88
C ILE D 76 -6.39 -12.78 -80.28
N GLU D 77 -5.41 -13.23 -81.04
CA GLU D 77 -4.62 -14.36 -80.63
C GLU D 77 -3.38 -13.99 -79.85
N MET D 78 -3.28 -14.56 -78.65
CA MET D 78 -2.16 -14.31 -77.78
C MET D 78 -1.48 -15.60 -77.37
N SER D 79 -0.27 -15.45 -76.87
CA SER D 79 0.49 -16.60 -76.43
C SER D 79 0.80 -16.37 -74.95
N GLU D 80 0.32 -17.27 -74.10
CA GLU D 80 0.57 -17.17 -72.67
C GLU D 80 0.13 -15.86 -72.03
N VAL D 81 -1.08 -15.82 -71.50
CA VAL D 81 -1.56 -14.64 -70.80
C VAL D 81 -1.17 -14.90 -69.36
N ARG D 82 -0.47 -13.97 -68.74
CA ARG D 82 -0.09 -14.17 -67.36
C ARG D 82 -0.49 -12.99 -66.49
N LEU D 83 -0.77 -13.32 -65.24
CA LEU D 83 -1.17 -12.34 -64.26
C LEU D 83 -0.01 -11.75 -63.50
N ASN D 84 0.11 -10.44 -63.55
CA ASN D 84 1.12 -9.75 -62.80
C ASN D 84 0.28 -9.04 -61.72
N LEU D 85 0.02 -9.75 -60.63
CA LEU D 85 -0.79 -9.20 -59.56
C LEU D 85 -0.24 -7.91 -58.94
N ASP D 86 1.08 -7.70 -59.00
CA ASP D 86 1.68 -6.49 -58.45
C ASP D 86 1.26 -5.30 -59.32
N LYS D 87 1.33 -5.51 -60.63
CA LYS D 87 0.96 -4.47 -61.57
C LYS D 87 -0.54 -4.17 -61.48
N MET D 88 -1.36 -5.21 -61.47
CA MET D 88 -2.79 -5.00 -61.36
C MET D 88 -3.13 -4.18 -60.11
N MET D 89 -2.47 -4.47 -58.99
CA MET D 89 -2.72 -3.76 -57.75
C MET D 89 -2.26 -2.32 -57.84
N GLU D 90 -1.25 -2.10 -58.68
CA GLU D 90 -0.69 -0.80 -58.89
C GLU D 90 -1.68 0.11 -59.62
N GLN D 91 -2.39 -0.47 -60.60
CA GLN D 91 -3.38 0.28 -61.38
C GLN D 91 -4.45 0.75 -60.36
N LYS D 92 -4.85 -0.17 -59.49
CA LYS D 92 -5.82 0.09 -58.44
C LYS D 92 -5.40 1.23 -57.53
N SER D 93 -4.17 1.14 -57.03
CA SER D 93 -3.62 2.14 -56.13
C SER D 93 -3.43 3.50 -56.77
N THR D 94 -3.17 3.50 -58.06
CA THR D 94 -2.97 4.75 -58.78
C THR D 94 -4.28 5.51 -58.85
N ALA D 95 -5.37 4.80 -59.15
CA ALA D 95 -6.68 5.41 -59.23
C ALA D 95 -7.02 6.02 -57.87
N VAL D 96 -6.86 5.24 -56.81
CA VAL D 96 -7.13 5.69 -55.46
C VAL D 96 -6.37 6.95 -55.08
N LYS D 97 -5.12 7.03 -55.51
CA LYS D 97 -4.28 8.18 -55.19
C LYS D 97 -4.72 9.42 -55.96
N ALA D 98 -5.01 9.24 -57.25
CA ALA D 98 -5.45 10.37 -58.05
C ALA D 98 -6.77 10.93 -57.48
N LEU D 99 -7.73 10.06 -57.16
CA LEU D 99 -9.01 10.55 -56.64
C LEU D 99 -8.92 11.20 -55.27
N THR D 100 -8.18 10.59 -54.36
CA THR D 100 -8.04 11.15 -53.02
C THR D 100 -7.37 12.51 -53.11
N GLY D 101 -6.42 12.62 -54.01
CA GLY D 101 -5.73 13.88 -54.20
C GLY D 101 -6.66 14.88 -54.83
N GLY D 102 -7.63 14.39 -55.61
CA GLY D 102 -8.58 15.27 -56.24
C GLY D 102 -9.42 15.99 -55.20
N ILE D 103 -9.82 15.27 -54.17
CA ILE D 103 -10.63 15.87 -53.12
C ILE D 103 -9.87 17.02 -52.45
N ALA D 104 -8.58 16.81 -52.16
CA ALA D 104 -7.78 17.85 -51.52
C ALA D 104 -7.76 19.11 -52.40
N HIS D 105 -7.60 18.93 -53.70
CA HIS D 105 -7.64 20.06 -54.63
C HIS D 105 -9.03 20.75 -54.63
N LEU D 106 -10.11 19.98 -54.63
CA LEU D 106 -11.47 20.56 -54.62
C LEU D 106 -11.69 21.34 -53.31
N PHE D 107 -11.18 20.84 -52.19
CA PHE D 107 -11.32 21.56 -50.94
C PHE D 107 -10.67 22.93 -51.02
N LYS D 108 -9.47 22.96 -51.57
CA LYS D 108 -8.71 24.20 -51.73
C LYS D 108 -9.46 25.16 -52.64
N GLN D 109 -9.90 24.65 -53.78
CA GLN D 109 -10.62 25.41 -54.78
C GLN D 109 -11.89 26.08 -54.22
N ASN D 110 -12.59 25.35 -53.35
CA ASN D 110 -13.83 25.83 -52.71
C ASN D 110 -13.69 26.49 -51.33
N LYS D 111 -12.47 26.68 -50.86
CA LYS D 111 -12.21 27.32 -49.56
C LYS D 111 -12.57 26.45 -48.37
N VAL D 112 -12.59 25.13 -48.55
CA VAL D 112 -12.90 24.26 -47.43
C VAL D 112 -11.64 24.12 -46.61
N VAL D 113 -11.73 24.42 -45.31
CA VAL D 113 -10.58 24.29 -44.41
C VAL D 113 -10.47 22.82 -43.91
N HIS D 114 -9.39 22.15 -44.30
CA HIS D 114 -9.16 20.77 -43.93
C HIS D 114 -8.45 20.71 -42.56
N VAL D 115 -9.05 20.01 -41.59
CA VAL D 115 -8.40 19.83 -40.31
C VAL D 115 -8.11 18.34 -40.13
N ASN D 116 -6.84 17.97 -39.96
CA ASN D 116 -6.45 16.56 -39.74
C ASN D 116 -6.56 16.32 -38.25
N GLY D 117 -7.29 15.27 -37.87
CA GLY D 117 -7.46 14.97 -36.46
C GLY D 117 -8.73 14.21 -36.20
N TYR D 118 -8.85 13.69 -34.99
CA TYR D 118 -10.03 12.94 -34.58
C TYR D 118 -10.96 13.96 -33.96
N GLY D 119 -12.13 14.14 -34.57
CA GLY D 119 -13.05 15.14 -34.06
C GLY D 119 -13.97 14.66 -32.97
N LYS D 120 -14.19 15.53 -31.99
CA LYS D 120 -15.10 15.23 -30.90
C LYS D 120 -15.92 16.48 -30.61
N ILE D 121 -17.22 16.31 -30.55
CA ILE D 121 -18.10 17.43 -30.29
C ILE D 121 -17.95 17.76 -28.83
N THR D 122 -17.31 18.88 -28.56
CA THR D 122 -17.05 19.27 -27.20
C THR D 122 -17.98 20.35 -26.68
N GLY D 123 -19.10 20.53 -27.37
CA GLY D 123 -20.07 21.52 -26.98
C GLY D 123 -21.06 21.74 -28.12
N LYS D 124 -22.23 22.28 -27.79
CA LYS D 124 -23.30 22.57 -28.74
C LYS D 124 -22.71 23.22 -29.99
N ASN D 125 -21.82 24.18 -29.78
CA ASN D 125 -21.20 24.88 -30.89
C ASN D 125 -19.70 24.75 -30.98
N GLN D 126 -19.20 23.55 -30.67
CA GLN D 126 -17.78 23.37 -30.71
C GLN D 126 -17.31 21.95 -30.99
N VAL D 127 -16.29 21.84 -31.82
CA VAL D 127 -15.70 20.55 -32.12
C VAL D 127 -14.21 20.69 -31.86
N THR D 128 -13.61 19.67 -31.26
CA THR D 128 -12.19 19.67 -31.03
C THR D 128 -11.60 18.50 -31.79
N ALA D 129 -10.58 18.78 -32.59
CA ALA D 129 -9.93 17.74 -33.38
C ALA D 129 -8.55 17.50 -32.74
N THR D 130 -8.26 16.25 -32.41
CA THR D 130 -6.98 15.92 -31.77
C THR D 130 -6.11 15.10 -32.72
N LYS D 131 -4.92 15.62 -33.01
CA LYS D 131 -3.98 14.94 -33.90
C LYS D 131 -3.26 13.76 -33.23
N ALA D 132 -2.62 12.93 -34.05
CA ALA D 132 -1.88 11.76 -33.57
C ALA D 132 -0.89 12.11 -32.46
N ASP D 133 -0.28 13.28 -32.57
CA ASP D 133 0.70 13.72 -31.58
C ASP D 133 0.06 14.44 -30.40
N GLY D 134 -1.25 14.29 -30.24
CA GLY D 134 -1.92 14.92 -29.12
C GLY D 134 -2.28 16.39 -29.31
N GLY D 135 -1.77 17.00 -30.38
CA GLY D 135 -2.09 18.39 -30.66
C GLY D 135 -3.60 18.56 -30.88
N THR D 136 -4.14 19.70 -30.47
CA THR D 136 -5.57 19.94 -30.64
C THR D 136 -5.90 21.21 -31.43
N GLN D 137 -7.04 21.17 -32.12
CA GLN D 137 -7.54 22.31 -32.87
C GLN D 137 -9.02 22.45 -32.50
N VAL D 138 -9.37 23.62 -31.99
CA VAL D 138 -10.74 23.86 -31.58
C VAL D 138 -11.45 24.63 -32.68
N ILE D 139 -12.67 24.20 -32.99
CA ILE D 139 -13.48 24.86 -34.02
C ILE D 139 -14.80 25.27 -33.37
N ASP D 140 -15.02 26.58 -33.29
CA ASP D 140 -16.27 27.11 -32.76
C ASP D 140 -17.11 27.25 -34.05
N THR D 141 -18.28 26.62 -34.06
CA THR D 141 -19.06 26.57 -35.28
C THR D 141 -20.55 26.72 -35.02
N LYS D 142 -21.25 27.29 -36.00
CA LYS D 142 -22.71 27.46 -35.93
C LYS D 142 -23.38 26.10 -36.01
N ASN D 143 -22.94 25.29 -36.98
CA ASN D 143 -23.52 23.97 -37.19
C ASN D 143 -22.48 22.90 -37.24
N ILE D 144 -22.92 21.69 -36.92
CA ILE D 144 -22.06 20.51 -36.93
C ILE D 144 -22.73 19.45 -37.77
N LEU D 145 -21.98 18.90 -38.73
CA LEU D 145 -22.51 17.84 -39.56
C LEU D 145 -21.70 16.57 -39.37
N ILE D 146 -22.36 15.57 -38.80
CA ILE D 146 -21.72 14.29 -38.55
C ILE D 146 -21.79 13.42 -39.79
N ALA D 147 -20.63 13.05 -40.29
CA ALA D 147 -20.54 12.21 -41.47
C ALA D 147 -19.42 11.15 -41.21
N THR D 148 -19.47 10.58 -40.02
CA THR D 148 -18.47 9.63 -39.56
C THR D 148 -18.52 8.23 -40.17
N GLY D 149 -19.55 8.01 -40.97
CA GLY D 149 -19.69 6.77 -41.69
C GLY D 149 -19.85 5.44 -41.00
N SER D 150 -19.09 4.46 -41.51
CA SER D 150 -19.18 3.09 -41.02
C SER D 150 -17.85 2.37 -40.82
N GLU D 151 -17.96 1.13 -40.34
CA GLU D 151 -16.83 0.24 -40.09
C GLU D 151 -17.34 -1.16 -40.39
N VAL D 152 -16.43 -2.09 -40.66
CA VAL D 152 -16.83 -3.46 -40.94
C VAL D 152 -17.56 -4.04 -39.73
N THR D 153 -18.55 -4.89 -39.95
CA THR D 153 -19.28 -5.54 -38.86
C THR D 153 -18.46 -6.80 -38.48
N PRO D 154 -17.93 -6.85 -37.25
CA PRO D 154 -17.14 -8.03 -36.87
C PRO D 154 -17.97 -9.28 -36.65
N PHE D 155 -17.33 -10.43 -36.89
CA PHE D 155 -17.95 -11.74 -36.70
C PHE D 155 -17.46 -12.20 -35.32
N PRO D 156 -18.37 -12.32 -34.33
CA PRO D 156 -17.92 -12.76 -33.01
C PRO D 156 -17.32 -14.16 -33.05
N GLY D 157 -16.09 -14.28 -32.53
CA GLY D 157 -15.45 -15.58 -32.51
C GLY D 157 -14.34 -15.63 -33.53
N ILE D 158 -14.47 -14.84 -34.60
CA ILE D 158 -13.46 -14.81 -35.64
C ILE D 158 -12.78 -13.46 -35.64
N THR D 159 -11.46 -13.46 -35.49
CA THR D 159 -10.69 -12.21 -35.47
C THR D 159 -10.07 -11.93 -36.84
N ILE D 160 -10.35 -10.75 -37.36
CA ILE D 160 -9.81 -10.36 -38.65
C ILE D 160 -8.40 -9.83 -38.44
N ASP D 161 -7.44 -10.35 -39.20
CA ASP D 161 -6.08 -9.89 -39.08
C ASP D 161 -5.63 -9.25 -40.37
N GLU D 162 -6.52 -9.21 -41.35
CA GLU D 162 -6.23 -8.64 -42.65
C GLU D 162 -5.06 -9.31 -43.35
N ASP D 163 -4.73 -10.52 -42.89
CA ASP D 163 -3.66 -11.30 -43.50
C ASP D 163 -4.27 -12.54 -44.18
N THR D 164 -4.76 -13.50 -43.37
CA THR D 164 -5.40 -14.69 -43.94
C THR D 164 -6.88 -14.66 -43.60
N ILE D 165 -7.22 -13.95 -42.53
CA ILE D 165 -8.61 -13.78 -42.15
C ILE D 165 -8.83 -12.29 -42.41
N VAL D 166 -9.44 -12.00 -43.55
CA VAL D 166 -9.64 -10.62 -43.98
C VAL D 166 -11.06 -10.06 -44.08
N SER D 167 -11.13 -8.73 -44.04
CA SER D 167 -12.37 -8.01 -44.23
C SER D 167 -12.14 -7.53 -45.69
N SER D 168 -13.09 -6.78 -46.23
CA SER D 168 -12.99 -6.26 -47.57
C SER D 168 -11.66 -5.53 -47.79
N THR D 169 -11.15 -4.90 -46.75
CA THR D 169 -9.89 -4.16 -46.89
C THR D 169 -8.70 -5.06 -47.22
N GLY D 170 -8.47 -6.10 -46.42
CA GLY D 170 -7.36 -6.99 -46.70
C GLY D 170 -7.61 -7.72 -48.01
N ALA D 171 -8.85 -8.10 -48.25
CA ALA D 171 -9.20 -8.78 -49.50
C ALA D 171 -8.87 -7.90 -50.70
N LEU D 172 -8.89 -6.57 -50.50
CA LEU D 172 -8.60 -5.68 -51.62
C LEU D 172 -7.09 -5.62 -51.95
N SER D 173 -6.26 -6.07 -51.01
CA SER D 173 -4.81 -6.02 -51.19
C SER D 173 -4.03 -7.33 -50.97
N LEU D 174 -4.70 -8.48 -51.14
CA LEU D 174 -4.04 -9.78 -51.00
C LEU D 174 -2.76 -9.74 -51.82
N LYS D 175 -1.67 -10.26 -51.26
CA LYS D 175 -0.39 -10.26 -51.94
C LYS D 175 -0.27 -11.32 -53.02
N LYS D 176 -1.19 -12.28 -53.00
CA LYS D 176 -1.17 -13.33 -54.00
C LYS D 176 -2.56 -13.97 -54.10
N VAL D 177 -2.83 -14.61 -55.23
CA VAL D 177 -4.13 -15.24 -55.41
C VAL D 177 -4.25 -16.45 -54.48
N PRO D 178 -5.24 -16.44 -53.59
CA PRO D 178 -5.34 -17.62 -52.71
C PRO D 178 -5.80 -18.84 -53.47
N GLU D 179 -5.25 -19.99 -53.12
CA GLU D 179 -5.64 -21.22 -53.78
C GLU D 179 -7.13 -21.44 -53.50
N LYS D 180 -7.51 -21.36 -52.24
CA LYS D 180 -8.90 -21.55 -51.86
C LYS D 180 -9.38 -20.44 -50.91
N MET D 181 -10.48 -19.81 -51.26
CA MET D 181 -11.03 -18.75 -50.43
C MET D 181 -12.45 -18.99 -50.00
N VAL D 182 -12.74 -18.71 -48.74
CA VAL D 182 -14.10 -18.87 -48.24
C VAL D 182 -14.65 -17.50 -47.83
N VAL D 183 -15.82 -17.17 -48.34
CA VAL D 183 -16.44 -15.89 -48.07
C VAL D 183 -17.65 -16.06 -47.16
N ILE D 184 -17.66 -15.35 -46.03
CA ILE D 184 -18.78 -15.42 -45.12
C ILE D 184 -19.76 -14.31 -45.50
N GLY D 185 -20.88 -14.71 -46.11
CA GLY D 185 -21.88 -13.75 -46.55
C GLY D 185 -21.88 -13.56 -48.06
N ALA D 186 -23.01 -13.87 -48.70
CA ALA D 186 -23.13 -13.71 -50.15
C ALA D 186 -23.87 -12.41 -50.47
N GLY D 187 -23.49 -11.35 -49.78
CA GLY D 187 -24.08 -10.04 -50.01
C GLY D 187 -23.36 -9.37 -51.18
N VAL D 188 -23.44 -8.04 -51.24
CA VAL D 188 -22.79 -7.37 -52.37
C VAL D 188 -21.27 -7.50 -52.38
N ILE D 189 -20.65 -7.25 -51.24
CA ILE D 189 -19.19 -7.35 -51.16
C ILE D 189 -18.73 -8.76 -51.49
N GLY D 190 -19.35 -9.75 -50.84
CA GLY D 190 -18.97 -11.12 -51.05
C GLY D 190 -19.06 -11.52 -52.50
N VAL D 191 -20.12 -11.12 -53.17
CA VAL D 191 -20.26 -11.45 -54.57
C VAL D 191 -19.25 -10.66 -55.43
N GLU D 192 -18.99 -9.40 -55.09
CA GLU D 192 -18.03 -8.65 -55.90
C GLU D 192 -16.57 -9.14 -55.73
N LEU D 193 -16.07 -9.13 -54.50
CA LEU D 193 -14.71 -9.56 -54.20
C LEU D 193 -14.50 -11.04 -54.48
N GLY D 194 -15.49 -11.85 -54.13
CA GLY D 194 -15.37 -13.27 -54.41
C GLY D 194 -15.19 -13.46 -55.89
N SER D 195 -15.87 -12.65 -56.68
CA SER D 195 -15.78 -12.81 -58.11
C SER D 195 -14.43 -12.30 -58.62
N VAL D 196 -13.90 -11.24 -58.01
CA VAL D 196 -12.59 -10.75 -58.41
C VAL D 196 -11.56 -11.91 -58.30
N TRP D 197 -11.47 -12.47 -57.11
CA TRP D 197 -10.49 -13.53 -56.86
C TRP D 197 -10.74 -14.82 -57.64
N GLN D 198 -12.00 -15.14 -57.86
CA GLN D 198 -12.38 -16.32 -58.62
C GLN D 198 -11.76 -16.16 -60.01
N ARG D 199 -11.96 -14.99 -60.62
CA ARG D 199 -11.41 -14.74 -61.96
C ARG D 199 -9.89 -14.81 -62.01
N LEU D 200 -9.23 -14.40 -60.93
CA LEU D 200 -7.77 -14.40 -60.92
C LEU D 200 -7.17 -15.77 -60.62
N GLY D 201 -8.02 -16.77 -60.42
CA GLY D 201 -7.52 -18.11 -60.19
C GLY D 201 -7.92 -18.80 -58.90
N ALA D 202 -8.56 -18.09 -57.99
CA ALA D 202 -8.95 -18.68 -56.73
C ALA D 202 -10.22 -19.53 -56.83
N ASP D 203 -10.24 -20.59 -56.03
CA ASP D 203 -11.39 -21.48 -55.92
C ASP D 203 -12.22 -20.86 -54.79
N VAL D 204 -13.33 -20.23 -55.15
CA VAL D 204 -14.16 -19.53 -54.17
C VAL D 204 -15.52 -20.12 -53.83
N THR D 205 -15.84 -20.08 -52.54
CA THR D 205 -17.13 -20.51 -52.03
C THR D 205 -17.62 -19.48 -51.01
N ALA D 206 -18.89 -19.06 -51.15
CA ALA D 206 -19.44 -18.13 -50.16
C ALA D 206 -20.53 -18.88 -49.41
N VAL D 207 -20.56 -18.70 -48.10
CA VAL D 207 -21.57 -19.35 -47.28
C VAL D 207 -22.49 -18.26 -46.81
N GLU D 208 -23.77 -18.41 -47.10
CA GLU D 208 -24.80 -17.42 -46.80
C GLU D 208 -25.90 -17.96 -45.88
N PHE D 209 -26.11 -17.28 -44.76
CA PHE D 209 -27.14 -17.67 -43.79
C PHE D 209 -28.53 -17.64 -44.42
N LEU D 210 -28.74 -16.75 -45.38
CA LEU D 210 -30.04 -16.63 -46.04
C LEU D 210 -30.14 -17.52 -47.26
N GLY D 211 -31.30 -17.48 -47.90
CA GLY D 211 -31.54 -18.32 -49.07
C GLY D 211 -31.30 -17.68 -50.42
N HIS D 212 -30.59 -16.56 -50.48
CA HIS D 212 -30.31 -15.92 -51.76
C HIS D 212 -29.06 -15.05 -51.69
N VAL D 213 -28.51 -14.71 -52.85
CA VAL D 213 -27.32 -13.87 -52.91
C VAL D 213 -27.73 -12.46 -53.36
N GLY D 214 -26.98 -11.46 -52.93
CA GLY D 214 -27.28 -10.11 -53.35
C GLY D 214 -27.57 -9.11 -52.25
N GLY D 215 -27.81 -9.59 -51.03
CA GLY D 215 -28.09 -8.67 -49.94
C GLY D 215 -29.56 -8.34 -49.85
N VAL D 216 -29.86 -7.23 -49.18
CA VAL D 216 -31.23 -6.77 -48.96
C VAL D 216 -31.80 -6.08 -50.19
N GLY D 217 -33.11 -6.24 -50.35
CA GLY D 217 -33.79 -5.59 -51.44
C GLY D 217 -33.72 -6.20 -52.81
N ILE D 218 -32.72 -7.01 -53.10
CA ILE D 218 -32.66 -7.56 -54.45
C ILE D 218 -33.93 -8.37 -54.74
N ASP D 219 -34.40 -8.33 -55.99
CA ASP D 219 -35.58 -9.09 -56.39
C ASP D 219 -35.17 -10.56 -56.37
N MET D 220 -36.04 -11.40 -55.82
CA MET D 220 -35.74 -12.82 -55.72
C MET D 220 -35.48 -13.50 -57.04
N GLU D 221 -36.29 -13.20 -58.04
CA GLU D 221 -36.10 -13.81 -59.36
C GLU D 221 -34.77 -13.35 -59.96
N ILE D 222 -34.44 -12.07 -59.79
CA ILE D 222 -33.17 -11.57 -60.31
C ILE D 222 -32.02 -12.25 -59.55
N SER D 223 -32.17 -12.37 -58.23
CA SER D 223 -31.15 -13.00 -57.38
C SER D 223 -30.88 -14.43 -57.83
N LYS D 224 -31.93 -15.23 -57.97
CA LYS D 224 -31.76 -16.61 -58.40
C LYS D 224 -31.06 -16.73 -59.75
N ASN D 225 -31.46 -15.93 -60.74
CA ASN D 225 -30.83 -15.98 -62.07
C ASN D 225 -29.35 -15.55 -62.01
N PHE D 226 -29.05 -14.61 -61.12
CA PHE D 226 -27.70 -14.07 -60.93
C PHE D 226 -26.85 -15.18 -60.34
N GLN D 227 -27.36 -15.81 -59.29
CA GLN D 227 -26.64 -16.91 -58.65
C GLN D 227 -26.27 -17.96 -59.66
N ARG D 228 -27.26 -18.40 -60.45
CA ARG D 228 -27.01 -19.40 -61.49
C ARG D 228 -25.89 -18.98 -62.42
N ILE D 229 -25.93 -17.73 -62.88
CA ILE D 229 -24.87 -17.24 -63.77
C ILE D 229 -23.51 -17.27 -63.07
N LEU D 230 -23.45 -16.89 -61.80
CA LEU D 230 -22.18 -16.91 -61.09
C LEU D 230 -21.66 -18.35 -60.92
N GLN D 231 -22.57 -19.26 -60.56
CA GLN D 231 -22.18 -20.66 -60.39
C GLN D 231 -21.54 -21.18 -61.66
N LYS D 232 -22.10 -20.80 -62.81
CA LYS D 232 -21.55 -21.23 -64.09
C LYS D 232 -20.12 -20.70 -64.31
N GLN D 233 -19.82 -19.59 -63.65
CA GLN D 233 -18.51 -18.98 -63.75
C GLN D 233 -17.52 -19.69 -62.82
N GLY D 234 -18.03 -20.56 -61.95
CA GLY D 234 -17.16 -21.29 -61.03
C GLY D 234 -17.34 -20.85 -59.60
N PHE D 235 -18.17 -19.83 -59.42
CA PHE D 235 -18.44 -19.28 -58.09
C PHE D 235 -19.37 -20.24 -57.35
N LYS D 236 -18.93 -20.76 -56.19
CA LYS D 236 -19.73 -21.70 -55.42
C LYS D 236 -20.44 -21.05 -54.24
N PHE D 237 -21.64 -21.56 -53.96
CA PHE D 237 -22.47 -21.03 -52.87
C PHE D 237 -22.99 -22.11 -51.91
N LYS D 238 -23.06 -21.74 -50.64
CA LYS D 238 -23.56 -22.58 -49.57
C LYS D 238 -24.68 -21.75 -48.93
N LEU D 239 -25.87 -21.80 -49.51
CA LEU D 239 -26.98 -21.03 -48.97
C LEU D 239 -27.63 -21.64 -47.74
N ASN D 240 -28.34 -20.80 -46.99
CA ASN D 240 -29.02 -21.25 -45.78
C ASN D 240 -28.05 -21.99 -44.89
N THR D 241 -26.84 -21.46 -44.77
CA THR D 241 -25.79 -22.09 -43.96
C THR D 241 -25.14 -21.03 -43.12
N LYS D 242 -24.79 -21.38 -41.89
CA LYS D 242 -24.11 -20.42 -41.03
C LYS D 242 -22.73 -20.90 -40.63
N VAL D 243 -21.81 -19.95 -40.49
CA VAL D 243 -20.47 -20.29 -40.07
C VAL D 243 -20.51 -20.21 -38.55
N THR D 244 -20.16 -21.30 -37.88
CA THR D 244 -20.16 -21.30 -36.42
C THR D 244 -18.84 -20.78 -35.90
N GLY D 245 -17.80 -20.85 -36.73
CA GLY D 245 -16.51 -20.38 -36.29
C GLY D 245 -15.38 -20.74 -37.22
N ALA D 246 -14.17 -20.34 -36.87
CA ALA D 246 -13.02 -20.66 -37.69
C ALA D 246 -11.79 -20.71 -36.82
N THR D 247 -10.80 -21.49 -37.26
CA THR D 247 -9.57 -21.64 -36.51
C THR D 247 -8.38 -21.79 -37.45
N LYS D 248 -7.28 -21.16 -37.06
CA LYS D 248 -6.04 -21.17 -37.84
C LYS D 248 -5.29 -22.48 -37.62
N LYS D 249 -5.16 -23.28 -38.67
CA LYS D 249 -4.42 -24.54 -38.58
C LYS D 249 -2.95 -24.24 -38.41
N SER D 250 -2.20 -25.27 -38.00
CA SER D 250 -0.77 -25.15 -37.78
C SER D 250 -0.03 -24.93 -39.09
N ASP D 251 -0.57 -25.43 -40.20
CA ASP D 251 0.06 -25.25 -41.51
C ASP D 251 -0.29 -23.87 -42.12
N GLY D 252 -1.24 -23.18 -41.50
CA GLY D 252 -1.61 -21.86 -41.99
C GLY D 252 -2.99 -21.78 -42.64
N LYS D 253 -3.58 -22.93 -42.95
CA LYS D 253 -4.89 -22.94 -43.56
C LYS D 253 -5.92 -22.68 -42.48
N ILE D 254 -7.11 -22.29 -42.89
CA ILE D 254 -8.18 -22.01 -41.95
C ILE D 254 -9.28 -23.05 -42.06
N ASP D 255 -9.69 -23.58 -40.92
CA ASP D 255 -10.80 -24.54 -40.90
C ASP D 255 -12.02 -23.71 -40.53
N VAL D 256 -13.05 -23.74 -41.37
CA VAL D 256 -14.27 -22.99 -41.10
C VAL D 256 -15.38 -23.98 -40.75
N SER D 257 -15.97 -23.81 -39.57
CA SER D 257 -17.05 -24.67 -39.12
C SER D 257 -18.37 -24.08 -39.61
N ILE D 258 -19.18 -24.92 -40.25
CA ILE D 258 -20.46 -24.48 -40.75
C ILE D 258 -21.52 -25.54 -40.48
N GLU D 259 -22.78 -25.15 -40.63
CA GLU D 259 -23.91 -26.05 -40.45
C GLU D 259 -25.15 -25.36 -40.95
N ALA D 260 -26.23 -26.10 -41.15
CA ALA D 260 -27.46 -25.50 -41.63
C ALA D 260 -27.80 -24.28 -40.77
N ALA D 261 -28.41 -23.27 -41.39
CA ALA D 261 -28.77 -22.05 -40.68
C ALA D 261 -29.75 -22.34 -39.55
N SER D 262 -30.57 -23.36 -39.76
CA SER D 262 -31.58 -23.78 -38.78
C SER D 262 -30.96 -24.70 -37.72
N GLY D 263 -29.80 -25.27 -38.04
CA GLY D 263 -29.13 -26.18 -37.12
C GLY D 263 -28.84 -27.54 -37.72
N GLY D 264 -27.76 -28.16 -37.27
CA GLY D 264 -27.39 -29.48 -37.77
C GLY D 264 -26.54 -29.48 -39.03
N LYS D 265 -26.38 -30.67 -39.60
CA LYS D 265 -25.59 -30.86 -40.82
C LYS D 265 -24.22 -30.18 -40.74
N ALA D 266 -23.67 -30.14 -39.52
CA ALA D 266 -22.38 -29.53 -39.26
C ALA D 266 -21.22 -30.17 -40.02
N GLU D 267 -20.37 -29.35 -40.62
CA GLU D 267 -19.22 -29.85 -41.35
C GLU D 267 -18.13 -28.78 -41.38
N VAL D 268 -16.97 -29.15 -41.88
CA VAL D 268 -15.84 -28.23 -41.95
C VAL D 268 -15.24 -28.17 -43.34
N ILE D 269 -14.92 -26.96 -43.77
CA ILE D 269 -14.32 -26.71 -45.06
C ILE D 269 -13.02 -25.98 -44.77
N THR D 270 -12.04 -26.11 -45.64
CA THR D 270 -10.77 -25.47 -45.37
C THR D 270 -10.41 -24.50 -46.49
N CYS D 271 -9.66 -23.46 -46.17
CA CYS D 271 -9.27 -22.46 -47.18
C CYS D 271 -7.95 -21.78 -46.83
N ASP D 272 -7.40 -21.04 -47.79
CA ASP D 272 -6.16 -20.30 -47.57
C ASP D 272 -6.47 -18.91 -47.03
N VAL D 273 -7.59 -18.33 -47.43
CA VAL D 273 -7.97 -17.03 -46.91
C VAL D 273 -9.45 -17.03 -46.61
N LEU D 274 -9.80 -16.42 -45.49
CA LEU D 274 -11.17 -16.31 -45.07
C LEU D 274 -11.57 -14.83 -45.14
N LEU D 275 -12.56 -14.54 -45.98
CA LEU D 275 -13.08 -13.17 -46.14
C LEU D 275 -14.38 -13.03 -45.33
N VAL D 276 -14.35 -12.16 -44.34
CA VAL D 276 -15.53 -11.90 -43.52
C VAL D 276 -16.27 -10.65 -44.00
N CYS D 277 -17.46 -10.82 -44.57
CA CYS D 277 -18.25 -9.67 -44.99
C CYS D 277 -19.74 -9.89 -44.77
N ILE D 278 -20.14 -9.78 -43.51
CA ILE D 278 -21.51 -9.97 -43.13
C ILE D 278 -22.20 -8.63 -42.84
N GLY D 279 -21.71 -7.57 -43.48
CA GLY D 279 -22.30 -6.25 -43.29
C GLY D 279 -21.35 -5.21 -42.72
N ARG D 280 -21.83 -3.96 -42.67
CA ARG D 280 -21.08 -2.84 -42.11
C ARG D 280 -22.02 -2.15 -41.13
N ARG D 281 -21.49 -1.29 -40.27
CA ARG D 281 -22.34 -0.65 -39.30
C ARG D 281 -21.90 0.78 -39.03
N PRO D 282 -22.82 1.60 -38.52
CA PRO D 282 -22.56 3.01 -38.22
C PRO D 282 -21.38 3.18 -37.29
N PHE D 283 -20.50 4.13 -37.59
CA PHE D 283 -19.35 4.40 -36.73
C PHE D 283 -19.50 5.78 -36.11
N THR D 284 -19.66 5.81 -34.79
CA THR D 284 -19.82 7.05 -34.00
C THR D 284 -18.87 7.07 -32.80
N LYS D 285 -17.82 6.26 -32.83
CA LYS D 285 -16.91 6.17 -31.70
C LYS D 285 -16.25 7.45 -31.16
N ASN D 286 -16.42 7.68 -29.86
CA ASN D 286 -15.82 8.82 -29.18
C ASN D 286 -16.09 10.19 -29.81
N LEU D 287 -17.29 10.35 -30.34
CA LEU D 287 -17.72 11.59 -31.00
C LEU D 287 -18.26 12.60 -29.97
N GLY D 288 -18.64 12.11 -28.78
CA GLY D 288 -19.17 12.95 -27.72
C GLY D 288 -20.70 12.90 -27.63
N LEU D 289 -21.29 11.97 -28.38
CA LEU D 289 -22.74 11.84 -28.42
C LEU D 289 -23.38 11.63 -27.05
N GLU D 290 -22.73 10.86 -26.21
CA GLU D 290 -23.25 10.57 -24.87
C GLU D 290 -23.43 11.81 -24.01
N GLU D 291 -22.42 12.65 -24.00
CA GLU D 291 -22.43 13.88 -23.22
C GLU D 291 -23.46 14.86 -23.78
N LEU D 292 -23.68 14.79 -25.09
CA LEU D 292 -24.67 15.68 -25.71
C LEU D 292 -26.10 15.25 -25.47
N GLY D 293 -26.33 13.98 -25.13
CA GLY D 293 -27.70 13.55 -24.93
C GLY D 293 -28.28 12.98 -26.21
N ILE D 294 -27.41 12.73 -27.20
CA ILE D 294 -27.83 12.17 -28.47
C ILE D 294 -27.67 10.64 -28.45
N GLU D 295 -28.79 9.95 -28.29
CA GLU D 295 -28.78 8.50 -28.22
C GLU D 295 -29.00 7.84 -29.56
N LEU D 296 -28.29 6.76 -29.79
CA LEU D 296 -28.39 5.98 -31.03
C LEU D 296 -29.57 5.03 -31.02
N ASP D 297 -30.02 4.59 -32.20
CA ASP D 297 -31.11 3.62 -32.20
C ASP D 297 -30.47 2.25 -31.96
N PRO D 298 -31.26 1.17 -31.95
CA PRO D 298 -30.69 -0.16 -31.71
C PRO D 298 -29.57 -0.63 -32.63
N ARG D 299 -29.56 -0.13 -33.86
CA ARG D 299 -28.53 -0.52 -34.81
C ARG D 299 -27.30 0.39 -34.77
N GLY D 300 -27.27 1.34 -33.83
CA GLY D 300 -26.14 2.25 -33.74
C GLY D 300 -26.29 3.50 -34.61
N ARG D 301 -27.41 3.65 -35.29
CA ARG D 301 -27.60 4.85 -36.13
C ARG D 301 -28.00 6.08 -35.30
N ILE D 302 -27.69 7.25 -35.85
CA ILE D 302 -28.04 8.52 -35.22
C ILE D 302 -29.42 8.92 -35.78
N PRO D 303 -30.45 9.05 -34.91
CA PRO D 303 -31.79 9.43 -35.36
C PRO D 303 -31.78 10.89 -35.83
N VAL D 304 -32.37 11.12 -37.01
CA VAL D 304 -32.44 12.47 -37.59
C VAL D 304 -33.85 12.75 -38.12
N ASN D 305 -34.24 14.03 -38.17
CA ASN D 305 -35.56 14.39 -38.70
C ASN D 305 -35.46 14.62 -40.24
N THR D 306 -36.49 15.20 -40.84
CA THR D 306 -36.45 15.37 -42.31
C THR D 306 -35.43 16.38 -42.83
N ARG D 307 -34.85 17.20 -41.95
CA ARG D 307 -33.78 18.13 -42.36
C ARG D 307 -32.41 17.57 -41.94
N PHE D 308 -32.42 16.31 -41.49
CA PHE D 308 -31.22 15.60 -41.02
C PHE D 308 -30.66 16.15 -39.70
N GLN D 309 -31.50 16.87 -38.98
CA GLN D 309 -31.12 17.41 -37.69
C GLN D 309 -31.24 16.31 -36.63
N THR D 310 -30.27 16.25 -35.72
CA THR D 310 -30.33 15.31 -34.60
C THR D 310 -31.27 16.01 -33.62
N LYS D 311 -31.41 15.41 -32.45
CA LYS D 311 -32.21 15.93 -31.34
C LYS D 311 -31.76 17.38 -31.00
N ILE D 312 -30.50 17.69 -31.29
CA ILE D 312 -29.99 19.05 -31.08
C ILE D 312 -30.02 19.67 -32.49
N PRO D 313 -31.01 20.55 -32.77
CA PRO D 313 -31.21 21.20 -34.07
C PRO D 313 -30.06 21.77 -34.92
N ASN D 314 -28.95 22.19 -34.31
CA ASN D 314 -27.84 22.69 -35.11
C ASN D 314 -26.79 21.61 -35.32
N ILE D 315 -27.11 20.38 -34.90
CA ILE D 315 -26.23 19.23 -35.07
C ILE D 315 -26.95 18.24 -35.98
N TYR D 316 -26.29 17.93 -37.10
CA TYR D 316 -26.82 17.09 -38.13
C TYR D 316 -26.00 15.81 -38.32
N ALA D 317 -26.56 14.85 -39.05
CA ALA D 317 -25.92 13.57 -39.38
C ALA D 317 -26.45 13.09 -40.72
N ILE D 318 -25.57 12.48 -41.53
CA ILE D 318 -25.93 11.98 -42.85
C ILE D 318 -25.06 10.79 -43.20
N GLY D 319 -25.44 10.09 -44.25
CA GLY D 319 -24.63 8.99 -44.74
C GLY D 319 -24.80 7.68 -44.03
N ASP D 320 -23.72 6.90 -44.04
CA ASP D 320 -23.71 5.57 -43.45
C ASP D 320 -24.01 5.56 -41.96
N VAL D 321 -23.92 6.71 -41.32
CA VAL D 321 -24.18 6.80 -39.89
C VAL D 321 -25.67 6.95 -39.57
N VAL D 322 -26.50 7.15 -40.59
CA VAL D 322 -27.93 7.29 -40.35
C VAL D 322 -28.71 6.22 -41.11
N ALA D 323 -30.01 6.14 -40.86
CA ALA D 323 -30.83 5.15 -41.55
C ALA D 323 -30.83 5.30 -43.09
N GLY D 324 -31.22 4.21 -43.76
CA GLY D 324 -31.25 4.17 -45.21
C GLY D 324 -30.17 3.26 -45.77
N PRO D 325 -30.18 2.99 -47.08
CA PRO D 325 -29.19 2.12 -47.74
C PRO D 325 -27.79 2.70 -47.54
N MET D 326 -26.86 1.84 -47.13
CA MET D 326 -25.49 2.24 -46.88
C MET D 326 -24.75 2.24 -48.20
N LEU D 327 -24.95 3.33 -48.96
CA LEU D 327 -24.37 3.49 -50.27
C LEU D 327 -23.76 4.87 -50.42
N ALA D 328 -22.75 4.98 -51.28
CA ALA D 328 -22.06 6.26 -51.47
C ALA D 328 -22.93 7.36 -52.11
N HIS D 329 -23.71 7.03 -53.16
CA HIS D 329 -24.55 8.07 -53.81
C HIS D 329 -25.63 8.52 -52.84
N LYS D 330 -26.02 7.64 -51.93
CA LYS D 330 -26.99 7.95 -50.91
C LYS D 330 -26.41 8.99 -49.94
N ALA D 331 -25.20 8.74 -49.46
CA ALA D 331 -24.53 9.65 -48.54
C ALA D 331 -24.26 11.02 -49.20
N GLU D 332 -23.83 11.01 -50.46
CA GLU D 332 -23.57 12.28 -51.15
C GLU D 332 -24.83 13.11 -51.25
N ASP D 333 -25.92 12.49 -51.67
CA ASP D 333 -27.18 13.22 -51.81
C ASP D 333 -27.66 13.77 -50.49
N GLU D 334 -27.57 12.97 -49.42
CA GLU D 334 -28.00 13.41 -48.10
C GLU D 334 -27.14 14.61 -47.67
N GLY D 335 -25.86 14.59 -48.02
CA GLY D 335 -24.99 15.70 -47.67
C GLY D 335 -25.37 16.98 -48.39
N ILE D 336 -25.70 16.87 -49.69
CA ILE D 336 -26.10 18.05 -50.41
C ILE D 336 -27.43 18.63 -49.90
N ILE D 337 -28.45 17.81 -49.76
CA ILE D 337 -29.74 18.34 -49.35
C ILE D 337 -29.69 18.82 -47.92
N CYS D 338 -28.84 18.18 -47.12
CA CYS D 338 -28.73 18.59 -45.75
C CYS D 338 -28.21 20.04 -45.69
N VAL D 339 -27.15 20.36 -46.44
CA VAL D 339 -26.63 21.73 -46.36
C VAL D 339 -27.51 22.74 -47.12
N GLU D 340 -28.23 22.27 -48.14
CA GLU D 340 -29.19 23.14 -48.84
C GLU D 340 -30.27 23.48 -47.78
N GLY D 341 -30.61 22.52 -46.92
CA GLY D 341 -31.60 22.78 -45.89
C GLY D 341 -31.12 23.83 -44.90
N MET D 342 -29.82 23.77 -44.56
CA MET D 342 -29.23 24.72 -43.62
C MET D 342 -29.32 26.11 -44.25
N ALA D 343 -29.34 26.16 -45.58
CA ALA D 343 -29.42 27.43 -46.28
C ALA D 343 -30.88 27.79 -46.51
N GLY D 344 -31.78 27.04 -45.85
CA GLY D 344 -33.21 27.27 -45.92
C GLY D 344 -34.07 26.60 -46.99
N GLY D 345 -33.45 25.90 -47.94
CA GLY D 345 -34.19 25.26 -49.00
C GLY D 345 -34.89 23.97 -48.61
N ALA D 346 -35.69 23.45 -49.53
CA ALA D 346 -36.42 22.22 -49.36
C ALA D 346 -35.43 21.05 -49.27
N VAL D 347 -35.80 20.03 -48.54
CA VAL D 347 -34.93 18.87 -48.31
C VAL D 347 -35.73 17.63 -48.67
N HIS D 348 -35.34 16.94 -49.75
CA HIS D 348 -36.10 15.77 -50.17
C HIS D 348 -35.28 14.62 -50.71
N ILE D 349 -35.60 13.43 -50.25
CA ILE D 349 -34.95 12.24 -50.74
C ILE D 349 -35.91 11.10 -50.53
N ASP D 350 -36.10 10.31 -51.57
CA ASP D 350 -36.97 9.15 -51.50
C ASP D 350 -36.07 7.95 -51.67
N TYR D 351 -35.86 7.20 -50.60
CA TYR D 351 -34.97 6.05 -50.66
C TYR D 351 -35.41 4.96 -51.64
N ASN D 352 -36.68 5.02 -52.08
CA ASN D 352 -37.24 4.07 -53.07
C ASN D 352 -36.64 4.33 -54.43
N CYS D 353 -36.16 5.57 -54.65
CA CYS D 353 -35.56 5.97 -55.94
C CYS D 353 -34.03 6.00 -55.94
N VAL D 354 -33.43 5.47 -54.86
CA VAL D 354 -31.98 5.34 -54.72
C VAL D 354 -31.62 4.00 -55.40
N PRO D 355 -30.90 4.07 -56.51
CA PRO D 355 -30.61 2.76 -57.10
C PRO D 355 -29.55 1.93 -56.36
N SER D 356 -29.52 0.64 -56.67
CA SER D 356 -28.53 -0.28 -56.12
C SER D 356 -27.88 -0.91 -57.35
N VAL D 357 -26.55 -1.13 -57.29
CA VAL D 357 -25.83 -1.78 -58.39
C VAL D 357 -24.83 -2.79 -57.80
N ILE D 358 -24.67 -3.92 -58.49
CA ILE D 358 -23.69 -4.94 -58.09
C ILE D 358 -22.78 -4.98 -59.32
N TYR D 359 -21.50 -4.63 -59.14
CA TYR D 359 -20.54 -4.54 -60.26
C TYR D 359 -19.79 -5.76 -60.78
N THR D 360 -20.46 -6.91 -60.70
CA THR D 360 -19.94 -8.17 -61.20
C THR D 360 -20.15 -8.15 -62.72
N HIS D 361 -19.84 -9.26 -63.38
CA HIS D 361 -20.12 -9.36 -64.80
C HIS D 361 -20.83 -10.71 -64.94
N PRO D 362 -22.13 -10.70 -65.30
CA PRO D 362 -22.99 -9.54 -65.59
C PRO D 362 -23.25 -8.66 -64.36
N GLU D 363 -23.53 -7.37 -64.58
CA GLU D 363 -23.84 -6.47 -63.46
C GLU D 363 -25.31 -6.72 -63.08
N VAL D 364 -25.67 -6.21 -61.91
CA VAL D 364 -27.04 -6.30 -61.43
C VAL D 364 -27.39 -4.89 -60.96
N ALA D 365 -28.57 -4.41 -61.27
CA ALA D 365 -28.96 -3.09 -60.80
C ALA D 365 -30.47 -2.96 -60.72
N TRP D 366 -30.92 -2.26 -59.69
CA TRP D 366 -32.34 -2.02 -59.55
C TRP D 366 -32.63 -0.71 -58.82
N VAL D 367 -33.86 -0.24 -59.01
CA VAL D 367 -34.37 0.95 -58.37
C VAL D 367 -35.87 0.71 -58.28
N GLY D 368 -36.47 1.24 -57.24
CA GLY D 368 -37.89 1.05 -57.05
C GLY D 368 -38.16 -0.21 -56.26
N LYS D 369 -39.35 -0.78 -56.46
CA LYS D 369 -39.75 -1.95 -55.69
C LYS D 369 -39.49 -3.30 -56.38
N SER D 370 -39.23 -4.33 -55.57
CA SER D 370 -39.02 -5.69 -56.07
C SER D 370 -40.40 -6.34 -56.04
N GLU D 371 -40.55 -7.49 -56.67
CA GLU D 371 -41.85 -8.16 -56.63
C GLU D 371 -42.25 -8.54 -55.22
N GLU D 372 -41.29 -8.95 -54.40
CA GLU D 372 -41.62 -9.31 -53.02
C GLU D 372 -42.17 -8.09 -52.27
N GLN D 373 -41.65 -6.90 -52.57
CA GLN D 373 -42.12 -5.70 -51.90
C GLN D 373 -43.54 -5.35 -52.31
N LEU D 374 -43.82 -5.43 -53.60
CA LEU D 374 -45.15 -5.12 -54.08
C LEU D 374 -46.17 -6.11 -53.51
N LYS D 375 -45.79 -7.38 -53.44
CA LYS D 375 -46.70 -8.37 -52.89
C LYS D 375 -46.97 -8.09 -51.41
N GLU D 376 -45.93 -7.88 -50.62
CA GLU D 376 -46.16 -7.62 -49.21
C GLU D 376 -46.91 -6.29 -49.01
N GLU D 377 -46.74 -5.35 -49.93
CA GLU D 377 -47.43 -4.08 -49.81
C GLU D 377 -48.85 -4.18 -50.32
N GLY D 378 -49.14 -5.27 -51.01
CA GLY D 378 -50.48 -5.49 -51.56
C GLY D 378 -50.77 -4.70 -52.83
N ILE D 379 -49.70 -4.29 -53.56
CA ILE D 379 -49.87 -3.52 -54.78
C ILE D 379 -50.10 -4.43 -55.99
N GLU D 380 -51.20 -4.18 -56.74
CA GLU D 380 -51.47 -5.00 -57.94
C GLU D 380 -50.59 -4.51 -59.07
N TYR D 381 -49.80 -5.40 -59.65
CA TYR D 381 -48.87 -5.01 -60.70
C TYR D 381 -48.80 -5.98 -61.87
N LYS D 382 -48.17 -5.52 -62.95
CA LYS D 382 -47.95 -6.32 -64.15
C LYS D 382 -46.43 -6.39 -64.39
N VAL D 383 -45.99 -7.40 -65.14
CA VAL D 383 -44.58 -7.59 -65.38
C VAL D 383 -44.18 -7.57 -66.85
N GLY D 384 -43.07 -6.92 -67.14
CA GLY D 384 -42.56 -6.86 -68.48
C GLY D 384 -41.10 -7.31 -68.46
N LYS D 385 -40.74 -8.23 -69.33
CA LYS D 385 -39.37 -8.70 -69.35
C LYS D 385 -38.84 -8.71 -70.76
N PHE D 386 -37.52 -8.55 -70.88
CA PHE D 386 -36.85 -8.59 -72.15
C PHE D 386 -35.43 -9.14 -71.90
N PRO D 387 -35.05 -10.23 -72.59
CA PRO D 387 -33.71 -10.79 -72.39
C PRO D 387 -32.63 -10.10 -73.22
N PHE D 388 -31.42 -10.00 -72.67
CA PHE D 388 -30.34 -9.37 -73.43
C PHE D 388 -29.96 -10.22 -74.64
N ALA D 389 -30.26 -11.52 -74.59
CA ALA D 389 -29.97 -12.39 -75.72
C ALA D 389 -30.67 -11.87 -76.96
N ALA D 390 -31.77 -11.15 -76.77
CA ALA D 390 -32.52 -10.62 -77.90
C ALA D 390 -32.17 -9.16 -78.18
N ASN D 391 -31.24 -8.62 -77.39
CA ASN D 391 -30.81 -7.22 -77.58
C ASN D 391 -29.68 -7.18 -78.61
N SER D 392 -29.85 -6.32 -79.63
CA SER D 392 -28.86 -6.20 -80.68
C SER D 392 -27.42 -5.84 -80.27
N ARG D 393 -27.25 -4.91 -79.33
CA ARG D 393 -25.88 -4.58 -78.94
C ARG D 393 -25.27 -5.73 -78.15
N ALA D 394 -26.03 -6.29 -77.22
CA ALA D 394 -25.55 -7.40 -76.42
C ALA D 394 -25.14 -8.56 -77.35
N LYS D 395 -25.96 -8.82 -78.36
CA LYS D 395 -25.69 -9.92 -79.28
C LYS D 395 -24.44 -9.73 -80.14
N THR D 396 -24.30 -8.56 -80.74
CA THR D 396 -23.15 -8.26 -81.59
C THR D 396 -21.85 -8.29 -80.79
N ASN D 397 -21.95 -7.96 -79.51
CA ASN D 397 -20.80 -7.95 -78.62
C ASN D 397 -20.59 -9.33 -78.00
N ALA D 398 -21.57 -10.23 -78.17
CA ALA D 398 -21.53 -11.59 -77.63
C ALA D 398 -21.40 -11.60 -76.10
N ASP D 399 -22.24 -10.77 -75.47
CA ASP D 399 -22.29 -10.60 -74.02
C ASP D 399 -23.80 -10.54 -73.77
N THR D 400 -24.44 -11.71 -73.82
CA THR D 400 -25.89 -11.83 -73.72
C THR D 400 -26.63 -12.39 -72.49
N ASP D 401 -25.96 -12.55 -71.36
CA ASP D 401 -26.64 -13.05 -70.15
C ASP D 401 -27.65 -12.03 -69.59
N GLY D 402 -28.70 -12.54 -68.94
CA GLY D 402 -29.65 -11.67 -68.26
C GLY D 402 -30.84 -11.05 -68.96
N MET D 403 -31.45 -10.12 -68.24
CA MET D 403 -32.64 -9.46 -68.73
C MET D 403 -32.95 -8.18 -67.97
N VAL D 404 -33.95 -7.45 -68.47
CA VAL D 404 -34.47 -6.28 -67.80
C VAL D 404 -35.92 -6.65 -67.41
N LYS D 405 -36.26 -6.46 -66.13
CA LYS D 405 -37.60 -6.74 -65.64
C LYS D 405 -38.25 -5.45 -65.16
N ILE D 406 -39.43 -5.16 -65.72
CA ILE D 406 -40.17 -3.98 -65.35
C ILE D 406 -41.45 -4.32 -64.60
N LEU D 407 -41.70 -3.64 -63.50
CA LEU D 407 -42.91 -3.86 -62.71
C LEU D 407 -43.75 -2.59 -62.80
N GLY D 408 -44.97 -2.70 -63.35
CA GLY D 408 -45.84 -1.55 -63.48
C GLY D 408 -47.17 -1.73 -62.75
N GLN D 409 -47.72 -0.64 -62.21
CA GLN D 409 -48.99 -0.73 -61.50
C GLN D 409 -50.06 -1.21 -62.50
N LYS D 410 -50.77 -2.25 -62.11
CA LYS D 410 -51.79 -2.88 -62.95
C LYS D 410 -52.73 -1.92 -63.70
N SER D 411 -53.25 -0.91 -63.00
CA SER D 411 -54.17 0.00 -63.65
C SER D 411 -53.59 1.30 -64.23
N THR D 412 -52.66 1.93 -63.51
CA THR D 412 -52.07 3.19 -63.97
C THR D 412 -50.86 3.08 -64.91
N ASP D 413 -50.37 1.88 -65.13
CA ASP D 413 -49.20 1.64 -65.98
C ASP D 413 -47.97 2.37 -65.42
N ARG D 414 -48.08 2.87 -64.19
CA ARG D 414 -46.97 3.56 -63.54
C ARG D 414 -45.80 2.61 -63.25
N VAL D 415 -44.61 2.96 -63.69
CA VAL D 415 -43.46 2.08 -63.42
C VAL D 415 -43.23 2.06 -61.92
N LEU D 416 -43.17 0.88 -61.34
CA LEU D 416 -42.98 0.75 -59.90
C LEU D 416 -41.59 0.22 -59.54
N GLY D 417 -41.00 -0.51 -60.47
CA GLY D 417 -39.67 -1.08 -60.23
C GLY D 417 -38.97 -1.49 -61.52
N ALA D 418 -37.63 -1.35 -61.54
CA ALA D 418 -36.81 -1.72 -62.69
C ALA D 418 -35.68 -2.58 -62.14
N HIS D 419 -35.50 -3.75 -62.74
CA HIS D 419 -34.50 -4.72 -62.30
C HIS D 419 -33.73 -5.16 -63.52
N ILE D 420 -32.41 -4.98 -63.48
CA ILE D 420 -31.58 -5.30 -64.62
C ILE D 420 -30.49 -6.30 -64.24
N LEU D 421 -30.44 -7.40 -64.96
CA LEU D 421 -29.41 -8.41 -64.77
C LEU D 421 -28.71 -8.51 -66.13
N GLY D 422 -27.45 -8.13 -66.18
CA GLY D 422 -26.77 -8.21 -67.47
C GLY D 422 -25.80 -7.08 -67.76
N PRO D 423 -25.32 -7.01 -69.00
CA PRO D 423 -24.37 -5.98 -69.45
C PRO D 423 -24.92 -4.54 -69.36
N GLY D 424 -24.10 -3.66 -68.79
CA GLY D 424 -24.45 -2.26 -68.65
C GLY D 424 -25.55 -1.92 -67.65
N ALA D 425 -25.86 -2.83 -66.74
CA ALA D 425 -26.90 -2.60 -65.74
C ALA D 425 -26.67 -1.34 -64.91
N GLY D 426 -25.45 -1.17 -64.43
CA GLY D 426 -25.09 -0.02 -63.60
C GLY D 426 -25.37 1.33 -64.20
N GLU D 427 -25.09 1.47 -65.49
CA GLU D 427 -25.34 2.71 -66.18
C GLU D 427 -26.83 2.84 -66.52
N MET D 428 -27.42 1.73 -66.95
CA MET D 428 -28.81 1.71 -67.35
C MET D 428 -29.83 2.07 -66.25
N VAL D 429 -29.48 1.76 -65.00
CA VAL D 429 -30.38 1.98 -63.88
C VAL D 429 -30.61 3.47 -63.60
N ASN D 430 -29.72 4.31 -64.12
CA ASN D 430 -29.88 5.74 -63.92
C ASN D 430 -31.00 6.31 -64.83
N GLU D 431 -31.20 5.70 -65.99
CA GLU D 431 -32.31 6.14 -66.85
C GLU D 431 -33.57 5.76 -66.08
N ALA D 432 -33.55 4.57 -65.47
CA ALA D 432 -34.71 4.09 -64.71
C ALA D 432 -34.98 5.00 -63.55
N ALA D 433 -33.92 5.45 -62.89
CA ALA D 433 -34.10 6.35 -61.76
C ALA D 433 -34.78 7.67 -62.20
N LEU D 434 -34.38 8.23 -63.35
CA LEU D 434 -35.02 9.45 -63.83
C LEU D 434 -36.51 9.16 -64.06
N ALA D 435 -36.82 8.01 -64.66
CA ALA D 435 -38.19 7.60 -64.95
C ALA D 435 -39.04 7.60 -63.67
N LEU D 436 -38.55 6.90 -62.66
CA LEU D 436 -39.25 6.84 -61.38
C LEU D 436 -39.40 8.19 -60.74
N GLU D 437 -38.39 9.03 -60.86
CA GLU D 437 -38.50 10.36 -60.25
C GLU D 437 -39.65 11.15 -60.89
N TYR D 438 -39.82 10.97 -62.20
CA TYR D 438 -40.88 11.70 -62.94
C TYR D 438 -42.25 11.03 -62.84
N GLY D 439 -42.31 9.85 -62.25
CA GLY D 439 -43.57 9.14 -62.15
C GLY D 439 -43.92 8.61 -63.53
N ALA D 440 -42.92 8.22 -64.31
CA ALA D 440 -43.19 7.68 -65.64
C ALA D 440 -44.09 6.46 -65.66
N SER D 441 -44.69 6.23 -66.82
CA SER D 441 -45.52 5.07 -67.06
C SER D 441 -44.66 4.19 -67.97
N CYS D 442 -44.91 2.89 -67.97
CA CYS D 442 -44.18 1.97 -68.83
C CYS D 442 -44.30 2.44 -70.26
N GLU D 443 -45.49 2.92 -70.62
CA GLU D 443 -45.74 3.42 -71.95
C GLU D 443 -44.90 4.66 -72.27
N ASP D 444 -44.72 5.55 -71.30
CA ASP D 444 -43.90 6.73 -71.56
C ASP D 444 -42.52 6.28 -72.02
N ILE D 445 -41.98 5.29 -71.31
CA ILE D 445 -40.66 4.77 -71.62
C ILE D 445 -40.57 4.14 -72.99
N ALA D 446 -41.50 3.23 -73.28
CA ALA D 446 -41.48 2.54 -74.58
C ALA D 446 -41.58 3.52 -75.77
N ARG D 447 -42.20 4.67 -75.55
CA ARG D 447 -42.35 5.64 -76.63
C ARG D 447 -41.18 6.61 -76.78
N VAL D 448 -40.20 6.58 -75.87
CA VAL D 448 -39.02 7.46 -76.01
C VAL D 448 -38.09 6.77 -77.00
N CYS D 449 -37.63 7.52 -78.00
CA CYS D 449 -36.73 6.96 -78.98
C CYS D 449 -35.36 6.69 -78.37
N HIS D 450 -34.99 5.41 -78.23
CA HIS D 450 -33.68 5.03 -77.71
C HIS D 450 -32.79 4.78 -78.92
N ALA D 451 -31.51 5.07 -78.81
CA ALA D 451 -30.59 4.86 -79.91
C ALA D 451 -30.42 3.37 -80.21
N HIS D 452 -30.25 3.08 -81.49
CA HIS D 452 -30.02 1.71 -81.96
C HIS D 452 -28.62 1.64 -82.55
N PRO D 453 -27.81 0.63 -82.18
CA PRO D 453 -28.07 -0.46 -81.25
C PRO D 453 -27.49 -0.17 -79.87
N THR D 454 -28.34 -0.18 -78.84
CA THR D 454 -27.85 0.05 -77.48
C THR D 454 -28.48 -0.94 -76.52
N LEU D 455 -27.76 -1.23 -75.44
CA LEU D 455 -28.27 -2.12 -74.43
C LEU D 455 -29.55 -1.51 -73.80
N SER D 456 -29.64 -0.18 -73.82
CA SER D 456 -30.80 0.52 -73.25
C SER D 456 -32.11 0.11 -73.94
N GLU D 457 -32.02 -0.37 -75.18
CA GLU D 457 -33.21 -0.81 -75.92
C GLU D 457 -33.92 -1.95 -75.19
N ALA D 458 -33.16 -2.70 -74.40
CA ALA D 458 -33.73 -3.80 -73.64
C ALA D 458 -34.60 -3.18 -72.57
N PHE D 459 -34.16 -2.02 -72.04
CA PHE D 459 -34.95 -1.31 -71.03
C PHE D 459 -36.25 -0.85 -71.64
N ARG D 460 -36.13 -0.25 -72.82
CA ARG D 460 -37.27 0.25 -73.58
C ARG D 460 -38.27 -0.88 -73.88
N GLU D 461 -37.77 -1.98 -74.42
CA GLU D 461 -38.57 -3.14 -74.77
C GLU D 461 -39.31 -3.79 -73.61
N ALA D 462 -38.66 -3.92 -72.44
CA ALA D 462 -39.31 -4.52 -71.28
C ALA D 462 -40.44 -3.61 -70.83
N ASN D 463 -40.27 -2.30 -71.01
CA ASN D 463 -41.32 -1.37 -70.63
C ASN D 463 -42.50 -1.51 -71.59
N LEU D 464 -42.20 -1.70 -72.88
CA LEU D 464 -43.22 -1.89 -73.90
C LEU D 464 -43.98 -3.19 -73.60
N ALA D 465 -43.26 -4.24 -73.22
CA ALA D 465 -43.90 -5.50 -72.90
C ALA D 465 -44.88 -5.33 -71.73
N ALA D 466 -44.47 -4.60 -70.71
CA ALA D 466 -45.29 -4.35 -69.52
C ALA D 466 -46.50 -3.50 -69.85
N SER D 467 -46.31 -2.56 -70.76
CA SER D 467 -47.38 -1.65 -71.17
C SER D 467 -48.37 -2.32 -72.13
N PHE D 468 -47.86 -2.67 -73.30
CA PHE D 468 -48.62 -3.29 -74.38
C PHE D 468 -48.89 -4.79 -74.20
N GLY D 469 -47.99 -5.49 -73.54
CA GLY D 469 -48.16 -6.92 -73.34
C GLY D 469 -47.11 -7.69 -74.11
N LYS D 470 -46.68 -7.12 -75.25
CA LYS D 470 -45.67 -7.72 -76.12
C LYS D 470 -44.58 -6.72 -76.52
N SER D 471 -43.35 -7.19 -76.62
CA SER D 471 -42.26 -6.33 -77.05
C SER D 471 -42.12 -6.72 -78.53
N ILE D 472 -41.35 -5.94 -79.28
CA ILE D 472 -41.18 -6.25 -80.70
C ILE D 472 -40.12 -7.31 -81.05
N ASN D 473 -39.00 -7.34 -80.33
CA ASN D 473 -37.91 -8.28 -80.64
C ASN D 473 -37.80 -9.58 -79.84
N PHE D 474 -38.85 -9.91 -79.10
CA PHE D 474 -38.87 -11.16 -78.34
C PHE D 474 -40.32 -11.52 -78.12
N ASP E 2 10.60 17.56 84.29
CA ASP E 2 11.91 17.31 83.58
C ASP E 2 11.73 16.40 82.33
N GLN E 3 11.51 15.09 82.49
CA GLN E 3 11.32 14.13 81.36
C GLN E 3 12.04 14.46 80.03
N PRO E 4 13.35 14.74 80.10
CA PRO E 4 14.18 15.09 78.94
C PRO E 4 13.91 14.26 77.70
N ILE E 5 13.98 14.91 76.53
CA ILE E 5 13.77 14.24 75.25
C ILE E 5 15.11 14.00 74.57
N ASP E 6 15.15 12.95 73.78
CA ASP E 6 16.35 12.55 73.06
C ASP E 6 16.03 12.59 71.56
N ALA E 7 16.85 13.29 70.79
CA ALA E 7 16.63 13.39 69.34
C ALA E 7 17.88 13.51 68.49
N ASP E 8 17.74 13.06 67.25
CA ASP E 8 18.83 13.12 66.27
C ASP E 8 18.85 14.51 65.65
N VAL E 9 17.66 14.98 65.27
CA VAL E 9 17.50 16.29 64.66
C VAL E 9 16.40 17.09 65.38
N THR E 10 16.77 18.28 65.86
CA THR E 10 15.80 19.14 66.53
C THR E 10 15.62 20.47 65.77
N VAL E 11 14.44 20.63 65.19
CA VAL E 11 14.12 21.80 64.40
C VAL E 11 13.35 22.85 65.21
N ILE E 12 13.96 24.03 65.30
CA ILE E 12 13.37 25.15 66.02
C ILE E 12 12.62 26.05 65.03
N GLY E 13 11.30 25.85 64.98
CA GLY E 13 10.44 26.62 64.08
C GLY E 13 9.69 25.74 63.10
N SER E 14 8.38 25.96 62.95
CA SER E 14 7.56 25.13 62.04
C SER E 14 7.08 25.84 60.76
N GLY E 15 7.83 26.85 60.33
CA GLY E 15 7.48 27.52 59.11
C GLY E 15 7.84 26.62 57.94
N PRO E 16 7.69 27.11 56.70
CA PRO E 16 8.02 26.32 55.50
C PRO E 16 9.35 25.61 55.63
N GLY E 17 10.35 26.36 56.08
CA GLY E 17 11.68 25.79 56.23
C GLY E 17 11.74 24.69 57.28
N GLY E 18 11.35 25.01 58.51
CA GLY E 18 11.35 24.04 59.60
C GLY E 18 10.41 22.85 59.45
N TYR E 19 9.12 23.07 59.20
CA TYR E 19 8.22 21.92 59.11
C TYR E 19 8.57 20.95 57.97
N VAL E 20 9.06 21.47 56.83
CA VAL E 20 9.47 20.61 55.72
C VAL E 20 10.80 19.93 56.07
N ALA E 21 11.68 20.67 56.76
CA ALA E 21 12.97 20.14 57.20
C ALA E 21 12.70 18.99 58.17
N ALA E 22 11.69 19.16 59.01
CA ALA E 22 11.30 18.15 60.00
C ALA E 22 10.85 16.83 59.35
N ILE E 23 9.90 16.95 58.43
CA ILE E 23 9.34 15.80 57.75
C ILE E 23 10.42 15.08 56.95
N LYS E 24 11.22 15.82 56.22
CA LYS E 24 12.26 15.21 55.40
C LYS E 24 13.24 14.44 56.28
N ALA E 25 13.60 15.02 57.42
CA ALA E 25 14.51 14.40 58.37
C ALA E 25 13.98 13.05 58.87
N ALA E 26 12.73 13.04 59.33
CA ALA E 26 12.12 11.81 59.82
C ALA E 26 12.08 10.76 58.71
N GLN E 27 11.70 11.21 57.51
CA GLN E 27 11.60 10.34 56.33
C GLN E 27 12.98 9.76 55.95
N LEU E 28 14.06 10.46 56.31
CA LEU E 28 15.41 10.03 55.99
C LEU E 28 15.93 9.01 57.01
N GLY E 29 15.31 9.00 58.19
CA GLY E 29 15.72 8.06 59.21
C GLY E 29 15.94 8.67 60.59
N PHE E 30 16.18 9.98 60.65
CA PHE E 30 16.42 10.68 61.90
C PHE E 30 15.24 10.73 62.85
N LYS E 31 15.54 10.67 64.15
CA LYS E 31 14.56 10.76 65.22
C LYS E 31 14.38 12.28 65.29
N THR E 32 13.19 12.75 64.94
CA THR E 32 12.96 14.20 64.83
C THR E 32 11.99 14.98 65.72
N VAL E 33 12.48 16.11 66.22
CA VAL E 33 11.70 17.01 67.06
C VAL E 33 11.59 18.41 66.45
N CYS E 34 10.37 18.96 66.48
CA CYS E 34 10.14 20.30 65.95
C CYS E 34 9.50 21.17 67.02
N ILE E 35 10.18 22.27 67.34
CA ILE E 35 9.71 23.20 68.35
C ILE E 35 8.98 24.40 67.71
N GLU E 36 7.76 24.66 68.17
CA GLU E 36 6.99 25.81 67.68
C GLU E 36 6.40 26.57 68.87
N LYS E 37 6.81 27.83 69.00
CA LYS E 37 6.33 28.71 70.08
C LYS E 37 4.91 29.25 69.92
N ASN E 38 4.43 29.29 68.68
CA ASN E 38 3.09 29.81 68.42
C ASN E 38 2.02 28.74 68.60
N GLU E 39 0.75 29.16 68.55
CA GLU E 39 -0.39 28.27 68.75
C GLU E 39 -0.56 27.23 67.64
N THR E 40 -0.14 27.57 66.43
CA THR E 40 -0.24 26.64 65.31
C THR E 40 1.10 26.50 64.61
N LEU E 41 1.16 25.53 63.71
CA LEU E 41 2.35 25.26 62.92
C LEU E 41 2.18 26.01 61.59
N GLY E 42 3.26 26.12 60.81
CA GLY E 42 3.13 26.79 59.54
C GLY E 42 3.86 28.11 59.42
N GLY E 43 4.33 28.64 60.55
CA GLY E 43 5.06 29.89 60.53
C GLY E 43 4.40 31.09 59.87
N THR E 44 5.22 32.03 59.40
CA THR E 44 4.71 33.23 58.76
C THR E 44 3.80 32.92 57.55
N CYS E 45 4.34 32.12 56.62
N CYS E 45 4.35 32.10 56.64
CA CYS E 45 3.65 31.73 55.40
CA CYS E 45 3.66 31.69 55.41
C CYS E 45 2.20 31.25 55.55
C CYS E 45 2.22 31.24 55.55
N LEU E 46 1.97 30.26 56.40
CA LEU E 46 0.62 29.76 56.56
C LEU E 46 -0.35 30.60 57.35
N ASN E 47 0.12 31.15 58.48
CA ASN E 47 -0.78 31.92 59.34
C ASN E 47 -0.99 33.40 59.04
N VAL E 48 0.05 34.11 58.59
CA VAL E 48 -0.12 35.53 58.31
C VAL E 48 0.66 35.89 57.06
N GLY E 49 0.86 34.92 56.19
CA GLY E 49 1.62 35.23 55.01
C GLY E 49 1.01 34.78 53.71
N CYS E 50 1.71 33.84 53.08
N CYS E 50 1.72 33.87 53.04
CA CYS E 50 1.34 33.26 51.80
CA CYS E 50 1.30 33.36 51.75
C CYS E 50 -0.13 32.87 51.64
C CYS E 50 -0.14 32.86 51.62
N ILE E 51 -0.62 32.04 52.55
CA ILE E 51 -1.99 31.53 52.45
C ILE E 51 -3.06 32.58 52.63
N PRO E 52 -3.01 33.37 53.70
CA PRO E 52 -4.11 34.33 53.78
C PRO E 52 -4.05 35.40 52.66
N SER E 53 -2.86 35.88 52.33
CA SER E 53 -2.76 36.86 51.28
C SER E 53 -3.33 36.28 49.96
N LYS E 54 -2.88 35.09 49.54
CA LYS E 54 -3.40 34.51 48.30
C LYS E 54 -4.95 34.32 48.31
N ALA E 55 -5.52 33.89 49.43
CA ALA E 55 -6.97 33.75 49.54
C ALA E 55 -7.70 35.09 49.26
N LEU E 56 -7.23 36.16 49.90
CA LEU E 56 -7.84 37.46 49.69
C LEU E 56 -7.61 37.97 48.27
N LEU E 57 -6.44 37.69 47.69
CA LEU E 57 -6.17 38.16 46.32
C LEU E 57 -7.14 37.47 45.37
N ASN E 58 -7.37 36.19 45.65
CA ASN E 58 -8.26 35.38 44.88
C ASN E 58 -9.71 35.83 44.97
N ASN E 59 -10.18 36.07 46.19
CA ASN E 59 -11.55 36.48 46.41
C ASN E 59 -11.78 37.91 45.95
N SER E 60 -10.82 38.78 46.21
CA SER E 60 -10.97 40.16 45.78
C SER E 60 -10.95 40.22 44.26
N HIS E 61 -10.17 39.35 43.60
CA HIS E 61 -10.16 39.36 42.14
C HIS E 61 -11.51 38.95 41.58
N TYR E 62 -12.10 37.90 42.14
CA TYR E 62 -13.41 37.45 41.68
C TYR E 62 -14.50 38.47 41.96
N TYR E 63 -14.39 39.18 43.07
CA TYR E 63 -15.37 40.21 43.40
C TYR E 63 -15.28 41.27 42.28
N HIS E 64 -14.06 41.66 41.93
CA HIS E 64 -13.83 42.66 40.89
C HIS E 64 -14.44 42.25 39.54
N MET E 65 -14.25 40.98 39.18
CA MET E 65 -14.76 40.45 37.93
C MET E 65 -16.29 40.48 37.89
N ALA E 66 -16.91 40.12 38.99
CA ALA E 66 -18.36 40.09 39.09
C ALA E 66 -18.96 41.48 39.26
N HIS E 67 -18.30 42.33 40.04
CA HIS E 67 -18.78 43.67 40.32
C HIS E 67 -18.47 44.69 39.24
N GLY E 68 -17.42 44.44 38.48
CA GLY E 68 -17.05 45.38 37.42
C GLY E 68 -17.65 44.99 36.09
N THR E 69 -16.93 45.23 35.01
CA THR E 69 -17.50 44.94 33.72
C THR E 69 -17.24 43.55 33.16
N ASP E 70 -16.30 42.84 33.76
CA ASP E 70 -15.93 41.54 33.18
C ASP E 70 -17.06 40.54 33.00
N PHE E 71 -17.74 40.17 34.07
CA PHE E 71 -18.81 39.18 33.95
C PHE E 71 -19.93 39.56 32.97
N ALA E 72 -20.35 40.82 33.00
CA ALA E 72 -21.40 41.31 32.10
C ALA E 72 -20.98 41.14 30.64
N SER E 73 -19.71 41.39 30.35
CA SER E 73 -19.23 41.26 28.97
C SER E 73 -19.31 39.82 28.54
N ARG E 74 -19.40 38.90 29.50
CA ARG E 74 -19.48 37.47 29.17
C ARG E 74 -20.91 36.94 29.20
N GLY E 75 -21.88 37.83 29.39
CA GLY E 75 -23.26 37.39 29.46
C GLY E 75 -23.64 36.80 30.83
N ILE E 76 -22.88 37.14 31.87
CA ILE E 76 -23.21 36.66 33.20
C ILE E 76 -23.78 37.92 33.87
N GLU E 77 -25.09 38.00 33.94
CA GLU E 77 -25.75 39.18 34.49
C GLU E 77 -26.37 39.10 35.86
N MET E 78 -25.93 40.01 36.74
CA MET E 78 -26.39 40.14 38.13
C MET E 78 -26.93 41.56 38.29
N SER E 79 -27.99 41.72 39.07
CA SER E 79 -28.53 43.05 39.28
C SER E 79 -27.63 43.76 40.29
N GLU E 80 -27.25 43.05 41.34
CA GLU E 80 -26.40 43.67 42.32
C GLU E 80 -25.33 42.74 42.85
N VAL E 81 -24.13 43.26 43.01
CA VAL E 81 -23.02 42.51 43.54
C VAL E 81 -22.61 43.29 44.77
N ARG E 82 -22.73 42.66 45.93
CA ARG E 82 -22.38 43.27 47.19
C ARG E 82 -21.20 42.54 47.83
N LEU E 83 -20.45 43.27 48.63
CA LEU E 83 -19.34 42.68 49.33
C LEU E 83 -19.73 42.27 50.73
N ASN E 84 -19.45 41.03 51.11
CA ASN E 84 -19.70 40.61 52.47
C ASN E 84 -18.29 40.33 53.01
N LEU E 85 -17.61 41.37 53.50
CA LEU E 85 -16.25 41.21 53.99
C LEU E 85 -16.10 40.11 55.07
N ASP E 86 -17.10 39.97 55.95
CA ASP E 86 -17.02 38.93 56.98
C ASP E 86 -16.93 37.55 56.37
N LYS E 87 -17.79 37.30 55.39
CA LYS E 87 -17.80 36.02 54.70
C LYS E 87 -16.50 35.79 53.88
N MET E 88 -15.99 36.85 53.28
CA MET E 88 -14.75 36.73 52.49
C MET E 88 -13.57 36.40 53.42
N MET E 89 -13.58 37.00 54.61
CA MET E 89 -12.51 36.77 55.59
C MET E 89 -12.62 35.34 56.11
N GLU E 90 -13.85 34.88 56.22
CA GLU E 90 -14.14 33.51 56.65
C GLU E 90 -13.50 32.48 55.70
N GLN E 91 -13.73 32.64 54.39
CA GLN E 91 -13.16 31.71 53.42
C GLN E 91 -11.63 31.69 53.60
N LYS E 92 -11.05 32.87 53.84
CA LYS E 92 -9.62 33.00 54.09
C LYS E 92 -9.21 32.19 55.34
N SER E 93 -9.89 32.46 56.47
CA SER E 93 -9.61 31.80 57.75
C SER E 93 -9.69 30.29 57.63
N THR E 94 -10.71 29.85 56.92
CA THR E 94 -10.93 28.43 56.73
C THR E 94 -9.76 27.75 56.04
N ALA E 95 -9.18 28.40 55.05
CA ALA E 95 -8.07 27.79 54.34
C ALA E 95 -6.86 27.71 55.26
N VAL E 96 -6.63 28.77 56.04
CA VAL E 96 -5.50 28.79 56.97
C VAL E 96 -5.64 27.68 57.99
N LYS E 97 -6.86 27.47 58.48
CA LYS E 97 -7.07 26.44 59.49
C LYS E 97 -6.78 25.04 58.94
N ALA E 98 -7.32 24.76 57.76
CA ALA E 98 -7.13 23.46 57.13
C ALA E 98 -5.66 23.15 56.84
N LEU E 99 -4.93 24.14 56.33
CA LEU E 99 -3.53 23.91 56.02
C LEU E 99 -2.68 23.79 57.29
N THR E 100 -3.00 24.56 58.32
CA THR E 100 -2.22 24.45 59.55
C THR E 100 -2.45 23.07 60.19
N GLY E 101 -3.71 22.64 60.25
CA GLY E 101 -4.00 21.35 60.82
C GLY E 101 -3.33 20.25 60.02
N GLY E 102 -3.25 20.49 58.71
CA GLY E 102 -2.61 19.55 57.82
C GLY E 102 -1.16 19.35 58.20
N ILE E 103 -0.50 20.40 58.68
CA ILE E 103 0.89 20.24 59.07
C ILE E 103 0.96 19.27 60.26
N ALA E 104 0.05 19.46 61.21
CA ALA E 104 -0.01 18.60 62.40
C ALA E 104 -0.16 17.13 61.99
N HIS E 105 -1.08 16.88 61.05
CA HIS E 105 -1.31 15.52 60.60
C HIS E 105 -0.09 14.93 59.88
N LEU E 106 0.65 15.77 59.17
CA LEU E 106 1.85 15.30 58.48
C LEU E 106 2.94 14.96 59.50
N PHE E 107 3.00 15.71 60.60
CA PHE E 107 3.98 15.46 61.65
C PHE E 107 3.67 14.09 62.28
N LYS E 108 2.38 13.85 62.54
CA LYS E 108 1.94 12.59 63.11
C LYS E 108 2.35 11.47 62.16
N GLN E 109 1.85 11.54 60.93
CA GLN E 109 2.14 10.55 59.89
C GLN E 109 3.63 10.23 59.74
N ASN E 110 4.48 11.25 59.81
CA ASN E 110 5.92 11.04 59.67
C ASN E 110 6.65 10.84 61.00
N LYS E 111 5.88 10.79 62.09
CA LYS E 111 6.43 10.59 63.43
C LYS E 111 7.39 11.67 63.92
N VAL E 112 7.07 12.92 63.60
CA VAL E 112 7.88 14.03 64.07
C VAL E 112 7.31 14.37 65.45
N VAL E 113 8.18 14.72 66.38
CA VAL E 113 7.75 15.06 67.72
C VAL E 113 7.52 16.55 67.84
N HIS E 114 6.26 16.92 68.00
CA HIS E 114 5.91 18.32 68.13
C HIS E 114 5.98 18.84 69.56
N VAL E 115 6.97 19.70 69.81
CA VAL E 115 7.14 20.32 71.12
C VAL E 115 6.70 21.77 71.03
N ASN E 116 5.70 22.13 71.84
CA ASN E 116 5.18 23.49 71.87
C ASN E 116 5.93 24.26 72.96
N GLY E 117 6.40 25.46 72.64
CA GLY E 117 7.15 26.26 73.58
C GLY E 117 8.26 27.07 72.92
N TYR E 118 8.71 28.12 73.60
CA TYR E 118 9.77 28.98 73.07
C TYR E 118 11.12 28.28 73.25
N GLY E 119 11.80 27.99 72.13
CA GLY E 119 13.07 27.30 72.19
C GLY E 119 14.30 28.16 72.36
N LYS E 120 15.25 27.63 73.14
CA LYS E 120 16.51 28.31 73.39
C LYS E 120 17.63 27.27 73.39
N ILE E 121 18.65 27.53 72.57
CA ILE E 121 19.80 26.62 72.51
C ILE E 121 20.60 26.86 73.79
N THR E 122 20.47 25.91 74.72
CA THR E 122 21.13 25.98 76.01
C THR E 122 22.48 25.24 76.06
N GLY E 123 22.73 24.40 75.06
CA GLY E 123 23.97 23.67 74.98
C GLY E 123 24.27 23.33 73.53
N LYS E 124 25.54 23.08 73.20
CA LYS E 124 25.92 22.75 71.84
C LYS E 124 25.12 21.58 71.32
N ASN E 125 24.59 20.78 72.24
CA ASN E 125 23.79 19.60 71.90
C ASN E 125 22.51 19.58 72.72
N GLN E 126 22.06 20.76 73.15
CA GLN E 126 20.85 20.83 73.97
C GLN E 126 19.97 22.01 73.63
N VAL E 127 18.66 21.75 73.57
CA VAL E 127 17.68 22.79 73.28
C VAL E 127 16.58 22.75 74.35
N THR E 128 16.20 23.91 74.86
CA THR E 128 15.17 23.97 75.90
C THR E 128 13.95 24.78 75.50
N ALA E 129 12.77 24.17 75.62
CA ALA E 129 11.51 24.80 75.26
C ALA E 129 10.69 25.17 76.51
N THR E 130 10.35 26.45 76.60
CA THR E 130 9.58 26.97 77.73
C THR E 130 8.14 27.19 77.31
N LYS E 131 7.24 26.36 77.84
CA LYS E 131 5.82 26.41 77.50
C LYS E 131 5.00 27.65 77.87
N ALA E 132 5.67 28.75 78.21
CA ALA E 132 4.97 29.99 78.53
C ALA E 132 4.17 29.95 79.83
N ASP E 133 3.75 28.75 80.24
CA ASP E 133 3.02 28.59 81.50
C ASP E 133 4.13 28.27 82.51
N GLY E 134 5.37 28.58 82.11
CA GLY E 134 6.53 28.34 82.96
C GLY E 134 7.21 27.01 82.68
N GLY E 135 6.40 25.99 82.37
CA GLY E 135 6.93 24.66 82.09
C GLY E 135 8.03 24.61 81.06
N THR E 136 8.95 23.66 81.22
CA THR E 136 10.05 23.53 80.28
C THR E 136 10.24 22.09 79.79
N GLN E 137 10.90 21.97 78.65
CA GLN E 137 11.19 20.68 78.05
C GLN E 137 12.58 20.77 77.44
N VAL E 138 13.45 19.87 77.89
CA VAL E 138 14.81 19.86 77.39
C VAL E 138 14.99 18.73 76.39
N ILE E 139 15.62 19.05 75.26
CA ILE E 139 15.87 18.04 74.26
C ILE E 139 17.38 18.02 74.05
N ASP E 140 17.95 16.83 74.18
CA ASP E 140 19.37 16.67 73.96
C ASP E 140 19.35 16.09 72.57
N THR E 141 20.13 16.68 71.69
CA THR E 141 20.10 16.27 70.31
C THR E 141 21.47 16.36 69.69
N LYS E 142 21.69 15.50 68.69
CA LYS E 142 22.96 15.48 67.97
C LYS E 142 23.04 16.72 67.06
N ASN E 143 21.91 17.08 66.46
CA ASN E 143 21.87 18.23 65.57
C ASN E 143 20.78 19.24 65.87
N ILE E 144 21.15 20.50 65.70
CA ILE E 144 20.22 21.62 65.90
C ILE E 144 20.06 22.36 64.56
N LEU E 145 18.81 22.53 64.13
CA LEU E 145 18.45 23.25 62.91
C LEU E 145 17.54 24.45 63.25
N ILE E 146 18.11 25.64 63.13
CA ILE E 146 17.42 26.89 63.39
C ILE E 146 16.65 27.31 62.14
N ALA E 147 15.33 27.37 62.27
CA ALA E 147 14.44 27.80 61.20
C ALA E 147 13.41 28.73 61.89
N THR E 148 13.94 29.74 62.58
CA THR E 148 13.17 30.72 63.35
C THR E 148 12.58 31.90 62.55
N GLY E 149 12.81 31.86 61.23
CA GLY E 149 12.24 32.86 60.34
C GLY E 149 12.49 34.35 60.48
N SER E 150 11.42 35.10 60.29
CA SER E 150 11.48 36.56 60.28
C SER E 150 10.35 37.24 61.02
N GLU E 151 10.39 38.57 60.97
CA GLU E 151 9.38 39.40 61.61
C GLU E 151 9.35 40.69 60.79
N VAL E 152 8.30 41.47 60.97
CA VAL E 152 8.16 42.73 60.24
C VAL E 152 9.26 43.68 60.63
N THR E 153 9.75 44.44 59.66
CA THR E 153 10.76 45.44 59.92
C THR E 153 9.95 46.68 60.31
N PRO E 154 10.19 47.23 61.50
CA PRO E 154 9.40 48.40 61.84
C PRO E 154 9.91 49.66 61.14
N PHE E 155 9.06 50.68 61.11
CA PHE E 155 9.44 51.95 60.51
C PHE E 155 9.71 52.86 61.70
N PRO E 156 10.99 53.25 61.90
CA PRO E 156 11.35 54.11 63.03
C PRO E 156 10.50 55.36 63.14
N GLY E 157 9.76 55.47 64.25
CA GLY E 157 8.91 56.62 64.49
C GLY E 157 7.43 56.33 64.34
N ILE E 158 7.12 55.22 63.68
CA ILE E 158 5.74 54.84 63.48
C ILE E 158 5.59 53.53 64.22
N THR E 159 4.60 53.47 65.09
CA THR E 159 4.39 52.27 65.87
C THR E 159 3.16 51.58 65.33
N ILE E 160 3.36 50.34 64.91
CA ILE E 160 2.28 49.54 64.40
C ILE E 160 1.44 49.05 65.57
N ASP E 161 0.12 49.22 65.49
CA ASP E 161 -0.76 48.77 66.54
C ASP E 161 -1.74 47.74 66.01
N GLU E 162 -1.58 47.39 64.74
CA GLU E 162 -2.44 46.42 64.07
C GLU E 162 -3.93 46.79 64.15
N ASP E 163 -4.21 48.08 64.28
CA ASP E 163 -5.58 48.57 64.31
C ASP E 163 -5.78 49.47 63.08
N THR E 164 -5.14 50.63 63.06
CA THR E 164 -5.26 51.54 61.92
C THR E 164 -3.87 51.69 61.31
N ILE E 165 -2.86 51.43 62.12
CA ILE E 165 -1.47 51.46 61.66
C ILE E 165 -1.06 49.97 61.70
N VAL E 166 -1.13 49.31 60.54
CA VAL E 166 -0.87 47.87 60.45
C VAL E 166 0.32 47.41 59.63
N SER E 167 0.69 46.16 59.88
CA SER E 167 1.74 45.48 59.13
C SER E 167 0.86 44.57 58.23
N SER E 168 1.48 43.65 57.51
CA SER E 168 0.73 42.73 56.65
C SER E 168 -0.29 41.94 57.46
N THR E 169 0.07 41.64 58.70
CA THR E 169 -0.82 40.87 59.58
C THR E 169 -2.14 41.60 59.82
N GLY E 170 -2.07 42.86 60.27
CA GLY E 170 -3.30 43.62 60.50
C GLY E 170 -4.04 43.82 59.18
N ALA E 171 -3.27 44.08 58.11
CA ALA E 171 -3.89 44.31 56.81
C ALA E 171 -4.66 43.10 56.30
N LEU E 172 -4.25 41.90 56.70
CA LEU E 172 -4.95 40.70 56.24
C LEU E 172 -6.26 40.45 56.97
N SER E 173 -6.54 41.28 57.98
CA SER E 173 -7.75 41.10 58.76
C SER E 173 -8.52 42.37 59.08
N LEU E 174 -8.40 43.41 58.25
CA LEU E 174 -9.14 44.65 58.52
C LEU E 174 -10.61 44.34 58.69
N LYS E 175 -11.29 45.06 59.59
CA LYS E 175 -12.71 44.80 59.86
C LYS E 175 -13.66 45.35 58.81
N LYS E 176 -13.24 46.39 58.11
CA LYS E 176 -14.04 47.02 57.08
C LYS E 176 -13.10 47.53 55.99
N VAL E 177 -13.64 47.83 54.83
CA VAL E 177 -12.80 48.35 53.75
C VAL E 177 -12.42 49.79 54.10
N PRO E 178 -11.12 50.08 54.25
CA PRO E 178 -10.76 51.47 54.57
C PRO E 178 -11.11 52.37 53.41
N GLU E 179 -11.60 53.56 53.71
CA GLU E 179 -11.97 54.50 52.64
C GLU E 179 -10.70 54.91 51.91
N LYS E 180 -9.66 55.23 52.67
CA LYS E 180 -8.41 55.59 52.05
C LYS E 180 -7.30 54.87 52.82
N MET E 181 -6.35 54.33 52.08
CA MET E 181 -5.23 53.62 52.69
C MET E 181 -3.93 54.06 52.05
N VAL E 182 -2.91 54.23 52.89
CA VAL E 182 -1.59 54.57 52.42
C VAL E 182 -0.70 53.37 52.74
N VAL E 183 0.08 52.96 51.76
CA VAL E 183 0.97 51.84 51.96
C VAL E 183 2.38 52.36 51.84
N ILE E 184 3.22 52.06 52.83
CA ILE E 184 4.60 52.49 52.74
C ILE E 184 5.47 51.30 52.35
N GLY E 185 6.02 51.38 51.14
CA GLY E 185 6.84 50.32 50.58
C GLY E 185 6.02 49.72 49.44
N ALA E 186 6.46 49.95 48.20
CA ALA E 186 5.73 49.42 47.07
C ALA E 186 6.43 48.14 46.61
N GLY E 187 6.78 47.32 47.59
CA GLY E 187 7.43 46.06 47.35
C GLY E 187 6.35 45.03 47.07
N VAL E 188 6.66 43.75 47.27
CA VAL E 188 5.68 42.71 46.96
C VAL E 188 4.44 42.71 47.86
N ILE E 189 4.61 42.83 49.17
CA ILE E 189 3.44 42.88 50.06
C ILE E 189 2.62 44.12 49.73
N GLY E 190 3.30 45.24 49.54
CA GLY E 190 2.56 46.47 49.20
C GLY E 190 1.68 46.34 47.99
N VAL E 191 2.24 45.87 46.85
CA VAL E 191 1.40 45.73 45.69
C VAL E 191 0.29 44.68 45.91
N GLU E 192 0.61 43.59 46.55
CA GLU E 192 -0.41 42.57 46.69
C GLU E 192 -1.57 43.01 47.57
N LEU E 193 -1.27 43.40 48.81
CA LEU E 193 -2.35 43.84 49.72
C LEU E 193 -2.96 45.19 49.29
N GLY E 194 -2.13 46.06 48.74
CA GLY E 194 -2.69 47.33 48.25
C GLY E 194 -3.75 47.00 47.23
N SER E 195 -3.44 46.05 46.35
CA SER E 195 -4.36 45.64 45.30
C SER E 195 -5.63 44.97 45.88
N VAL E 196 -5.45 44.16 46.92
CA VAL E 196 -6.60 43.51 47.55
C VAL E 196 -7.65 44.54 48.05
N TRP E 197 -7.20 45.51 48.83
CA TRP E 197 -8.11 46.49 49.36
C TRP E 197 -8.60 47.49 48.31
N GLN E 198 -7.75 47.80 47.32
CA GLN E 198 -8.16 48.69 46.23
C GLN E 198 -9.40 48.07 45.54
N ARG E 199 -9.33 46.79 45.22
CA ARG E 199 -10.42 46.05 44.57
C ARG E 199 -11.72 46.05 45.38
N LEU E 200 -11.60 45.97 46.71
CA LEU E 200 -12.76 45.92 47.57
C LEU E 200 -13.37 47.32 47.81
N GLY E 201 -12.73 48.34 47.23
CA GLY E 201 -13.26 49.69 47.35
C GLY E 201 -12.40 50.78 47.96
N ALA E 202 -11.22 50.44 48.49
CA ALA E 202 -10.37 51.45 49.09
C ALA E 202 -9.64 52.35 48.08
N ASP E 203 -9.31 53.56 48.53
CA ASP E 203 -8.58 54.53 47.71
C ASP E 203 -7.16 54.31 48.20
N VAL E 204 -6.34 53.66 47.36
CA VAL E 204 -4.99 53.32 47.76
C VAL E 204 -3.80 54.03 47.12
N THR E 205 -2.86 54.42 47.96
CA THR E 205 -1.63 55.06 47.51
C THR E 205 -0.42 54.46 48.24
N ALA E 206 0.57 53.99 47.47
CA ALA E 206 1.78 53.43 48.07
C ALA E 206 2.90 54.43 47.86
N VAL E 207 3.64 54.66 48.93
CA VAL E 207 4.77 55.58 48.90
C VAL E 207 6.01 54.72 48.94
N GLU E 208 6.88 54.94 47.98
CA GLU E 208 8.10 54.15 47.82
C GLU E 208 9.36 54.99 47.73
N PHE E 209 10.37 54.63 48.51
CA PHE E 209 11.64 55.33 48.51
C PHE E 209 12.43 55.20 47.18
N LEU E 210 12.46 53.99 46.61
CA LEU E 210 13.16 53.76 45.34
C LEU E 210 12.30 54.23 44.17
N GLY E 211 12.84 54.12 42.96
CA GLY E 211 12.10 54.56 41.80
C GLY E 211 11.36 53.50 41.02
N HIS E 212 11.06 52.36 41.63
CA HIS E 212 10.32 51.29 40.95
C HIS E 212 9.51 50.46 41.97
N VAL E 213 8.47 49.78 41.50
CA VAL E 213 7.66 48.94 42.39
C VAL E 213 8.05 47.47 42.22
N GLY E 214 7.73 46.65 43.22
CA GLY E 214 8.05 45.24 43.11
C GLY E 214 9.25 44.70 43.88
N GLY E 215 10.00 45.56 44.58
CA GLY E 215 11.10 45.06 45.37
C GLY E 215 12.32 44.68 44.56
N VAL E 216 13.24 44.03 45.27
CA VAL E 216 14.55 43.57 44.76
C VAL E 216 14.52 42.52 43.64
N GLY E 217 15.34 42.72 42.64
CA GLY E 217 15.49 41.72 41.55
C GLY E 217 14.54 41.81 40.37
N ILE E 218 13.45 42.56 40.51
CA ILE E 218 12.50 42.64 39.38
C ILE E 218 13.19 43.38 38.23
N ASP E 219 12.88 42.98 37.01
CA ASP E 219 13.44 43.61 35.83
C ASP E 219 12.74 44.97 35.68
N MET E 220 13.52 46.01 35.41
CA MET E 220 12.98 47.35 35.28
C MET E 220 11.88 47.56 34.23
N GLU E 221 12.07 47.06 33.02
CA GLU E 221 11.02 47.23 32.01
C GLU E 221 9.70 46.56 32.47
N ILE E 222 9.81 45.35 33.02
CA ILE E 222 8.66 44.62 33.57
C ILE E 222 8.01 45.47 34.72
N SER E 223 8.84 45.96 35.64
CA SER E 223 8.38 46.77 36.77
C SER E 223 7.60 48.01 36.30
N LYS E 224 8.14 48.67 35.29
CA LYS E 224 7.52 49.88 34.76
C LYS E 224 6.17 49.56 34.12
N ASN E 225 6.13 48.47 33.35
CA ASN E 225 4.91 48.02 32.69
C ASN E 225 3.85 47.59 33.75
N PHE E 226 4.31 46.93 34.80
CA PHE E 226 3.43 46.47 35.89
C PHE E 226 2.80 47.69 36.61
N GLN E 227 3.65 48.65 36.89
CA GLN E 227 3.22 49.84 37.59
C GLN E 227 2.19 50.55 36.76
N ARG E 228 2.44 50.65 35.46
CA ARG E 228 1.49 51.34 34.59
C ARG E 228 0.14 50.67 34.61
N ILE E 229 0.12 49.34 34.57
CA ILE E 229 -1.14 48.62 34.59
C ILE E 229 -1.83 48.74 35.91
N LEU E 230 -1.06 48.75 37.01
CA LEU E 230 -1.69 48.87 38.33
C LEU E 230 -2.27 50.28 38.47
N GLN E 231 -1.63 51.26 37.85
CA GLN E 231 -2.16 52.62 37.91
C GLN E 231 -3.49 52.69 37.18
N LYS E 232 -3.60 52.03 36.03
CA LYS E 232 -4.86 52.05 35.30
C LYS E 232 -5.95 51.38 36.14
N GLN E 233 -5.54 50.51 37.07
CA GLN E 233 -6.50 49.84 37.93
C GLN E 233 -6.98 50.75 39.06
N GLY E 234 -6.24 51.82 39.31
CA GLY E 234 -6.65 52.74 40.36
C GLY E 234 -5.63 52.86 41.47
N PHE E 235 -4.63 51.99 41.44
CA PHE E 235 -3.59 51.95 42.43
C PHE E 235 -2.68 53.14 42.18
N LYS E 236 -2.47 54.00 43.18
CA LYS E 236 -1.61 55.16 42.96
C LYS E 236 -0.26 54.98 43.64
N PHE E 237 0.77 55.59 43.05
CA PHE E 237 2.12 55.50 43.55
C PHE E 237 2.85 56.85 43.69
N LYS E 238 3.69 56.94 44.72
CA LYS E 238 4.54 58.11 44.96
C LYS E 238 5.93 57.50 45.10
N LEU E 239 6.66 57.39 43.98
CA LEU E 239 8.00 56.79 44.00
C LEU E 239 9.03 57.84 44.33
N ASN E 240 10.26 57.42 44.63
CA ASN E 240 11.31 58.38 44.95
C ASN E 240 10.83 59.34 46.03
N THR E 241 10.31 58.78 47.10
CA THR E 241 9.71 59.56 48.19
C THR E 241 9.90 58.89 49.54
N LYS E 242 10.20 59.66 50.56
CA LYS E 242 10.32 59.09 51.88
C LYS E 242 9.21 59.60 52.79
N VAL E 243 8.87 58.77 53.77
CA VAL E 243 7.87 59.12 54.76
C VAL E 243 8.67 59.74 55.92
N THR E 244 8.36 60.99 56.22
CA THR E 244 9.04 61.69 57.27
C THR E 244 8.33 61.48 58.60
N GLY E 245 7.28 60.66 58.60
CA GLY E 245 6.56 60.41 59.83
C GLY E 245 5.06 60.28 59.63
N ALA E 246 4.37 59.83 60.68
CA ALA E 246 2.93 59.64 60.65
C ALA E 246 2.34 59.96 62.02
N THR E 247 1.10 60.46 62.06
CA THR E 247 0.46 60.76 63.33
C THR E 247 -1.02 60.41 63.29
N LYS E 248 -1.45 59.65 64.29
CA LYS E 248 -2.84 59.24 64.42
C LYS E 248 -3.54 60.44 65.07
N LYS E 249 -4.66 60.89 64.53
CA LYS E 249 -5.34 62.06 65.09
C LYS E 249 -6.58 61.76 65.94
N SER E 250 -7.02 62.73 66.74
CA SER E 250 -8.20 62.56 67.61
C SER E 250 -9.39 62.16 66.74
N ASP E 251 -9.18 62.42 65.46
CA ASP E 251 -10.04 62.15 64.32
C ASP E 251 -10.23 60.64 64.08
N GLY E 252 -9.12 59.94 64.24
CA GLY E 252 -9.08 58.53 63.95
C GLY E 252 -8.27 58.48 62.65
N LYS E 253 -8.26 59.60 61.93
CA LYS E 253 -7.52 59.73 60.69
C LYS E 253 -6.02 59.70 60.94
N ILE E 254 -5.25 59.35 59.91
CA ILE E 254 -3.81 59.30 60.02
C ILE E 254 -3.21 60.22 58.98
N ASP E 255 -2.29 61.07 59.43
CA ASP E 255 -1.59 62.01 58.57
C ASP E 255 -0.21 61.44 58.35
N VAL E 256 0.16 61.23 57.08
CA VAL E 256 1.48 60.70 56.73
C VAL E 256 2.26 61.82 56.05
N SER E 257 3.33 62.29 56.67
CA SER E 257 4.09 63.33 56.00
C SER E 257 5.21 62.71 55.17
N ILE E 258 5.38 63.25 53.97
CA ILE E 258 6.37 62.75 53.02
C ILE E 258 7.16 63.88 52.39
N GLU E 259 8.23 63.49 51.70
CA GLU E 259 9.15 64.40 51.05
C GLU E 259 9.73 63.66 49.85
N ALA E 260 10.28 64.42 48.91
CA ALA E 260 10.95 63.82 47.76
C ALA E 260 12.12 63.10 48.42
N ALA E 261 12.47 61.90 47.93
CA ALA E 261 13.57 61.15 48.51
C ALA E 261 14.86 61.96 48.57
N SER E 262 15.06 62.83 47.58
CA SER E 262 16.26 63.66 47.54
C SER E 262 16.03 65.04 48.18
N GLY E 263 15.06 65.12 49.09
CA GLY E 263 14.75 66.36 49.77
C GLY E 263 13.79 67.30 49.06
N GLY E 264 12.92 67.95 49.83
CA GLY E 264 12.00 68.87 49.22
C GLY E 264 10.56 68.42 49.13
N LYS E 265 9.73 69.33 48.61
CA LYS E 265 8.29 69.14 48.48
C LYS E 265 7.70 68.29 49.59
N ALA E 266 7.56 68.91 50.74
CA ALA E 266 6.99 68.21 51.86
C ALA E 266 5.51 68.14 51.53
N GLU E 267 4.88 67.04 51.89
CA GLU E 267 3.46 66.89 51.66
C GLU E 267 2.92 66.05 52.80
N VAL E 268 1.60 66.04 52.93
CA VAL E 268 0.95 65.25 53.96
C VAL E 268 -0.22 64.55 53.27
N ILE E 269 -0.34 63.25 53.49
CA ILE E 269 -1.42 62.48 52.93
C ILE E 269 -2.22 62.02 54.13
N THR E 270 -3.53 62.15 54.05
CA THR E 270 -4.39 61.73 55.15
C THR E 270 -5.11 60.46 54.73
N CYS E 271 -5.16 59.48 55.61
CA CYS E 271 -5.84 58.21 55.30
C CYS E 271 -6.51 57.63 56.54
N ASP E 272 -7.18 56.50 56.35
CA ASP E 272 -7.88 55.82 57.44
C ASP E 272 -7.06 54.64 57.97
N VAL E 273 -6.25 54.06 57.09
CA VAL E 273 -5.39 52.94 57.48
C VAL E 273 -4.00 53.09 56.86
N LEU E 274 -2.97 52.94 57.68
CA LEU E 274 -1.62 53.03 57.21
C LEU E 274 -1.02 51.61 57.24
N LEU E 275 -0.54 51.13 56.09
CA LEU E 275 0.07 49.79 56.04
C LEU E 275 1.57 49.98 55.91
N VAL E 276 2.30 49.38 56.83
CA VAL E 276 3.76 49.47 56.83
C VAL E 276 4.32 48.15 56.36
N CYS E 277 5.02 48.21 55.23
CA CYS E 277 5.61 47.01 54.67
C CYS E 277 6.86 47.37 53.90
N ILE E 278 7.93 47.66 54.63
CA ILE E 278 9.18 48.04 54.02
C ILE E 278 10.16 46.89 54.13
N GLY E 279 9.64 45.68 54.26
CA GLY E 279 10.50 44.53 54.36
C GLY E 279 10.35 43.76 55.66
N ARG E 280 11.02 42.63 55.73
CA ARG E 280 11.02 41.80 56.92
C ARG E 280 12.48 41.52 57.25
N ARG E 281 12.75 41.12 58.49
CA ARG E 281 14.11 40.84 58.92
C ARG E 281 14.17 39.54 59.72
N PRO E 282 15.37 38.93 59.81
CA PRO E 282 15.59 37.68 60.53
C PRO E 282 15.29 37.79 62.01
N PHE E 283 14.58 36.78 62.50
CA PHE E 283 14.17 36.69 63.91
C PHE E 283 15.01 35.66 64.67
N THR E 284 15.80 36.12 65.64
CA THR E 284 16.64 35.22 66.45
C THR E 284 16.61 35.57 67.93
N LYS E 285 15.70 36.44 68.34
CA LYS E 285 15.61 36.88 69.74
C LYS E 285 15.57 35.74 70.76
N ASN E 286 16.45 35.82 71.76
CA ASN E 286 16.55 34.82 72.83
C ASN E 286 16.72 33.36 72.39
N LEU E 287 17.52 33.14 71.36
CA LEU E 287 17.75 31.79 70.85
C LEU E 287 19.02 31.22 71.53
N GLY E 288 19.78 32.10 72.18
CA GLY E 288 21.01 31.71 72.85
C GLY E 288 22.23 31.79 71.96
N LEU E 289 22.12 32.55 70.87
CA LEU E 289 23.20 32.68 69.91
C LEU E 289 24.48 33.34 70.41
N GLU E 290 24.37 34.48 71.09
CA GLU E 290 25.56 35.14 71.60
C GLU E 290 26.14 34.30 72.74
N GLU E 291 25.24 33.60 73.43
CA GLU E 291 25.61 32.73 74.54
C GLU E 291 26.31 31.48 74.01
N LEU E 292 26.29 31.32 72.70
CA LEU E 292 26.86 30.15 72.06
C LEU E 292 28.11 30.49 71.25
N GLY E 293 28.23 31.74 70.83
CA GLY E 293 29.39 32.17 70.07
C GLY E 293 29.06 32.43 68.61
N ILE E 294 27.78 32.25 68.27
CA ILE E 294 27.32 32.47 66.92
C ILE E 294 26.86 33.93 66.77
N GLU E 295 27.68 34.75 66.12
CA GLU E 295 27.35 36.16 65.92
C GLU E 295 26.77 36.45 64.53
N LEU E 296 25.69 37.21 64.53
CA LEU E 296 24.96 37.60 63.33
C LEU E 296 25.70 38.57 62.47
N ASP E 297 25.28 38.69 61.21
CA ASP E 297 25.91 39.64 60.31
C ASP E 297 25.20 40.96 60.58
N PRO E 298 25.73 42.07 60.06
CA PRO E 298 25.06 43.35 60.31
C PRO E 298 23.56 43.44 59.99
N ARG E 299 23.03 42.47 59.24
CA ARG E 299 21.61 42.48 58.91
C ARG E 299 20.79 41.63 59.89
N GLY E 300 21.48 40.99 60.83
CA GLY E 300 20.80 40.14 61.81
C GLY E 300 20.71 38.69 61.37
N ARG E 301 21.31 38.40 60.22
CA ARG E 301 21.28 37.04 59.69
C ARG E 301 22.40 36.14 60.22
N ILE E 302 22.07 34.86 60.41
CA ILE E 302 23.01 33.85 60.89
C ILE E 302 23.91 33.35 59.77
N PRO E 303 25.22 33.64 59.83
CA PRO E 303 26.15 33.18 58.78
C PRO E 303 26.22 31.64 58.75
N VAL E 304 26.25 31.06 57.55
CA VAL E 304 26.32 29.60 57.39
C VAL E 304 27.17 29.28 56.16
N ASN E 305 27.59 28.03 56.04
CA ASN E 305 28.39 27.66 54.89
C ASN E 305 27.52 26.93 53.83
N THR E 306 28.18 26.24 52.84
CA THR E 306 27.42 25.59 51.80
C THR E 306 26.62 24.35 52.31
N ARG E 307 26.74 24.00 53.57
CA ARG E 307 25.93 22.88 54.10
C ARG E 307 24.92 23.42 55.11
N PHE E 308 24.89 24.74 55.23
CA PHE E 308 23.96 25.43 56.13
C PHE E 308 24.37 25.27 57.58
N GLN E 309 25.66 24.99 57.77
CA GLN E 309 26.22 24.82 59.12
C GLN E 309 26.59 26.21 59.64
N THR E 310 26.33 26.46 60.93
CA THR E 310 26.72 27.73 61.53
C THR E 310 28.18 27.54 61.93
N LYS E 311 28.75 28.52 62.64
CA LYS E 311 30.14 28.43 63.08
C LYS E 311 30.30 27.19 63.98
N ILE E 312 29.21 26.77 64.64
CA ILE E 312 29.20 25.57 65.49
C ILE E 312 28.74 24.43 64.57
N PRO E 313 29.67 23.56 64.14
CA PRO E 313 29.46 22.41 63.25
C PRO E 313 28.18 21.54 63.27
N ASN E 314 27.52 21.39 64.40
CA ASN E 314 26.31 20.56 64.43
C ASN E 314 25.05 21.45 64.55
N ILE E 315 25.25 22.76 64.44
CA ILE E 315 24.14 23.71 64.52
C ILE E 315 23.95 24.35 63.14
N TYR E 316 22.80 24.12 62.54
CA TYR E 316 22.46 24.64 61.21
C TYR E 316 21.34 25.71 61.24
N ALA E 317 21.28 26.52 60.18
CA ALA E 317 20.26 27.57 60.02
C ALA E 317 19.87 27.64 58.55
N ILE E 318 18.56 27.66 58.31
CA ILE E 318 18.03 27.73 56.96
C ILE E 318 16.88 28.75 56.95
N GLY E 319 16.47 29.19 55.77
CA GLY E 319 15.33 30.09 55.66
C GLY E 319 15.50 31.57 55.80
N ASP E 320 14.42 32.23 56.25
CA ASP E 320 14.40 33.69 56.42
C ASP E 320 15.45 34.21 57.37
N VAL E 321 15.95 33.30 58.21
CA VAL E 321 16.97 33.62 59.21
C VAL E 321 18.39 33.67 58.61
N VAL E 322 18.54 33.18 57.39
CA VAL E 322 19.84 33.22 56.73
C VAL E 322 19.78 34.09 55.47
N ALA E 323 20.90 34.26 54.81
CA ALA E 323 20.90 35.09 53.60
C ALA E 323 20.14 34.43 52.41
N GLY E 324 19.83 35.24 51.39
CA GLY E 324 19.14 34.76 50.21
C GLY E 324 17.74 35.31 50.18
N PRO E 325 16.97 35.10 49.10
CA PRO E 325 15.59 35.60 49.01
C PRO E 325 14.72 35.06 50.14
N MET E 326 14.02 35.96 50.84
CA MET E 326 13.14 35.57 51.94
C MET E 326 11.81 35.10 51.34
N LEU E 327 11.80 33.89 50.80
CA LEU E 327 10.62 33.30 50.16
C LEU E 327 10.35 31.91 50.76
N ALA E 328 9.08 31.49 50.75
CA ALA E 328 8.69 30.20 51.32
C ALA E 328 9.30 28.99 50.61
N HIS E 329 9.26 28.99 49.27
CA HIS E 329 9.83 27.88 48.50
C HIS E 329 11.35 27.85 48.71
N LYS E 330 11.95 29.01 48.94
CA LYS E 330 13.38 29.02 49.19
C LYS E 330 13.72 28.40 50.56
N ALA E 331 12.89 28.65 51.58
CA ALA E 331 13.14 28.08 52.92
C ALA E 331 13.02 26.56 52.88
N GLU E 332 11.96 26.09 52.21
CA GLU E 332 11.69 24.67 52.06
C GLU E 332 12.82 23.90 51.38
N ASP E 333 13.26 24.40 50.23
CA ASP E 333 14.36 23.74 49.53
C ASP E 333 15.55 23.62 50.49
N GLU E 334 15.87 24.72 51.17
CA GLU E 334 16.98 24.78 52.11
C GLU E 334 16.86 23.77 53.24
N GLY E 335 15.64 23.59 53.76
CA GLY E 335 15.44 22.63 54.81
C GLY E 335 15.74 21.23 54.31
N ILE E 336 15.24 20.88 53.14
CA ILE E 336 15.45 19.56 52.56
C ILE E 336 16.91 19.25 52.29
N ILE E 337 17.61 20.08 51.54
CA ILE E 337 19.01 19.79 51.26
C ILE E 337 19.91 19.86 52.51
N CYS E 338 19.51 20.67 53.49
CA CYS E 338 20.26 20.78 54.73
C CYS E 338 20.22 19.43 55.48
N VAL E 339 19.00 18.88 55.63
CA VAL E 339 18.82 17.61 56.30
C VAL E 339 19.40 16.45 55.49
N GLU E 340 19.35 16.57 54.17
CA GLU E 340 19.93 15.52 53.32
C GLU E 340 21.46 15.54 53.51
N GLY E 341 22.02 16.72 53.74
CA GLY E 341 23.44 16.82 53.99
C GLY E 341 23.80 16.15 55.33
N MET E 342 22.89 16.28 56.30
CA MET E 342 23.07 15.67 57.63
C MET E 342 23.12 14.15 57.46
N ALA E 343 22.41 13.63 56.48
CA ALA E 343 22.40 12.19 56.23
C ALA E 343 23.62 11.84 55.37
N GLY E 344 24.47 12.82 55.11
CA GLY E 344 25.68 12.62 54.32
C GLY E 344 25.54 12.89 52.82
N GLY E 345 24.44 13.49 52.41
CA GLY E 345 24.27 13.76 51.00
C GLY E 345 24.98 15.01 50.57
N ALA E 346 24.85 15.33 49.29
CA ALA E 346 25.45 16.53 48.74
C ALA E 346 24.53 17.68 49.15
N VAL E 347 25.07 18.89 49.17
CA VAL E 347 24.25 20.06 49.52
C VAL E 347 24.57 21.21 48.59
N HIS E 348 23.58 21.61 47.80
CA HIS E 348 23.79 22.70 46.88
C HIS E 348 22.49 23.36 46.50
N ILE E 349 22.50 24.68 46.45
CA ILE E 349 21.33 25.45 46.07
C ILE E 349 21.86 26.64 45.31
N ASP E 350 21.19 27.01 44.23
CA ASP E 350 21.59 28.15 43.42
C ASP E 350 20.44 29.16 43.38
N TYR E 351 20.60 30.24 44.13
CA TYR E 351 19.58 31.27 44.21
C TYR E 351 19.20 31.96 42.90
N ASN E 352 20.04 31.79 41.88
CA ASN E 352 19.73 32.39 40.58
C ASN E 352 18.64 31.57 39.92
N CYS E 353 18.42 30.35 40.42
CA CYS E 353 17.40 29.46 39.89
C CYS E 353 16.13 29.48 40.77
N VAL E 354 16.11 30.36 41.77
CA VAL E 354 14.92 30.48 42.63
C VAL E 354 13.93 31.48 42.04
N PRO E 355 12.69 31.03 41.75
CA PRO E 355 11.73 31.98 41.17
C PRO E 355 11.10 32.93 42.17
N SER E 356 10.53 34.01 41.63
CA SER E 356 9.82 35.04 42.40
C SER E 356 8.45 35.21 41.74
N VAL E 357 7.38 35.30 42.52
CA VAL E 357 6.08 35.51 41.93
C VAL E 357 5.40 36.68 42.68
N ILE E 358 4.62 37.48 41.98
CA ILE E 358 3.86 38.55 42.62
C ILE E 358 2.42 38.16 42.20
N TYR E 359 1.54 37.88 43.19
CA TYR E 359 0.18 37.38 42.90
C TYR E 359 -0.95 38.37 42.64
N THR E 360 -0.59 39.53 42.11
CA THR E 360 -1.55 40.51 41.73
C THR E 360 -2.22 39.98 40.47
N HIS E 361 -3.01 40.83 39.85
CA HIS E 361 -3.64 40.49 38.58
C HIS E 361 -3.43 41.78 37.81
N PRO E 362 -2.60 41.74 36.76
CA PRO E 362 -1.87 40.57 36.31
C PRO E 362 -0.79 40.16 37.29
N GLU E 363 -0.42 38.89 37.23
CA GLU E 363 0.63 38.34 38.05
C GLU E 363 1.95 38.76 37.43
N VAL E 364 3.03 38.65 38.18
CA VAL E 364 4.36 38.94 37.67
C VAL E 364 5.20 37.74 38.14
N ALA E 365 6.15 37.26 37.34
CA ALA E 365 7.01 36.17 37.84
C ALA E 365 8.34 36.20 37.12
N TRP E 366 9.41 35.85 37.81
CA TRP E 366 10.68 35.85 37.09
C TRP E 366 11.65 34.88 37.71
N VAL E 367 12.69 34.51 36.96
CA VAL E 367 13.72 33.62 37.48
C VAL E 367 14.95 33.90 36.62
N GLY E 368 16.12 33.87 37.21
CA GLY E 368 17.33 34.16 36.45
C GLY E 368 17.67 35.64 36.53
N LYS E 369 18.41 36.14 35.56
CA LYS E 369 18.84 37.54 35.61
C LYS E 369 17.90 38.56 34.96
N SER E 370 17.88 39.76 35.51
CA SER E 370 17.09 40.88 34.93
C SER E 370 18.03 41.51 33.89
N GLU E 371 17.53 42.41 33.04
CA GLU E 371 18.42 43.04 32.06
C GLU E 371 19.46 43.89 32.76
N GLU E 372 19.07 44.50 33.86
CA GLU E 372 19.99 45.33 34.59
C GLU E 372 21.18 44.52 35.09
N GLN E 373 20.91 43.32 35.59
CA GLN E 373 21.99 42.50 36.11
C GLN E 373 22.95 42.09 35.02
N LEU E 374 22.41 41.79 33.85
CA LEU E 374 23.25 41.37 32.74
C LEU E 374 24.12 42.52 32.25
N LYS E 375 23.56 43.73 32.23
CA LYS E 375 24.38 44.85 31.79
C LYS E 375 25.52 45.13 32.79
N GLU E 376 25.19 45.09 34.08
CA GLU E 376 26.17 45.33 35.13
C GLU E 376 27.30 44.27 35.07
N GLU E 377 26.97 43.07 34.58
CA GLU E 377 27.95 42.00 34.47
C GLU E 377 28.69 41.99 33.13
N GLY E 378 28.31 42.87 32.21
CA GLY E 378 28.98 42.90 30.91
C GLY E 378 28.60 41.69 30.06
N ILE E 379 27.43 41.10 30.28
CA ILE E 379 27.06 39.93 29.48
C ILE E 379 26.43 40.26 28.10
N GLU E 380 26.88 39.64 27.03
CA GLU E 380 26.31 39.88 25.67
C GLU E 380 25.01 39.08 25.61
N TYR E 381 23.87 39.73 25.52
CA TYR E 381 22.65 38.97 25.50
C TYR E 381 21.69 39.43 24.43
N LYS E 382 20.70 38.56 24.18
CA LYS E 382 19.59 38.71 23.22
C LYS E 382 18.29 38.87 24.00
N VAL E 383 17.34 39.59 23.42
CA VAL E 383 16.03 39.80 24.06
C VAL E 383 14.93 39.33 23.12
N GLY E 384 13.99 38.56 23.67
CA GLY E 384 12.85 38.13 22.89
C GLY E 384 11.63 38.52 23.70
N LYS E 385 10.63 39.16 23.09
CA LYS E 385 9.43 39.55 23.84
C LYS E 385 8.19 39.10 23.08
N PHE E 386 7.17 38.65 23.81
CA PHE E 386 5.94 38.27 23.16
C PHE E 386 4.79 38.80 24.02
N PRO E 387 3.91 39.63 23.44
CA PRO E 387 2.79 40.18 24.22
C PRO E 387 1.67 39.17 24.40
N PHE E 388 0.98 39.23 25.53
CA PHE E 388 -0.13 38.32 25.69
C PHE E 388 -1.31 38.71 24.79
N ALA E 389 -1.27 39.93 24.24
CA ALA E 389 -2.33 40.38 23.34
C ALA E 389 -2.31 39.48 22.10
N ALA E 390 -1.18 38.83 21.86
CA ALA E 390 -1.04 37.95 20.71
C ALA E 390 -1.08 36.46 21.05
N ASN E 391 -1.36 36.15 22.32
CA ASN E 391 -1.48 34.76 22.78
C ASN E 391 -2.95 34.33 22.63
N SER E 392 -3.16 33.20 21.95
CA SER E 392 -4.52 32.72 21.72
C SER E 392 -5.37 32.49 22.96
N ARG E 393 -4.80 31.89 24.00
CA ARG E 393 -5.60 31.66 25.18
C ARG E 393 -5.95 32.96 25.91
N ALA E 394 -4.99 33.88 26.00
CA ALA E 394 -5.25 35.11 26.70
C ALA E 394 -6.34 35.88 25.94
N LYS E 395 -6.25 35.89 24.62
CA LYS E 395 -7.24 36.61 23.83
C LYS E 395 -8.62 35.95 23.92
N THR E 396 -8.64 34.62 23.99
CA THR E 396 -9.92 33.92 24.10
C THR E 396 -10.57 34.20 25.47
N ASN E 397 -9.75 34.33 26.52
CA ASN E 397 -10.22 34.64 27.87
C ASN E 397 -10.53 36.13 27.97
N ALA E 398 -10.07 36.91 26.99
CA ALA E 398 -10.26 38.36 27.02
C ALA E 398 -9.54 38.91 28.25
N ASP E 399 -8.28 38.53 28.43
CA ASP E 399 -7.45 39.03 29.56
C ASP E 399 -6.05 39.00 29.01
N THR E 400 -5.64 40.10 28.42
CA THR E 400 -4.38 40.15 27.71
C THR E 400 -3.28 41.11 28.13
N ASP E 401 -3.32 41.65 29.34
CA ASP E 401 -2.25 42.57 29.73
C ASP E 401 -0.89 41.85 29.77
N GLY E 402 0.18 42.59 29.51
CA GLY E 402 1.54 42.06 29.66
C GLY E 402 2.27 41.35 28.55
N MET E 403 3.35 40.69 28.95
CA MET E 403 4.19 40.03 27.99
C MET E 403 5.16 39.06 28.67
N VAL E 404 5.81 38.27 27.84
CA VAL E 404 6.88 37.40 28.34
C VAL E 404 8.15 38.01 27.74
N LYS E 405 9.18 38.15 28.57
CA LYS E 405 10.46 38.65 28.13
C LYS E 405 11.55 37.65 28.50
N ILE E 406 12.27 37.18 27.48
CA ILE E 406 13.34 36.22 27.69
C ILE E 406 14.68 36.86 27.40
N LEU E 407 15.69 36.59 28.24
CA LEU E 407 17.03 37.12 28.02
C LEU E 407 17.91 35.89 27.74
N GLY E 408 18.51 35.84 26.54
CA GLY E 408 19.34 34.71 26.15
C GLY E 408 20.81 35.06 25.88
N GLN E 409 21.71 34.15 26.21
CA GLN E 409 23.11 34.45 25.96
C GLN E 409 23.34 34.48 24.46
N LYS E 410 24.03 35.50 24.00
CA LYS E 410 24.27 35.68 22.57
C LYS E 410 25.07 34.52 21.94
N SER E 411 26.13 34.14 22.62
CA SER E 411 27.03 33.11 22.13
C SER E 411 26.48 31.67 22.14
N THR E 412 25.80 31.30 23.21
CA THR E 412 25.30 29.94 23.37
C THR E 412 23.77 29.75 23.31
N ASP E 413 23.03 30.85 23.24
CA ASP E 413 21.56 30.83 23.24
C ASP E 413 20.98 30.35 24.57
N ARG E 414 21.84 30.23 25.57
CA ARG E 414 21.41 29.80 26.88
C ARG E 414 20.40 30.77 27.52
N VAL E 415 19.34 30.25 28.12
CA VAL E 415 18.42 31.16 28.79
C VAL E 415 19.08 31.67 30.07
N LEU E 416 19.17 32.98 30.19
CA LEU E 416 19.77 33.61 31.36
C LEU E 416 18.72 34.22 32.28
N GLY E 417 17.56 34.58 31.71
CA GLY E 417 16.50 35.14 32.53
C GLY E 417 15.14 35.03 31.85
N ALA E 418 14.11 34.85 32.66
CA ALA E 418 12.77 34.77 32.10
C ALA E 418 11.92 35.67 32.99
N HIS E 419 11.18 36.57 32.34
CA HIS E 419 10.36 37.54 33.06
C HIS E 419 8.92 37.57 32.52
N ILE E 420 7.95 37.37 33.41
CA ILE E 420 6.56 37.29 32.96
C ILE E 420 5.62 38.24 33.68
N LEU E 421 4.97 39.09 32.90
CA LEU E 421 3.98 40.02 33.41
C LEU E 421 2.69 39.64 32.70
N GLY E 422 1.73 39.10 33.44
CA GLY E 422 0.49 38.71 32.83
C GLY E 422 -0.19 37.51 33.45
N PRO E 423 -1.23 37.03 32.78
CA PRO E 423 -1.97 35.87 33.28
C PRO E 423 -1.14 34.59 33.31
N GLY E 424 -1.28 33.84 34.40
CA GLY E 424 -0.58 32.58 34.55
C GLY E 424 0.91 32.65 34.82
N ALA E 425 1.42 33.85 35.16
CA ALA E 425 2.85 34.04 35.35
C ALA E 425 3.40 33.12 36.43
N GLY E 426 2.69 33.08 37.55
CA GLY E 426 3.11 32.25 38.67
C GLY E 426 3.34 30.79 38.32
N GLU E 427 2.43 30.19 37.56
CA GLU E 427 2.59 28.80 37.16
C GLU E 427 3.59 28.68 36.05
N MET E 428 3.59 29.66 35.14
CA MET E 428 4.49 29.60 34.00
C MET E 428 5.99 29.68 34.32
N VAL E 429 6.34 30.38 35.39
CA VAL E 429 7.76 30.55 35.74
C VAL E 429 8.44 29.24 36.15
N ASN E 430 7.63 28.23 36.48
CA ASN E 430 8.18 26.94 36.89
C ASN E 430 8.72 26.15 35.69
N GLU E 431 8.15 26.39 34.53
CA GLU E 431 8.68 25.75 33.32
C GLU E 431 10.04 26.44 33.11
N ALA E 432 10.05 27.74 33.35
CA ALA E 432 11.29 28.49 33.19
C ALA E 432 12.35 28.03 34.19
N ALA E 433 11.95 27.77 35.43
CA ALA E 433 12.93 27.35 36.44
C ALA E 433 13.57 26.01 36.05
N LEU E 434 12.75 25.13 35.51
CA LEU E 434 13.24 23.82 35.04
C LEU E 434 14.26 24.03 33.93
N ALA E 435 13.93 24.89 32.96
CA ALA E 435 14.84 25.18 31.86
C ALA E 435 16.24 25.61 32.37
N LEU E 436 16.25 26.59 33.28
CA LEU E 436 17.51 27.10 33.84
C LEU E 436 18.33 26.04 34.57
N GLU E 437 17.66 25.14 35.32
CA GLU E 437 18.34 24.05 36.04
C GLU E 437 19.12 23.20 35.05
N TYR E 438 18.61 23.07 33.83
CA TYR E 438 19.30 22.29 32.80
C TYR E 438 20.22 23.10 31.93
N GLY E 439 20.25 24.42 32.11
CA GLY E 439 21.09 25.24 31.25
C GLY E 439 20.53 25.22 29.83
N ALA E 440 19.20 25.02 29.72
CA ALA E 440 18.48 24.96 28.48
C ALA E 440 18.65 26.26 27.63
N SER E 441 18.58 26.13 26.31
CA SER E 441 18.70 27.28 25.39
C SER E 441 17.31 27.81 25.02
N CYS E 442 17.28 29.02 24.46
CA CYS E 442 16.02 29.62 24.02
C CYS E 442 15.45 28.68 22.97
N GLU E 443 16.33 28.17 22.11
CA GLU E 443 15.93 27.24 21.08
C GLU E 443 15.32 25.96 21.64
N ASP E 444 15.92 25.41 22.69
CA ASP E 444 15.38 24.20 23.30
C ASP E 444 13.89 24.39 23.61
N ILE E 445 13.57 25.51 24.23
CA ILE E 445 12.19 25.81 24.63
C ILE E 445 11.30 26.00 23.42
N ALA E 446 11.78 26.78 22.46
CA ALA E 446 11.06 27.06 21.23
C ALA E 446 10.66 25.77 20.49
N ARG E 447 11.48 24.72 20.58
CA ARG E 447 11.17 23.45 19.87
C ARG E 447 10.36 22.44 20.69
N VAL E 448 10.14 22.71 21.97
CA VAL E 448 9.31 21.80 22.77
C VAL E 448 7.89 22.09 22.32
N CYS E 449 7.12 21.03 22.04
CA CYS E 449 5.75 21.22 21.57
C CYS E 449 4.88 21.65 22.74
N HIS E 450 4.41 22.89 22.73
CA HIS E 450 3.56 23.35 23.83
C HIS E 450 2.09 23.17 23.44
N ALA E 451 1.22 22.85 24.41
CA ALA E 451 -0.21 22.67 24.10
C ALA E 451 -0.89 23.92 23.59
N HIS E 452 -1.82 23.76 22.65
CA HIS E 452 -2.56 24.91 22.12
C HIS E 452 -4.03 24.76 22.50
N PRO E 453 -4.68 25.83 22.97
CA PRO E 453 -4.18 27.20 23.19
C PRO E 453 -3.87 27.30 24.68
N THR E 454 -2.66 27.73 25.00
CA THR E 454 -2.29 27.87 26.38
C THR E 454 -1.48 29.14 26.54
N LEU E 455 -1.48 29.66 27.75
CA LEU E 455 -0.72 30.85 28.07
C LEU E 455 0.76 30.56 27.86
N SER E 456 1.14 29.29 28.06
CA SER E 456 2.53 28.91 27.91
C SER E 456 3.06 29.13 26.50
N GLU E 457 2.18 29.18 25.52
CA GLU E 457 2.62 29.43 24.16
C GLU E 457 3.30 30.83 24.09
N ALA E 458 2.98 31.74 25.02
CA ALA E 458 3.62 33.06 24.99
C ALA E 458 5.10 32.95 25.38
N PHE E 459 5.33 32.05 26.34
CA PHE E 459 6.67 31.76 26.84
C PHE E 459 7.43 31.07 25.70
N ARG E 460 6.75 30.16 25.00
CA ARG E 460 7.41 29.48 23.91
C ARG E 460 7.81 30.45 22.79
N GLU E 461 6.91 31.36 22.46
CA GLU E 461 7.11 32.34 21.39
C GLU E 461 8.17 33.40 21.75
N ALA E 462 8.23 33.82 23.02
CA ALA E 462 9.27 34.77 23.45
C ALA E 462 10.66 34.11 23.32
N ASN E 463 10.73 32.81 23.61
CA ASN E 463 11.98 32.07 23.46
C ASN E 463 12.34 31.92 21.97
N LEU E 464 11.32 31.71 21.12
CA LEU E 464 11.59 31.59 19.68
C LEU E 464 12.14 32.94 19.18
N ALA E 465 11.51 34.04 19.61
CA ALA E 465 11.95 35.37 19.22
C ALA E 465 13.39 35.63 19.68
N ALA E 466 13.71 35.22 20.92
CA ALA E 466 15.06 35.42 21.42
C ALA E 466 16.06 34.59 20.65
N SER E 467 15.66 33.39 20.31
CA SER E 467 16.52 32.47 19.60
C SER E 467 16.74 32.80 18.12
N PHE E 468 15.65 32.89 17.36
CA PHE E 468 15.65 33.08 15.91
C PHE E 468 15.59 34.57 15.49
N GLY E 469 15.05 35.40 16.36
CA GLY E 469 14.92 36.81 16.06
C GLY E 469 13.44 37.17 15.87
N LYS E 470 12.61 36.20 15.51
CA LYS E 470 11.20 36.49 15.27
C LYS E 470 10.34 35.39 15.80
N SER E 471 9.20 35.73 16.38
CA SER E 471 8.28 34.70 16.83
C SER E 471 7.32 34.53 15.62
N ILE E 472 6.38 33.60 15.72
CA ILE E 472 5.41 33.39 14.64
C ILE E 472 4.22 34.36 14.68
N ASN E 473 3.65 34.52 15.86
CA ASN E 473 2.44 35.30 16.02
C ASN E 473 2.51 36.77 16.34
N PHE E 474 3.68 37.36 16.23
CA PHE E 474 3.81 38.78 16.46
C PHE E 474 4.99 39.30 15.70
N PRO F 4 -1.30 35.16 -13.04
CA PRO F 4 -0.33 34.03 -12.94
C PRO F 4 0.83 34.46 -12.04
N ILE F 5 0.99 33.80 -10.90
CA ILE F 5 2.08 34.17 -10.01
C ILE F 5 3.00 33.00 -9.72
N ASP F 6 4.21 33.30 -9.29
CA ASP F 6 5.14 32.25 -8.97
C ASP F 6 5.51 32.31 -7.49
N ALA F 7 6.02 31.19 -6.98
CA ALA F 7 6.38 31.09 -5.59
C ALA F 7 7.38 29.97 -5.35
N ASP F 8 8.07 30.04 -4.22
CA ASP F 8 8.96 28.97 -3.82
C ASP F 8 8.12 27.94 -3.04
N VAL F 9 7.15 28.43 -2.29
CA VAL F 9 6.31 27.58 -1.46
C VAL F 9 4.83 28.01 -1.49
N THR F 10 3.95 27.09 -1.86
CA THR F 10 2.53 27.38 -1.89
C THR F 10 1.88 26.41 -0.90
N VAL F 11 1.25 26.98 0.13
CA VAL F 11 0.57 26.22 1.20
C VAL F 11 -0.92 26.20 0.93
N ILE F 12 -1.49 25.01 0.89
CA ILE F 12 -2.90 24.90 0.64
C ILE F 12 -3.59 24.66 1.98
N GLY F 13 -4.24 25.71 2.48
CA GLY F 13 -4.96 25.69 3.75
C GLY F 13 -4.32 26.69 4.69
N SER F 14 -5.15 27.40 5.44
CA SER F 14 -4.65 28.38 6.39
C SER F 14 -5.03 28.08 7.85
N GLY F 15 -5.15 26.79 8.18
CA GLY F 15 -5.45 26.39 9.57
C GLY F 15 -4.15 26.51 10.34
N PRO F 16 -4.09 26.03 11.61
CA PRO F 16 -2.87 26.10 12.43
C PRO F 16 -1.61 25.60 11.71
N GLY F 17 -1.75 24.52 10.95
CA GLY F 17 -0.62 23.98 10.22
C GLY F 17 -0.16 24.87 9.09
N GLY F 18 -1.09 25.20 8.19
CA GLY F 18 -0.78 26.02 7.04
C GLY F 18 -0.43 27.46 7.27
N TYR F 19 -1.16 28.18 8.13
CA TYR F 19 -0.82 29.60 8.30
C TYR F 19 0.52 29.74 9.01
N VAL F 20 0.83 28.82 9.92
CA VAL F 20 2.10 28.87 10.65
C VAL F 20 3.25 28.51 9.69
N ALA F 21 3.07 27.44 8.92
CA ALA F 21 4.05 27.02 7.92
C ALA F 21 4.34 28.17 6.96
N ALA F 22 3.28 28.85 6.53
CA ALA F 22 3.37 29.98 5.58
C ALA F 22 4.18 31.12 6.15
N ILE F 23 3.90 31.50 7.39
CA ILE F 23 4.64 32.58 8.05
C ILE F 23 6.12 32.16 8.20
N LYS F 24 6.35 30.97 8.75
CA LYS F 24 7.71 30.46 8.92
C LYS F 24 8.48 30.39 7.59
N ALA F 25 7.84 29.91 6.53
CA ALA F 25 8.51 29.83 5.23
C ALA F 25 8.95 31.22 4.74
N ALA F 26 8.05 32.20 4.89
CA ALA F 26 8.36 33.56 4.46
C ALA F 26 9.51 34.08 5.33
N GLN F 27 9.47 33.75 6.62
CA GLN F 27 10.53 34.18 7.53
C GLN F 27 11.90 33.59 7.16
N LEU F 28 11.91 32.38 6.62
CA LEU F 28 13.15 31.74 6.23
C LEU F 28 13.60 32.26 4.83
N GLY F 29 12.82 33.17 4.23
CA GLY F 29 13.19 33.72 2.92
C GLY F 29 12.48 33.17 1.68
N PHE F 30 11.57 32.21 1.86
CA PHE F 30 10.87 31.65 0.72
C PHE F 30 9.74 32.58 0.20
N LYS F 31 9.60 32.71 -1.12
CA LYS F 31 8.51 33.51 -1.68
C LYS F 31 7.33 32.58 -1.41
N THR F 32 6.39 33.04 -0.60
CA THR F 32 5.28 32.22 -0.12
C THR F 32 3.84 32.65 -0.41
N VAL F 33 3.05 31.69 -0.86
CA VAL F 33 1.63 31.88 -1.14
C VAL F 33 0.83 30.94 -0.21
N CYS F 34 -0.27 31.44 0.33
CA CYS F 34 -1.14 30.57 1.14
C CYS F 34 -2.54 30.62 0.52
N ILE F 35 -3.06 29.46 0.13
CA ILE F 35 -4.41 29.41 -0.46
C ILE F 35 -5.45 28.95 0.57
N GLU F 36 -6.54 29.70 0.66
CA GLU F 36 -7.61 29.36 1.58
C GLU F 36 -8.98 29.51 0.92
N LYS F 37 -9.79 28.46 0.99
CA LYS F 37 -11.11 28.47 0.37
C LYS F 37 -12.20 29.19 1.17
N ASN F 38 -12.09 29.21 2.49
CA ASN F 38 -13.13 29.87 3.29
C ASN F 38 -13.01 31.39 3.36
N GLU F 39 -13.99 32.01 4.00
CA GLU F 39 -14.08 33.46 4.13
C GLU F 39 -13.05 34.08 5.03
N THR F 40 -12.56 33.31 6.00
CA THR F 40 -11.51 33.79 6.90
C THR F 40 -10.41 32.75 6.95
N LEU F 41 -9.28 33.16 7.49
CA LEU F 41 -8.10 32.29 7.66
C LEU F 41 -8.22 31.63 9.05
N GLY F 42 -7.32 30.71 9.38
CA GLY F 42 -7.40 30.11 10.72
C GLY F 42 -7.93 28.69 10.77
N GLY F 43 -8.62 28.30 9.71
CA GLY F 43 -9.12 26.95 9.61
C GLY F 43 -10.05 26.46 10.72
N THR F 44 -10.03 25.16 10.96
CA THR F 44 -10.89 24.56 11.99
C THR F 44 -10.68 25.15 13.37
N CYS F 45 -9.44 25.16 13.84
N CYS F 45 -9.42 25.17 13.81
CA CYS F 45 -9.13 25.66 15.17
CA CYS F 45 -9.04 25.68 15.11
C CYS F 45 -9.65 27.06 15.49
C CYS F 45 -9.62 27.04 15.47
N LEU F 46 -9.32 28.04 14.66
CA LEU F 46 -9.79 29.41 14.94
C LEU F 46 -11.29 29.65 14.76
N ASN F 47 -11.84 29.05 13.72
CA ASN F 47 -13.22 29.33 13.36
C ASN F 47 -14.35 28.50 13.96
N VAL F 48 -14.16 27.20 14.09
CA VAL F 48 -15.22 26.35 14.62
C VAL F 48 -14.62 25.30 15.56
N GLY F 49 -13.47 25.64 16.11
CA GLY F 49 -12.82 24.68 16.95
C GLY F 49 -12.28 25.12 18.27
N CYS F 50 -10.95 25.04 18.39
N CYS F 50 -10.97 25.03 18.38
CA CYS F 50 -10.26 25.41 19.64
CA CYS F 50 -10.27 25.38 19.60
C CYS F 50 -10.67 26.71 20.31
C CYS F 50 -10.65 26.71 20.28
N ILE F 51 -10.61 27.80 19.52
CA ILE F 51 -10.93 29.10 20.06
C ILE F 51 -12.36 29.33 20.56
N PRO F 52 -13.35 29.06 19.71
CA PRO F 52 -14.71 29.30 20.24
C PRO F 52 -15.07 28.35 21.39
N SER F 53 -14.54 27.14 21.32
CA SER F 53 -14.82 26.18 22.39
C SER F 53 -14.17 26.62 23.71
N LYS F 54 -12.93 27.10 23.69
CA LYS F 54 -12.32 27.50 24.95
C LYS F 54 -12.99 28.74 25.51
N ALA F 55 -13.52 29.60 24.64
CA ALA F 55 -14.23 30.81 25.09
C ALA F 55 -15.52 30.47 25.87
N LEU F 56 -16.27 29.49 25.37
CA LEU F 56 -17.50 29.06 26.02
C LEU F 56 -17.13 28.27 27.30
N LEU F 57 -16.06 27.48 27.25
CA LEU F 57 -15.63 26.74 28.44
C LEU F 57 -15.30 27.76 29.54
N ASN F 58 -14.59 28.82 29.18
CA ASN F 58 -14.20 29.85 30.15
C ASN F 58 -15.46 30.59 30.63
N ASN F 59 -16.30 31.03 29.70
CA ASN F 59 -17.50 31.76 30.11
C ASN F 59 -18.51 30.91 30.91
N SER F 60 -18.72 29.66 30.50
CA SER F 60 -19.67 28.80 31.21
C SER F 60 -19.13 28.43 32.58
N HIS F 61 -17.82 28.29 32.73
CA HIS F 61 -17.26 27.99 34.03
C HIS F 61 -17.55 29.17 34.99
N TYR F 62 -17.29 30.38 34.51
CA TYR F 62 -17.53 31.56 35.36
C TYR F 62 -19.02 31.73 35.67
N TYR F 63 -19.88 31.37 34.73
CA TYR F 63 -21.31 31.45 34.97
C TYR F 63 -21.65 30.49 36.12
N HIS F 64 -21.07 29.30 36.06
CA HIS F 64 -21.27 28.30 37.07
C HIS F 64 -20.76 28.80 38.44
N MET F 65 -19.60 29.45 38.48
CA MET F 65 -19.05 29.96 39.74
C MET F 65 -19.94 31.05 40.36
N ALA F 66 -20.58 31.87 39.53
CA ALA F 66 -21.41 32.97 40.03
C ALA F 66 -22.82 32.51 40.40
N HIS F 67 -23.37 31.63 39.56
CA HIS F 67 -24.70 31.13 39.70
C HIS F 67 -24.83 30.04 40.76
N GLY F 68 -23.74 29.29 40.96
CA GLY F 68 -23.73 28.23 41.96
C GLY F 68 -23.29 28.75 43.32
N THR F 69 -22.70 27.89 44.13
CA THR F 69 -22.29 28.30 45.46
C THR F 69 -20.87 28.90 45.60
N ASP F 70 -20.04 28.83 44.56
CA ASP F 70 -18.68 29.35 44.71
C ASP F 70 -18.51 30.82 45.14
N PHE F 71 -19.09 31.75 44.39
CA PHE F 71 -18.94 33.17 44.75
C PHE F 71 -19.52 33.50 46.12
N ALA F 72 -20.70 32.97 46.39
CA ALA F 72 -21.38 33.19 47.68
C ALA F 72 -20.44 32.79 48.83
N SER F 73 -19.76 31.66 48.66
CA SER F 73 -18.85 31.17 49.69
C SER F 73 -17.65 32.11 49.90
N ARG F 74 -17.39 32.98 48.93
CA ARG F 74 -16.26 33.91 49.00
C ARG F 74 -16.68 35.30 49.47
N GLY F 75 -17.95 35.47 49.81
CA GLY F 75 -18.43 36.78 50.23
C GLY F 75 -18.88 37.68 49.08
N ILE F 76 -19.01 37.10 47.90
CA ILE F 76 -19.45 37.87 46.74
C ILE F 76 -20.91 37.54 46.65
N GLU F 77 -21.72 38.45 47.17
CA GLU F 77 -23.15 38.23 47.19
C GLU F 77 -23.87 38.93 46.08
N MET F 78 -24.71 38.17 45.40
CA MET F 78 -25.44 38.70 44.27
C MET F 78 -26.93 38.43 44.31
N SER F 79 -27.66 39.21 43.51
CA SER F 79 -29.09 39.12 43.42
C SER F 79 -29.57 37.91 42.60
N GLU F 80 -29.85 38.16 41.34
CA GLU F 80 -30.33 37.13 40.46
C GLU F 80 -29.30 37.00 39.35
N VAL F 81 -28.58 35.88 39.33
CA VAL F 81 -27.59 35.66 38.29
C VAL F 81 -28.33 35.05 37.11
N ARG F 82 -28.36 35.76 35.99
CA ARG F 82 -29.02 35.27 34.79
C ARG F 82 -28.05 35.12 33.63
N LEU F 83 -28.39 34.26 32.69
CA LEU F 83 -27.56 34.03 31.53
C LEU F 83 -28.07 34.83 30.36
N ASN F 84 -27.19 35.58 29.72
CA ASN F 84 -27.56 36.29 28.51
C ASN F 84 -26.69 35.55 27.49
N LEU F 85 -27.28 34.54 26.87
CA LEU F 85 -26.57 33.71 25.91
C LEU F 85 -26.11 34.48 24.71
N ASP F 86 -26.88 35.47 24.28
CA ASP F 86 -26.45 36.26 23.13
C ASP F 86 -25.13 36.94 23.40
N LYS F 87 -25.03 37.50 24.59
CA LYS F 87 -23.85 38.23 25.01
C LYS F 87 -22.67 37.24 25.21
N MET F 88 -22.96 36.09 25.80
CA MET F 88 -21.90 35.11 25.98
C MET F 88 -21.38 34.70 24.58
N MET F 89 -22.30 34.45 23.63
CA MET F 89 -21.90 34.08 22.26
C MET F 89 -21.16 35.20 21.56
N GLU F 90 -21.43 36.43 21.99
CA GLU F 90 -20.80 37.59 21.39
C GLU F 90 -19.35 37.69 21.81
N GLN F 91 -19.07 37.40 23.09
CA GLN F 91 -17.70 37.43 23.62
C GLN F 91 -16.89 36.42 22.80
N LYS F 92 -17.52 35.29 22.49
CA LYS F 92 -16.90 34.22 21.73
C LYS F 92 -16.59 34.68 20.30
N SER F 93 -17.56 35.31 19.65
CA SER F 93 -17.39 35.78 18.29
C SER F 93 -16.35 36.85 18.16
N THR F 94 -16.26 37.69 19.16
CA THR F 94 -15.28 38.77 19.20
C THR F 94 -13.85 38.20 19.26
N ALA F 95 -13.64 37.17 20.07
CA ALA F 95 -12.30 36.58 20.16
C ALA F 95 -11.93 36.01 18.77
N VAL F 96 -12.87 35.28 18.18
CA VAL F 96 -12.66 34.67 16.88
C VAL F 96 -12.35 35.72 15.81
N LYS F 97 -13.14 36.77 15.78
CA LYS F 97 -12.94 37.80 14.77
C LYS F 97 -11.55 38.44 14.94
N ALA F 98 -11.19 38.76 16.18
CA ALA F 98 -9.90 39.38 16.40
C ALA F 98 -8.71 38.45 16.02
N LEU F 99 -8.83 37.15 16.27
CA LEU F 99 -7.73 36.25 15.96
C LEU F 99 -7.63 35.92 14.48
N THR F 100 -8.76 35.77 13.81
CA THR F 100 -8.71 35.49 12.39
C THR F 100 -8.21 36.76 11.70
N GLY F 101 -8.55 37.91 12.26
CA GLY F 101 -8.07 39.15 11.68
C GLY F 101 -6.56 39.26 11.87
N GLY F 102 -6.06 38.77 13.01
CA GLY F 102 -4.63 38.79 13.31
C GLY F 102 -3.81 38.00 12.32
N ILE F 103 -4.34 36.87 11.85
CA ILE F 103 -3.61 36.09 10.87
C ILE F 103 -3.44 36.90 9.55
N ALA F 104 -4.50 37.59 9.10
CA ALA F 104 -4.39 38.39 7.88
C ALA F 104 -3.27 39.43 8.03
N HIS F 105 -3.23 40.07 9.18
CA HIS F 105 -2.17 41.07 9.44
C HIS F 105 -0.77 40.40 9.44
N LEU F 106 -0.67 39.20 10.01
CA LEU F 106 0.63 38.53 10.07
C LEU F 106 1.07 38.14 8.68
N PHE F 107 0.14 37.72 7.85
CA PHE F 107 0.50 37.37 6.50
C PHE F 107 1.09 38.61 5.80
N LYS F 108 0.42 39.75 5.97
CA LYS F 108 0.90 41.00 5.36
C LYS F 108 2.30 41.35 5.85
N GLN F 109 2.47 41.30 7.16
CA GLN F 109 3.73 41.65 7.80
C GLN F 109 4.89 40.79 7.30
N ASN F 110 4.58 39.52 7.01
CA ASN F 110 5.62 38.59 6.58
C ASN F 110 5.71 38.39 5.08
N LYS F 111 4.94 39.15 4.29
CA LYS F 111 4.93 39.06 2.82
C LYS F 111 4.29 37.79 2.27
N VAL F 112 3.42 37.18 3.07
CA VAL F 112 2.75 35.96 2.60
C VAL F 112 1.65 36.43 1.70
N VAL F 113 1.55 35.83 0.51
CA VAL F 113 0.49 36.22 -0.40
C VAL F 113 -0.72 35.31 -0.21
N HIS F 114 -1.84 35.92 0.16
CA HIS F 114 -3.07 35.20 0.39
C HIS F 114 -3.90 35.11 -0.89
N VAL F 115 -4.24 33.89 -1.30
CA VAL F 115 -5.09 33.67 -2.46
C VAL F 115 -6.37 33.00 -1.90
N ASN F 116 -7.52 33.62 -2.16
CA ASN F 116 -8.83 33.09 -1.71
C ASN F 116 -9.32 32.22 -2.85
N GLY F 117 -9.63 30.97 -2.56
CA GLY F 117 -10.11 30.09 -3.61
C GLY F 117 -9.89 28.67 -3.18
N TYR F 118 -10.45 27.76 -3.97
CA TYR F 118 -10.32 26.34 -3.71
C TYR F 118 -9.09 25.88 -4.47
N GLY F 119 -8.07 25.43 -3.74
CA GLY F 119 -6.87 24.99 -4.39
C GLY F 119 -6.85 23.56 -4.89
N LYS F 120 -6.32 23.38 -6.10
CA LYS F 120 -6.19 22.06 -6.65
C LYS F 120 -4.81 21.95 -7.30
N ILE F 121 -4.10 20.88 -7.03
CA ILE F 121 -2.79 20.72 -7.61
C ILE F 121 -2.97 20.29 -9.05
N THR F 122 -2.61 21.22 -9.94
CA THR F 122 -2.74 21.00 -11.36
C THR F 122 -1.46 20.55 -12.09
N GLY F 123 -0.42 20.27 -11.33
CA GLY F 123 0.83 19.82 -11.90
C GLY F 123 1.85 19.71 -10.78
N LYS F 124 2.92 18.95 -11.00
CA LYS F 124 3.96 18.79 -9.98
C LYS F 124 4.43 20.14 -9.45
N ASN F 125 4.38 21.17 -10.29
CA ASN F 125 4.80 22.49 -9.85
C ASN F 125 3.74 23.52 -10.07
N GLN F 126 2.48 23.13 -9.91
CA GLN F 126 1.42 24.12 -10.13
C GLN F 126 0.15 23.87 -9.34
N VAL F 127 -0.35 24.93 -8.73
CA VAL F 127 -1.60 24.85 -8.00
C VAL F 127 -2.54 25.90 -8.63
N THR F 128 -3.79 25.51 -8.83
CA THR F 128 -4.79 26.43 -9.38
C THR F 128 -5.87 26.65 -8.34
N ALA F 129 -6.14 27.91 -8.03
CA ALA F 129 -7.15 28.27 -7.07
C ALA F 129 -8.36 28.79 -7.82
N THR F 130 -9.51 28.20 -7.53
CA THR F 130 -10.74 28.59 -8.18
C THR F 130 -11.64 29.29 -7.16
N LYS F 131 -11.96 30.55 -7.44
CA LYS F 131 -12.80 31.35 -6.56
C LYS F 131 -14.29 31.05 -6.71
N ALA F 132 -15.10 31.71 -5.88
CA ALA F 132 -16.54 31.54 -5.87
C ALA F 132 -17.17 31.70 -7.26
N ASP F 133 -16.94 32.87 -7.85
CA ASP F 133 -17.47 33.20 -9.17
C ASP F 133 -16.78 32.44 -10.30
N GLY F 134 -16.10 31.35 -9.99
CA GLY F 134 -15.44 30.58 -11.02
C GLY F 134 -14.10 31.09 -11.52
N GLY F 135 -13.74 32.32 -11.15
CA GLY F 135 -12.45 32.86 -11.56
C GLY F 135 -11.31 31.98 -11.04
N THR F 136 -10.15 32.05 -11.67
CA THR F 136 -9.04 31.24 -11.20
C THR F 136 -7.75 32.04 -11.03
N GLN F 137 -6.81 31.43 -10.32
CA GLN F 137 -5.49 32.02 -10.12
C GLN F 137 -4.56 30.85 -10.17
N VAL F 138 -3.58 30.95 -11.04
CA VAL F 138 -2.61 29.89 -11.19
C VAL F 138 -1.35 30.30 -10.44
N ILE F 139 -0.76 29.34 -9.74
CA ILE F 139 0.49 29.59 -9.01
C ILE F 139 1.53 28.56 -9.44
N ASP F 140 2.61 29.04 -10.06
CA ASP F 140 3.71 28.17 -10.49
C ASP F 140 4.65 28.19 -9.28
N THR F 141 4.91 27.02 -8.71
CA THR F 141 5.65 26.97 -7.47
C THR F 141 6.65 25.82 -7.39
N LYS F 142 7.76 26.05 -6.70
CA LYS F 142 8.79 25.02 -6.52
C LYS F 142 8.27 23.90 -5.65
N ASN F 143 7.65 24.29 -4.54
CA ASN F 143 7.13 23.33 -3.57
C ASN F 143 5.68 23.54 -3.22
N ILE F 144 5.03 22.44 -2.91
CA ILE F 144 3.63 22.49 -2.52
C ILE F 144 3.46 21.90 -1.12
N LEU F 145 2.76 22.62 -0.25
CA LEU F 145 2.53 22.14 1.10
C LEU F 145 1.04 21.97 1.29
N ILE F 146 0.65 20.70 1.48
CA ILE F 146 -0.74 20.34 1.70
C ILE F 146 -1.06 20.43 3.20
N ALA F 147 -1.99 21.31 3.54
CA ALA F 147 -2.41 21.54 4.93
C ALA F 147 -3.95 21.69 4.95
N THR F 148 -4.59 20.80 4.20
CA THR F 148 -6.04 20.87 4.01
C THR F 148 -6.91 20.44 5.18
N GLY F 149 -6.25 19.94 6.22
CA GLY F 149 -6.95 19.59 7.44
C GLY F 149 -7.95 18.45 7.51
N SER F 150 -9.02 18.70 8.26
CA SER F 150 -10.05 17.72 8.52
C SER F 150 -11.47 18.25 8.42
N GLU F 151 -12.43 17.34 8.62
CA GLU F 151 -13.85 17.62 8.60
C GLU F 151 -14.49 16.69 9.65
N VAL F 152 -15.71 16.98 10.04
CA VAL F 152 -16.41 16.16 11.01
C VAL F 152 -16.63 14.78 10.39
N THR F 153 -16.52 13.74 11.19
CA THR F 153 -16.79 12.42 10.66
C THR F 153 -18.32 12.25 10.74
N PRO F 154 -18.94 11.92 9.60
CA PRO F 154 -20.40 11.78 9.72
C PRO F 154 -20.84 10.45 10.33
N PHE F 155 -22.04 10.45 10.87
CA PHE F 155 -22.62 9.25 11.47
C PHE F 155 -23.63 8.73 10.45
N PRO F 156 -23.31 7.63 9.76
CA PRO F 156 -24.25 7.09 8.76
C PRO F 156 -25.64 6.84 9.32
N GLY F 157 -26.63 7.43 8.64
CA GLY F 157 -28.00 7.26 9.05
C GLY F 157 -28.55 8.42 9.82
N ILE F 158 -27.67 9.29 10.32
CA ILE F 158 -28.09 10.45 11.08
C ILE F 158 -27.57 11.69 10.36
N THR F 159 -28.49 12.53 9.92
CA THR F 159 -28.15 13.73 9.17
C THR F 159 -27.98 14.97 10.01
N ILE F 160 -26.79 15.55 10.00
CA ILE F 160 -26.57 16.76 10.77
C ILE F 160 -27.14 17.94 9.97
N ASP F 161 -27.91 18.80 10.63
CA ASP F 161 -28.46 19.97 9.97
C ASP F 161 -28.04 21.23 10.72
N GLU F 162 -27.22 21.04 11.75
CA GLU F 162 -26.71 22.13 12.58
C GLU F 162 -27.83 22.95 13.25
N ASP F 163 -28.98 22.33 13.43
CA ASP F 163 -30.13 22.97 14.04
C ASP F 163 -30.42 22.18 15.31
N THR F 164 -31.03 21.00 15.19
CA THR F 164 -31.28 20.20 16.38
C THR F 164 -30.36 18.98 16.41
N ILE F 165 -29.86 18.61 15.23
CA ILE F 165 -28.89 17.53 15.07
C ILE F 165 -27.67 18.29 14.58
N VAL F 166 -26.71 18.47 15.50
CA VAL F 166 -25.52 19.28 15.22
C VAL F 166 -24.18 18.59 15.36
N SER F 167 -23.17 19.18 14.72
CA SER F 167 -21.79 18.72 14.87
C SER F 167 -21.26 19.76 15.87
N SER F 168 -19.97 19.70 16.18
CA SER F 168 -19.38 20.68 17.08
C SER F 168 -19.63 22.13 16.63
N THR F 169 -19.76 22.35 15.33
CA THR F 169 -20.00 23.70 14.81
C THR F 169 -21.34 24.24 15.27
N GLY F 170 -22.39 23.44 15.10
CA GLY F 170 -23.69 23.87 15.54
C GLY F 170 -23.73 23.99 17.05
N ALA F 171 -23.08 23.05 17.74
CA ALA F 171 -23.07 23.08 19.20
C ALA F 171 -22.40 24.34 19.76
N LEU F 172 -21.45 24.91 18.99
CA LEU F 172 -20.75 26.12 19.43
C LEU F 172 -21.63 27.35 19.28
N SER F 173 -22.72 27.21 18.52
CA SER F 173 -23.63 28.35 18.26
C SER F 173 -25.13 28.15 18.55
N LEU F 174 -25.48 27.23 19.46
CA LEU F 174 -26.88 27.02 19.82
C LEU F 174 -27.55 28.33 20.22
N LYS F 175 -28.74 28.58 19.68
CA LYS F 175 -29.53 29.81 19.92
C LYS F 175 -30.09 29.84 21.34
N LYS F 176 -30.25 28.68 21.94
CA LYS F 176 -30.74 28.63 23.32
C LYS F 176 -30.24 27.36 24.00
N VAL F 177 -30.22 27.39 25.32
CA VAL F 177 -29.78 26.24 26.07
C VAL F 177 -30.84 25.16 25.89
N PRO F 178 -30.45 24.00 25.35
CA PRO F 178 -31.41 22.92 25.15
C PRO F 178 -31.82 22.36 26.50
N GLU F 179 -33.07 21.95 26.67
CA GLU F 179 -33.41 21.42 27.98
C GLU F 179 -32.71 20.07 28.18
N LYS F 180 -32.64 19.27 27.14
CA LYS F 180 -32.00 17.98 27.19
C LYS F 180 -31.12 17.79 25.96
N MET F 181 -29.89 17.35 26.16
CA MET F 181 -28.97 17.13 25.08
C MET F 181 -28.29 15.77 25.17
N VAL F 182 -28.24 15.09 24.04
CA VAL F 182 -27.60 13.80 23.98
C VAL F 182 -26.37 13.98 23.08
N VAL F 183 -25.23 13.50 23.55
CA VAL F 183 -23.96 13.55 22.83
C VAL F 183 -23.51 12.15 22.39
N ILE F 184 -23.23 11.98 21.09
CA ILE F 184 -22.77 10.70 20.62
C ILE F 184 -21.23 10.80 20.63
N GLY F 185 -20.62 10.02 21.53
CA GLY F 185 -19.19 9.99 21.70
C GLY F 185 -18.76 10.77 22.94
N ALA F 186 -18.07 10.10 23.85
CA ALA F 186 -17.59 10.78 25.04
C ALA F 186 -16.08 11.02 24.87
N GLY F 187 -15.72 11.58 23.73
CA GLY F 187 -14.33 11.90 23.43
C GLY F 187 -14.07 13.33 23.94
N VAL F 188 -13.01 13.96 23.45
CA VAL F 188 -12.70 15.28 23.93
C VAL F 188 -13.77 16.34 23.64
N ILE F 189 -14.30 16.36 22.43
CA ILE F 189 -15.32 17.35 22.07
C ILE F 189 -16.56 17.11 22.87
N GLY F 190 -16.91 15.84 23.00
CA GLY F 190 -18.10 15.47 23.73
C GLY F 190 -18.10 15.97 25.16
N VAL F 191 -17.02 15.66 25.85
CA VAL F 191 -16.85 16.06 27.22
C VAL F 191 -16.71 17.59 27.33
N GLU F 192 -15.98 18.22 26.39
CA GLU F 192 -15.85 19.67 26.46
C GLU F 192 -17.17 20.41 26.22
N LEU F 193 -17.81 20.17 25.08
CA LEU F 193 -19.08 20.83 24.74
C LEU F 193 -20.24 20.35 25.60
N GLY F 194 -20.21 19.08 26.03
CA GLY F 194 -21.24 18.62 26.94
C GLY F 194 -21.19 19.40 28.22
N SER F 195 -19.97 19.59 28.73
CA SER F 195 -19.75 20.34 29.94
C SER F 195 -20.17 21.82 29.77
N VAL F 196 -19.84 22.44 28.65
CA VAL F 196 -20.29 23.82 28.44
C VAL F 196 -21.83 23.94 28.64
N TRP F 197 -22.57 23.13 27.87
CA TRP F 197 -24.04 23.19 27.92
C TRP F 197 -24.66 22.71 29.24
N GLN F 198 -24.00 21.78 29.93
CA GLN F 198 -24.49 21.31 31.23
C GLN F 198 -24.41 22.50 32.21
N ARG F 199 -23.29 23.23 32.22
CA ARG F 199 -23.14 24.35 33.14
C ARG F 199 -24.18 25.41 32.88
N LEU F 200 -24.52 25.58 31.60
CA LEU F 200 -25.47 26.59 31.21
C LEU F 200 -26.92 26.19 31.47
N GLY F 201 -27.14 24.94 31.89
CA GLY F 201 -28.49 24.53 32.26
C GLY F 201 -29.06 23.30 31.60
N ALA F 202 -28.32 22.72 30.67
CA ALA F 202 -28.80 21.55 29.97
C ALA F 202 -28.66 20.25 30.77
N ASP F 203 -29.55 19.31 30.49
CA ASP F 203 -29.51 17.99 31.11
C ASP F 203 -28.74 17.21 30.04
N VAL F 204 -27.50 16.85 30.35
CA VAL F 204 -26.67 16.20 29.36
C VAL F 204 -26.29 14.75 29.60
N THR F 205 -26.39 13.93 28.56
CA THR F 205 -25.95 12.53 28.64
C THR F 205 -25.11 12.23 27.40
N ALA F 206 -23.91 11.66 27.58
CA ALA F 206 -23.07 11.28 26.44
C ALA F 206 -23.18 9.76 26.29
N VAL F 207 -23.37 9.30 25.06
CA VAL F 207 -23.49 7.88 24.75
C VAL F 207 -22.17 7.53 24.06
N GLU F 208 -21.45 6.58 24.65
CA GLU F 208 -20.13 6.17 24.16
C GLU F 208 -20.01 4.67 23.82
N PHE F 209 -19.68 4.40 22.56
CA PHE F 209 -19.53 3.05 22.03
C PHE F 209 -18.53 2.20 22.84
N LEU F 210 -17.43 2.81 23.31
CA LEU F 210 -16.43 2.08 24.08
C LEU F 210 -16.57 2.25 25.57
N GLY F 211 -15.59 1.76 26.33
CA GLY F 211 -15.67 1.78 27.78
C GLY F 211 -15.09 2.87 28.66
N HIS F 212 -14.68 3.99 28.09
CA HIS F 212 -14.13 5.03 28.95
C HIS F 212 -14.39 6.40 28.31
N VAL F 213 -14.16 7.45 29.09
CA VAL F 213 -14.35 8.82 28.66
C VAL F 213 -12.98 9.46 28.32
N GLY F 214 -12.93 10.29 27.30
CA GLY F 214 -11.67 10.95 26.99
C GLY F 214 -11.01 10.72 25.67
N GLY F 215 -11.45 9.71 24.92
CA GLY F 215 -10.81 9.49 23.63
C GLY F 215 -9.57 8.63 23.74
N VAL F 216 -8.78 8.61 22.67
CA VAL F 216 -7.59 7.78 22.63
C VAL F 216 -6.43 8.27 23.48
N GLY F 217 -5.64 7.31 23.94
CA GLY F 217 -4.45 7.63 24.70
C GLY F 217 -4.59 8.04 26.14
N ILE F 218 -5.78 8.47 26.57
CA ILE F 218 -5.90 8.87 27.96
C ILE F 218 -5.59 7.67 28.88
N ASP F 219 -5.00 7.94 30.04
CA ASP F 219 -4.66 6.91 31.02
C ASP F 219 -5.98 6.44 31.66
N MET F 220 -6.16 5.11 31.80
CA MET F 220 -7.39 4.53 32.36
C MET F 220 -7.75 5.01 33.75
N GLU F 221 -6.80 5.08 34.67
CA GLU F 221 -7.12 5.54 36.00
C GLU F 221 -7.50 7.02 35.93
N ILE F 222 -6.81 7.78 35.09
CA ILE F 222 -7.14 9.19 34.99
C ILE F 222 -8.57 9.31 34.42
N SER F 223 -8.82 8.55 33.36
CA SER F 223 -10.11 8.61 32.71
C SER F 223 -11.25 8.19 33.63
N LYS F 224 -11.02 7.17 34.44
CA LYS F 224 -12.10 6.74 35.31
C LYS F 224 -12.41 7.83 36.34
N ASN F 225 -11.36 8.41 36.96
CA ASN F 225 -11.53 9.48 37.95
C ASN F 225 -12.17 10.75 37.35
N PHE F 226 -11.82 11.07 36.11
CA PHE F 226 -12.36 12.25 35.40
C PHE F 226 -13.88 12.07 35.26
N GLN F 227 -14.25 10.90 34.76
CA GLN F 227 -15.64 10.56 34.55
C GLN F 227 -16.43 10.77 35.83
N ARG F 228 -15.89 10.28 36.94
CA ARG F 228 -16.61 10.40 38.20
C ARG F 228 -16.82 11.84 38.65
N ILE F 229 -15.79 12.67 38.48
CA ILE F 229 -15.92 14.07 38.86
C ILE F 229 -16.94 14.73 37.93
N LEU F 230 -16.93 14.37 36.64
CA LEU F 230 -17.90 14.96 35.71
C LEU F 230 -19.31 14.54 36.11
N GLN F 231 -19.45 13.27 36.46
CA GLN F 231 -20.74 12.76 36.88
C GLN F 231 -21.22 13.49 38.13
N LYS F 232 -20.30 13.79 39.03
CA LYS F 232 -20.66 14.48 40.26
C LYS F 232 -21.15 15.90 39.93
N GLN F 233 -20.70 16.43 38.79
CA GLN F 233 -21.07 17.76 38.35
C GLN F 233 -22.45 17.76 37.70
N GLY F 234 -22.94 16.57 37.33
CA GLY F 234 -24.26 16.43 36.72
C GLY F 234 -24.23 15.87 35.30
N PHE F 235 -23.01 15.64 34.81
CA PHE F 235 -22.80 15.13 33.47
C PHE F 235 -23.04 13.61 33.56
N LYS F 236 -23.93 13.10 32.71
CA LYS F 236 -24.26 11.67 32.69
C LYS F 236 -23.64 10.93 31.51
N PHE F 237 -23.35 9.64 31.70
CA PHE F 237 -22.73 8.83 30.64
C PHE F 237 -23.36 7.47 30.47
N LYS F 238 -23.48 7.04 29.22
CA LYS F 238 -23.96 5.71 28.90
C LYS F 238 -22.82 5.06 28.11
N LEU F 239 -21.88 4.45 28.82
CA LEU F 239 -20.75 3.80 28.18
C LEU F 239 -21.11 2.44 27.59
N ASN F 240 -20.22 1.91 26.74
CA ASN F 240 -20.41 0.61 26.08
C ASN F 240 -21.80 0.53 25.50
N THR F 241 -22.20 1.62 24.87
CA THR F 241 -23.51 1.77 24.30
C THR F 241 -23.34 2.37 22.92
N LYS F 242 -24.02 1.82 21.94
CA LYS F 242 -23.95 2.37 20.60
C LYS F 242 -25.29 3.01 20.22
N VAL F 243 -25.23 4.15 19.57
CA VAL F 243 -26.43 4.79 19.12
C VAL F 243 -26.69 4.10 17.80
N THR F 244 -27.89 3.62 17.58
CA THR F 244 -28.15 2.95 16.33
C THR F 244 -28.70 3.96 15.35
N GLY F 245 -29.66 4.77 15.80
CA GLY F 245 -30.26 5.77 14.93
C GLY F 245 -30.88 6.94 15.66
N ALA F 246 -31.68 7.71 14.95
CA ALA F 246 -32.34 8.86 15.54
C ALA F 246 -33.41 9.34 14.59
N THR F 247 -34.53 9.78 15.14
CA THR F 247 -35.61 10.25 14.30
C THR F 247 -36.26 11.44 14.98
N LYS F 248 -36.58 12.46 14.19
CA LYS F 248 -37.21 13.65 14.74
C LYS F 248 -38.68 13.39 14.97
N LYS F 249 -39.22 13.95 16.05
CA LYS F 249 -40.62 13.80 16.41
C LYS F 249 -41.39 15.10 16.17
N SER F 250 -42.71 15.00 16.06
CA SER F 250 -43.54 16.17 15.77
C SER F 250 -43.36 17.31 16.76
N ASP F 251 -43.09 16.97 18.01
CA ASP F 251 -42.92 17.96 19.05
C ASP F 251 -41.52 18.59 19.10
N GLY F 252 -40.74 18.41 18.05
CA GLY F 252 -39.41 18.99 18.01
C GLY F 252 -38.35 18.14 18.70
N LYS F 253 -38.80 17.16 19.47
CA LYS F 253 -37.91 16.27 20.18
C LYS F 253 -37.25 15.27 19.24
N ILE F 254 -36.21 14.61 19.73
CA ILE F 254 -35.49 13.62 18.96
C ILE F 254 -35.37 12.36 19.78
N ASP F 255 -35.76 11.24 19.18
CA ASP F 255 -35.66 9.95 19.84
C ASP F 255 -34.38 9.30 19.33
N VAL F 256 -33.51 8.94 20.25
CA VAL F 256 -32.26 8.32 19.87
C VAL F 256 -32.33 6.87 20.27
N SER F 257 -32.11 6.01 19.30
CA SER F 257 -32.15 4.58 19.52
C SER F 257 -30.76 4.16 19.91
N ILE F 258 -30.67 3.42 21.00
CA ILE F 258 -29.39 2.95 21.49
C ILE F 258 -29.52 1.48 21.89
N GLU F 259 -28.37 0.85 22.08
CA GLU F 259 -28.34 -0.51 22.54
C GLU F 259 -26.94 -0.81 23.02
N ALA F 260 -26.74 -1.94 23.69
CA ALA F 260 -25.40 -2.29 24.18
C ALA F 260 -24.51 -2.39 22.94
N ALA F 261 -23.23 -2.08 23.07
CA ALA F 261 -22.30 -2.14 21.93
C ALA F 261 -22.17 -3.53 21.26
N SER F 262 -22.34 -4.58 22.07
CA SER F 262 -22.25 -5.98 21.67
C SER F 262 -23.63 -6.53 21.32
N GLY F 263 -24.54 -5.62 20.93
CA GLY F 263 -25.88 -6.01 20.56
C GLY F 263 -26.86 -6.17 21.71
N GLY F 264 -28.14 -5.91 21.43
CA GLY F 264 -29.15 -6.04 22.45
C GLY F 264 -29.35 -4.84 23.35
N LYS F 265 -30.22 -5.04 24.34
CA LYS F 265 -30.57 -4.00 25.31
C LYS F 265 -31.02 -2.76 24.57
N ALA F 266 -31.79 -2.96 23.50
CA ALA F 266 -32.29 -1.85 22.71
C ALA F 266 -33.16 -0.93 23.55
N GLU F 267 -32.91 0.38 23.48
CA GLU F 267 -33.70 1.34 24.22
C GLU F 267 -33.76 2.67 23.44
N VAL F 268 -34.55 3.59 23.97
CA VAL F 268 -34.70 4.89 23.37
C VAL F 268 -34.54 5.99 24.39
N ILE F 269 -33.86 7.05 24.02
CA ILE F 269 -33.74 8.20 24.91
C ILE F 269 -34.10 9.42 24.08
N THR F 270 -34.65 10.43 24.73
CA THR F 270 -35.09 11.61 24.02
C THR F 270 -34.31 12.86 24.41
N CYS F 271 -34.21 13.81 23.49
CA CYS F 271 -33.48 15.03 23.77
C CYS F 271 -33.99 16.14 22.86
N ASP F 272 -33.58 17.36 23.13
CA ASP F 272 -33.95 18.52 22.30
C ASP F 272 -32.86 18.75 21.25
N VAL F 273 -31.63 18.40 21.62
CA VAL F 273 -30.53 18.52 20.69
C VAL F 273 -29.65 17.29 20.75
N LEU F 274 -29.22 16.85 19.58
CA LEU F 274 -28.36 15.69 19.41
C LEU F 274 -27.01 16.18 18.86
N LEU F 275 -25.94 16.03 19.63
CA LEU F 275 -24.63 16.45 19.16
C LEU F 275 -23.86 15.20 18.74
N VAL F 276 -23.44 15.16 17.49
CA VAL F 276 -22.68 14.05 16.92
C VAL F 276 -21.19 14.44 16.91
N CYS F 277 -20.39 13.74 17.70
CA CYS F 277 -18.95 14.00 17.74
C CYS F 277 -18.23 12.69 17.99
N ILE F 278 -18.15 11.91 16.93
CA ILE F 278 -17.50 10.64 16.95
C ILE F 278 -16.15 10.65 16.26
N GLY F 279 -15.56 11.83 16.14
CA GLY F 279 -14.24 11.96 15.51
C GLY F 279 -14.21 12.87 14.31
N ARG F 280 -13.00 13.09 13.79
CA ARG F 280 -12.81 13.90 12.62
C ARG F 280 -11.89 13.10 11.72
N ARG F 281 -11.90 13.44 10.44
CA ARG F 281 -11.12 12.70 9.47
C ARG F 281 -10.44 13.67 8.52
N PRO F 282 -9.35 13.21 7.91
CA PRO F 282 -8.59 14.07 6.98
C PRO F 282 -9.40 14.46 5.75
N PHE F 283 -9.29 15.74 5.38
CA PHE F 283 -9.97 16.32 4.23
C PHE F 283 -8.98 16.62 3.10
N THR F 284 -9.16 15.93 1.97
CA THR F 284 -8.32 16.09 0.78
C THR F 284 -9.19 16.16 -0.48
N LYS F 285 -10.47 16.45 -0.33
CA LYS F 285 -11.36 16.46 -1.50
C LYS F 285 -10.93 17.34 -2.68
N ASN F 286 -10.90 16.75 -3.87
CA ASN F 286 -10.56 17.47 -5.10
C ASN F 286 -9.26 18.26 -5.10
N LEU F 287 -8.24 17.70 -4.46
CA LEU F 287 -6.92 18.34 -4.37
C LEU F 287 -6.12 17.97 -5.62
N GLY F 288 -6.53 16.88 -6.27
CA GLY F 288 -5.87 16.37 -7.46
C GLY F 288 -4.93 15.22 -7.13
N LEU F 289 -5.08 14.63 -5.96
CA LEU F 289 -4.19 13.55 -5.51
C LEU F 289 -4.18 12.33 -6.41
N GLU F 290 -5.35 11.92 -6.90
CA GLU F 290 -5.40 10.74 -7.74
C GLU F 290 -4.66 10.94 -9.06
N GLU F 291 -4.81 12.13 -9.66
CA GLU F 291 -4.13 12.45 -10.91
C GLU F 291 -2.62 12.42 -10.68
N LEU F 292 -2.20 12.88 -9.50
CA LEU F 292 -0.78 12.91 -9.16
C LEU F 292 -0.26 11.54 -8.81
N GLY F 293 -1.14 10.59 -8.49
CA GLY F 293 -0.64 9.29 -8.13
C GLY F 293 -0.33 9.20 -6.62
N ILE F 294 -0.86 10.15 -5.85
CA ILE F 294 -0.66 10.12 -4.42
C ILE F 294 -1.83 9.39 -3.75
N GLU F 295 -1.58 8.16 -3.34
CA GLU F 295 -2.60 7.33 -2.70
C GLU F 295 -2.68 7.56 -1.19
N LEU F 296 -3.91 7.59 -0.69
CA LEU F 296 -4.16 7.77 0.72
C LEU F 296 -4.01 6.46 1.50
N ASP F 297 -3.87 6.52 2.82
CA ASP F 297 -3.80 5.28 3.60
C ASP F 297 -5.24 4.91 3.93
N PRO F 298 -5.47 3.79 4.62
CA PRO F 298 -6.84 3.35 4.97
C PRO F 298 -7.74 4.36 5.69
N ARG F 299 -7.14 5.30 6.39
CA ARG F 299 -7.91 6.30 7.10
C ARG F 299 -8.08 7.59 6.31
N GLY F 300 -7.54 7.64 5.10
CA GLY F 300 -7.70 8.84 4.30
C GLY F 300 -6.54 9.80 4.48
N ARG F 301 -5.49 9.38 5.18
CA ARG F 301 -4.33 10.25 5.35
C ARG F 301 -3.33 10.15 4.21
N ILE F 302 -2.57 11.23 4.03
CA ILE F 302 -1.52 11.27 3.01
C ILE F 302 -0.26 10.76 3.64
N PRO F 303 0.32 9.65 3.09
CA PRO F 303 1.56 9.08 3.64
C PRO F 303 2.72 10.05 3.40
N VAL F 304 3.57 10.27 4.40
CA VAL F 304 4.72 11.21 4.26
C VAL F 304 5.96 10.63 4.87
N ASN F 305 7.11 11.07 4.39
CA ASN F 305 8.38 10.57 4.93
C ASN F 305 8.83 11.43 6.13
N THR F 306 10.10 11.33 6.52
CA THR F 306 10.50 12.12 7.70
C THR F 306 10.67 13.62 7.46
N ARG F 307 10.67 14.06 6.21
CA ARG F 307 10.74 15.50 5.90
C ARG F 307 9.33 16.01 5.52
N PHE F 308 8.34 15.14 5.74
CA PHE F 308 6.94 15.39 5.43
C PHE F 308 6.64 15.47 3.92
N GLN F 309 7.55 14.89 3.13
CA GLN F 309 7.38 14.80 1.69
C GLN F 309 6.48 13.64 1.34
N THR F 310 5.59 13.87 0.38
CA THR F 310 4.74 12.77 -0.12
C THR F 310 5.62 12.01 -1.10
N LYS F 311 5.04 11.02 -1.76
CA LYS F 311 5.73 10.21 -2.77
C LYS F 311 6.40 11.13 -3.83
N ILE F 312 5.86 12.32 -4.03
CA ILE F 312 6.45 13.30 -4.99
C ILE F 312 7.25 14.22 -4.07
N PRO F 313 8.59 14.11 -4.11
CA PRO F 313 9.49 14.90 -3.26
C PRO F 313 9.26 16.40 -3.04
N ASN F 314 8.65 17.11 -3.99
CA ASN F 314 8.46 18.54 -3.78
C ASN F 314 7.08 18.88 -3.30
N ILE F 315 6.31 17.84 -2.98
CA ILE F 315 4.96 18.03 -2.48
C ILE F 315 4.90 17.44 -1.07
N TYR F 316 4.54 18.29 -0.12
CA TYR F 316 4.50 17.93 1.29
C TYR F 316 3.07 17.98 1.85
N ALA F 317 2.90 17.38 3.03
CA ALA F 317 1.61 17.36 3.72
C ALA F 317 1.89 17.39 5.22
N ILE F 318 1.07 18.13 5.97
CA ILE F 318 1.26 18.25 7.42
C ILE F 318 -0.10 18.45 8.06
N GLY F 319 -0.14 18.31 9.38
CA GLY F 319 -1.36 18.57 10.10
C GLY F 319 -2.33 17.41 10.18
N ASP F 320 -3.62 17.75 10.25
CA ASP F 320 -4.67 16.74 10.36
C ASP F 320 -4.77 15.78 9.18
N VAL F 321 -4.20 16.16 8.02
CA VAL F 321 -4.27 15.26 6.86
C VAL F 321 -3.20 14.16 6.93
N VAL F 322 -2.28 14.22 7.89
CA VAL F 322 -1.28 13.16 7.97
C VAL F 322 -1.37 12.46 9.32
N ALA F 323 -0.63 11.37 9.48
CA ALA F 323 -0.69 10.63 10.72
C ALA F 323 -0.26 11.45 11.95
N GLY F 324 -0.61 10.90 13.12
CA GLY F 324 -0.30 11.53 14.38
C GLY F 324 -1.58 12.10 15.01
N PRO F 325 -1.49 12.66 16.23
CA PRO F 325 -2.61 13.25 16.96
C PRO F 325 -3.17 14.43 16.19
N MET F 326 -4.49 14.45 15.99
CA MET F 326 -5.15 15.54 15.27
C MET F 326 -5.36 16.70 16.21
N LEU F 327 -4.29 17.44 16.40
CA LEU F 327 -4.26 18.55 17.31
C LEU F 327 -3.64 19.76 16.66
N ALA F 328 -4.02 20.93 17.16
CA ALA F 328 -3.50 22.18 16.62
C ALA F 328 -2.01 22.40 16.86
N HIS F 329 -1.50 22.11 18.08
CA HIS F 329 -0.07 22.33 18.31
C HIS F 329 0.73 21.31 17.54
N LYS F 330 0.12 20.18 17.23
CA LYS F 330 0.78 19.16 16.43
C LYS F 330 0.96 19.68 14.98
N ALA F 331 -0.12 20.17 14.39
CA ALA F 331 -0.12 20.70 13.02
C ALA F 331 0.88 21.88 12.93
N GLU F 332 0.83 22.79 13.90
CA GLU F 332 1.77 23.91 13.90
C GLU F 332 3.22 23.48 13.90
N ASP F 333 3.58 22.57 14.79
CA ASP F 333 4.97 22.13 14.87
C ASP F 333 5.43 21.49 13.56
N GLU F 334 4.59 20.65 12.96
CA GLU F 334 4.90 19.98 11.69
C GLU F 334 5.10 21.01 10.56
N GLY F 335 4.28 22.05 10.57
CA GLY F 335 4.40 23.08 9.55
C GLY F 335 5.74 23.79 9.65
N ILE F 336 6.18 24.05 10.89
CA ILE F 336 7.46 24.69 11.12
C ILE F 336 8.63 23.80 10.74
N ILE F 337 8.64 22.55 11.18
CA ILE F 337 9.78 21.72 10.84
C ILE F 337 9.78 21.31 9.36
N CYS F 338 8.59 21.18 8.79
CA CYS F 338 8.51 20.85 7.39
C CYS F 338 9.23 21.94 6.58
N VAL F 339 8.92 23.22 6.85
CA VAL F 339 9.52 24.26 6.06
C VAL F 339 10.99 24.47 6.42
N GLU F 340 11.36 24.17 7.66
CA GLU F 340 12.76 24.24 8.01
C GLU F 340 13.49 23.16 7.25
N GLY F 341 12.85 22.00 7.06
CA GLY F 341 13.50 20.92 6.30
C GLY F 341 13.70 21.36 4.86
N MET F 342 12.74 22.15 4.35
CA MET F 342 12.81 22.64 2.97
C MET F 342 14.01 23.55 2.85
N ALA F 343 14.36 24.23 3.94
CA ALA F 343 15.52 25.11 3.94
C ALA F 343 16.78 24.30 4.29
N GLY F 344 16.66 22.97 4.26
CA GLY F 344 17.79 22.09 4.51
C GLY F 344 18.15 21.64 5.92
N GLY F 345 17.47 22.19 6.93
CA GLY F 345 17.73 21.87 8.32
C GLY F 345 17.14 20.54 8.78
N ALA F 346 17.51 20.07 9.98
CA ALA F 346 16.99 18.81 10.51
C ALA F 346 15.48 18.90 10.76
N VAL F 347 14.78 17.76 10.70
CA VAL F 347 13.32 17.74 10.90
C VAL F 347 13.09 16.69 11.98
N HIS F 348 12.60 17.10 13.14
CA HIS F 348 12.35 16.13 14.23
C HIS F 348 11.12 16.44 15.06
N ILE F 349 10.33 15.39 15.31
CA ILE F 349 9.20 15.53 16.15
C ILE F 349 8.90 14.16 16.70
N ASP F 350 8.64 14.12 18.03
CA ASP F 350 8.39 12.87 18.71
C ASP F 350 6.94 12.98 19.18
N TYR F 351 6.06 12.20 18.59
CA TYR F 351 4.65 12.30 18.95
C TYR F 351 4.37 11.89 20.40
N ASN F 352 5.30 11.14 20.99
CA ASN F 352 5.19 10.71 22.40
C ASN F 352 5.25 11.94 23.29
N CYS F 353 5.98 12.95 22.83
CA CYS F 353 6.16 14.21 23.55
C CYS F 353 5.16 15.32 23.17
N VAL F 354 4.14 14.97 22.41
CA VAL F 354 3.09 15.92 22.04
C VAL F 354 2.06 15.83 23.15
N PRO F 355 1.82 16.93 23.83
CA PRO F 355 0.83 16.85 24.91
C PRO F 355 -0.64 16.86 24.43
N SER F 356 -1.53 16.35 25.29
CA SER F 356 -2.97 16.32 25.07
C SER F 356 -3.60 17.06 26.27
N VAL F 357 -4.57 17.92 26.01
CA VAL F 357 -5.25 18.64 27.09
C VAL F 357 -6.75 18.56 26.83
N ILE F 358 -7.51 18.45 27.92
CA ILE F 358 -8.96 18.47 27.87
C ILE F 358 -9.32 19.69 28.73
N TYR F 359 -9.98 20.68 28.13
CA TYR F 359 -10.29 21.95 28.81
C TYR F 359 -11.57 22.11 29.66
N THR F 360 -12.00 21.00 30.27
CA THR F 360 -13.15 20.99 31.15
C THR F 360 -12.61 21.57 32.47
N HIS F 361 -13.42 21.54 33.52
CA HIS F 361 -12.96 21.99 34.82
C HIS F 361 -13.44 20.90 35.77
N PRO F 362 -12.52 20.14 36.38
CA PRO F 362 -11.08 20.25 36.22
C PRO F 362 -10.61 19.90 34.79
N GLU F 363 -9.40 20.35 34.47
CA GLU F 363 -8.79 20.08 33.19
C GLU F 363 -8.12 18.71 33.30
N VAL F 364 -7.73 18.17 32.14
CA VAL F 364 -7.01 16.91 32.12
C VAL F 364 -5.91 17.11 31.12
N ALA F 365 -4.71 16.64 31.42
CA ALA F 365 -3.65 16.80 30.45
C ALA F 365 -2.59 15.74 30.69
N TRP F 366 -1.97 15.30 29.61
CA TRP F 366 -0.91 14.33 29.75
C TRP F 366 0.08 14.40 28.62
N VAL F 367 1.24 13.81 28.86
CA VAL F 367 2.26 13.73 27.84
C VAL F 367 3.07 12.48 28.20
N GLY F 368 3.57 11.80 27.18
CA GLY F 368 4.34 10.60 27.44
C GLY F 368 3.42 9.37 27.46
N LYS F 369 3.83 8.33 28.16
CA LYS F 369 3.06 7.08 28.17
C LYS F 369 2.06 6.92 29.34
N SER F 370 0.98 6.18 29.10
CA SER F 370 -0.01 5.87 30.15
C SER F 370 0.39 4.48 30.71
N GLU F 371 -0.22 4.07 31.80
CA GLU F 371 0.08 2.75 32.37
C GLU F 371 -0.23 1.65 31.37
N GLU F 372 -1.33 1.80 30.64
CA GLU F 372 -1.71 0.82 29.64
C GLU F 372 -0.64 0.66 28.56
N GLN F 373 -0.08 1.77 28.12
CA GLN F 373 0.98 1.69 27.11
C GLN F 373 2.24 1.05 27.70
N LEU F 374 2.60 1.42 28.93
CA LEU F 374 3.82 0.83 29.53
C LEU F 374 3.66 -0.67 29.77
N LYS F 375 2.47 -1.09 30.19
CA LYS F 375 2.22 -2.52 30.42
C LYS F 375 2.36 -3.27 29.10
N GLU F 376 1.72 -2.72 28.07
CA GLU F 376 1.74 -3.30 26.74
C GLU F 376 3.17 -3.36 26.18
N GLU F 377 3.93 -2.30 26.40
CA GLU F 377 5.30 -2.29 25.91
C GLU F 377 6.23 -3.15 26.77
N GLY F 378 5.75 -3.57 27.92
CA GLY F 378 6.54 -4.41 28.81
C GLY F 378 7.62 -3.68 29.61
N ILE F 379 7.35 -2.43 29.94
CA ILE F 379 8.29 -1.60 30.68
C ILE F 379 8.05 -1.66 32.18
N GLU F 380 9.12 -1.79 32.95
CA GLU F 380 9.00 -1.82 34.42
C GLU F 380 9.05 -0.39 34.89
N TYR F 381 8.00 0.01 35.59
CA TYR F 381 7.91 1.38 36.03
C TYR F 381 7.39 1.51 37.43
N LYS F 382 7.52 2.72 37.96
CA LYS F 382 7.03 3.03 39.28
C LYS F 382 6.05 4.20 39.13
N VAL F 383 5.18 4.34 40.11
CA VAL F 383 4.16 5.38 40.08
C VAL F 383 4.31 6.32 41.28
N GLY F 384 4.13 7.63 41.01
CA GLY F 384 4.21 8.62 42.07
C GLY F 384 2.96 9.46 41.92
N LYS F 385 2.20 9.61 42.99
CA LYS F 385 0.98 10.40 42.90
C LYS F 385 0.91 11.50 43.95
N PHE F 386 0.21 12.59 43.61
CA PHE F 386 0.01 13.68 44.54
C PHE F 386 -1.35 14.35 44.28
N PRO F 387 -2.23 14.38 45.30
CA PRO F 387 -3.55 14.98 45.16
C PRO F 387 -3.57 16.52 45.28
N PHE F 388 -4.41 17.16 44.48
CA PHE F 388 -4.51 18.61 44.56
C PHE F 388 -5.13 19.04 45.88
N ALA F 389 -5.81 18.11 46.55
CA ALA F 389 -6.40 18.43 47.85
C ALA F 389 -5.28 18.77 48.84
N ALA F 390 -4.06 18.33 48.55
CA ALA F 390 -2.95 18.62 49.47
C ALA F 390 -2.02 19.70 48.93
N ASN F 391 -2.39 20.31 47.80
CA ASN F 391 -1.57 21.37 47.19
C ASN F 391 -2.03 22.68 47.81
N SER F 392 -1.07 23.51 48.21
CA SER F 392 -1.42 24.77 48.85
C SER F 392 -2.25 25.74 48.04
N ARG F 393 -1.86 26.00 46.79
CA ARG F 393 -2.64 26.94 46.01
C ARG F 393 -4.06 26.43 45.74
N ALA F 394 -4.20 25.18 45.31
CA ALA F 394 -5.52 24.61 45.02
C ALA F 394 -6.40 24.68 46.27
N LYS F 395 -5.84 24.32 47.42
CA LYS F 395 -6.58 24.33 48.67
C LYS F 395 -7.02 25.76 49.04
N THR F 396 -6.09 26.70 49.01
CA THR F 396 -6.41 28.06 49.35
C THR F 396 -7.52 28.64 48.43
N ASN F 397 -7.54 28.23 47.18
CA ASN F 397 -8.56 28.69 46.25
C ASN F 397 -9.81 27.80 46.20
N ALA F 398 -9.86 26.79 47.08
CA ALA F 398 -10.99 25.86 47.15
C ALA F 398 -11.31 25.17 45.82
N ASP F 399 -10.26 24.76 45.11
CA ASP F 399 -10.39 24.11 43.80
C ASP F 399 -9.42 22.95 43.92
N THR F 400 -9.87 21.87 44.54
CA THR F 400 -9.02 20.72 44.85
C THR F 400 -9.27 19.34 44.21
N ASP F 401 -10.05 19.24 43.14
CA ASP F 401 -10.27 17.93 42.51
C ASP F 401 -9.00 17.41 41.85
N GLY F 402 -8.87 16.09 41.80
CA GLY F 402 -7.77 15.47 41.11
C GLY F 402 -6.38 15.25 41.66
N MET F 403 -5.48 14.94 40.73
CA MET F 403 -4.13 14.65 41.08
C MET F 403 -3.20 14.72 39.88
N VAL F 404 -1.91 14.66 40.21
CA VAL F 404 -0.85 14.57 39.24
C VAL F 404 -0.29 13.14 39.40
N LYS F 405 -0.19 12.39 38.30
CA LYS F 405 0.42 11.08 38.36
C LYS F 405 1.65 11.00 37.46
N ILE F 406 2.79 10.61 38.07
CA ILE F 406 4.02 10.46 37.35
C ILE F 406 4.38 8.98 37.19
N LEU F 407 4.83 8.60 35.98
CA LEU F 407 5.25 7.21 35.74
C LEU F 407 6.73 7.28 35.39
N GLY F 408 7.56 6.58 36.18
CA GLY F 408 8.99 6.55 35.95
C GLY F 408 9.58 5.17 35.76
N GLN F 409 10.57 5.06 34.88
CA GLN F 409 11.26 3.81 34.59
C GLN F 409 11.85 3.29 35.91
N LYS F 410 11.44 2.09 36.30
CA LYS F 410 11.87 1.46 37.55
C LYS F 410 13.39 1.55 37.82
N SER F 411 14.18 1.32 36.78
CA SER F 411 15.62 1.33 36.93
C SER F 411 16.37 2.67 36.81
N THR F 412 15.99 3.49 35.84
CA THR F 412 16.69 4.75 35.62
C THR F 412 16.10 6.01 36.27
N ASP F 413 14.88 5.90 36.79
CA ASP F 413 14.14 7.02 37.38
C ASP F 413 13.74 8.01 36.27
N ARG F 414 13.88 7.56 35.03
CA ARG F 414 13.51 8.38 33.88
C ARG F 414 12.00 8.60 33.85
N VAL F 415 11.56 9.85 33.74
CA VAL F 415 10.12 10.09 33.68
C VAL F 415 9.63 9.54 32.34
N LEU F 416 8.58 8.73 32.36
CA LEU F 416 8.06 8.12 31.14
C LEU F 416 6.69 8.70 30.72
N GLY F 417 5.96 9.20 31.72
CA GLY F 417 4.65 9.78 31.46
C GLY F 417 4.23 10.67 32.61
N ALA F 418 3.48 11.72 32.29
CA ALA F 418 2.95 12.62 33.31
C ALA F 418 1.49 12.82 32.95
N HIS F 419 0.62 12.63 33.94
CA HIS F 419 -0.81 12.71 33.73
C HIS F 419 -1.36 13.60 34.80
N ILE F 420 -2.10 14.62 34.37
CA ILE F 420 -2.63 15.61 35.28
C ILE F 420 -4.14 15.75 35.18
N LEU F 421 -4.80 15.66 36.32
CA LEU F 421 -6.25 15.81 36.41
C LEU F 421 -6.51 16.85 37.51
N GLY F 422 -6.94 18.04 37.11
CA GLY F 422 -7.19 19.06 38.11
C GLY F 422 -6.99 20.48 37.60
N PRO F 423 -7.01 21.46 38.52
CA PRO F 423 -6.82 22.85 38.08
C PRO F 423 -5.45 23.10 37.47
N GLY F 424 -5.47 23.83 36.35
CA GLY F 424 -4.25 24.22 35.66
C GLY F 424 -3.51 23.13 34.91
N ALA F 425 -4.14 21.98 34.72
CA ALA F 425 -3.46 20.88 34.02
C ALA F 425 -2.88 21.27 32.65
N GLY F 426 -3.63 22.05 31.87
CA GLY F 426 -3.19 22.48 30.56
C GLY F 426 -1.90 23.28 30.50
N GLU F 427 -1.71 24.18 31.46
CA GLU F 427 -0.48 24.97 31.51
C GLU F 427 0.65 24.10 32.08
N MET F 428 0.34 23.34 33.12
CA MET F 428 1.32 22.48 33.79
C MET F 428 1.94 21.39 32.90
N VAL F 429 1.18 20.84 31.95
CA VAL F 429 1.70 19.75 31.11
C VAL F 429 2.89 20.20 30.27
N ASN F 430 2.99 21.51 30.07
CA ASN F 430 4.11 22.04 29.29
C ASN F 430 5.43 21.97 30.06
N GLU F 431 5.38 22.02 31.38
CA GLU F 431 6.59 21.86 32.16
C GLU F 431 6.99 20.38 31.99
N ALA F 432 5.98 19.51 31.96
CA ALA F 432 6.22 18.07 31.79
C ALA F 432 6.77 17.80 30.42
N ALA F 433 6.29 18.52 29.42
CA ALA F 433 6.79 18.27 28.08
C ALA F 433 8.26 18.67 28.00
N LEU F 434 8.65 19.76 28.66
CA LEU F 434 10.04 20.16 28.61
C LEU F 434 10.90 19.07 29.30
N ALA F 435 10.45 18.61 30.46
CA ALA F 435 11.18 17.56 31.18
C ALA F 435 11.37 16.33 30.28
N LEU F 436 10.31 15.85 29.65
CA LEU F 436 10.45 14.69 28.76
C LEU F 436 11.44 14.95 27.63
N GLU F 437 11.42 16.16 27.09
CA GLU F 437 12.33 16.50 26.00
C GLU F 437 13.81 16.32 26.42
N TYR F 438 14.07 16.69 27.68
CA TYR F 438 15.41 16.60 28.24
C TYR F 438 15.77 15.23 28.78
N GLY F 439 14.82 14.30 28.77
CA GLY F 439 15.10 12.98 29.27
C GLY F 439 15.26 13.05 30.79
N ALA F 440 14.47 13.89 31.43
CA ALA F 440 14.50 14.07 32.88
C ALA F 440 14.15 12.82 33.67
N SER F 441 14.77 12.79 34.84
CA SER F 441 14.53 11.74 35.81
C SER F 441 13.50 12.38 36.77
N CYS F 442 12.75 11.55 37.49
CA CYS F 442 11.77 12.08 38.43
C CYS F 442 12.46 12.97 39.46
N GLU F 443 13.66 12.53 39.86
CA GLU F 443 14.47 13.26 40.84
C GLU F 443 14.86 14.63 40.31
N ASP F 444 15.23 14.71 39.04
CA ASP F 444 15.58 16.00 38.44
C ASP F 444 14.49 16.99 38.76
N ILE F 445 13.27 16.58 38.44
CA ILE F 445 12.13 17.43 38.64
C ILE F 445 11.90 17.80 40.10
N ALA F 446 11.97 16.79 40.96
CA ALA F 446 11.77 16.98 42.41
C ALA F 446 12.75 18.00 43.00
N ARG F 447 13.93 18.08 42.42
CA ARG F 447 14.95 19.00 42.90
C ARG F 447 14.91 20.42 42.33
N VAL F 448 14.07 20.67 41.32
CA VAL F 448 13.96 22.03 40.77
C VAL F 448 13.09 22.84 41.74
N CYS F 449 13.51 24.07 42.01
CA CYS F 449 12.77 24.90 42.92
C CYS F 449 11.53 25.46 42.24
N HIS F 450 10.35 25.00 42.68
CA HIS F 450 9.10 25.51 42.15
C HIS F 450 8.63 26.59 43.12
N ALA F 451 7.95 27.59 42.58
CA ALA F 451 7.45 28.67 43.41
C ALA F 451 6.32 28.21 44.33
N HIS F 452 6.32 28.72 45.56
CA HIS F 452 5.26 28.42 46.52
C HIS F 452 4.42 29.70 46.77
N PRO F 453 3.08 29.59 46.72
CA PRO F 453 2.25 28.41 46.47
C PRO F 453 1.77 28.38 45.01
N THR F 454 2.03 27.26 44.35
CA THR F 454 1.62 27.11 42.97
C THR F 454 1.16 25.68 42.77
N LEU F 455 0.27 25.53 41.81
CA LEU F 455 -0.26 24.23 41.47
C LEU F 455 0.88 23.35 40.97
N SER F 456 1.92 23.98 40.44
CA SER F 456 3.06 23.25 39.89
C SER F 456 3.74 22.42 40.97
N GLU F 457 3.56 22.80 42.23
CA GLU F 457 4.16 22.07 43.34
C GLU F 457 3.64 20.62 43.39
N ALA F 458 2.38 20.42 43.01
CA ALA F 458 1.84 19.07 42.99
C ALA F 458 2.66 18.25 41.97
N PHE F 459 3.05 18.88 40.86
CA PHE F 459 3.81 18.20 39.83
C PHE F 459 5.16 17.81 40.45
N ARG F 460 5.76 18.77 41.14
CA ARG F 460 7.04 18.57 41.82
C ARG F 460 6.97 17.41 42.81
N GLU F 461 5.94 17.43 43.65
CA GLU F 461 5.74 16.41 44.69
C GLU F 461 5.47 15.00 44.14
N ALA F 462 4.71 14.91 43.05
CA ALA F 462 4.43 13.59 42.49
C ALA F 462 5.71 12.98 41.91
N ASN F 463 6.62 13.84 41.44
CA ASN F 463 7.88 13.36 40.91
C ASN F 463 8.76 12.94 42.11
N LEU F 464 8.65 13.68 43.21
CA LEU F 464 9.40 13.35 44.42
C LEU F 464 8.90 11.97 44.91
N ALA F 465 7.59 11.78 44.97
CA ALA F 465 7.05 10.50 45.40
C ALA F 465 7.53 9.34 44.50
N ALA F 466 7.52 9.55 43.18
CA ALA F 466 7.95 8.53 42.24
C ALA F 466 9.44 8.24 42.36
N SER F 467 10.25 9.26 42.66
CA SER F 467 11.69 9.07 42.77
C SER F 467 12.11 8.55 44.16
N PHE F 468 11.60 9.19 45.21
CA PHE F 468 11.95 8.85 46.58
C PHE F 468 11.05 7.83 47.25
N GLY F 469 9.77 7.80 46.86
CA GLY F 469 8.83 6.88 47.47
C GLY F 469 7.77 7.65 48.24
N LYS F 470 8.12 8.82 48.75
CA LYS F 470 7.18 9.64 49.50
C LYS F 470 7.33 11.12 49.12
N SER F 471 6.21 11.85 49.16
CA SER F 471 6.25 13.28 48.88
C SER F 471 6.32 13.92 50.27
N ILE F 472 6.51 15.25 50.33
CA ILE F 472 6.58 15.96 51.61
C ILE F 472 5.22 16.26 52.23
N ASN F 473 4.30 16.76 51.41
CA ASN F 473 2.99 17.15 51.90
C ASN F 473 1.82 16.19 51.84
N PHE F 474 2.09 14.93 51.55
CA PHE F 474 1.05 13.93 51.51
C PHE F 474 1.68 12.60 51.86
N GLN G 3 -56.99 -36.00 27.83
CA GLN G 3 -56.10 -36.72 28.80
C GLN G 3 -55.02 -35.84 29.48
N PRO G 4 -55.46 -34.88 30.31
CA PRO G 4 -54.46 -34.03 30.98
C PRO G 4 -53.66 -34.74 32.07
N ILE G 5 -52.47 -34.20 32.36
CA ILE G 5 -51.63 -34.76 33.40
C ILE G 5 -51.52 -33.71 34.50
N ASP G 6 -51.28 -34.14 35.72
CA ASP G 6 -51.10 -33.21 36.81
C ASP G 6 -49.70 -33.42 37.37
N ALA G 7 -49.17 -32.37 37.97
CA ALA G 7 -47.83 -32.38 38.51
C ALA G 7 -47.70 -31.33 39.58
N ASP G 8 -46.63 -31.47 40.37
CA ASP G 8 -46.29 -30.47 41.40
C ASP G 8 -45.39 -29.44 40.71
N VAL G 9 -44.52 -29.94 39.84
CA VAL G 9 -43.55 -29.11 39.13
C VAL G 9 -43.44 -29.46 37.64
N THR G 10 -43.60 -28.46 36.80
CA THR G 10 -43.48 -28.66 35.36
C THR G 10 -42.34 -27.74 34.91
N VAL G 11 -41.29 -28.38 34.43
CA VAL G 11 -40.10 -27.67 33.96
C VAL G 11 -40.17 -27.54 32.44
N ILE G 12 -40.06 -26.31 31.96
CA ILE G 12 -40.12 -26.09 30.54
C ILE G 12 -38.71 -25.90 30.05
N GLY G 13 -38.18 -26.93 29.40
CA GLY G 13 -36.84 -26.89 28.88
C GLY G 13 -36.01 -27.97 29.54
N SER G 14 -35.17 -28.65 28.77
CA SER G 14 -34.35 -29.73 29.30
C SER G 14 -32.83 -29.54 29.15
N GLY G 15 -32.40 -28.28 29.12
CA GLY G 15 -30.98 -28.02 29.05
C GLY G 15 -30.42 -28.19 30.46
N PRO G 16 -29.15 -27.81 30.71
CA PRO G 16 -28.50 -27.93 32.01
C PRO G 16 -29.41 -27.48 33.17
N GLY G 17 -30.03 -26.34 33.01
CA GLY G 17 -30.90 -25.86 34.06
C GLY G 17 -32.16 -26.70 34.26
N GLY G 18 -32.90 -26.91 33.18
CA GLY G 18 -34.13 -27.65 33.28
C GLY G 18 -34.02 -29.11 33.63
N TYR G 19 -33.11 -29.83 32.98
CA TYR G 19 -33.04 -31.27 33.27
C TYR G 19 -32.55 -31.57 34.69
N VAL G 20 -31.64 -30.74 35.19
CA VAL G 20 -31.09 -30.92 36.54
C VAL G 20 -32.19 -30.57 37.55
N ALA G 21 -32.89 -29.46 37.31
CA ALA G 21 -34.00 -29.03 38.17
C ALA G 21 -35.06 -30.12 38.28
N ALA G 22 -35.42 -30.70 37.13
CA ALA G 22 -36.44 -31.78 37.07
C ALA G 22 -35.99 -32.97 37.90
N ILE G 23 -34.76 -33.43 37.71
CA ILE G 23 -34.26 -34.57 38.49
C ILE G 23 -34.29 -34.23 39.98
N LYS G 24 -33.73 -33.07 40.34
CA LYS G 24 -33.69 -32.66 41.74
C LYS G 24 -35.11 -32.57 42.32
N ALA G 25 -36.05 -31.99 41.58
CA ALA G 25 -37.43 -31.87 42.08
C ALA G 25 -38.02 -33.25 42.36
N ALA G 26 -37.77 -34.16 41.43
CA ALA G 26 -38.25 -35.53 41.62
C ALA G 26 -37.59 -36.18 42.85
N GLN G 27 -36.28 -35.97 43.02
CA GLN G 27 -35.58 -36.54 44.17
C GLN G 27 -36.08 -35.97 45.51
N LEU G 28 -36.63 -34.76 45.47
CA LEU G 28 -37.13 -34.11 46.67
C LEU G 28 -38.57 -34.57 46.93
N GLY G 29 -39.13 -35.35 45.99
CA GLY G 29 -40.49 -35.86 46.14
C GLY G 29 -41.60 -35.19 45.31
N PHE G 30 -41.27 -34.20 44.51
CA PHE G 30 -42.29 -33.51 43.70
C PHE G 30 -42.67 -34.35 42.49
N LYS G 31 -43.97 -34.38 42.15
CA LYS G 31 -44.40 -35.08 40.94
C LYS G 31 -43.94 -34.10 39.85
N THR G 32 -43.08 -34.60 38.99
CA THR G 32 -42.39 -33.78 37.99
C THR G 32 -42.49 -34.14 36.54
N VAL G 33 -42.78 -33.10 35.76
CA VAL G 33 -42.90 -33.17 34.32
C VAL G 33 -41.82 -32.23 33.70
N CYS G 34 -41.16 -32.71 32.65
CA CYS G 34 -40.19 -31.84 31.96
C CYS G 34 -40.58 -31.81 30.49
N ILE G 35 -40.86 -30.60 29.99
CA ILE G 35 -41.27 -30.39 28.59
C ILE G 35 -40.08 -29.94 27.73
N GLU G 36 -39.93 -30.57 26.58
CA GLU G 36 -38.84 -30.25 25.64
C GLU G 36 -39.32 -30.29 24.19
N LYS G 37 -39.05 -29.22 23.44
CA LYS G 37 -39.47 -29.15 22.05
C LYS G 37 -38.53 -29.83 21.07
N ASN G 38 -37.24 -29.90 21.35
CA ASN G 38 -36.28 -30.54 20.43
C ASN G 38 -36.39 -32.08 20.43
N GLU G 39 -35.65 -32.72 19.53
CA GLU G 39 -35.66 -34.16 19.38
C GLU G 39 -34.94 -34.87 20.50
N THR G 40 -33.99 -34.19 21.11
CA THR G 40 -33.25 -34.76 22.21
C THR G 40 -33.31 -33.81 23.41
N LEU G 41 -32.93 -34.35 24.56
CA LEU G 41 -32.87 -33.61 25.81
C LEU G 41 -31.45 -32.97 25.89
N GLY G 42 -31.23 -32.08 26.84
CA GLY G 42 -29.87 -31.55 26.99
C GLY G 42 -29.63 -30.10 26.60
N GLY G 43 -30.58 -29.55 25.86
CA GLY G 43 -30.48 -28.17 25.47
C GLY G 43 -29.24 -27.81 24.69
N THR G 44 -28.88 -26.54 24.80
CA THR G 44 -27.74 -26.02 24.06
C THR G 44 -26.44 -26.73 24.40
N CYS G 45 -26.12 -26.77 25.69
N CYS G 45 -26.17 -26.78 25.70
CA CYS G 45 -24.91 -27.36 26.19
CA CYS G 45 -25.00 -27.40 26.27
C CYS G 45 -24.61 -28.74 25.65
C CYS G 45 -24.65 -28.72 25.67
N LEU G 46 -25.55 -29.67 25.80
CA LEU G 46 -25.30 -31.03 25.29
C LEU G 46 -25.36 -31.14 23.77
N ASN G 47 -26.30 -30.45 23.14
CA ASN G 47 -26.45 -30.63 21.70
C ASN G 47 -25.60 -29.80 20.76
N VAL G 48 -25.50 -28.51 21.04
CA VAL G 48 -24.73 -27.64 20.15
C VAL G 48 -23.80 -26.72 20.93
N GLY G 49 -23.43 -27.16 22.12
CA GLY G 49 -22.60 -26.31 22.93
C GLY G 49 -21.38 -26.87 23.57
N CYS G 50 -21.43 -26.85 24.89
N CYS G 50 -21.40 -26.82 24.89
CA CYS G 50 -20.34 -27.34 25.72
CA CYS G 50 -20.30 -27.29 25.70
C CYS G 50 -19.74 -28.65 25.26
C CYS G 50 -19.73 -28.66 25.33
N ILE G 51 -20.60 -29.65 25.15
CA ILE G 51 -20.16 -30.98 24.80
C ILE G 51 -19.46 -31.17 23.48
N PRO G 52 -20.09 -30.77 22.36
CA PRO G 52 -19.38 -30.96 21.09
C PRO G 52 -18.15 -30.05 20.96
N SER G 53 -18.23 -28.84 21.51
CA SER G 53 -17.04 -27.97 21.41
C SER G 53 -15.87 -28.55 22.20
N LYS G 54 -16.09 -29.07 23.41
CA LYS G 54 -14.96 -29.61 24.15
C LYS G 54 -14.41 -30.87 23.48
N ALA G 55 -15.26 -31.64 22.81
CA ALA G 55 -14.81 -32.84 22.09
C ALA G 55 -13.85 -32.44 20.95
N LEU G 56 -14.20 -31.39 20.21
CA LEU G 56 -13.34 -30.93 19.11
C LEU G 56 -12.11 -30.25 19.68
N LEU G 57 -12.28 -29.52 20.77
CA LEU G 57 -11.11 -28.90 21.35
C LEU G 57 -10.10 -29.99 21.75
N ASN G 58 -10.60 -31.09 22.33
CA ASN G 58 -9.71 -32.16 22.77
C ASN G 58 -9.06 -32.88 21.57
N ASN G 59 -9.88 -33.25 20.58
CA ASN G 59 -9.38 -33.98 19.42
C ASN G 59 -8.40 -33.13 18.60
N SER G 60 -8.71 -31.85 18.45
CA SER G 60 -7.87 -30.95 17.65
C SER G 60 -6.56 -30.70 18.33
N HIS G 61 -6.57 -30.65 19.66
CA HIS G 61 -5.32 -30.41 20.38
C HIS G 61 -4.42 -31.63 20.18
N TYR G 62 -4.98 -32.84 20.31
CA TYR G 62 -4.18 -34.06 20.13
C TYR G 62 -3.63 -34.19 18.70
N TYR G 63 -4.41 -33.74 17.71
CA TYR G 63 -3.99 -33.74 16.32
C TYR G 63 -2.75 -32.85 16.17
N HIS G 64 -2.83 -31.65 16.76
CA HIS G 64 -1.75 -30.70 16.75
C HIS G 64 -0.51 -31.32 17.44
N MET G 65 -0.71 -32.01 18.57
CA MET G 65 0.41 -32.62 19.28
C MET G 65 1.11 -33.71 18.43
N ALA G 66 0.32 -34.41 17.62
CA ALA G 66 0.83 -35.49 16.77
C ALA G 66 1.46 -35.00 15.46
N HIS G 67 0.79 -34.05 14.85
CA HIS G 67 1.13 -33.49 13.56
C HIS G 67 2.27 -32.50 13.67
N GLY G 68 2.35 -31.84 14.82
CA GLY G 68 3.42 -30.91 15.04
C GLY G 68 4.66 -31.53 15.67
N THR G 69 5.37 -30.69 16.39
CA THR G 69 6.62 -31.02 17.05
C THR G 69 6.54 -31.79 18.38
N ASP G 70 5.42 -31.72 19.06
CA ASP G 70 5.34 -32.37 20.36
C ASP G 70 5.67 -33.87 20.47
N PHE G 71 4.96 -34.71 19.73
CA PHE G 71 5.21 -36.15 19.85
C PHE G 71 6.61 -36.57 19.43
N ALA G 72 7.11 -35.99 18.33
CA ALA G 72 8.46 -36.32 17.84
C ALA G 72 9.47 -36.01 18.93
N SER G 73 9.25 -34.91 19.63
CA SER G 73 10.18 -34.51 20.70
C SER G 73 10.17 -35.50 21.86
N ARG G 74 9.18 -36.37 21.91
CA ARG G 74 9.08 -37.34 23.00
C ARG G 74 9.49 -38.74 22.54
N GLY G 75 10.00 -38.83 21.32
CA GLY G 75 10.40 -40.13 20.78
C GLY G 75 9.25 -40.94 20.17
N ILE G 76 8.12 -40.29 19.90
CA ILE G 76 6.98 -40.96 19.29
C ILE G 76 7.04 -40.56 17.82
N GLU G 77 7.63 -41.42 17.01
CA GLU G 77 7.81 -41.10 15.60
C GLU G 77 6.77 -41.69 14.72
N MET G 78 6.27 -40.87 13.82
CA MET G 78 5.23 -41.29 12.92
C MET G 78 5.51 -40.85 11.50
N SER G 79 4.93 -41.60 10.57
CA SER G 79 5.04 -41.37 9.14
C SER G 79 4.32 -40.08 8.74
N GLU G 80 3.11 -40.20 8.21
CA GLU G 80 2.36 -39.01 7.85
C GLU G 80 1.18 -38.98 8.81
N VAL G 81 0.98 -37.84 9.46
CA VAL G 81 -0.13 -37.72 10.37
C VAL G 81 -1.17 -37.04 9.54
N ARG G 82 -2.32 -37.68 9.38
CA ARG G 82 -3.40 -37.09 8.61
C ARG G 82 -4.73 -36.96 9.36
N LEU G 83 -5.54 -36.02 8.92
CA LEU G 83 -6.82 -35.75 9.54
C LEU G 83 -7.97 -36.44 8.85
N ASN G 84 -8.74 -37.22 9.59
CA ASN G 84 -9.92 -37.84 9.02
C ASN G 84 -10.99 -37.05 9.78
N LEU G 85 -11.48 -35.98 9.15
CA LEU G 85 -12.45 -35.11 9.80
C LEU G 85 -13.75 -35.83 10.07
N ASP G 86 -14.13 -36.73 9.18
CA ASP G 86 -15.37 -37.44 9.40
C ASP G 86 -15.29 -38.24 10.70
N LYS G 87 -14.15 -38.90 10.91
CA LYS G 87 -13.95 -39.72 12.09
C LYS G 87 -13.85 -38.84 13.37
N MET G 88 -13.21 -37.68 13.28
CA MET G 88 -13.11 -36.80 14.42
C MET G 88 -14.51 -36.30 14.78
N MET G 89 -15.30 -35.97 13.76
CA MET G 89 -16.69 -35.51 13.96
C MET G 89 -17.57 -36.64 14.52
N GLU G 90 -17.15 -37.87 14.24
CA GLU G 90 -17.89 -39.03 14.73
C GLU G 90 -17.68 -39.21 16.22
N GLN G 91 -16.43 -39.04 16.66
CA GLN G 91 -16.08 -39.15 18.08
C GLN G 91 -16.97 -38.14 18.85
N LYS G 92 -17.09 -36.93 18.29
CA LYS G 92 -17.89 -35.87 18.85
C LYS G 92 -19.38 -36.22 18.93
N SER G 93 -19.92 -36.75 17.84
CA SER G 93 -21.34 -37.11 17.80
C SER G 93 -21.67 -38.26 18.74
N THR G 94 -20.74 -39.16 18.89
CA THR G 94 -20.93 -40.32 19.76
C THR G 94 -20.98 -39.89 21.23
N ALA G 95 -20.17 -38.89 21.59
CA ALA G 95 -20.19 -38.40 22.96
C ALA G 95 -21.57 -37.74 23.21
N VAL G 96 -21.99 -36.91 22.27
CA VAL G 96 -23.26 -36.22 22.35
C VAL G 96 -24.43 -37.22 22.39
N LYS G 97 -24.37 -38.26 21.58
CA LYS G 97 -25.45 -39.23 21.57
C LYS G 97 -25.52 -39.93 22.92
N ALA G 98 -24.37 -40.29 23.45
CA ALA G 98 -24.36 -40.97 24.72
C ALA G 98 -24.87 -40.08 25.88
N LEU G 99 -24.47 -38.82 25.93
CA LEU G 99 -24.91 -37.96 27.03
C LEU G 99 -26.39 -37.58 26.93
N THR G 100 -26.90 -37.39 25.73
CA THR G 100 -28.32 -37.04 25.60
C THR G 100 -29.16 -38.25 25.97
N GLY G 101 -28.69 -39.44 25.61
CA GLY G 101 -29.41 -40.65 25.94
C GLY G 101 -29.40 -40.86 27.45
N GLY G 102 -28.27 -40.49 28.06
CA GLY G 102 -28.14 -40.60 29.50
C GLY G 102 -29.17 -39.75 30.24
N ILE G 103 -29.54 -38.62 29.67
CA ILE G 103 -30.52 -37.80 30.35
C ILE G 103 -31.90 -38.50 30.37
N ALA G 104 -32.28 -39.08 29.23
CA ALA G 104 -33.54 -39.80 29.14
C ALA G 104 -33.58 -40.92 30.21
N HIS G 105 -32.47 -41.64 30.38
N HIS G 105 -32.47 -41.61 30.38
CA HIS G 105 -32.41 -42.70 31.38
CA HIS G 105 -32.40 -42.69 31.38
C HIS G 105 -32.55 -42.15 32.81
C HIS G 105 -32.53 -42.16 32.81
N LEU G 106 -31.90 -41.02 33.08
CA LEU G 106 -31.96 -40.41 34.41
C LEU G 106 -33.40 -39.97 34.69
N PHE G 107 -34.12 -39.48 33.67
CA PHE G 107 -35.50 -39.05 33.87
C PHE G 107 -36.33 -40.27 34.29
N LYS G 108 -36.14 -41.36 33.59
CA LYS G 108 -36.85 -42.60 33.90
C LYS G 108 -36.53 -43.09 35.31
N GLN G 109 -35.24 -43.12 35.65
CA GLN G 109 -34.77 -43.56 36.97
C GLN G 109 -35.41 -42.77 38.12
N ASN G 110 -35.59 -41.47 37.89
CA ASN G 110 -36.15 -40.57 38.91
C ASN G 110 -37.64 -40.26 38.80
N LYS G 111 -38.33 -40.92 37.86
CA LYS G 111 -39.77 -40.71 37.65
C LYS G 111 -40.12 -39.37 37.01
N VAL G 112 -39.18 -38.74 36.32
CA VAL G 112 -39.52 -37.47 35.70
C VAL G 112 -40.29 -37.82 34.45
N VAL G 113 -41.45 -37.21 34.25
CA VAL G 113 -42.25 -37.46 33.07
C VAL G 113 -41.81 -36.50 31.97
N HIS G 114 -41.32 -37.07 30.87
CA HIS G 114 -40.88 -36.33 29.72
C HIS G 114 -42.04 -36.08 28.72
N VAL G 115 -42.36 -34.81 28.45
CA VAL G 115 -43.37 -34.48 27.46
C VAL G 115 -42.64 -33.78 26.28
N ASN G 116 -42.83 -34.29 25.05
CA ASN G 116 -42.23 -33.69 23.84
C ASN G 116 -43.25 -32.72 23.24
N GLY G 117 -42.81 -31.50 22.99
CA GLY G 117 -43.70 -30.50 22.42
C GLY G 117 -43.18 -29.13 22.83
N TYR G 118 -43.78 -28.11 22.22
CA TYR G 118 -43.41 -26.73 22.48
C TYR G 118 -44.32 -26.31 23.61
N GLY G 119 -43.74 -25.95 24.73
CA GLY G 119 -44.58 -25.58 25.86
C GLY G 119 -45.01 -24.13 25.91
N LYS G 120 -46.24 -23.92 26.35
CA LYS G 120 -46.75 -22.57 26.49
C LYS G 120 -47.55 -22.51 27.78
N ILE G 121 -47.34 -21.48 28.59
CA ILE G 121 -48.09 -21.38 29.82
C ILE G 121 -49.47 -20.88 29.43
N THR G 122 -50.46 -21.73 29.67
CA THR G 122 -51.84 -21.42 29.32
C THR G 122 -52.66 -20.98 30.51
N GLY G 123 -52.03 -20.94 31.68
CA GLY G 123 -52.72 -20.51 32.88
C GLY G 123 -51.75 -20.48 34.05
N LYS G 124 -52.13 -19.79 35.11
CA LYS G 124 -51.29 -19.68 36.29
C LYS G 124 -50.83 -21.06 36.73
N ASN G 125 -51.70 -22.06 36.56
CA ASN G 125 -51.39 -23.43 36.96
C ASN G 125 -51.49 -24.41 35.81
N GLN G 126 -51.13 -23.96 34.62
CA GLN G 126 -51.27 -24.85 33.48
C GLN G 126 -50.31 -24.59 32.35
N VAL G 127 -49.72 -25.67 31.85
CA VAL G 127 -48.83 -25.57 30.73
C VAL G 127 -49.38 -26.51 29.66
N THR G 128 -49.36 -26.07 28.40
CA THR G 128 -49.84 -26.87 27.28
C THR G 128 -48.70 -27.08 26.28
N ALA G 129 -48.42 -28.34 25.99
CA ALA G 129 -47.36 -28.70 25.07
C ALA G 129 -48.00 -29.10 23.75
N THR G 130 -47.50 -28.49 22.68
CA THR G 130 -48.01 -28.76 21.35
C THR G 130 -46.93 -29.47 20.55
N LYS G 131 -47.23 -30.69 20.15
CA LYS G 131 -46.30 -31.48 19.36
C LYS G 131 -46.18 -30.94 17.92
N ALA G 132 -45.22 -31.49 17.19
CA ALA G 132 -44.99 -31.10 15.82
C ALA G 132 -46.25 -31.30 14.97
N ASP G 133 -46.89 -32.46 15.12
CA ASP G 133 -48.11 -32.78 14.37
C ASP G 133 -49.38 -32.09 14.87
N GLY G 134 -49.21 -31.00 15.62
CA GLY G 134 -50.35 -30.27 16.14
C GLY G 134 -50.96 -30.87 17.40
N GLY G 135 -50.59 -32.10 17.73
CA GLY G 135 -51.10 -32.77 18.93
C GLY G 135 -50.85 -31.96 20.19
N THR G 136 -51.69 -32.17 21.20
CA THR G 136 -51.62 -31.43 22.44
C THR G 136 -51.62 -32.22 23.78
N GLN G 137 -50.87 -31.71 24.76
CA GLN G 137 -50.82 -32.33 26.08
C GLN G 137 -50.90 -31.19 27.09
N VAL G 138 -51.85 -31.30 27.98
CA VAL G 138 -52.05 -30.27 28.98
C VAL G 138 -51.55 -30.80 30.30
N ILE G 139 -50.86 -29.96 31.06
CA ILE G 139 -50.37 -30.36 32.40
C ILE G 139 -50.89 -29.33 33.39
N ASP G 140 -51.69 -29.79 34.34
CA ASP G 140 -52.21 -28.94 35.41
C ASP G 140 -51.14 -29.11 36.47
N THR G 141 -50.54 -27.99 36.87
CA THR G 141 -49.41 -28.06 37.76
C THR G 141 -49.40 -26.99 38.84
N LYS G 142 -48.89 -27.31 40.03
CA LYS G 142 -48.83 -26.33 41.11
C LYS G 142 -47.78 -25.25 40.81
N ASN G 143 -46.63 -25.69 40.33
CA ASN G 143 -45.52 -24.80 40.00
C ASN G 143 -45.01 -24.98 38.59
N ILE G 144 -44.52 -23.88 38.02
CA ILE G 144 -43.95 -23.86 36.68
C ILE G 144 -42.52 -23.31 36.78
N LEU G 145 -41.58 -24.04 36.19
CA LEU G 145 -40.20 -23.64 36.18
C LEU G 145 -39.78 -23.39 34.76
N ILE G 146 -39.59 -22.13 34.40
CA ILE G 146 -39.15 -21.74 33.05
C ILE G 146 -37.61 -21.90 32.95
N ALA G 147 -37.15 -22.71 32.00
CA ALA G 147 -35.73 -22.98 31.78
C ALA G 147 -35.53 -23.05 30.27
N THR G 148 -36.15 -22.10 29.57
CA THR G 148 -36.14 -22.08 28.10
C THR G 148 -34.84 -21.67 27.42
N GLY G 149 -33.88 -21.27 28.24
CA GLY G 149 -32.57 -20.96 27.74
C GLY G 149 -32.31 -19.79 26.83
N SER G 150 -31.38 -20.03 25.92
CA SER G 150 -30.95 -19.02 24.98
C SER G 150 -30.90 -19.47 23.51
N GLU G 151 -30.44 -18.52 22.68
CA GLU G 151 -30.25 -18.70 21.24
C GLU G 151 -29.14 -17.75 20.81
N VAL G 152 -28.56 -18.04 19.67
CA VAL G 152 -27.54 -17.17 19.10
C VAL G 152 -28.07 -15.74 18.93
N THR G 153 -27.22 -14.74 19.11
CA THR G 153 -27.69 -13.38 18.88
C THR G 153 -27.41 -13.11 17.39
N PRO G 154 -28.44 -12.78 16.62
CA PRO G 154 -28.13 -12.54 15.21
C PRO G 154 -27.42 -11.20 14.99
N PHE G 155 -26.70 -11.13 13.88
CA PHE G 155 -25.98 -9.92 13.49
C PHE G 155 -26.85 -9.34 12.35
N PRO G 156 -27.51 -8.21 12.61
CA PRO G 156 -28.37 -7.56 11.60
C PRO G 156 -27.66 -7.37 10.25
N GLY G 157 -28.26 -7.87 9.18
CA GLY G 157 -27.67 -7.69 7.88
C GLY G 157 -26.82 -8.83 7.42
N ILE G 158 -26.46 -9.72 8.34
CA ILE G 158 -25.67 -10.89 7.97
C ILE G 158 -26.56 -12.08 8.29
N THR G 159 -26.90 -12.82 7.25
CA THR G 159 -27.77 -13.96 7.39
C THR G 159 -26.99 -15.26 7.55
N ILE G 160 -27.21 -15.94 8.67
CA ILE G 160 -26.52 -17.19 8.93
C ILE G 160 -27.24 -18.31 8.17
N ASP G 161 -26.49 -19.13 7.45
CA ASP G 161 -27.09 -20.23 6.71
C ASP G 161 -26.53 -21.57 7.17
N GLU G 162 -25.58 -21.50 8.11
CA GLU G 162 -24.93 -22.67 8.67
C GLU G 162 -24.15 -23.52 7.65
N ASP G 163 -23.82 -22.90 6.52
CA ASP G 163 -23.05 -23.55 5.46
C ASP G 163 -21.73 -22.79 5.39
N THR G 164 -21.76 -21.56 4.88
CA THR G 164 -20.54 -20.77 4.78
C THR G 164 -20.54 -19.64 5.81
N ILE G 165 -21.73 -19.18 6.15
CA ILE G 165 -21.91 -18.13 7.16
C ILE G 165 -22.59 -18.93 8.27
N VAL G 166 -21.84 -19.19 9.32
CA VAL G 166 -22.31 -20.03 10.41
C VAL G 166 -22.33 -19.39 11.78
N SER G 167 -23.06 -20.06 12.68
CA SER G 167 -23.13 -19.69 14.07
C SER G 167 -22.27 -20.83 14.66
N SER G 168 -22.10 -20.86 15.98
CA SER G 168 -21.34 -21.94 16.62
C SER G 168 -21.91 -23.33 16.22
N THR G 169 -23.20 -23.42 15.96
CA THR G 169 -23.78 -24.73 15.58
C THR G 169 -23.16 -25.24 14.28
N GLY G 170 -23.13 -24.37 13.27
CA GLY G 170 -22.51 -24.75 12.00
C GLY G 170 -21.00 -24.93 12.13
N ALA G 171 -20.36 -24.09 12.93
CA ALA G 171 -18.91 -24.22 13.11
C ALA G 171 -18.56 -25.54 13.77
N LEU G 172 -19.50 -26.14 14.51
CA LEU G 172 -19.22 -27.40 15.18
C LEU G 172 -19.33 -28.58 14.25
N SER G 173 -19.90 -28.35 13.07
CA SER G 173 -20.09 -29.40 12.09
C SER G 173 -19.59 -29.14 10.65
N LEU G 174 -18.64 -28.22 10.48
CA LEU G 174 -18.10 -27.96 9.16
C LEU G 174 -17.70 -29.27 8.49
N LYS G 175 -17.89 -29.33 7.18
CA LYS G 175 -17.60 -30.53 6.39
C LYS G 175 -16.16 -30.66 5.98
N LYS G 176 -15.49 -29.53 5.92
CA LYS G 176 -14.10 -29.46 5.54
C LYS G 176 -13.41 -28.39 6.35
N VAL G 177 -12.10 -28.53 6.50
CA VAL G 177 -11.33 -27.51 7.22
C VAL G 177 -11.34 -26.33 6.25
N PRO G 178 -11.84 -25.17 6.68
CA PRO G 178 -11.85 -24.02 5.76
C PRO G 178 -10.45 -23.53 5.51
N GLU G 179 -10.18 -23.06 4.29
CA GLU G 179 -8.86 -22.55 3.98
C GLU G 179 -8.59 -21.30 4.84
N LYS G 180 -9.58 -20.40 4.89
CA LYS G 180 -9.46 -19.20 5.66
C LYS G 180 -10.77 -18.99 6.36
N MET G 181 -10.71 -18.60 7.63
CA MET G 181 -11.94 -18.36 8.38
C MET G 181 -11.79 -17.08 9.13
N VAL G 182 -12.88 -16.34 9.14
CA VAL G 182 -12.98 -15.11 9.90
C VAL G 182 -14.06 -15.30 10.99
N VAL G 183 -13.71 -14.90 12.21
CA VAL G 183 -14.62 -14.98 13.34
C VAL G 183 -15.00 -13.57 13.78
N ILE G 184 -16.31 -13.34 13.91
CA ILE G 184 -16.77 -12.06 14.37
C ILE G 184 -16.93 -12.17 15.89
N GLY G 185 -16.01 -11.53 16.61
CA GLY G 185 -16.04 -11.53 18.06
C GLY G 185 -14.90 -12.38 18.60
N ALA G 186 -14.19 -11.87 19.59
CA ALA G 186 -13.11 -12.65 20.17
C ALA G 186 -13.49 -13.00 21.60
N GLY G 187 -14.73 -13.47 21.76
CA GLY G 187 -15.24 -13.89 23.06
C GLY G 187 -14.87 -15.35 23.27
N VAL G 188 -15.49 -15.98 24.24
CA VAL G 188 -15.13 -17.37 24.54
C VAL G 188 -15.30 -18.36 23.39
N ILE G 189 -16.46 -18.33 22.73
CA ILE G 189 -16.75 -19.24 21.61
C ILE G 189 -15.85 -18.95 20.44
N GLY G 190 -15.65 -17.66 20.19
CA GLY G 190 -14.80 -17.21 19.11
C GLY G 190 -13.41 -17.77 19.27
N VAL G 191 -12.84 -17.61 20.45
CA VAL G 191 -11.50 -18.11 20.69
C VAL G 191 -11.47 -19.65 20.69
N GLU G 192 -12.43 -20.28 21.36
CA GLU G 192 -12.48 -21.74 21.38
C GLU G 192 -12.58 -22.39 20.01
N LEU G 193 -13.60 -22.03 19.25
CA LEU G 193 -13.82 -22.62 17.93
C LEU G 193 -12.81 -22.17 16.89
N GLY G 194 -12.32 -20.93 17.02
CA GLY G 194 -11.33 -20.45 16.07
C GLY G 194 -10.09 -21.28 16.26
N SER G 195 -9.85 -21.62 17.54
CA SER G 195 -8.69 -22.41 17.88
C SER G 195 -8.78 -23.86 17.39
N VAL G 196 -9.96 -24.46 17.50
CA VAL G 196 -10.17 -25.82 16.98
C VAL G 196 -9.78 -25.82 15.47
N TRP G 197 -10.38 -24.89 14.72
CA TRP G 197 -10.15 -24.86 13.27
C TRP G 197 -8.73 -24.46 12.84
N GLN G 198 -8.10 -23.57 13.60
CA GLN G 198 -6.74 -23.19 13.27
C GLN G 198 -5.86 -24.47 13.42
N ARG G 199 -6.06 -25.21 14.51
CA ARG G 199 -5.27 -26.43 14.71
C ARG G 199 -5.45 -27.41 13.57
N LEU G 200 -6.68 -27.52 13.10
CA LEU G 200 -6.99 -28.42 12.05
C LEU G 200 -6.44 -27.94 10.71
N GLY G 201 -5.95 -26.71 10.67
CA GLY G 201 -5.32 -26.23 9.43
C GLY G 201 -5.87 -24.99 8.76
N ALA G 202 -6.87 -24.38 9.38
CA ALA G 202 -7.47 -23.19 8.85
C ALA G 202 -6.62 -21.95 9.17
N ASP G 203 -6.74 -20.93 8.34
CA ASP G 203 -6.03 -19.67 8.56
C ASP G 203 -7.13 -18.85 9.21
N VAL G 204 -6.97 -18.57 10.49
CA VAL G 204 -8.00 -17.89 11.27
C VAL G 204 -7.73 -16.49 11.79
N THR G 205 -8.71 -15.62 11.62
CA THR G 205 -8.67 -14.26 12.12
C THR G 205 -9.98 -13.95 12.84
N ALA G 206 -9.87 -13.48 14.08
CA ALA G 206 -11.03 -13.10 14.89
C ALA G 206 -11.04 -11.57 14.92
N VAL G 207 -12.17 -10.98 14.55
CA VAL G 207 -12.29 -9.53 14.52
C VAL G 207 -13.18 -9.13 15.70
N GLU G 208 -12.59 -8.35 16.60
CA GLU G 208 -13.19 -7.91 17.86
C GLU G 208 -13.11 -6.38 18.02
N PHE G 209 -14.22 -5.70 18.27
CA PHE G 209 -14.14 -4.24 18.45
C PHE G 209 -13.56 -3.71 19.79
N LEU G 210 -13.47 -4.60 20.79
CA LEU G 210 -12.93 -4.19 22.08
C LEU G 210 -11.44 -4.37 22.02
N GLY G 211 -10.77 -3.90 23.05
CA GLY G 211 -9.33 -3.99 23.10
C GLY G 211 -8.75 -5.27 23.63
N HIS G 212 -9.58 -6.30 23.84
CA HIS G 212 -9.01 -7.54 24.37
C HIS G 212 -9.77 -8.79 23.96
N VAL G 213 -9.16 -9.96 24.16
CA VAL G 213 -9.84 -11.20 23.82
C VAL G 213 -10.31 -11.90 25.11
N GLY G 214 -11.35 -12.72 25.01
CA GLY G 214 -11.82 -13.47 26.17
C GLY G 214 -13.21 -13.08 26.64
N GLY G 215 -13.73 -11.96 26.14
CA GLY G 215 -15.05 -11.57 26.55
C GLY G 215 -15.11 -10.82 27.88
N VAL G 216 -16.30 -10.85 28.48
CA VAL G 216 -16.55 -10.16 29.73
C VAL G 216 -15.95 -10.77 31.00
N GLY G 217 -15.47 -9.90 31.89
CA GLY G 217 -14.93 -10.34 33.16
C GLY G 217 -13.49 -10.81 33.20
N ILE G 218 -12.90 -11.20 32.07
CA ILE G 218 -11.52 -11.67 32.13
C ILE G 218 -10.57 -10.56 32.63
N ASP G 219 -9.57 -10.92 33.41
CA ASP G 219 -8.59 -9.98 33.93
C ASP G 219 -7.73 -9.48 32.74
N MET G 220 -7.52 -8.16 32.65
CA MET G 220 -6.75 -7.59 31.54
C MET G 220 -5.37 -8.16 31.34
N GLU G 221 -4.61 -8.33 32.43
CA GLU G 221 -3.30 -8.90 32.27
C GLU G 221 -3.41 -10.33 31.74
N ILE G 222 -4.30 -11.12 32.34
CA ILE G 222 -4.48 -12.49 31.88
C ILE G 222 -4.82 -12.50 30.37
N SER G 223 -5.76 -11.64 29.98
CA SER G 223 -6.21 -11.53 28.60
C SER G 223 -5.11 -11.18 27.59
N LYS G 224 -4.20 -10.29 27.99
CA LYS G 224 -3.16 -9.91 27.05
C LYS G 224 -2.14 -11.03 26.92
N ASN G 225 -1.86 -11.74 28.01
CA ASN G 225 -0.92 -12.84 27.95
C ASN G 225 -1.55 -13.97 27.12
N PHE G 226 -2.87 -14.12 27.24
CA PHE G 226 -3.59 -15.19 26.55
C PHE G 226 -3.49 -14.97 25.04
N GLN G 227 -3.86 -13.77 24.61
CA GLN G 227 -3.80 -13.36 23.21
C GLN G 227 -2.44 -13.58 22.57
N ARG G 228 -1.39 -13.23 23.30
CA ARG G 228 -0.04 -13.38 22.80
C ARG G 228 0.35 -14.83 22.56
N ILE G 229 -0.09 -15.70 23.46
CA ILE G 229 0.22 -17.12 23.35
C ILE G 229 -0.54 -17.69 22.17
N LEU G 230 -1.78 -17.23 21.99
CA LEU G 230 -2.61 -17.69 20.89
C LEU G 230 -2.04 -17.19 19.56
N GLN G 231 -1.51 -15.97 19.55
CA GLN G 231 -0.92 -15.42 18.34
C GLN G 231 0.28 -16.22 17.98
N LYS G 232 1.03 -16.64 18.97
CA LYS G 232 2.22 -17.42 18.71
C LYS G 232 1.85 -18.78 18.13
N GLN G 233 0.62 -19.23 18.39
CA GLN G 233 0.14 -20.50 17.86
C GLN G 233 -0.31 -20.32 16.43
N GLY G 234 -0.54 -19.07 16.03
CA GLY G 234 -0.96 -18.78 14.66
C GLY G 234 -2.33 -18.14 14.58
N PHE G 235 -3.01 -18.04 15.70
CA PHE G 235 -4.33 -17.41 15.75
C PHE G 235 -4.11 -15.89 15.60
N LYS G 236 -4.78 -15.29 14.62
CA LYS G 236 -4.66 -13.86 14.35
C LYS G 236 -5.85 -13.07 14.88
N PHE G 237 -5.57 -11.86 15.35
CA PHE G 237 -6.61 -11.00 15.91
C PHE G 237 -6.62 -9.60 15.32
N LYS G 238 -7.81 -9.09 15.09
CA LYS G 238 -7.98 -7.74 14.59
C LYS G 238 -8.85 -7.04 15.62
N LEU G 239 -8.22 -6.60 16.71
CA LEU G 239 -8.90 -5.91 17.80
C LEU G 239 -9.23 -4.48 17.44
N ASN G 240 -10.08 -3.85 18.26
CA ASN G 240 -10.54 -2.46 18.07
C ASN G 240 -11.10 -2.27 16.65
N THR G 241 -11.60 -3.38 16.11
CA THR G 241 -12.17 -3.40 14.77
C THR G 241 -13.58 -3.97 14.82
N LYS G 242 -14.52 -3.24 14.23
CA LYS G 242 -15.90 -3.68 14.18
C LYS G 242 -16.24 -4.19 12.79
N VAL G 243 -16.79 -5.39 12.73
CA VAL G 243 -17.22 -5.95 11.46
C VAL G 243 -18.51 -5.19 11.22
N THR G 244 -18.75 -4.77 10.00
CA THR G 244 -19.95 -3.98 9.70
C THR G 244 -20.91 -4.72 8.79
N GLY G 245 -20.38 -5.66 8.02
CA GLY G 245 -21.23 -6.41 7.10
C GLY G 245 -20.50 -7.50 6.34
N ALA G 246 -21.21 -8.19 5.47
CA ALA G 246 -20.60 -9.27 4.72
C ALA G 246 -21.41 -9.56 3.47
N THR G 247 -20.72 -10.02 2.43
CA THR G 247 -21.33 -10.30 1.16
C THR G 247 -20.72 -11.52 0.49
N LYS G 248 -21.58 -12.41 -0.01
CA LYS G 248 -21.13 -13.61 -0.70
C LYS G 248 -20.63 -13.25 -2.09
N LYS G 249 -19.53 -13.88 -2.51
CA LYS G 249 -18.97 -13.61 -3.82
C LYS G 249 -19.26 -14.78 -4.75
N SER G 250 -19.17 -14.50 -6.04
CA SER G 250 -19.42 -15.49 -7.07
C SER G 250 -18.61 -16.76 -6.77
N ASP G 251 -17.30 -16.60 -6.69
CA ASP G 251 -16.39 -17.71 -6.43
C ASP G 251 -16.68 -18.49 -5.14
N GLY G 252 -17.66 -18.07 -4.37
CA GLY G 252 -17.96 -18.78 -3.14
C GLY G 252 -17.19 -18.22 -1.96
N LYS G 253 -16.54 -17.07 -2.16
CA LYS G 253 -15.81 -16.46 -1.07
C LYS G 253 -16.72 -15.45 -0.41
N ILE G 254 -16.33 -15.00 0.78
CA ILE G 254 -17.12 -14.04 1.52
C ILE G 254 -16.26 -12.82 1.81
N ASP G 255 -16.76 -11.65 1.42
CA ASP G 255 -16.05 -10.40 1.70
C ASP G 255 -16.67 -9.82 2.98
N VAL G 256 -15.81 -9.61 3.96
CA VAL G 256 -16.24 -9.09 5.24
C VAL G 256 -15.79 -7.64 5.33
N SER G 257 -16.77 -6.75 5.49
CA SER G 257 -16.51 -5.32 5.62
C SER G 257 -16.24 -5.00 7.06
N ILE G 258 -15.07 -4.42 7.29
CA ILE G 258 -14.67 -4.04 8.62
C ILE G 258 -14.22 -2.59 8.64
N GLU G 259 -14.16 -2.03 9.83
CA GLU G 259 -13.64 -0.70 9.99
C GLU G 259 -13.22 -0.52 11.43
N ALA G 260 -12.54 0.58 11.73
CA ALA G 260 -12.06 0.81 13.07
C ALA G 260 -13.24 0.88 14.02
N ALA G 261 -13.08 0.33 15.21
CA ALA G 261 -14.14 0.37 16.20
C ALA G 261 -14.53 1.82 16.43
N SER G 262 -13.54 2.70 16.50
CA SER G 262 -13.86 4.10 16.73
C SER G 262 -14.36 4.84 15.50
N GLY G 263 -14.46 4.14 14.37
CA GLY G 263 -14.94 4.76 13.15
C GLY G 263 -13.88 5.02 12.10
N GLY G 264 -14.24 4.77 10.84
CA GLY G 264 -13.33 4.95 9.73
C GLY G 264 -12.45 3.74 9.48
N LYS G 265 -11.45 3.90 8.61
CA LYS G 265 -10.51 2.84 8.26
C LYS G 265 -11.27 1.66 7.64
N ALA G 266 -12.20 1.96 6.74
CA ALA G 266 -12.98 0.91 6.09
C ALA G 266 -12.07 0.00 5.26
N GLU G 267 -12.22 -1.29 5.46
CA GLU G 267 -11.43 -2.26 4.73
C GLU G 267 -12.30 -3.48 4.51
N VAL G 268 -11.80 -4.37 3.67
CA VAL G 268 -12.50 -5.60 3.43
C VAL G 268 -11.51 -6.74 3.52
N ILE G 269 -12.00 -7.85 4.05
CA ILE G 269 -11.20 -9.04 4.18
C ILE G 269 -12.06 -10.16 3.63
N THR G 270 -11.42 -11.20 3.12
CA THR G 270 -12.10 -12.32 2.47
C THR G 270 -11.83 -13.64 3.18
N CYS G 271 -12.80 -14.56 3.17
CA CYS G 271 -12.61 -15.85 3.82
C CYS G 271 -13.55 -16.87 3.19
N ASP G 272 -13.32 -18.14 3.49
CA ASP G 272 -14.15 -19.23 3.00
C ASP G 272 -15.34 -19.48 3.95
N VAL G 273 -15.13 -19.21 5.24
CA VAL G 273 -16.20 -19.38 6.23
C VAL G 273 -16.21 -18.20 7.16
N LEU G 274 -17.40 -17.75 7.50
CA LEU G 274 -17.60 -16.64 8.41
C LEU G 274 -18.38 -17.19 9.62
N LEU G 275 -17.78 -17.11 10.79
CA LEU G 275 -18.42 -17.56 12.01
C LEU G 275 -18.89 -16.31 12.75
N VAL G 276 -20.18 -16.23 13.00
CA VAL G 276 -20.78 -15.10 13.70
C VAL G 276 -21.03 -15.53 15.16
N CYS G 277 -20.22 -15.04 16.10
CA CYS G 277 -20.42 -15.35 17.52
C CYS G 277 -20.22 -14.07 18.36
N ILE G 278 -21.26 -13.24 18.33
CA ILE G 278 -21.25 -11.97 19.05
C ILE G 278 -22.14 -12.03 20.31
N GLY G 279 -22.40 -13.25 20.78
CA GLY G 279 -23.21 -13.40 21.98
C GLY G 279 -24.46 -14.26 21.82
N ARG G 280 -25.10 -14.54 22.95
CA ARG G 280 -26.33 -15.31 22.96
C ARG G 280 -27.29 -14.49 23.81
N ARG G 281 -28.58 -14.72 23.60
CA ARG G 281 -29.59 -13.95 24.29
C ARG G 281 -30.66 -14.89 24.75
N PRO G 282 -31.39 -14.48 25.80
CA PRO G 282 -32.47 -15.30 26.35
C PRO G 282 -33.63 -15.57 25.39
N PHE G 283 -34.05 -16.82 25.33
CA PHE G 283 -35.16 -17.31 24.50
C PHE G 283 -36.43 -17.57 25.31
N THR G 284 -37.50 -16.82 25.02
CA THR G 284 -38.77 -16.96 25.72
C THR G 284 -39.95 -16.92 24.73
N LYS G 285 -39.65 -17.08 23.45
CA LYS G 285 -40.70 -16.99 22.42
C LYS G 285 -41.93 -17.84 22.68
N ASN G 286 -43.09 -17.22 22.51
CA ASN G 286 -44.40 -17.87 22.62
C ASN G 286 -44.62 -18.73 23.84
N LEU G 287 -44.04 -18.29 24.96
CA LEU G 287 -44.16 -18.97 26.22
C LEU G 287 -45.46 -18.52 26.91
N GLY G 288 -45.98 -17.38 26.48
CA GLY G 288 -47.21 -16.85 27.02
C GLY G 288 -47.00 -15.82 28.09
N LEU G 289 -45.78 -15.30 28.19
CA LEU G 289 -45.46 -14.32 29.23
C LEU G 289 -46.28 -13.04 29.16
N GLU G 290 -46.52 -12.55 27.95
CA GLU G 290 -47.25 -11.31 27.80
C GLU G 290 -48.64 -11.43 28.38
N GLU G 291 -49.33 -12.49 28.00
CA GLU G 291 -50.66 -12.76 28.50
C GLU G 291 -50.66 -12.87 30.02
N LEU G 292 -49.58 -13.41 30.59
CA LEU G 292 -49.49 -13.56 32.03
C LEU G 292 -49.13 -12.27 32.69
N GLY G 293 -48.56 -11.34 31.94
CA GLY G 293 -48.17 -10.07 32.53
C GLY G 293 -46.75 -10.08 33.08
N ILE G 294 -45.96 -11.05 32.64
CA ILE G 294 -44.56 -11.13 33.07
C ILE G 294 -43.70 -10.39 32.05
N GLU G 295 -43.30 -9.18 32.42
CA GLU G 295 -42.48 -8.37 31.53
C GLU G 295 -41.01 -8.70 31.60
N LEU G 296 -40.36 -8.65 30.45
CA LEU G 296 -38.93 -8.93 30.36
C LEU G 296 -38.14 -7.67 30.66
N ASP G 297 -36.86 -7.82 31.00
CA ASP G 297 -36.03 -6.65 31.28
C ASP G 297 -35.50 -6.20 29.91
N PRO G 298 -34.76 -5.07 29.84
CA PRO G 298 -34.23 -4.56 28.58
C PRO G 298 -33.45 -5.56 27.71
N ARG G 299 -32.88 -6.56 28.36
CA ARG G 299 -32.11 -7.56 27.64
C ARG G 299 -32.87 -8.83 27.27
N GLY G 300 -34.17 -8.87 27.56
CA GLY G 300 -34.93 -10.06 27.23
C GLY G 300 -35.01 -11.09 28.36
N ARG G 301 -34.45 -10.76 29.52
CA ARG G 301 -34.46 -11.70 30.64
C ARG G 301 -35.68 -11.58 31.54
N ILE G 302 -36.05 -12.69 32.16
CA ILE G 302 -37.20 -12.73 33.06
C ILE G 302 -36.74 -12.31 34.45
N PRO G 303 -37.32 -11.24 34.99
CA PRO G 303 -36.95 -10.77 36.33
C PRO G 303 -37.42 -11.79 37.38
N VAL G 304 -36.55 -12.13 38.34
CA VAL G 304 -36.89 -13.10 39.41
C VAL G 304 -36.38 -12.58 40.74
N ASN G 305 -37.01 -13.05 41.82
CA ASN G 305 -36.60 -12.66 43.17
C ASN G 305 -35.52 -13.63 43.70
N THR G 306 -35.25 -13.61 45.01
CA THR G 306 -34.19 -14.51 45.49
C THR G 306 -34.55 -16.00 45.52
N ARG G 307 -35.82 -16.32 45.34
CA ARG G 307 -36.26 -17.73 45.27
C ARG G 307 -36.46 -18.15 43.79
N PHE G 308 -36.06 -17.24 42.90
CA PHE G 308 -36.16 -17.40 41.46
C PHE G 308 -37.63 -17.37 41.00
N GLN G 309 -38.49 -16.80 41.85
CA GLN G 309 -39.90 -16.63 41.52
C GLN G 309 -40.06 -15.39 40.62
N THR G 310 -40.88 -15.51 39.58
CA THR G 310 -41.19 -14.36 38.74
C THR G 310 -42.24 -13.58 39.55
N LYS G 311 -42.79 -12.58 38.90
CA LYS G 311 -43.86 -11.73 39.42
C LYS G 311 -45.02 -12.59 39.94
N ILE G 312 -45.28 -13.72 39.30
CA ILE G 312 -46.35 -14.65 39.73
C ILE G 312 -45.60 -15.69 40.56
N PRO G 313 -45.76 -15.65 41.90
CA PRO G 313 -45.07 -16.56 42.82
C PRO G 313 -44.92 -18.07 42.65
N ASN G 314 -45.79 -18.72 41.87
CA ASN G 314 -45.68 -20.17 41.67
C ASN G 314 -45.03 -20.44 40.31
N ILE G 315 -44.56 -19.37 39.66
CA ILE G 315 -43.88 -19.47 38.35
C ILE G 315 -42.44 -18.96 38.51
N TYR G 316 -41.50 -19.81 38.14
CA TYR G 316 -40.09 -19.54 38.32
C TYR G 316 -39.32 -19.56 37.00
N ALA G 317 -38.12 -18.96 37.01
CA ALA G 317 -37.23 -18.94 35.84
C ALA G 317 -35.79 -19.08 36.34
N ILE G 318 -34.98 -19.85 35.62
CA ILE G 318 -33.59 -20.05 35.98
C ILE G 318 -32.78 -20.26 34.71
N GLY G 319 -31.47 -20.21 34.85
CA GLY G 319 -30.60 -20.44 33.70
C GLY G 319 -30.33 -19.23 32.81
N ASP G 320 -30.12 -19.51 31.52
CA ASP G 320 -29.81 -18.44 30.56
C ASP G 320 -30.94 -17.44 30.40
N VAL G 321 -32.15 -17.76 30.84
CA VAL G 321 -33.23 -16.79 30.67
C VAL G 321 -33.28 -15.77 31.78
N VAL G 322 -32.41 -15.90 32.78
CA VAL G 322 -32.39 -14.91 33.84
C VAL G 322 -31.01 -14.31 33.94
N ALA G 323 -30.90 -13.27 34.75
CA ALA G 323 -29.64 -12.59 34.95
C ALA G 323 -28.51 -13.47 35.49
N GLY G 324 -27.27 -13.00 35.30
CA GLY G 324 -26.09 -13.72 35.73
C GLY G 324 -25.35 -14.28 34.54
N PRO G 325 -24.20 -14.93 34.78
CA PRO G 325 -23.34 -15.54 33.76
C PRO G 325 -24.11 -16.61 33.01
N MET G 326 -24.09 -16.55 31.67
CA MET G 326 -24.81 -17.52 30.86
C MET G 326 -23.92 -18.72 30.69
N LEU G 327 -23.88 -19.50 31.75
CA LEU G 327 -23.05 -20.68 31.79
C LEU G 327 -23.85 -21.90 32.25
N ALA G 328 -23.40 -23.07 31.82
CA ALA G 328 -24.06 -24.33 32.15
C ALA G 328 -24.08 -24.64 33.68
N HIS G 329 -22.95 -24.49 34.36
CA HIS G 329 -22.95 -24.79 35.79
C HIS G 329 -23.74 -23.77 36.56
N LYS G 330 -23.87 -22.56 36.03
CA LYS G 330 -24.65 -21.54 36.70
C LYS G 330 -26.13 -21.94 36.62
N ALA G 331 -26.58 -22.31 35.44
CA ALA G 331 -27.96 -22.76 35.20
C ALA G 331 -28.32 -24.00 36.06
N GLU G 332 -27.42 -24.98 36.11
CA GLU G 332 -27.68 -26.18 36.90
C GLU G 332 -27.80 -25.88 38.40
N ASP G 333 -26.92 -25.01 38.91
CA ASP G 333 -26.96 -24.62 40.32
C ASP G 333 -28.26 -23.90 40.65
N GLU G 334 -28.71 -23.01 39.76
CA GLU G 334 -29.97 -22.27 39.95
C GLU G 334 -31.15 -23.22 39.92
N GLY G 335 -31.12 -24.20 39.02
CA GLY G 335 -32.19 -25.16 38.98
C GLY G 335 -32.31 -25.91 40.31
N ILE G 336 -31.20 -26.40 40.85
CA ILE G 336 -31.18 -27.11 42.12
C ILE G 336 -31.67 -26.27 43.32
N ILE G 337 -31.08 -25.10 43.53
CA ILE G 337 -31.50 -24.30 44.65
C ILE G 337 -32.94 -23.79 44.50
N CYS G 338 -33.36 -23.59 43.26
CA CYS G 338 -34.72 -23.13 43.03
C CYS G 338 -35.73 -24.19 43.49
N VAL G 339 -35.51 -25.45 43.14
CA VAL G 339 -36.44 -26.49 43.57
C VAL G 339 -36.27 -26.77 45.06
N GLU G 340 -35.06 -26.59 45.59
CA GLU G 340 -34.86 -26.77 47.04
C GLU G 340 -35.67 -25.71 47.77
N GLY G 341 -35.74 -24.51 47.19
CA GLY G 341 -36.52 -23.43 47.78
C GLY G 341 -38.00 -23.78 47.73
N MET G 342 -38.44 -24.40 46.62
CA MET G 342 -39.84 -24.81 46.49
C MET G 342 -40.17 -25.80 47.61
N ALA G 343 -39.16 -26.54 48.08
CA ALA G 343 -39.38 -27.48 49.18
C ALA G 343 -39.10 -26.80 50.52
N GLY G 344 -39.07 -25.46 50.49
CA GLY G 344 -38.90 -24.68 51.72
C GLY G 344 -37.52 -24.33 52.24
N GLY G 345 -36.47 -24.88 51.62
CA GLY G 345 -35.11 -24.62 52.07
C GLY G 345 -34.53 -23.29 51.62
N ALA G 346 -33.40 -22.91 52.21
CA ALA G 346 -32.74 -21.65 51.88
C ALA G 346 -32.26 -21.69 50.44
N VAL G 347 -32.14 -20.53 49.81
CA VAL G 347 -31.72 -20.43 48.40
C VAL G 347 -30.57 -19.42 48.34
N HIS G 348 -29.37 -19.86 47.96
CA HIS G 348 -28.21 -18.96 47.90
C HIS G 348 -27.26 -19.27 46.77
N ILE G 349 -26.89 -18.22 46.06
CA ILE G 349 -25.89 -18.34 45.00
C ILE G 349 -25.20 -17.00 44.91
N ASP G 350 -23.88 -17.06 44.86
CA ASP G 350 -23.07 -15.85 44.79
C ASP G 350 -22.41 -15.91 43.42
N TYR G 351 -22.83 -15.04 42.51
CA TYR G 351 -22.26 -15.06 41.18
C TYR G 351 -20.77 -14.71 41.13
N ASN G 352 -20.26 -14.10 42.19
CA ASN G 352 -18.84 -13.76 42.25
C ASN G 352 -18.05 -15.06 42.49
N CYS G 353 -18.73 -16.10 42.94
CA CYS G 353 -18.05 -17.37 43.16
C CYS G 353 -18.35 -18.39 42.04
N VAL G 354 -18.96 -17.93 40.96
CA VAL G 354 -19.24 -18.80 39.83
C VAL G 354 -18.01 -18.73 38.92
N PRO G 355 -17.33 -19.86 38.73
CA PRO G 355 -16.14 -19.77 37.87
C PRO G 355 -16.38 -19.62 36.36
N SER G 356 -15.36 -19.14 35.65
CA SER G 356 -15.36 -19.00 34.19
C SER G 356 -14.17 -19.82 33.66
N VAL G 357 -14.37 -20.56 32.57
CA VAL G 357 -13.26 -21.31 31.96
C VAL G 357 -13.28 -21.15 30.43
N ILE G 358 -12.11 -21.07 29.81
CA ILE G 358 -11.97 -21.04 28.36
C ILE G 358 -11.15 -22.31 28.08
N TYR G 359 -11.69 -23.22 27.28
CA TYR G 359 -11.03 -24.51 27.07
C TYR G 359 -10.03 -24.68 25.90
N THR G 360 -9.35 -23.60 25.57
CA THR G 360 -8.30 -23.61 24.56
C THR G 360 -7.14 -24.31 25.26
N HIS G 361 -5.98 -24.30 24.61
CA HIS G 361 -4.79 -24.86 25.19
C HIS G 361 -3.69 -23.82 24.97
N PRO G 362 -3.19 -23.19 26.02
CA PRO G 362 -3.54 -23.33 27.43
C PRO G 362 -4.98 -22.90 27.70
N GLU G 363 -5.50 -23.34 28.83
CA GLU G 363 -6.85 -23.00 29.22
C GLU G 363 -6.72 -21.71 30.03
N VAL G 364 -7.85 -21.07 30.27
CA VAL G 364 -7.91 -19.86 31.07
C VAL G 364 -9.03 -20.09 32.05
N ALA G 365 -8.84 -19.74 33.33
CA ALA G 365 -9.94 -19.90 34.26
C ALA G 365 -9.82 -18.92 35.42
N TRP G 366 -10.96 -18.44 35.91
CA TRP G 366 -10.91 -17.50 37.00
C TRP G 366 -12.19 -17.51 37.77
N VAL G 367 -12.12 -17.00 38.99
CA VAL G 367 -13.29 -16.92 39.83
C VAL G 367 -12.95 -15.76 40.77
N GLY G 368 -13.96 -15.05 41.22
CA GLY G 368 -13.73 -13.90 42.06
C GLY G 368 -13.56 -12.67 41.18
N LYS G 369 -12.83 -11.69 41.69
CA LYS G 369 -12.64 -10.42 40.98
C LYS G 369 -11.34 -10.23 40.19
N SER G 370 -11.39 -9.44 39.14
CA SER G 370 -10.19 -9.13 38.34
C SER G 370 -9.56 -7.85 38.95
N GLU G 371 -8.35 -7.49 38.53
CA GLU G 371 -7.75 -6.25 39.06
C GLU G 371 -8.62 -5.03 38.71
N GLU G 372 -9.18 -5.04 37.51
CA GLU G 372 -10.01 -3.93 37.08
C GLU G 372 -11.24 -3.79 37.96
N GLN G 373 -11.82 -4.91 38.38
CA GLN G 373 -13.01 -4.83 39.25
C GLN G 373 -12.61 -4.28 40.62
N LEU G 374 -11.47 -4.73 41.13
CA LEU G 374 -11.03 -4.27 42.45
C LEU G 374 -10.71 -2.77 42.36
N LYS G 375 -10.07 -2.33 41.29
CA LYS G 375 -9.77 -0.90 41.18
C LYS G 375 -11.05 -0.08 41.13
N GLU G 376 -12.01 -0.53 40.34
CA GLU G 376 -13.27 0.18 40.22
C GLU G 376 -14.05 0.24 41.54
N GLU G 377 -14.02 -0.85 42.30
CA GLU G 377 -14.73 -0.93 43.57
C GLU G 377 -13.92 -0.23 44.68
N GLY G 378 -12.71 0.18 44.35
CA GLY G 378 -11.88 0.85 45.33
C GLY G 378 -11.31 -0.02 46.43
N ILE G 379 -10.95 -1.26 46.10
CA ILE G 379 -10.40 -2.22 47.06
C ILE G 379 -8.86 -2.24 47.06
N GLU G 380 -8.23 -2.10 48.24
CA GLU G 380 -6.77 -2.15 48.35
C GLU G 380 -6.40 -3.62 48.29
N TYR G 381 -5.56 -4.01 47.35
CA TYR G 381 -5.23 -5.43 47.23
C TYR G 381 -3.79 -5.63 46.94
N LYS G 382 -3.36 -6.88 47.09
CA LYS G 382 -1.99 -7.26 46.80
C LYS G 382 -2.07 -8.34 45.72
N VAL G 383 -0.96 -8.57 45.03
CA VAL G 383 -0.89 -9.49 43.92
C VAL G 383 0.17 -10.57 44.12
N GLY G 384 -0.18 -11.80 43.78
CA GLY G 384 0.74 -12.89 43.89
C GLY G 384 0.75 -13.63 42.57
N LYS G 385 1.95 -13.84 42.03
CA LYS G 385 2.08 -14.53 40.76
C LYS G 385 3.06 -15.70 40.78
N PHE G 386 2.74 -16.76 40.03
CA PHE G 386 3.65 -17.91 39.88
C PHE G 386 3.56 -18.42 38.43
N PRO G 387 4.71 -18.49 37.72
CA PRO G 387 4.66 -18.96 36.33
C PRO G 387 4.71 -20.50 36.20
N PHE G 388 3.98 -21.03 35.20
CA PHE G 388 4.01 -22.47 35.05
C PHE G 388 5.41 -22.96 34.61
N ALA G 389 6.26 -22.07 34.09
CA ALA G 389 7.62 -22.46 33.71
C ALA G 389 8.40 -22.95 34.96
N ALA G 390 8.03 -22.46 36.13
CA ALA G 390 8.70 -22.88 37.35
C ALA G 390 7.95 -23.99 38.10
N ASN G 391 6.87 -24.50 37.49
CA ASN G 391 6.09 -25.56 38.11
C ASN G 391 6.62 -26.92 37.70
N SER G 392 6.84 -27.79 38.67
CA SER G 392 7.40 -29.09 38.40
C SER G 392 6.67 -29.99 37.43
N ARG G 393 5.36 -30.18 37.61
CA ARG G 393 4.64 -31.07 36.69
C ARG G 393 4.61 -30.49 35.28
N ALA G 394 4.34 -29.19 35.18
CA ALA G 394 4.28 -28.53 33.87
C ALA G 394 5.62 -28.62 33.14
N LYS G 395 6.72 -28.38 33.87
CA LYS G 395 8.04 -28.43 33.24
C LYS G 395 8.39 -29.86 32.80
N THR G 396 8.04 -30.85 33.60
CA THR G 396 8.33 -32.21 33.21
C THR G 396 7.52 -32.66 31.98
N ASN G 397 6.30 -32.13 31.84
CA ASN G 397 5.43 -32.45 30.72
C ASN G 397 5.77 -31.55 29.51
N ALA G 398 6.64 -30.56 29.69
CA ALA G 398 7.03 -29.63 28.62
C ALA G 398 5.82 -28.81 28.12
N ASP G 399 4.99 -28.39 29.06
CA ASP G 399 3.77 -27.62 28.79
C ASP G 399 3.82 -26.53 29.87
N THR G 400 4.55 -25.47 29.58
CA THR G 400 4.79 -24.39 30.52
C THR G 400 4.22 -22.96 30.29
N ASP G 401 3.36 -22.75 29.29
CA ASP G 401 2.77 -21.40 29.09
C ASP G 401 2.04 -20.96 30.37
N GLY G 402 1.91 -19.65 30.55
CA GLY G 402 1.14 -19.09 31.64
C GLY G 402 1.55 -18.96 33.10
N MET G 403 0.53 -18.63 33.88
CA MET G 403 0.73 -18.40 35.28
C MET G 403 -0.57 -18.43 36.06
N VAL G 404 -0.42 -18.46 37.37
CA VAL G 404 -1.52 -18.35 38.28
C VAL G 404 -1.32 -16.95 38.88
N LYS G 405 -2.41 -16.21 39.05
CA LYS G 405 -2.32 -14.93 39.68
C LYS G 405 -3.40 -14.84 40.74
N ILE G 406 -2.98 -14.50 41.96
CA ILE G 406 -3.87 -14.35 43.08
C ILE G 406 -3.99 -12.87 43.47
N LEU G 407 -5.21 -12.44 43.79
CA LEU G 407 -5.46 -11.08 44.25
C LEU G 407 -6.03 -11.26 45.66
N GLY G 408 -5.38 -10.61 46.64
CA GLY G 408 -5.83 -10.70 48.01
C GLY G 408 -6.02 -9.34 48.65
N GLN G 409 -6.92 -9.25 49.62
CA GLN G 409 -7.20 -7.99 50.28
C GLN G 409 -5.96 -7.62 51.09
N LYS G 410 -5.44 -6.40 50.83
CA LYS G 410 -4.25 -5.89 51.46
C LYS G 410 -4.14 -6.11 52.98
N SER G 411 -5.22 -5.79 53.70
CA SER G 411 -5.19 -5.93 55.14
C SER G 411 -5.62 -7.28 55.74
N THR G 412 -6.59 -7.96 55.16
CA THR G 412 -7.05 -9.23 55.73
C THR G 412 -6.38 -10.47 55.14
N ASP G 413 -5.72 -10.30 53.99
CA ASP G 413 -5.07 -11.40 53.27
C ASP G 413 -6.19 -12.30 52.69
N ARG G 414 -7.42 -11.80 52.67
CA ARG G 414 -8.47 -12.61 52.10
C ARG G 414 -8.30 -12.74 50.57
N VAL G 415 -8.45 -13.95 50.05
CA VAL G 415 -8.35 -14.13 48.60
C VAL G 415 -9.57 -13.47 47.96
N LEU G 416 -9.33 -12.58 47.00
CA LEU G 416 -10.43 -11.89 46.34
C LEU G 416 -10.68 -12.37 44.92
N GLY G 417 -9.64 -12.89 44.29
CA GLY G 417 -9.75 -13.37 42.92
C GLY G 417 -8.60 -14.31 42.63
N ALA G 418 -8.86 -15.27 41.75
CA ALA G 418 -7.85 -16.21 41.35
C ALA G 418 -8.00 -16.32 39.86
N HIS G 419 -6.89 -16.16 39.14
CA HIS G 419 -6.90 -16.17 37.68
C HIS G 419 -5.77 -17.11 37.29
N ILE G 420 -6.08 -18.04 36.38
CA ILE G 420 -5.14 -19.06 35.95
C ILE G 420 -5.07 -19.10 34.42
N LEU G 421 -3.84 -19.09 33.91
CA LEU G 421 -3.60 -19.13 32.46
C LEU G 421 -2.59 -20.24 32.27
N GLY G 422 -3.00 -21.35 31.67
CA GLY G 422 -2.04 -22.42 31.50
C GLY G 422 -2.70 -23.79 31.54
N PRO G 423 -1.88 -24.83 31.64
CA PRO G 423 -2.42 -26.19 31.69
C PRO G 423 -3.23 -26.50 32.96
N GLY G 424 -4.35 -27.23 32.77
CA GLY G 424 -5.21 -27.65 33.88
C GLY G 424 -5.98 -26.55 34.58
N ALA G 425 -6.12 -25.39 33.91
CA ALA G 425 -6.79 -24.24 34.54
C ALA G 425 -8.25 -24.55 34.92
N GLY G 426 -8.99 -25.16 34.00
CA GLY G 426 -10.38 -25.50 34.25
C GLY G 426 -10.61 -26.38 35.47
N GLU G 427 -9.72 -27.34 35.71
CA GLU G 427 -9.87 -28.17 36.88
C GLU G 427 -9.40 -27.43 38.14
N MET G 428 -8.28 -26.71 38.04
CA MET G 428 -7.71 -25.97 39.16
C MET G 428 -8.60 -24.87 39.75
N VAL G 429 -9.40 -24.23 38.90
CA VAL G 429 -10.25 -23.12 39.35
C VAL G 429 -11.29 -23.57 40.40
N ASN G 430 -11.58 -24.86 40.40
CA ASN G 430 -12.54 -25.39 41.37
C ASN G 430 -11.98 -25.41 42.79
N GLU G 431 -10.69 -25.64 42.92
CA GLU G 431 -10.09 -25.60 44.25
C GLU G 431 -10.21 -24.12 44.70
N ALA G 432 -10.08 -23.21 43.73
CA ALA G 432 -10.14 -21.78 44.02
C ALA G 432 -11.56 -21.40 44.41
N ALA G 433 -12.55 -22.02 43.75
CA ALA G 433 -13.94 -21.72 44.07
C ALA G 433 -14.23 -22.18 45.50
N LEU G 434 -13.68 -23.34 45.86
CA LEU G 434 -13.89 -23.82 47.23
C LEU G 434 -13.24 -22.82 48.21
N ALA G 435 -12.02 -22.41 47.92
CA ALA G 435 -11.36 -21.44 48.80
C ALA G 435 -12.20 -20.16 48.96
N LEU G 436 -12.67 -19.57 47.86
CA LEU G 436 -13.50 -18.38 47.97
C LEU G 436 -14.75 -18.63 48.81
N GLU G 437 -15.39 -19.78 48.61
CA GLU G 437 -16.59 -20.10 49.37
C GLU G 437 -16.36 -20.05 50.87
N TYR G 438 -15.18 -20.53 51.27
CA TYR G 438 -14.79 -20.56 52.67
C TYR G 438 -14.21 -19.25 53.18
N GLY G 439 -14.09 -18.26 52.31
CA GLY G 439 -13.53 -16.98 52.73
C GLY G 439 -12.08 -17.17 53.09
N ALA G 440 -11.37 -17.99 52.32
CA ALA G 440 -9.96 -18.27 52.54
C ALA G 440 -9.03 -17.07 52.47
N SER G 441 -7.95 -17.16 53.23
CA SER G 441 -6.92 -16.14 53.18
C SER G 441 -5.84 -16.79 52.27
N CYS G 442 -4.97 -15.98 51.69
CA CYS G 442 -3.90 -16.49 50.85
C CYS G 442 -3.03 -17.48 51.64
N GLU G 443 -2.78 -17.14 52.90
CA GLU G 443 -1.98 -17.98 53.78
C GLU G 443 -2.66 -19.35 53.99
N ASP G 444 -3.99 -19.36 54.15
CA ASP G 444 -4.70 -20.63 54.33
C ASP G 444 -4.27 -21.59 53.21
N ILE G 445 -4.43 -21.13 51.97
CA ILE G 445 -4.10 -21.93 50.80
C ILE G 445 -2.63 -22.35 50.74
N ALA G 446 -1.75 -21.39 51.00
CA ALA G 446 -0.32 -21.63 50.99
C ALA G 446 0.10 -22.70 51.99
N ARG G 447 -0.67 -22.85 53.08
CA ARG G 447 -0.35 -23.84 54.10
C ARG G 447 -0.98 -25.23 53.91
N VAL G 448 -1.86 -25.36 52.93
CA VAL G 448 -2.47 -26.66 52.62
C VAL G 448 -1.42 -27.49 51.87
N CYS G 449 -1.25 -28.75 52.25
CA CYS G 449 -0.31 -29.64 51.61
C CYS G 449 -0.82 -30.09 50.25
N HIS G 450 -0.22 -29.54 49.19
CA HIS G 450 -0.57 -29.91 47.82
C HIS G 450 0.39 -31.01 47.36
N ALA G 451 -0.15 -32.00 46.63
CA ALA G 451 0.67 -33.11 46.14
C ALA G 451 1.76 -32.66 45.15
N HIS G 452 2.94 -33.26 45.28
CA HIS G 452 4.07 -32.97 44.40
C HIS G 452 4.34 -34.17 43.50
N PRO G 453 4.46 -33.98 42.19
CA PRO G 453 4.38 -32.72 41.44
C PRO G 453 3.00 -32.57 40.78
N THR G 454 2.37 -31.42 41.02
CA THR G 454 1.07 -31.16 40.41
C THR G 454 1.01 -29.71 39.97
N LEU G 455 0.17 -29.47 38.97
CA LEU G 455 -0.02 -28.12 38.46
C LEU G 455 -0.63 -27.26 39.58
N SER G 456 -1.38 -27.91 40.48
CA SER G 456 -2.01 -27.18 41.58
C SER G 456 -0.99 -26.45 42.47
N GLU G 457 0.25 -26.95 42.48
CA GLU G 457 1.28 -26.31 43.31
C GLU G 457 1.53 -24.88 42.87
N ALA G 458 1.29 -24.57 41.59
CA ALA G 458 1.46 -23.21 41.10
C ALA G 458 0.44 -22.33 41.80
N PHE G 459 -0.76 -22.90 42.02
CA PHE G 459 -1.84 -22.17 42.70
C PHE G 459 -1.39 -21.88 44.15
N ARG G 460 -0.82 -22.89 44.79
CA ARG G 460 -0.31 -22.82 46.16
C ARG G 460 0.79 -21.75 46.30
N GLU G 461 1.77 -21.82 45.41
CA GLU G 461 2.89 -20.88 45.37
C GLU G 461 2.44 -19.44 45.10
N ALA G 462 1.46 -19.26 44.21
CA ALA G 462 0.98 -17.92 43.92
C ALA G 462 0.32 -17.33 45.14
N ASN G 463 -0.38 -18.17 45.90
CA ASN G 463 -1.00 -17.71 47.15
C ASN G 463 0.11 -17.43 48.17
N LEU G 464 1.16 -18.25 48.19
CA LEU G 464 2.26 -18.03 49.11
C LEU G 464 2.86 -16.66 48.81
N ALA G 465 3.02 -16.36 47.52
CA ALA G 465 3.58 -15.07 47.10
C ALA G 465 2.73 -13.88 47.52
N ALA G 466 1.41 -13.96 47.31
CA ALA G 466 0.51 -12.87 47.69
C ALA G 466 0.49 -12.70 49.22
N SER G 467 0.59 -13.80 49.94
CA SER G 467 0.57 -13.78 51.40
C SER G 467 1.90 -13.37 52.09
N PHE G 468 2.97 -14.11 51.82
CA PHE G 468 4.29 -13.89 52.43
C PHE G 468 5.16 -12.88 51.68
N GLY G 469 4.87 -12.71 50.39
CA GLY G 469 5.65 -11.80 49.58
C GLY G 469 6.52 -12.51 48.56
N LYS G 470 6.93 -13.75 48.85
CA LYS G 470 7.75 -14.54 47.91
C LYS G 470 7.25 -15.99 47.84
N SER G 471 7.54 -16.65 46.72
CA SER G 471 7.21 -18.07 46.50
C SER G 471 8.48 -18.80 46.88
N ILE G 472 8.42 -20.14 46.89
CA ILE G 472 9.61 -20.94 47.18
C ILE G 472 10.39 -21.22 45.90
N ASN G 473 9.66 -21.61 44.85
CA ASN G 473 10.28 -21.97 43.58
C ASN G 473 10.41 -20.94 42.48
N PHE G 474 10.21 -19.67 42.82
CA PHE G 474 10.35 -18.61 41.85
C PHE G 474 10.72 -17.36 42.64
N PRO H 4 36.34 -21.93 56.26
CA PRO H 4 35.84 -22.12 57.65
C PRO H 4 34.64 -21.18 57.85
N ILE H 5 33.46 -21.55 57.31
CA ILE H 5 32.27 -20.72 57.38
C ILE H 5 31.40 -20.98 58.60
N ASP H 6 30.64 -19.99 58.97
CA ASP H 6 29.72 -20.09 60.08
C ASP H 6 28.34 -19.70 59.52
N ALA H 7 27.30 -20.31 60.06
CA ALA H 7 25.95 -20.05 59.59
C ALA H 7 24.92 -20.17 60.70
N ASP H 8 23.71 -19.69 60.43
CA ASP H 8 22.61 -19.76 61.38
C ASP H 8 21.96 -21.13 61.28
N VAL H 9 21.76 -21.55 60.03
CA VAL H 9 21.12 -22.82 59.74
C VAL H 9 21.89 -23.57 58.66
N THR H 10 22.26 -24.81 58.95
CA THR H 10 22.95 -25.64 57.99
C THR H 10 22.09 -26.89 57.65
N VAL H 11 21.72 -26.97 56.37
CA VAL H 11 20.89 -28.06 55.87
C VAL H 11 21.73 -29.11 55.18
N ILE H 12 21.66 -30.34 55.70
CA ILE H 12 22.39 -31.43 55.11
C ILE H 12 21.41 -32.19 54.20
N GLY H 13 21.59 -31.99 52.89
CA GLY H 13 20.75 -32.62 51.89
C GLY H 13 20.01 -31.58 51.05
N SER H 14 19.98 -31.77 49.73
CA SER H 14 19.28 -30.82 48.85
C SER H 14 18.07 -31.42 48.11
N GLY H 15 17.41 -32.41 48.72
CA GLY H 15 16.22 -32.97 48.11
C GLY H 15 15.05 -32.06 48.44
N PRO H 16 13.81 -32.44 48.09
CA PRO H 16 12.62 -31.60 48.38
C PRO H 16 12.64 -30.98 49.78
N GLY H 17 12.88 -31.80 50.80
CA GLY H 17 12.92 -31.28 52.15
C GLY H 17 14.02 -30.23 52.36
N GLY H 18 15.25 -30.64 52.13
CA GLY H 18 16.38 -29.75 52.33
C GLY H 18 16.49 -28.51 51.47
N TYR H 19 16.31 -28.62 50.15
CA TYR H 19 16.46 -27.41 49.34
C TYR H 19 15.35 -26.38 49.60
N VAL H 20 14.14 -26.86 49.90
CA VAL H 20 13.01 -25.97 50.18
C VAL H 20 13.24 -25.34 51.57
N ALA H 21 13.72 -26.15 52.52
CA ALA H 21 14.01 -25.69 53.87
C ALA H 21 15.07 -24.58 53.79
N ALA H 22 16.12 -24.82 53.00
CA ALA H 22 17.21 -23.86 52.84
C ALA H 22 16.67 -22.50 52.36
N ILE H 23 15.89 -22.56 51.30
CA ILE H 23 15.33 -21.36 50.73
C ILE H 23 14.46 -20.60 51.72
N LYS H 24 13.53 -21.31 52.37
CA LYS H 24 12.64 -20.66 53.32
C LYS H 24 13.45 -20.05 54.47
N ALA H 25 14.50 -20.76 54.91
CA ALA H 25 15.34 -20.25 56.00
C ALA H 25 16.00 -18.92 55.56
N ALA H 26 16.60 -18.92 54.38
CA ALA H 26 17.23 -17.69 53.88
C ALA H 26 16.16 -16.60 53.80
N GLN H 27 14.99 -16.95 53.25
CA GLN H 27 13.92 -15.97 53.13
C GLN H 27 13.45 -15.43 54.49
N LEU H 28 13.66 -16.20 55.54
CA LEU H 28 13.24 -15.79 56.86
C LEU H 28 14.32 -14.93 57.54
N GLY H 29 15.50 -14.89 56.93
CA GLY H 29 16.58 -14.08 57.47
C GLY H 29 17.83 -14.82 57.92
N PHE H 30 17.73 -16.15 58.04
CA PHE H 30 18.86 -16.97 58.50
C PHE H 30 19.99 -17.02 57.45
N LYS H 31 21.22 -17.07 57.91
CA LYS H 31 22.37 -17.17 57.03
C LYS H 31 22.35 -18.64 56.91
N THR H 32 22.11 -19.10 55.58
CA THR H 32 21.98 -20.48 55.36
C THR H 32 22.98 -21.20 54.45
N VAL H 33 23.31 -22.42 54.85
CA VAL H 33 24.24 -23.28 54.15
C VAL H 33 23.50 -24.59 53.84
N CYS H 34 23.64 -25.07 52.61
CA CYS H 34 23.05 -26.35 52.22
C CYS H 34 24.15 -27.24 51.65
N ILE H 35 24.38 -28.37 52.29
CA ILE H 35 25.40 -29.31 51.86
C ILE H 35 24.76 -30.44 51.04
N GLU H 36 25.35 -30.75 49.89
CA GLU H 36 24.86 -31.83 49.04
C GLU H 36 26.06 -32.65 48.57
N LYS H 37 25.99 -33.96 48.76
CA LYS H 37 27.06 -34.84 48.33
C LYS H 37 27.04 -35.26 46.85
N ASN H 38 25.86 -35.27 46.23
CA ASN H 38 25.79 -35.67 44.82
C ASN H 38 26.21 -34.57 43.85
N GLU H 39 26.35 -34.95 42.59
CA GLU H 39 26.77 -34.05 41.52
C GLU H 39 25.77 -32.93 41.30
N THR H 40 24.50 -33.19 41.60
CA THR H 40 23.48 -32.15 41.42
C THR H 40 22.62 -31.99 42.68
N LEU H 41 21.78 -30.96 42.67
CA LEU H 41 20.87 -30.69 43.78
C LEU H 41 19.52 -31.33 43.41
N GLY H 42 18.59 -31.37 44.37
CA GLY H 42 17.30 -31.96 44.06
C GLY H 42 17.01 -33.31 44.66
N GLY H 43 18.03 -33.96 45.19
CA GLY H 43 17.83 -35.25 45.84
C GLY H 43 17.21 -36.37 45.01
N THR H 44 16.49 -37.26 45.70
CA THR H 44 15.88 -38.41 45.04
C THR H 44 14.80 -37.99 44.02
N CYS H 45 13.89 -37.13 44.47
N CYS H 45 13.93 -37.10 44.48
CA CYS H 45 12.77 -36.67 43.63
CA CYS H 45 12.82 -36.57 43.72
C CYS H 45 13.18 -36.15 42.27
C CYS H 45 13.18 -36.13 42.31
N LEU H 46 14.07 -35.17 42.23
CA LEU H 46 14.49 -34.63 40.94
C LEU H 46 15.41 -35.49 40.10
N ASN H 47 16.36 -36.17 40.73
CA ASN H 47 17.32 -36.94 39.94
C ASN H 47 16.95 -38.37 39.52
N VAL H 48 16.33 -39.13 40.41
CA VAL H 48 15.97 -40.51 40.09
C VAL H 48 14.60 -40.82 40.70
N GLY H 49 13.76 -39.81 40.81
CA GLY H 49 12.48 -40.04 41.41
C GLY H 49 11.30 -39.51 40.64
N CYS H 50 10.59 -38.58 41.30
N CYS H 50 10.55 -38.62 41.28
CA CYS H 50 9.41 -37.92 40.79
CA CYS H 50 9.34 -38.03 40.69
C CYS H 50 9.49 -37.41 39.34
C CYS H 50 9.49 -37.43 39.30
N ILE H 51 10.52 -36.61 39.08
CA ILE H 51 10.68 -36.00 37.78
C ILE H 51 10.93 -36.99 36.64
N PRO H 52 11.98 -37.83 36.74
CA PRO H 52 12.14 -38.75 35.62
C PRO H 52 10.97 -39.74 35.47
N SER H 53 10.43 -40.25 36.58
CA SER H 53 9.33 -41.18 36.45
C SER H 53 8.11 -40.51 35.78
N LYS H 54 7.72 -39.31 36.23
CA LYS H 54 6.59 -38.63 35.61
C LYS H 54 6.81 -38.35 34.09
N ALA H 55 8.02 -37.94 33.71
CA ALA H 55 8.33 -37.71 32.29
C ALA H 55 8.07 -38.99 31.45
N LEU H 56 8.56 -40.12 31.95
CA LEU H 56 8.37 -41.38 31.24
C LEU H 56 6.91 -41.82 31.28
N LEU H 57 6.21 -41.55 32.39
CA LEU H 57 4.79 -41.92 32.43
C LEU H 57 4.04 -41.10 31.38
N ASN H 58 4.37 -39.82 31.29
CA ASN H 58 3.76 -38.90 30.34
C ASN H 58 4.07 -39.34 28.90
N ASN H 59 5.34 -39.59 28.61
CA ASN H 59 5.75 -40.00 27.27
C ASN H 59 5.22 -41.37 26.87
N SER H 60 5.27 -42.34 27.78
CA SER H 60 4.77 -43.67 27.44
C SER H 60 3.25 -43.63 27.25
N HIS H 61 2.56 -42.78 27.99
CA HIS H 61 1.11 -42.70 27.83
C HIS H 61 0.76 -42.16 26.44
N TYR H 62 1.47 -41.11 26.01
CA TYR H 62 1.21 -40.55 24.69
C TYR H 62 1.58 -41.55 23.60
N TYR H 63 2.62 -42.34 23.83
CA TYR H 63 3.03 -43.36 22.85
C TYR H 63 1.87 -44.32 22.70
N HIS H 64 1.35 -44.77 23.84
CA HIS H 64 0.22 -45.68 23.89
C HIS H 64 -0.99 -45.13 23.10
N MET H 65 -1.29 -43.86 23.31
CA MET H 65 -2.43 -43.23 22.65
C MET H 65 -2.30 -43.18 21.11
N ALA H 66 -1.11 -42.87 20.65
CA ALA H 66 -0.84 -42.79 19.22
C ALA H 66 -0.73 -44.18 18.61
N HIS H 67 0.02 -45.06 19.28
CA HIS H 67 0.27 -46.41 18.80
C HIS H 67 -0.93 -47.35 18.86
N GLY H 68 -1.81 -47.15 19.83
CA GLY H 68 -2.98 -48.01 19.94
C GLY H 68 -4.20 -47.46 19.22
N THR H 69 -5.37 -47.74 19.77
CA THR H 69 -6.57 -47.31 19.14
C THR H 69 -7.07 -45.89 19.43
N ASP H 70 -6.53 -45.19 20.46
CA ASP H 70 -7.11 -43.91 20.78
C ASP H 70 -7.09 -42.85 19.72
N PHE H 71 -5.92 -42.53 19.18
CA PHE H 71 -5.84 -41.45 18.19
C PHE H 71 -6.66 -41.69 16.94
N ALA H 72 -6.65 -42.93 16.47
CA ALA H 72 -7.39 -43.33 15.28
C ALA H 72 -8.88 -43.08 15.48
N SER H 73 -9.37 -43.39 16.68
CA SER H 73 -10.78 -43.20 16.98
C SER H 73 -11.13 -41.74 16.97
N ARG H 74 -10.13 -40.88 17.04
CA ARG H 74 -10.39 -39.44 17.06
C ARG H 74 -10.17 -38.82 15.71
N GLY H 75 -9.80 -39.66 14.74
CA GLY H 75 -9.56 -39.15 13.43
C GLY H 75 -8.13 -38.67 13.23
N ILE H 76 -7.19 -39.11 14.08
CA ILE H 76 -5.81 -38.70 13.90
C ILE H 76 -5.16 -39.96 13.35
N GLU H 77 -5.03 -39.99 12.03
CA GLU H 77 -4.50 -41.16 11.32
C GLU H 77 -3.06 -41.07 10.83
N MET H 78 -2.21 -41.98 11.32
CA MET H 78 -0.83 -42.05 10.86
C MET H 78 -0.59 -43.48 10.45
N SER H 79 0.20 -43.63 9.40
CA SER H 79 0.49 -44.95 8.88
C SER H 79 1.28 -45.82 9.87
N GLU H 80 2.36 -45.30 10.42
CA GLU H 80 3.11 -46.08 11.38
C GLU H 80 3.57 -45.24 12.56
N VAL H 81 3.63 -45.89 13.72
CA VAL H 81 4.05 -45.25 14.93
C VAL H 81 5.11 -46.14 15.52
N ARG H 82 6.29 -45.59 15.74
CA ARG H 82 7.38 -46.36 16.28
C ARG H 82 8.05 -45.65 17.47
N LEU H 83 8.60 -46.44 18.37
CA LEU H 83 9.28 -45.89 19.53
C LEU H 83 10.74 -45.57 19.29
N ASN H 84 11.13 -44.37 19.71
CA ASN H 84 12.54 -43.99 19.64
C ASN H 84 12.86 -43.82 21.13
N LEU H 85 13.21 -44.92 21.79
CA LEU H 85 13.53 -44.87 23.20
C LEU H 85 14.67 -43.89 23.54
N ASP H 86 15.67 -43.76 22.65
CA ASP H 86 16.78 -42.82 22.89
C ASP H 86 16.23 -41.41 23.04
N LYS H 87 15.34 -41.05 22.12
CA LYS H 87 14.72 -39.73 22.12
C LYS H 87 13.78 -39.52 23.30
N MET H 88 13.02 -40.56 23.65
CA MET H 88 12.10 -40.47 24.78
C MET H 88 12.88 -40.27 26.09
N MET H 89 14.00 -40.97 26.23
CA MET H 89 14.83 -40.85 27.44
C MET H 89 15.47 -39.46 27.48
N GLU H 90 15.74 -38.92 26.29
CA GLU H 90 16.32 -37.60 26.15
C GLU H 90 15.39 -36.52 26.71
N GLN H 91 14.10 -36.58 26.35
CA GLN H 91 13.12 -35.61 26.84
C GLN H 91 13.11 -35.69 28.35
N LYS H 92 13.17 -36.91 28.88
CA LYS H 92 13.20 -37.14 30.32
C LYS H 92 14.45 -36.43 30.94
N SER H 93 15.64 -36.73 30.42
CA SER H 93 16.88 -36.13 30.92
C SER H 93 16.86 -34.61 30.89
N THR H 94 16.27 -34.06 29.84
CA THR H 94 16.19 -32.63 29.69
C THR H 94 15.43 -32.00 30.85
N ALA H 95 14.28 -32.57 31.19
CA ALA H 95 13.47 -32.07 32.30
C ALA H 95 14.31 -32.08 33.58
N VAL H 96 14.96 -33.21 33.84
CA VAL H 96 15.76 -33.37 35.04
C VAL H 96 16.88 -32.33 35.09
N LYS H 97 17.55 -32.12 33.95
CA LYS H 97 18.63 -31.17 33.90
C LYS H 97 18.15 -29.75 34.20
N ALA H 98 17.05 -29.35 33.58
CA ALA H 98 16.51 -28.02 33.77
C ALA H 98 16.01 -27.77 35.19
N LEU H 99 15.38 -28.76 35.80
CA LEU H 99 14.87 -28.56 37.15
C LEU H 99 16.00 -28.54 38.18
N THR H 100 17.04 -29.36 37.99
CA THR H 100 18.13 -29.32 38.96
C THR H 100 18.87 -27.98 38.79
N GLY H 101 19.03 -27.54 37.54
CA GLY H 101 19.69 -26.28 37.30
C GLY H 101 18.93 -25.17 38.00
N GLY H 102 17.61 -25.28 37.97
CA GLY H 102 16.75 -24.29 38.62
C GLY H 102 16.95 -24.20 40.12
N ILE H 103 17.28 -25.31 40.77
CA ILE H 103 17.50 -25.25 42.22
C ILE H 103 18.74 -24.40 42.51
N ALA H 104 19.79 -24.63 41.72
CA ALA H 104 21.04 -23.88 41.90
C ALA H 104 20.72 -22.39 41.78
N HIS H 105 19.93 -22.06 40.77
CA HIS H 105 19.55 -20.69 40.52
C HIS H 105 18.75 -20.10 41.70
N LEU H 106 17.85 -20.89 42.29
CA LEU H 106 17.06 -20.39 43.42
C LEU H 106 17.96 -20.21 44.65
N PHE H 107 18.97 -21.07 44.80
CA PHE H 107 19.89 -20.95 45.93
C PHE H 107 20.66 -19.63 45.77
N LYS H 108 21.15 -19.37 44.56
CA LYS H 108 21.86 -18.14 44.27
C LYS H 108 20.93 -16.95 44.57
N GLN H 109 19.77 -16.95 43.93
CA GLN H 109 18.77 -15.88 44.13
C GLN H 109 18.43 -15.63 45.60
N ASN H 110 18.40 -16.68 46.42
CA ASN H 110 18.06 -16.49 47.84
C ASN H 110 19.27 -16.39 48.78
N LYS H 111 20.48 -16.38 48.20
CA LYS H 111 21.70 -16.25 48.97
C LYS H 111 22.00 -17.46 49.84
N VAL H 112 21.48 -18.61 49.45
CA VAL H 112 21.77 -19.81 50.20
C VAL H 112 23.19 -20.22 49.78
N VAL H 113 24.02 -20.61 50.73
CA VAL H 113 25.39 -21.03 50.42
C VAL H 113 25.44 -22.53 50.17
N HIS H 114 25.88 -22.91 48.99
CA HIS H 114 25.96 -24.32 48.62
C HIS H 114 27.35 -24.91 48.81
N VAL H 115 27.44 -25.92 49.69
CA VAL H 115 28.68 -26.62 49.93
C VAL H 115 28.53 -28.03 49.34
N ASN H 116 29.37 -28.37 48.37
CA ASN H 116 29.34 -29.69 47.73
C ASN H 116 30.27 -30.66 48.46
N GLY H 117 29.72 -31.79 48.91
CA GLY H 117 30.51 -32.77 49.62
C GLY H 117 29.67 -33.57 50.61
N TYR H 118 30.26 -34.62 51.17
CA TYR H 118 29.59 -35.48 52.14
C TYR H 118 29.68 -34.84 53.52
N GLY H 119 28.53 -34.55 54.10
CA GLY H 119 28.53 -33.91 55.40
C GLY H 119 28.38 -34.81 56.61
N LYS H 120 29.14 -34.49 57.66
CA LYS H 120 29.08 -35.24 58.89
C LYS H 120 28.93 -34.22 60.00
N ILE H 121 28.05 -34.53 60.96
CA ILE H 121 27.86 -33.64 62.10
C ILE H 121 29.02 -33.98 63.02
N THR H 122 30.03 -33.12 63.03
CA THR H 122 31.23 -33.34 63.84
C THR H 122 31.20 -32.72 65.23
N GLY H 123 30.18 -31.92 65.51
CA GLY H 123 30.02 -31.29 66.80
C GLY H 123 28.56 -30.87 66.95
N LYS H 124 28.10 -30.56 68.15
CA LYS H 124 26.71 -30.15 68.34
C LYS H 124 26.38 -28.95 67.46
N ASN H 125 27.38 -28.14 67.17
CA ASN H 125 27.22 -26.93 66.35
C ASN H 125 28.18 -26.94 65.20
N GLN H 126 28.57 -28.12 64.74
CA GLN H 126 29.53 -28.19 63.66
C GLN H 126 29.24 -29.29 62.64
N VAL H 127 29.40 -28.94 61.37
CA VAL H 127 29.21 -29.91 60.31
C VAL H 127 30.44 -29.79 59.41
N THR H 128 31.01 -30.95 59.06
CA THR H 128 32.19 -31.00 58.20
C THR H 128 31.84 -31.68 56.88
N ALA H 129 32.11 -31.00 55.77
CA ALA H 129 31.83 -31.54 54.44
C ALA H 129 33.14 -31.98 53.79
N THR H 130 33.22 -33.24 53.42
CA THR H 130 34.42 -33.80 52.80
C THR H 130 34.22 -34.02 51.31
N LYS H 131 34.95 -33.27 50.49
CA LYS H 131 34.84 -33.40 49.04
C LYS H 131 35.39 -34.73 48.59
N ALA H 132 35.28 -35.01 47.29
CA ALA H 132 35.77 -36.26 46.73
C ALA H 132 37.29 -36.33 46.84
N ASP H 133 37.93 -35.23 46.44
CA ASP H 133 39.38 -35.09 46.47
C ASP H 133 39.96 -35.08 47.88
N GLY H 134 39.11 -35.37 48.87
CA GLY H 134 39.57 -35.37 50.25
C GLY H 134 39.47 -34.01 50.91
N GLY H 135 39.33 -32.95 50.09
CA GLY H 135 39.20 -31.60 50.63
C GLY H 135 38.17 -31.49 51.75
N THR H 136 38.31 -30.50 52.60
CA THR H 136 37.38 -30.36 53.70
C THR H 136 36.91 -28.93 53.91
N GLN H 137 35.73 -28.80 54.50
CA GLN H 137 35.13 -27.50 54.78
C GLN H 137 34.25 -27.67 56.01
N VAL H 138 34.59 -26.97 57.08
CA VAL H 138 33.79 -27.07 58.29
C VAL H 138 32.88 -25.87 58.44
N ILE H 139 31.66 -26.13 58.91
CA ILE H 139 30.71 -25.07 59.11
C ILE H 139 30.32 -25.08 60.57
N ASP H 140 30.46 -23.93 61.21
CA ASP H 140 30.07 -23.76 62.60
C ASP H 140 28.69 -23.14 62.43
N THR H 141 27.68 -23.78 63.01
CA THR H 141 26.32 -23.32 62.81
C THR H 141 25.46 -23.41 64.07
N LYS H 142 24.50 -22.51 64.18
CA LYS H 142 23.61 -22.52 65.33
C LYS H 142 22.69 -23.75 65.27
N ASN H 143 22.05 -23.93 64.12
CA ASN H 143 21.12 -25.04 63.92
C ASN H 143 21.54 -25.93 62.78
N ILE H 144 21.29 -27.21 62.97
CA ILE H 144 21.61 -28.20 61.97
C ILE H 144 20.28 -28.85 61.59
N LEU H 145 20.03 -28.92 60.28
CA LEU H 145 18.81 -29.56 59.80
C LEU H 145 19.17 -30.79 58.96
N ILE H 146 18.84 -31.97 59.46
CA ILE H 146 19.11 -33.21 58.75
C ILE H 146 17.97 -33.54 57.76
N ALA H 147 18.30 -33.55 56.47
CA ALA H 147 17.37 -33.86 55.36
C ALA H 147 18.12 -34.80 54.42
N THR H 148 18.72 -35.84 54.98
CA THR H 148 19.52 -36.79 54.22
C THR H 148 18.74 -37.85 53.42
N GLY H 149 17.41 -37.72 53.43
CA GLY H 149 16.54 -38.61 52.65
C GLY H 149 16.51 -40.10 52.86
N SER H 150 16.44 -40.79 51.72
CA SER H 150 16.32 -42.24 51.68
C SER H 150 17.18 -42.88 50.61
N GLU H 151 17.11 -44.21 50.58
CA GLU H 151 17.82 -45.04 49.61
C GLU H 151 16.89 -46.23 49.39
N VAL H 152 17.15 -46.99 48.34
CA VAL H 152 16.33 -48.14 48.02
C VAL H 152 16.50 -49.19 49.09
N THR H 153 15.43 -49.91 49.40
CA THR H 153 15.51 -50.98 50.38
C THR H 153 15.96 -52.22 49.63
N PRO H 154 17.08 -52.81 50.02
CA PRO H 154 17.50 -54.00 49.27
C PRO H 154 16.69 -55.24 49.61
N PHE H 155 16.64 -56.17 48.66
CA PHE H 155 15.94 -57.44 48.83
C PHE H 155 17.03 -58.45 49.24
N PRO H 156 17.01 -58.92 50.50
CA PRO H 156 18.03 -59.87 50.92
C PRO H 156 18.21 -61.07 50.01
N GLY H 157 19.45 -61.27 49.55
CA GLY H 157 19.75 -62.39 48.68
C GLY H 157 19.86 -61.99 47.22
N ILE H 158 19.23 -60.88 46.87
CA ILE H 158 19.26 -60.40 45.50
C ILE H 158 20.11 -59.16 45.48
N THR H 159 21.07 -59.11 44.57
CA THR H 159 21.93 -57.96 44.50
C THR H 159 21.62 -57.12 43.29
N ILE H 160 21.24 -55.88 43.52
CA ILE H 160 20.93 -54.98 42.42
C ILE H 160 22.22 -54.49 41.75
N ASP H 161 22.28 -54.56 40.42
CA ASP H 161 23.46 -54.10 39.67
C ASP H 161 23.10 -53.00 38.68
N GLU H 162 21.83 -52.56 38.70
CA GLU H 162 21.33 -51.54 37.81
C GLU H 162 21.61 -51.83 36.35
N ASP H 163 21.75 -53.10 36.03
CA ASP H 163 21.96 -53.54 34.66
C ASP H 163 20.72 -54.33 34.27
N THR H 164 20.57 -55.56 34.78
CA THR H 164 19.38 -56.36 34.46
C THR H 164 18.55 -56.58 35.73
N ILE H 165 19.19 -56.45 36.88
CA ILE H 165 18.50 -56.54 38.16
C ILE H 165 18.61 -55.09 38.65
N VAL H 166 17.52 -54.34 38.54
CA VAL H 166 17.58 -52.92 38.91
C VAL H 166 16.61 -52.46 39.99
N SER H 167 16.84 -51.25 40.47
CA SER H 167 15.96 -50.59 41.43
C SER H 167 15.28 -49.56 40.50
N SER H 168 14.49 -48.64 41.05
CA SER H 168 13.82 -47.63 40.21
C SER H 168 14.83 -46.82 39.40
N THR H 169 15.99 -46.58 39.97
CA THR H 169 17.04 -45.81 39.27
C THR H 169 17.42 -46.49 37.94
N GLY H 170 17.78 -47.78 38.00
CA GLY H 170 18.12 -48.47 36.75
C GLY H 170 16.92 -48.55 35.80
N ALA H 171 15.73 -48.77 36.38
CA ALA H 171 14.51 -48.88 35.59
C ALA H 171 14.15 -47.60 34.88
N LEU H 172 14.59 -46.44 35.40
CA LEU H 172 14.28 -45.16 34.76
C LEU H 172 15.19 -44.88 33.55
N SER H 173 16.22 -45.71 33.36
CA SER H 173 17.17 -45.54 32.26
C SER H 173 17.51 -46.80 31.45
N LEU H 174 16.61 -47.77 31.37
CA LEU H 174 16.88 -48.98 30.61
C LEU H 174 17.29 -48.63 29.17
N LYS H 175 18.26 -49.36 28.61
CA LYS H 175 18.71 -49.06 27.26
C LYS H 175 17.74 -49.53 26.19
N LYS H 176 16.97 -50.57 26.49
CA LYS H 176 15.99 -51.08 25.56
C LYS H 176 14.77 -51.54 26.29
N VAL H 177 13.64 -51.65 25.59
CA VAL H 177 12.42 -52.20 26.20
C VAL H 177 12.64 -53.68 26.51
N PRO H 178 12.61 -54.07 27.79
CA PRO H 178 12.82 -55.49 28.08
C PRO H 178 11.67 -56.32 27.51
N GLU H 179 12.00 -57.50 26.98
CA GLU H 179 10.97 -58.36 26.42
C GLU H 179 10.01 -58.78 27.53
N LYS H 180 10.58 -59.25 28.63
CA LYS H 180 9.77 -59.64 29.75
C LYS H 180 10.39 -59.02 30.99
N MET H 181 9.55 -58.48 31.87
CA MET H 181 10.04 -57.86 33.09
C MET H 181 9.22 -58.30 34.29
N VAL H 182 9.93 -58.58 35.38
CA VAL H 182 9.30 -58.96 36.62
C VAL H 182 9.56 -57.87 37.66
N VAL H 183 8.50 -57.45 38.34
CA VAL H 183 8.65 -56.41 39.34
C VAL H 183 8.34 -57.01 40.69
N ILE H 184 9.21 -56.77 41.66
CA ILE H 184 8.96 -57.28 43.01
C ILE H 184 8.49 -56.10 43.84
N GLY H 185 7.23 -56.17 44.25
CA GLY H 185 6.61 -55.11 45.03
C GLY H 185 5.61 -54.41 44.12
N ALA H 186 4.33 -54.60 44.39
CA ALA H 186 3.29 -53.97 43.60
C ALA H 186 2.78 -52.68 44.27
N GLY H 187 3.74 -51.92 44.78
CA GLY H 187 3.51 -50.63 45.42
C GLY H 187 3.45 -49.52 44.37
N VAL H 188 3.67 -48.28 44.81
CA VAL H 188 3.59 -47.16 43.88
C VAL H 188 4.64 -47.18 42.75
N ILE H 189 5.92 -47.38 43.08
CA ILE H 189 6.95 -47.45 42.04
C ILE H 189 6.66 -48.64 41.10
N GLY H 190 6.33 -49.79 41.68
CA GLY H 190 6.05 -50.97 40.87
C GLY H 190 4.98 -50.75 39.82
N VAL H 191 3.85 -50.18 40.25
CA VAL H 191 2.80 -49.96 39.31
C VAL H 191 3.13 -48.84 38.31
N GLU H 192 3.80 -47.78 38.75
CA GLU H 192 4.11 -46.74 37.78
C GLU H 192 5.14 -47.17 36.75
N LEU H 193 6.26 -47.66 37.23
CA LEU H 193 7.35 -48.08 36.32
C LEU H 193 6.94 -49.34 35.56
N GLY H 194 6.15 -50.20 36.19
CA GLY H 194 5.67 -51.39 35.49
C GLY H 194 4.83 -50.96 34.31
N SER H 195 3.97 -49.96 34.53
CA SER H 195 3.10 -49.47 33.49
C SER H 195 3.86 -48.76 32.38
N VAL H 196 4.88 -47.99 32.74
CA VAL H 196 5.68 -47.33 31.72
C VAL H 196 6.26 -48.37 30.71
N TRP H 197 6.92 -49.39 31.23
CA TRP H 197 7.53 -50.40 30.36
C TRP H 197 6.54 -51.30 29.67
N GLN H 198 5.40 -51.54 30.32
CA GLN H 198 4.34 -52.35 29.71
C GLN H 198 3.84 -51.62 28.46
N ARG H 199 3.61 -50.32 28.56
CA ARG H 199 3.12 -49.52 27.42
C ARG H 199 4.13 -49.46 26.27
N LEU H 200 5.42 -49.48 26.59
CA LEU H 200 6.44 -49.41 25.55
C LEU H 200 6.67 -50.78 24.87
N GLY H 201 5.92 -51.79 25.30
CA GLY H 201 6.06 -53.10 24.69
C GLY H 201 6.46 -54.29 25.55
N ALA H 202 6.84 -54.05 26.82
CA ALA H 202 7.25 -55.14 27.68
C ALA H 202 6.10 -56.00 28.24
N ASP H 203 6.40 -57.27 28.53
CA ASP H 203 5.42 -58.20 29.11
C ASP H 203 5.79 -58.12 30.58
N VAL H 204 4.91 -57.48 31.34
CA VAL H 204 5.16 -57.23 32.75
C VAL H 204 4.31 -57.96 33.79
N THR H 205 4.97 -58.45 34.83
CA THR H 205 4.32 -59.15 35.92
C THR H 205 4.87 -58.64 37.26
N ALA H 206 3.99 -58.22 38.18
CA ALA H 206 4.45 -57.75 39.48
C ALA H 206 4.13 -58.81 40.52
N VAL H 207 5.11 -59.13 41.34
CA VAL H 207 4.94 -60.10 42.41
C VAL H 207 4.84 -59.30 43.70
N GLU H 208 3.71 -59.49 44.37
CA GLU H 208 3.42 -58.77 45.60
C GLU H 208 3.09 -59.69 46.77
N PHE H 209 3.80 -59.49 47.88
CA PHE H 209 3.60 -60.26 49.09
C PHE H 209 2.20 -60.06 49.71
N LEU H 210 1.71 -58.82 49.76
CA LEU H 210 0.39 -58.56 50.32
C LEU H 210 -0.70 -58.91 49.33
N GLY H 211 -1.94 -58.69 49.75
CA GLY H 211 -3.06 -59.03 48.90
C GLY H 211 -3.68 -57.91 48.10
N HIS H 212 -2.99 -56.78 47.91
CA HIS H 212 -3.56 -55.69 47.14
C HIS H 212 -2.41 -54.86 46.53
N VAL H 213 -2.70 -54.09 45.50
CA VAL H 213 -1.67 -53.26 44.88
C VAL H 213 -1.78 -51.78 45.31
N GLY H 214 -0.66 -51.07 45.26
CA GLY H 214 -0.70 -49.67 45.59
C GLY H 214 -0.06 -49.19 46.89
N GLY H 215 0.49 -50.09 47.68
CA GLY H 215 1.15 -49.66 48.90
C GLY H 215 0.24 -49.37 50.06
N VAL H 216 0.83 -48.75 51.07
CA VAL H 216 0.13 -48.40 52.30
C VAL H 216 -0.87 -47.29 52.16
N GLY H 217 -1.98 -47.46 52.86
CA GLY H 217 -2.99 -46.42 52.91
C GLY H 217 -4.06 -46.39 51.85
N ILE H 218 -3.84 -47.07 50.71
CA ILE H 218 -4.84 -47.04 49.66
C ILE H 218 -6.12 -47.75 50.15
N ASP H 219 -7.27 -47.23 49.73
CA ASP H 219 -8.57 -47.81 50.05
C ASP H 219 -8.67 -49.15 49.23
N MET H 220 -9.08 -50.23 49.90
CA MET H 220 -9.20 -51.54 49.27
C MET H 220 -10.10 -51.59 48.05
N GLU H 221 -11.29 -51.03 48.14
CA GLU H 221 -12.18 -51.01 46.99
C GLU H 221 -11.51 -50.28 45.80
N ILE H 222 -10.85 -49.15 46.07
CA ILE H 222 -10.18 -48.42 44.99
C ILE H 222 -9.02 -49.29 44.42
N SER H 223 -8.26 -49.89 45.34
CA SER H 223 -7.09 -50.71 44.98
C SER H 223 -7.48 -51.89 44.10
N LYS H 224 -8.62 -52.49 44.44
CA LYS H 224 -9.11 -53.63 43.69
C LYS H 224 -9.57 -53.20 42.29
N ASN H 225 -10.35 -52.12 42.21
CA ASN H 225 -10.78 -51.61 40.90
C ASN H 225 -9.56 -51.15 40.05
N PHE H 226 -8.55 -50.60 40.72
CA PHE H 226 -7.32 -50.14 40.05
C PHE H 226 -6.62 -51.37 39.44
N GLN H 227 -6.42 -52.40 40.25
CA GLN H 227 -5.81 -53.63 39.77
C GLN H 227 -6.54 -54.18 38.53
N ARG H 228 -7.88 -54.24 38.62
CA ARG H 228 -8.66 -54.75 37.51
C ARG H 228 -8.37 -54.00 36.23
N ILE H 229 -8.31 -52.67 36.31
CA ILE H 229 -8.06 -51.87 35.12
C ILE H 229 -6.66 -52.06 34.57
N LEU H 230 -5.66 -52.15 35.45
CA LEU H 230 -4.28 -52.37 35.04
C LEU H 230 -4.19 -53.77 34.36
N GLN H 231 -4.82 -54.79 34.95
CA GLN H 231 -4.78 -56.11 34.35
C GLN H 231 -5.33 -56.02 32.94
N LYS H 232 -6.43 -55.32 32.76
CA LYS H 232 -7.06 -55.10 31.48
C LYS H 232 -6.05 -54.52 30.47
N GLN H 233 -5.12 -53.72 30.99
CA GLN H 233 -4.12 -53.08 30.16
C GLN H 233 -2.97 -54.01 29.80
N GLY H 234 -2.88 -55.16 30.45
CA GLY H 234 -1.82 -56.08 30.12
C GLY H 234 -0.90 -56.35 31.27
N PHE H 235 -1.08 -55.55 32.33
CA PHE H 235 -0.27 -55.62 33.55
C PHE H 235 -0.71 -56.83 34.40
N LYS H 236 0.14 -57.83 34.56
CA LYS H 236 -0.22 -59.02 35.35
C LYS H 236 0.29 -58.95 36.78
N PHE H 237 -0.45 -59.57 37.70
CA PHE H 237 -0.09 -59.60 39.11
C PHE H 237 -0.09 -60.97 39.79
N LYS H 238 0.84 -61.14 40.69
CA LYS H 238 0.92 -62.35 41.50
C LYS H 238 0.89 -61.81 42.92
N LEU H 239 -0.30 -61.69 43.50
CA LEU H 239 -0.44 -61.18 44.86
C LEU H 239 -0.31 -62.31 45.85
N ASN H 240 -0.17 -61.98 47.13
CA ASN H 240 -0.07 -62.99 48.16
C ASN H 240 1.04 -63.98 47.76
N THR H 241 2.14 -63.43 47.26
CA THR H 241 3.29 -64.21 46.79
C THR H 241 4.61 -63.66 47.30
N LYS H 242 5.42 -64.60 47.75
CA LYS H 242 6.73 -64.35 48.29
C LYS H 242 7.78 -64.73 47.24
N VAL H 243 8.84 -63.93 47.14
CA VAL H 243 9.93 -64.23 46.23
C VAL H 243 11.01 -64.92 47.08
N THR H 244 11.33 -66.16 46.71
CA THR H 244 12.32 -66.92 47.45
C THR H 244 13.73 -66.71 46.93
N GLY H 245 13.88 -65.97 45.83
CA GLY H 245 15.20 -65.73 45.31
C GLY H 245 15.23 -65.50 43.82
N ALA H 246 16.40 -65.13 43.32
CA ALA H 246 16.59 -64.88 41.89
C ALA H 246 18.02 -65.23 41.52
N THR H 247 18.23 -65.68 40.29
CA THR H 247 19.56 -66.03 39.82
C THR H 247 19.73 -65.56 38.37
N LYS H 248 20.81 -64.84 38.08
CA LYS H 248 21.06 -64.38 36.72
C LYS H 248 21.71 -65.58 36.01
N LYS H 249 21.30 -65.88 34.79
CA LYS H 249 21.85 -67.05 34.09
C LYS H 249 22.83 -66.73 32.96
N SER H 250 23.69 -67.70 32.66
CA SER H 250 24.69 -67.52 31.61
C SER H 250 24.10 -67.00 30.30
N ASP H 251 22.81 -67.23 30.06
CA ASP H 251 22.20 -66.74 28.84
C ASP H 251 21.72 -65.28 28.96
N GLY H 252 21.91 -64.70 30.14
CA GLY H 252 21.48 -63.32 30.36
C GLY H 252 20.10 -63.22 31.00
N LYS H 253 19.34 -64.30 30.92
CA LYS H 253 18.02 -64.33 31.50
C LYS H 253 18.08 -64.39 33.03
N ILE H 254 16.96 -64.10 33.66
CA ILE H 254 16.86 -64.10 35.11
C ILE H 254 15.71 -64.99 35.56
N ASP H 255 16.02 -65.91 36.46
CA ASP H 255 15.02 -66.82 37.02
C ASP H 255 14.62 -66.29 38.39
N VAL H 256 13.33 -66.01 38.56
CA VAL H 256 12.83 -65.51 39.83
C VAL H 256 12.01 -66.62 40.49
N SER H 257 12.45 -67.09 41.65
CA SER H 257 11.71 -68.13 42.33
C SER H 257 10.67 -67.55 43.28
N ILE H 258 9.46 -68.10 43.25
CA ILE H 258 8.37 -67.64 44.09
C ILE H 258 7.57 -68.78 44.70
N GLU H 259 6.78 -68.40 45.70
CA GLU H 259 5.90 -69.30 46.44
C GLU H 259 4.70 -68.49 46.92
N ALA H 260 3.65 -69.19 47.32
CA ALA H 260 2.49 -68.52 47.88
C ALA H 260 3.04 -67.91 49.19
N ALA H 261 2.60 -66.71 49.55
CA ALA H 261 3.09 -66.06 50.76
C ALA H 261 2.92 -66.97 51.98
N SER H 262 1.84 -67.75 52.01
CA SER H 262 1.57 -68.66 53.11
C SER H 262 2.18 -70.06 52.92
N GLY H 263 3.15 -70.16 52.01
CA GLY H 263 3.80 -71.44 51.78
C GLY H 263 3.27 -72.28 50.65
N GLY H 264 4.19 -72.94 49.96
CA GLY H 264 3.80 -73.82 48.87
C GLY H 264 3.72 -73.16 47.51
N LYS H 265 3.23 -73.94 46.55
CA LYS H 265 3.08 -73.51 45.17
C LYS H 265 4.36 -72.86 44.63
N ALA H 266 5.48 -73.59 44.71
CA ALA H 266 6.77 -73.09 44.24
C ALA H 266 6.66 -72.88 42.75
N GLU H 267 7.19 -71.75 42.27
CA GLU H 267 7.15 -71.48 40.85
C GLU H 267 8.42 -70.73 40.47
N VAL H 268 8.66 -70.60 39.17
CA VAL H 268 9.82 -69.87 38.66
C VAL H 268 9.35 -69.07 37.45
N ILE H 269 9.66 -67.79 37.45
CA ILE H 269 9.29 -66.92 36.34
C ILE H 269 10.60 -66.43 35.77
N THR H 270 10.74 -66.54 34.45
CA THR H 270 11.97 -66.11 33.80
C THR H 270 11.71 -64.79 33.10
N CYS H 271 12.66 -63.87 33.20
CA CYS H 271 12.52 -62.55 32.58
C CYS H 271 13.86 -62.00 32.07
N ASP H 272 13.79 -60.85 31.42
CA ASP H 272 14.98 -60.19 30.91
C ASP H 272 15.49 -59.10 31.88
N VAL H 273 14.54 -58.49 32.61
CA VAL H 273 14.89 -57.45 33.60
C VAL H 273 14.05 -57.65 34.88
N LEU H 274 14.74 -57.57 36.02
CA LEU H 274 14.10 -57.71 37.30
C LEU H 274 14.13 -56.35 38.02
N LEU H 275 12.96 -55.78 38.30
CA LEU H 275 12.89 -54.51 39.03
C LEU H 275 12.49 -54.80 40.46
N VAL H 276 13.38 -54.46 41.38
CA VAL H 276 13.21 -54.63 42.83
C VAL H 276 12.71 -53.28 43.40
N CYS H 277 11.49 -53.27 43.92
CA CYS H 277 10.95 -52.05 44.51
C CYS H 277 10.06 -52.41 45.68
N ILE H 278 10.67 -52.86 46.76
CA ILE H 278 9.88 -53.22 47.93
C ILE H 278 9.91 -52.12 48.98
N GLY H 279 10.16 -50.89 48.54
CA GLY H 279 10.20 -49.76 49.46
C GLY H 279 11.55 -49.06 49.49
N ARG H 280 11.62 -48.02 50.31
CA ARG H 280 12.83 -47.24 50.49
C ARG H 280 12.93 -47.08 51.99
N ARG H 281 14.13 -46.72 52.47
CA ARG H 281 14.37 -46.56 53.90
C ARG H 281 15.23 -45.33 54.17
N PRO H 282 15.16 -44.80 55.39
CA PRO H 282 15.93 -43.62 55.79
C PRO H 282 17.42 -43.82 55.58
N PHE H 283 18.07 -42.79 55.03
CA PHE H 283 19.50 -42.82 54.76
C PHE H 283 20.22 -41.87 55.75
N THR H 284 21.03 -42.43 56.64
CA THR H 284 21.76 -41.59 57.60
C THR H 284 23.21 -42.05 57.76
N LYS H 285 23.68 -42.89 56.82
CA LYS H 285 25.04 -43.41 56.88
C LYS H 285 26.16 -42.39 57.15
N ASN H 286 27.01 -42.68 58.10
CA ASN H 286 28.17 -41.82 58.50
C ASN H 286 27.81 -40.34 58.65
N LEU H 287 26.70 -40.07 59.33
CA LEU H 287 26.26 -38.69 59.58
C LEU H 287 26.81 -38.20 60.94
N GLY H 288 27.30 -39.13 61.75
CA GLY H 288 27.84 -38.81 63.05
C GLY H 288 26.81 -38.91 64.15
N LEU H 289 25.68 -39.55 63.84
CA LEU H 289 24.61 -39.69 64.81
C LEU H 289 24.98 -40.53 66.02
N GLU H 290 25.70 -41.64 65.83
CA GLU H 290 26.05 -42.47 66.97
C GLU H 290 27.03 -41.70 67.86
N GLU H 291 28.00 -41.03 67.26
CA GLU H 291 28.99 -40.26 68.00
C GLU H 291 28.28 -39.15 68.78
N LEU H 292 27.27 -38.62 68.11
CA LEU H 292 26.45 -37.53 68.61
C LEU H 292 25.46 -37.94 69.68
N GLY H 293 25.17 -39.23 69.77
CA GLY H 293 24.23 -39.71 70.77
C GLY H 293 22.78 -39.79 70.32
N ILE H 294 22.54 -39.59 69.02
CA ILE H 294 21.20 -39.65 68.50
C ILE H 294 20.85 -41.06 68.03
N GLU H 295 20.02 -41.74 68.80
CA GLU H 295 19.60 -43.12 68.50
C GLU H 295 18.47 -43.17 67.46
N LEU H 296 18.58 -44.10 66.52
CA LEU H 296 17.56 -44.27 65.49
C LEU H 296 16.52 -45.25 65.97
N ASP H 297 15.30 -45.15 65.45
CA ASP H 297 14.24 -46.08 65.86
C ASP H 297 14.52 -47.41 65.15
N PRO H 298 13.77 -48.47 65.48
CA PRO H 298 14.03 -49.74 64.81
C PRO H 298 14.01 -49.75 63.27
N ARG H 299 13.31 -48.82 62.64
CA ARG H 299 13.30 -48.82 61.19
C ARG H 299 14.35 -47.88 60.59
N GLY H 300 15.22 -47.33 61.43
CA GLY H 300 16.29 -46.47 60.93
C GLY H 300 15.97 -44.98 60.85
N ARG H 301 14.82 -44.60 61.36
CA ARG H 301 14.44 -43.20 61.31
C ARG H 301 14.90 -42.42 62.52
N ILE H 302 15.13 -41.14 62.30
CA ILE H 302 15.56 -40.23 63.35
C ILE H 302 14.32 -39.73 64.12
N PRO H 303 14.21 -40.08 65.40
CA PRO H 303 13.07 -39.65 66.23
C PRO H 303 13.09 -38.11 66.40
N VAL H 304 11.94 -37.44 66.24
CA VAL H 304 11.87 -35.98 66.40
C VAL H 304 10.55 -35.61 67.06
N ASN H 305 10.47 -34.42 67.67
CA ASN H 305 9.24 -34.00 68.34
C ASN H 305 8.40 -33.21 67.36
N THR H 306 7.32 -32.59 67.82
CA THR H 306 6.45 -31.85 66.89
C THR H 306 7.08 -30.64 66.22
N ARG H 307 8.26 -30.22 66.68
CA ARG H 307 8.95 -29.09 66.04
C ARG H 307 10.09 -29.64 65.16
N PHE H 308 10.17 -30.97 65.08
CA PHE H 308 11.18 -31.68 64.29
C PHE H 308 12.58 -31.62 64.88
N GLN H 309 12.63 -31.38 66.20
CA GLN H 309 13.90 -31.35 66.92
C GLN H 309 14.27 -32.78 67.29
N THR H 310 15.54 -33.13 67.10
CA THR H 310 16.01 -34.44 67.51
C THR H 310 16.22 -34.34 69.04
N LYS H 311 16.79 -35.39 69.63
CA LYS H 311 17.07 -35.42 71.06
C LYS H 311 17.98 -34.22 71.41
N ILE H 312 18.78 -33.78 70.44
CA ILE H 312 19.67 -32.62 70.62
C ILE H 312 18.93 -31.41 70.04
N PRO H 313 18.45 -30.52 70.92
CA PRO H 313 17.70 -29.28 70.69
C PRO H 313 17.88 -28.43 69.43
N ASN H 314 19.13 -28.20 69.02
CA ASN H 314 19.39 -27.37 67.83
C ASN H 314 19.62 -28.21 66.59
N ILE H 315 19.42 -29.53 66.71
CA ILE H 315 19.59 -30.41 65.56
C ILE H 315 18.23 -30.97 65.18
N TYR H 316 17.82 -30.70 63.95
CA TYR H 316 16.53 -31.12 63.43
C TYR H 316 16.66 -32.13 62.27
N ALA H 317 15.54 -32.78 61.95
CA ALA H 317 15.49 -33.75 60.87
C ALA H 317 14.04 -33.72 60.36
N ILE H 318 13.92 -33.72 59.03
CA ILE H 318 12.64 -33.68 58.32
C ILE H 318 12.74 -34.60 57.09
N GLY H 319 11.61 -34.88 56.44
CA GLY H 319 11.61 -35.68 55.23
C GLY H 319 11.64 -37.20 55.33
N ASP H 320 12.19 -37.83 54.29
CA ASP H 320 12.26 -39.31 54.22
C ASP H 320 13.05 -39.93 55.38
N VAL H 321 13.82 -39.10 56.07
CA VAL H 321 14.65 -39.56 57.18
C VAL H 321 13.87 -39.68 58.50
N VAL H 322 12.66 -39.12 58.55
CA VAL H 322 11.84 -39.23 59.76
C VAL H 322 10.54 -39.97 59.43
N ALA H 323 9.70 -40.18 60.43
CA ALA H 323 8.46 -40.89 60.21
C ALA H 323 7.44 -40.12 59.36
N GLY H 324 6.42 -40.84 58.90
CA GLY H 324 5.39 -40.25 58.08
C GLY H 324 5.53 -40.74 56.66
N PRO H 325 4.58 -40.38 55.77
CA PRO H 325 4.62 -40.81 54.36
C PRO H 325 5.92 -40.36 53.74
N MET H 326 6.62 -41.26 53.04
CA MET H 326 7.88 -40.92 52.38
C MET H 326 7.52 -40.34 51.00
N LEU H 327 7.09 -39.09 51.04
CA LEU H 327 6.66 -38.34 49.87
C LEU H 327 7.35 -36.96 49.78
N ALA H 328 7.58 -36.50 48.55
CA ALA H 328 8.24 -35.21 48.31
C ALA H 328 7.50 -33.98 48.88
N HIS H 329 6.18 -33.89 48.68
CA HIS H 329 5.47 -32.73 49.22
C HIS H 329 5.44 -32.82 50.73
N LYS H 330 5.49 -34.02 51.27
CA LYS H 330 5.51 -34.19 52.72
C LYS H 330 6.84 -33.63 53.29
N ALA H 331 7.94 -33.95 52.61
CA ALA H 331 9.27 -33.50 53.01
C ALA H 331 9.35 -31.97 52.92
N GLU H 332 8.82 -31.43 51.83
CA GLU H 332 8.82 -29.97 51.64
C GLU H 332 8.07 -29.25 52.77
N ASP H 333 6.85 -29.68 53.03
CA ASP H 333 6.09 -29.04 54.09
C ASP H 333 6.85 -29.08 55.43
N GLU H 334 7.45 -30.22 55.73
CA GLU H 334 8.20 -30.33 56.98
C GLU H 334 9.41 -29.39 57.03
N GLY H 335 10.07 -29.20 55.90
CA GLY H 335 11.20 -28.30 55.85
C GLY H 335 10.74 -26.89 56.20
N ILE H 336 9.70 -26.43 55.49
CA ILE H 336 9.14 -25.12 55.71
C ILE H 336 8.71 -24.88 57.16
N ILE H 337 7.82 -25.71 57.69
CA ILE H 337 7.39 -25.46 59.05
C ILE H 337 8.53 -25.64 60.07
N CYS H 338 9.52 -26.46 59.73
CA CYS H 338 10.65 -26.67 60.62
C CYS H 338 11.41 -25.36 60.83
N VAL H 339 11.80 -24.71 59.74
CA VAL H 339 12.56 -23.49 59.87
C VAL H 339 11.72 -22.33 60.35
N GLU H 340 10.42 -22.33 60.04
CA GLU H 340 9.53 -21.29 60.55
C GLU H 340 9.54 -21.43 62.06
N GLY H 341 9.58 -22.69 62.52
CA GLY H 341 9.64 -22.97 63.94
C GLY H 341 10.93 -22.37 64.51
N MET H 342 12.06 -22.55 63.80
CA MET H 342 13.34 -22.00 64.22
C MET H 342 13.23 -20.48 64.38
N ALA H 343 12.44 -19.85 63.52
CA ALA H 343 12.26 -18.40 63.60
C ALA H 343 11.25 -18.04 64.68
N GLY H 344 10.80 -19.05 65.41
CA GLY H 344 9.85 -18.82 66.49
C GLY H 344 8.38 -19.01 66.14
N GLY H 345 8.07 -19.63 65.02
CA GLY H 345 6.67 -19.81 64.70
C GLY H 345 6.06 -21.07 65.28
N ALA H 346 4.78 -21.30 65.01
CA ALA H 346 4.14 -22.52 65.48
C ALA H 346 4.60 -23.59 64.49
N VAL H 347 4.46 -24.85 64.87
CA VAL H 347 4.89 -25.94 64.02
C VAL H 347 3.85 -27.04 64.07
N HIS H 348 3.16 -27.26 62.96
CA HIS H 348 2.14 -28.28 62.96
C HIS H 348 1.84 -28.85 61.58
N ILE H 349 1.81 -30.17 61.52
CA ILE H 349 1.50 -30.86 60.30
C ILE H 349 0.64 -32.05 60.70
N ASP H 350 -0.40 -32.29 59.91
CA ASP H 350 -1.34 -33.39 60.12
C ASP H 350 -1.20 -34.32 58.91
N TYR H 351 -0.52 -35.45 59.11
CA TYR H 351 -0.30 -36.39 58.03
C TYR H 351 -1.58 -36.96 57.40
N ASN H 352 -2.69 -36.82 58.12
CA ASN H 352 -3.97 -37.28 57.63
C ASN H 352 -4.43 -36.37 56.50
N CYS H 353 -3.83 -35.18 56.43
CA CYS H 353 -4.17 -34.22 55.39
C CYS H 353 -3.18 -34.20 54.21
N VAL H 354 -2.20 -35.08 54.25
CA VAL H 354 -1.19 -35.17 53.18
C VAL H 354 -1.71 -36.09 52.08
N PRO H 355 -1.80 -35.56 50.84
CA PRO H 355 -2.31 -36.51 49.84
C PRO H 355 -1.30 -37.50 49.28
N SER H 356 -1.81 -38.48 48.54
CA SER H 356 -1.04 -39.52 47.88
C SER H 356 -1.55 -39.56 46.43
N VAL H 357 -0.65 -39.69 45.47
CA VAL H 357 -1.04 -39.77 44.05
C VAL H 357 -0.26 -40.92 43.41
N ILE H 358 -0.87 -41.58 42.42
CA ILE H 358 -0.24 -42.65 41.66
C ILE H 358 -0.46 -42.13 40.24
N TYR H 359 0.64 -41.88 39.53
CA TYR H 359 0.56 -41.28 38.21
C TYR H 359 0.41 -42.19 37.00
N THR H 360 -0.22 -43.33 37.25
CA THR H 360 -0.51 -44.25 36.19
C THR H 360 -1.66 -43.61 35.43
N HIS H 361 -2.20 -44.39 34.49
CA HIS H 361 -3.34 -44.01 33.69
C HIS H 361 -4.22 -45.25 33.68
N PRO H 362 -5.34 -45.21 34.40
CA PRO H 362 -5.80 -44.08 35.20
C PRO H 362 -4.95 -43.76 36.41
N GLU H 363 -5.03 -42.51 36.85
CA GLU H 363 -4.35 -42.04 38.04
C GLU H 363 -5.18 -42.47 39.24
N VAL H 364 -4.54 -42.49 40.39
CA VAL H 364 -5.22 -42.80 41.63
C VAL H 364 -4.77 -41.69 42.59
N ALA H 365 -5.66 -41.20 43.45
CA ALA H 365 -5.23 -40.18 44.41
C ALA H 365 -6.17 -40.24 45.59
N TRP H 366 -5.64 -40.00 46.80
CA TRP H 366 -6.49 -40.00 47.98
C TRP H 366 -5.91 -39.14 49.09
N VAL H 367 -6.80 -38.77 50.01
CA VAL H 367 -6.40 -37.98 51.15
C VAL H 367 -7.44 -38.31 52.22
N GLY H 368 -6.98 -38.36 53.46
CA GLY H 368 -7.89 -38.67 54.54
C GLY H 368 -7.90 -40.16 54.81
N LYS H 369 -8.99 -40.65 55.38
CA LYS H 369 -9.07 -42.05 55.76
C LYS H 369 -9.64 -42.98 54.70
N SER H 370 -9.17 -44.22 54.69
CA SER H 370 -9.70 -45.24 53.80
C SER H 370 -10.90 -45.87 54.55
N GLU H 371 -11.70 -46.65 53.84
CA GLU H 371 -12.82 -47.28 54.52
C GLU H 371 -12.35 -48.26 55.61
N GLU H 372 -11.24 -48.96 55.36
CA GLU H 372 -10.72 -49.89 56.34
C GLU H 372 -10.31 -49.16 57.62
N GLN H 373 -9.72 -47.98 57.46
CA GLN H 373 -9.30 -47.21 58.61
C GLN H 373 -10.47 -46.75 59.45
N LEU H 374 -11.56 -46.37 58.80
CA LEU H 374 -12.72 -45.89 59.54
C LEU H 374 -13.38 -47.04 60.28
N LYS H 375 -13.42 -48.22 59.65
CA LYS H 375 -14.01 -49.37 60.34
C LYS H 375 -13.15 -49.76 61.51
N GLU H 376 -11.83 -49.80 61.30
CA GLU H 376 -10.92 -50.11 62.42
C GLU H 376 -11.10 -49.12 63.60
N GLU H 377 -11.42 -47.88 63.29
CA GLU H 377 -11.60 -46.87 64.34
C GLU H 377 -13.04 -46.82 64.89
N GLY H 378 -13.94 -47.64 64.33
CA GLY H 378 -15.31 -47.64 64.82
C GLY H 378 -16.07 -46.37 64.44
N ILE H 379 -15.64 -45.68 63.39
CA ILE H 379 -16.33 -44.46 62.99
C ILE H 379 -17.61 -44.77 62.18
N GLU H 380 -18.69 -44.07 62.49
CA GLU H 380 -19.96 -44.23 61.78
C GLU H 380 -19.89 -43.31 60.54
N TYR H 381 -19.84 -43.89 59.33
CA TYR H 381 -19.69 -43.04 58.17
C TYR H 381 -20.68 -43.32 57.05
N LYS H 382 -20.69 -42.41 56.09
CA LYS H 382 -21.54 -42.49 54.89
C LYS H 382 -20.59 -42.57 53.70
N VAL H 383 -21.07 -43.18 52.62
CA VAL H 383 -20.28 -43.35 51.39
C VAL H 383 -21.03 -42.78 50.19
N GLY H 384 -20.31 -42.01 49.37
CA GLY H 384 -20.88 -41.46 48.15
C GLY H 384 -19.91 -41.87 47.06
N LYS H 385 -20.42 -42.40 45.94
CA LYS H 385 -19.58 -42.81 44.82
C LYS H 385 -20.15 -42.24 43.55
N PHE H 386 -19.29 -41.85 42.61
CA PHE H 386 -19.77 -41.33 41.34
C PHE H 386 -18.82 -41.84 40.27
N PRO H 387 -19.34 -42.59 39.27
CA PRO H 387 -18.41 -43.10 38.24
C PRO H 387 -18.05 -42.04 37.19
N PHE H 388 -16.81 -42.06 36.71
CA PHE H 388 -16.45 -41.10 35.70
C PHE H 388 -17.20 -41.36 34.38
N ALA H 389 -17.80 -42.55 34.26
CA ALA H 389 -18.59 -42.86 33.06
C ALA H 389 -19.80 -41.89 32.97
N ALA H 390 -20.22 -41.34 34.11
CA ALA H 390 -21.34 -40.40 34.12
C ALA H 390 -20.89 -38.93 34.20
N ASN H 391 -19.56 -38.70 34.16
CA ASN H 391 -18.99 -37.34 34.18
C ASN H 391 -18.94 -36.79 32.73
N SER H 392 -19.50 -35.61 32.49
CA SER H 392 -19.51 -35.01 31.17
C SER H 392 -18.16 -34.83 30.50
N ARG H 393 -17.16 -34.35 31.24
CA ARG H 393 -15.84 -34.17 30.63
C ARG H 393 -15.12 -35.47 30.30
N ALA H 394 -15.25 -36.47 31.16
CA ALA H 394 -14.59 -37.74 30.93
C ALA H 394 -15.20 -38.38 29.68
N LYS H 395 -16.52 -38.32 29.58
CA LYS H 395 -17.22 -38.91 28.46
C LYS H 395 -16.94 -38.16 27.14
N THR H 396 -16.79 -36.85 27.22
CA THR H 396 -16.50 -36.07 26.04
C THR H 396 -15.11 -36.43 25.55
N ASN H 397 -14.20 -36.62 26.51
CA ASN H 397 -12.81 -36.98 26.26
C ASN H 397 -12.71 -38.44 25.86
N ALA H 398 -13.79 -39.19 26.04
CA ALA H 398 -13.83 -40.61 25.78
C ALA H 398 -12.76 -41.32 26.61
N ASP H 399 -12.72 -41.02 27.91
CA ASP H 399 -11.73 -41.63 28.83
C ASP H 399 -12.46 -41.68 30.14
N THR H 400 -13.23 -42.74 30.31
CA THR H 400 -14.13 -42.90 31.45
C THR H 400 -13.88 -43.90 32.58
N ASP H 401 -12.74 -44.57 32.63
CA ASP H 401 -12.49 -45.52 33.72
C ASP H 401 -12.54 -44.88 35.13
N GLY H 402 -13.01 -45.63 36.11
CA GLY H 402 -12.97 -45.18 37.48
C GLY H 402 -14.11 -44.48 38.16
N MET H 403 -13.83 -43.93 39.33
CA MET H 403 -14.88 -43.29 40.09
C MET H 403 -14.28 -42.42 41.17
N VAL H 404 -15.15 -41.62 41.77
CA VAL H 404 -14.76 -40.84 42.93
C VAL H 404 -15.56 -41.44 44.08
N LYS H 405 -14.88 -41.69 45.22
CA LYS H 405 -15.52 -42.22 46.42
C LYS H 405 -15.21 -41.30 47.63
N ILE H 406 -16.28 -40.86 48.27
CA ILE H 406 -16.19 -39.96 49.42
C ILE H 406 -16.68 -40.67 50.66
N LEU H 407 -15.97 -40.49 51.78
CA LEU H 407 -16.36 -41.08 53.08
C LEU H 407 -16.67 -39.86 53.96
N GLY H 408 -17.93 -39.76 54.42
CA GLY H 408 -18.36 -38.65 55.25
C GLY H 408 -18.81 -39.11 56.65
N GLN H 409 -18.57 -38.29 57.67
CA GLN H 409 -18.97 -38.64 59.02
C GLN H 409 -20.48 -38.57 59.04
N LYS H 410 -21.13 -39.63 59.54
CA LYS H 410 -22.58 -39.64 59.54
C LYS H 410 -23.20 -38.53 60.39
N SER H 411 -22.66 -38.28 61.56
CA SER H 411 -23.20 -37.26 62.51
C SER H 411 -23.03 -35.80 62.08
N THR H 412 -21.92 -35.46 61.48
CA THR H 412 -21.65 -34.07 61.08
C THR H 412 -21.52 -33.78 59.57
N ASP H 413 -21.57 -34.83 58.73
CA ASP H 413 -21.37 -34.73 57.27
C ASP H 413 -19.93 -34.28 56.92
N ARG H 414 -19.04 -34.25 57.91
CA ARG H 414 -17.65 -33.88 57.63
C ARG H 414 -16.95 -34.88 56.67
N VAL H 415 -16.20 -34.34 55.72
CA VAL H 415 -15.47 -35.22 54.81
C VAL H 415 -14.34 -35.90 55.57
N LEU H 416 -14.33 -37.23 55.59
CA LEU H 416 -13.28 -37.94 56.31
C LEU H 416 -12.23 -38.57 55.38
N GLY H 417 -12.58 -38.81 54.12
CA GLY H 417 -11.65 -39.38 53.17
C GLY H 417 -12.17 -39.14 51.76
N ALA H 418 -11.26 -38.91 50.82
CA ALA H 418 -11.63 -38.75 49.43
C ALA H 418 -10.69 -39.66 48.65
N HIS H 419 -11.30 -40.50 47.80
CA HIS H 419 -10.55 -41.48 47.02
C HIS H 419 -10.92 -41.36 45.54
N ILE H 420 -9.90 -41.17 44.70
CA ILE H 420 -10.15 -40.98 43.31
C ILE H 420 -9.40 -41.94 42.41
N LEU H 421 -10.14 -42.64 41.55
CA LEU H 421 -9.53 -43.53 40.58
C LEU H 421 -10.01 -43.05 39.22
N GLY H 422 -9.10 -42.53 38.41
CA GLY H 422 -9.48 -42.07 37.10
C GLY H 422 -8.75 -40.85 36.58
N PRO H 423 -9.29 -40.25 35.49
CA PRO H 423 -8.64 -39.06 34.92
C PRO H 423 -8.60 -37.85 35.86
N GLY H 424 -7.45 -37.17 35.89
CA GLY H 424 -7.30 -35.97 36.69
C GLY H 424 -7.25 -36.14 38.19
N ALA H 425 -7.07 -37.37 38.66
CA ALA H 425 -7.08 -37.64 40.09
C ALA H 425 -6.01 -36.84 40.84
N GLY H 426 -4.82 -36.78 40.26
CA GLY H 426 -3.73 -36.05 40.87
C GLY H 426 -4.03 -34.59 41.18
N GLU H 427 -4.64 -33.90 40.23
CA GLU H 427 -4.97 -32.51 40.45
C GLU H 427 -6.18 -32.39 41.32
N MET H 428 -7.14 -33.29 41.13
CA MET H 428 -8.37 -33.22 41.90
C MET H 428 -8.25 -33.42 43.44
N VAL H 429 -7.30 -34.23 43.88
CA VAL H 429 -7.13 -34.52 45.30
C VAL H 429 -6.72 -33.26 46.08
N ASN H 430 -6.20 -32.24 45.42
CA ASN H 430 -5.81 -31.01 46.09
C ASN H 430 -7.02 -30.18 46.51
N GLU H 431 -8.12 -30.28 45.76
CA GLU H 431 -9.37 -29.60 46.18
C GLU H 431 -9.81 -30.34 47.48
N ALA H 432 -9.63 -31.66 47.49
CA ALA H 432 -9.97 -32.48 48.66
C ALA H 432 -9.10 -32.17 49.88
N ALA H 433 -7.79 -31.99 49.67
CA ALA H 433 -6.89 -31.67 50.78
C ALA H 433 -7.30 -30.32 51.40
N LEU H 434 -7.66 -29.37 50.56
CA LEU H 434 -8.13 -28.05 51.02
C LEU H 434 -9.41 -28.22 51.85
N ALA H 435 -10.34 -29.04 51.35
CA ALA H 435 -11.58 -29.30 52.10
C ALA H 435 -11.28 -29.82 53.52
N LEU H 436 -10.44 -30.84 53.61
CA LEU H 436 -10.07 -31.45 54.89
C LEU H 436 -9.41 -30.46 55.85
N GLU H 437 -8.61 -29.56 55.32
CA GLU H 437 -7.90 -28.57 56.12
C GLU H 437 -8.92 -27.69 56.86
N TYR H 438 -10.05 -27.44 56.22
CA TYR H 438 -11.08 -26.64 56.86
C TYR H 438 -12.09 -27.48 57.59
N GLY H 439 -11.99 -28.80 57.50
CA GLY H 439 -12.98 -29.65 58.14
C GLY H 439 -14.32 -29.48 57.39
N ALA H 440 -14.26 -29.24 56.08
CA ALA H 440 -15.45 -29.05 55.28
C ALA H 440 -16.35 -30.30 55.25
N SER H 441 -17.65 -30.10 55.07
CA SER H 441 -18.62 -31.19 54.97
C SER H 441 -18.84 -31.60 53.48
N CYS H 442 -19.46 -32.76 53.26
CA CYS H 442 -19.75 -33.24 51.91
C CYS H 442 -20.69 -32.23 51.23
N GLU H 443 -21.64 -31.74 52.01
CA GLU H 443 -22.59 -30.74 51.54
C GLU H 443 -21.86 -29.45 51.12
N ASP H 444 -20.91 -28.98 51.93
CA ASP H 444 -20.14 -27.78 51.61
C ASP H 444 -19.65 -27.88 50.17
N ILE H 445 -19.01 -29.01 49.87
CA ILE H 445 -18.45 -29.22 48.56
C ILE H 445 -19.51 -29.33 47.45
N ALA H 446 -20.60 -30.04 47.74
CA ALA H 446 -21.69 -30.23 46.79
C ALA H 446 -22.33 -28.90 46.39
N ARG H 447 -22.30 -27.93 47.30
CA ARG H 447 -22.88 -26.63 46.99
C ARG H 447 -21.89 -25.65 46.39
N VAL H 448 -20.60 -26.01 46.30
CA VAL H 448 -19.66 -25.08 45.65
C VAL H 448 -19.95 -25.23 44.14
N CYS H 449 -20.00 -24.13 43.41
CA CYS H 449 -20.28 -24.18 41.96
C CYS H 449 -19.01 -24.61 41.24
N HIS H 450 -18.99 -25.84 40.72
CA HIS H 450 -17.83 -26.32 39.98
C HIS H 450 -18.06 -26.02 38.49
N ALA H 451 -17.00 -25.74 37.76
CA ALA H 451 -17.14 -25.44 36.33
C ALA H 451 -17.63 -26.64 35.53
N HIS H 452 -18.46 -26.39 34.54
CA HIS H 452 -18.99 -27.45 33.65
C HIS H 452 -18.45 -27.21 32.24
N PRO H 453 -17.89 -28.24 31.59
CA PRO H 453 -17.73 -29.60 32.07
C PRO H 453 -16.31 -29.82 32.53
N THR H 454 -16.16 -30.36 33.74
CA THR H 454 -14.82 -30.63 34.23
C THR H 454 -14.86 -31.95 34.98
N LEU H 455 -13.68 -32.55 35.13
CA LEU H 455 -13.58 -33.80 35.86
C LEU H 455 -13.96 -33.56 37.33
N SER H 456 -13.69 -32.35 37.83
CA SER H 456 -13.99 -32.02 39.21
C SER H 456 -15.48 -32.26 39.55
N GLU H 457 -16.36 -32.20 38.54
CA GLU H 457 -17.76 -32.42 38.79
C GLU H 457 -18.05 -33.84 39.32
N ALA H 458 -17.15 -34.80 39.08
CA ALA H 458 -17.33 -36.17 39.63
C ALA H 458 -17.12 -36.07 41.14
N PHE H 459 -16.15 -35.23 41.54
CA PHE H 459 -15.82 -35.01 42.96
C PHE H 459 -17.04 -34.34 43.59
N ARG H 460 -17.53 -33.31 42.92
CA ARG H 460 -18.69 -32.65 43.48
C ARG H 460 -19.89 -33.58 43.67
N GLU H 461 -20.16 -34.40 42.65
CA GLU H 461 -21.29 -35.34 42.64
C GLU H 461 -21.12 -36.46 43.67
N ALA H 462 -19.90 -36.97 43.85
CA ALA H 462 -19.65 -38.01 44.88
C ALA H 462 -19.94 -37.40 46.27
N ASN H 463 -19.61 -36.13 46.47
CA ASN H 463 -19.90 -35.45 47.73
C ASN H 463 -21.41 -35.24 47.94
N LEU H 464 -22.12 -34.92 46.87
CA LEU H 464 -23.55 -34.73 46.97
C LEU H 464 -24.20 -36.08 47.33
N ALA H 465 -23.69 -37.15 46.74
CA ALA H 465 -24.22 -38.50 46.98
C ALA H 465 -23.98 -38.90 48.45
N ALA H 466 -22.80 -38.55 48.97
CA ALA H 466 -22.47 -38.86 50.35
C ALA H 466 -23.33 -38.04 51.28
N SER H 467 -23.57 -36.80 50.87
CA SER H 467 -24.36 -35.92 51.73
C SER H 467 -25.88 -36.12 51.71
N PHE H 468 -26.48 -36.10 50.52
CA PHE H 468 -27.93 -36.19 50.33
C PHE H 468 -28.41 -37.62 50.11
N GLY H 469 -27.54 -38.47 49.61
CA GLY H 469 -27.93 -39.85 49.37
C GLY H 469 -27.93 -40.16 47.87
N LYS H 470 -28.11 -39.14 47.03
CA LYS H 470 -28.15 -39.33 45.58
C LYS H 470 -27.47 -38.18 44.90
N SER H 471 -26.78 -38.46 43.80
CA SER H 471 -26.18 -37.40 43.02
C SER H 471 -27.22 -37.10 41.92
N ILE H 472 -26.97 -36.10 41.07
CA ILE H 472 -27.89 -35.79 40.00
C ILE H 472 -27.77 -36.72 38.77
N ASN H 473 -26.52 -36.92 38.37
CA ASN H 473 -26.21 -37.65 37.15
C ASN H 473 -25.96 -39.13 37.15
N PHE H 474 -26.28 -39.80 38.24
CA PHE H 474 -26.13 -41.23 38.26
C PHE H 474 -27.15 -41.73 39.28
S SO4 I . 41.17 -20.37 -2.12
O1 SO4 I . 40.84 -20.60 -0.67
O2 SO4 I . 42.63 -20.12 -2.27
O3 SO4 I . 40.41 -19.18 -2.62
O4 SO4 I . 40.78 -21.58 -2.91
S SO4 J . 36.01 7.22 40.72
O1 SO4 J . 34.75 7.03 41.50
O2 SO4 J . 36.86 8.26 41.38
O3 SO4 J . 35.66 7.65 39.32
O4 SO4 J . 36.77 5.92 40.65
S SO4 K . 22.05 -0.66 25.75
O1 SO4 K . 21.75 -0.56 27.21
O2 SO4 K . 23.45 -0.17 25.49
O3 SO4 K . 21.08 0.18 24.97
O4 SO4 K . 21.95 -2.09 25.31
PA FAD L . 38.19 5.07 23.54
O1A FAD L . 38.66 5.31 22.11
O2A FAD L . 38.27 3.66 24.14
O5B FAD L . 38.95 6.00 24.48
C5B FAD L . 39.19 7.36 24.43
C4B FAD L . 40.44 7.69 25.33
O4B FAD L . 40.12 7.85 26.71
C3B FAD L . 41.64 6.67 25.34
O3B FAD L . 42.68 7.21 24.57
C2B FAD L . 41.97 6.54 26.85
O2B FAD L . 43.30 6.27 27.19
C1B FAD L . 41.40 7.86 27.37
N9A FAD L . 41.15 7.98 28.83
C8A FAD L . 40.36 7.17 29.62
N7A FAD L . 40.31 7.57 30.88
C5A FAD L . 41.12 8.69 30.93
C6A FAD L . 41.46 9.55 32.00
N6A FAD L . 40.99 9.41 33.22
N1A FAD L . 42.30 10.60 31.72
C2A FAD L . 42.78 10.77 30.45
N3A FAD L . 42.50 9.99 29.38
C4A FAD L . 41.66 8.95 29.67
N1 FAD L . 34.35 0.39 16.15
C2 FAD L . 33.84 0.71 14.89
O2 FAD L . 32.93 1.50 14.75
N3 FAD L . 34.41 0.09 13.77
C4 FAD L . 35.45 -0.83 13.84
O4 FAD L . 35.92 -1.34 12.83
C4X FAD L . 35.95 -1.17 15.13
N5 FAD L . 36.98 -2.09 15.28
C5X FAD L . 37.49 -2.39 16.54
C6 FAD L . 38.53 -3.32 16.66
C7 FAD L . 39.09 -3.66 17.90
C7M FAD L . 40.21 -4.70 17.94
C8 FAD L . 38.59 -2.99 19.08
C8M FAD L . 39.15 -3.26 20.46
C9 FAD L . 37.53 -2.04 18.97
C9A FAD L . 36.96 -1.75 17.71
N10 FAD L . 35.89 -0.81 17.56
C10 FAD L . 35.37 -0.52 16.27
C1' FAD L . 35.31 -0.14 18.74
C2' FAD L . 35.83 1.27 18.81
O2' FAD L . 37.24 1.22 18.88
C3' FAD L . 35.29 2.00 20.03
O3' FAD L . 33.89 2.01 20.00
C4' FAD L . 35.73 3.48 20.10
O4' FAD L . 37.14 3.59 20.21
C5' FAD L . 35.03 4.18 21.26
O5' FAD L . 35.48 5.54 21.26
P FAD L . 35.58 6.40 22.57
O1P FAD L . 36.08 7.72 22.16
O2P FAD L . 34.31 6.42 23.37
O3P FAD L . 36.64 5.64 23.54
PA NAI M . 31.08 -8.83 21.14
O1A NAI M . 31.03 -8.44 19.71
O2A NAI M . 29.95 -8.46 22.01
O5B NAI M . 31.30 -10.42 21.23
C5B NAI M . 31.69 -11.04 22.46
C4B NAI M . 31.25 -12.51 22.44
O4B NAI M . 31.69 -13.20 23.62
C3B NAI M . 29.73 -12.58 22.44
O3B NAI M . 29.29 -13.34 21.32
C2B NAI M . 29.42 -13.33 23.73
O2B NAI M . 28.27 -14.16 23.51
C1B NAI M . 30.68 -14.19 23.84
N9A NAI M . 30.92 -14.80 25.16
C8A NAI M . 30.80 -14.19 26.34
N7A NAI M . 31.24 -14.99 27.31
C5A NAI M . 31.65 -16.12 26.74
C6A NAI M . 32.22 -17.29 27.22
N6A NAI M . 32.50 -17.45 28.50
N1A NAI M . 32.52 -18.28 26.35
C2A NAI M . 32.29 -18.14 25.05
N3A NAI M . 31.76 -17.03 24.57
C4A NAI M . 31.43 -16.01 25.38
O3 NAI M . 32.42 -8.24 21.82
PN NAI M . 33.81 -8.00 21.04
O1N NAI M . 33.85 -8.84 19.82
O2N NAI M . 34.92 -8.13 22.01
O5D NAI M . 33.70 -6.46 20.57
C5D NAI M . 33.67 -5.42 21.56
C4D NAI M . 33.11 -4.10 21.03
O4D NAI M . 33.95 -3.62 19.96
C3D NAI M . 31.71 -4.28 20.44
O3D NAI M . 30.92 -3.09 20.56
C2D NAI M . 32.02 -4.53 18.97
O2D NAI M . 30.92 -4.20 18.13
C1D NAI M . 33.15 -3.53 18.77
N1N NAI M . 33.93 -3.82 17.54
C2N NAI M . 33.42 -3.39 16.31
C3N NAI M . 34.04 -3.80 15.13
C7N NAI M . 33.44 -3.35 13.80
O7N NAI M . 32.61 -2.45 13.78
N7N NAI M . 33.88 -3.98 12.72
C4N NAI M . 35.15 -4.64 15.19
C5N NAI M . 35.66 -5.07 16.41
C6N NAI M . 35.05 -4.66 17.59
S SO4 N . 53.64 1.18 -8.58
O1 SO4 N . 54.22 -0.18 -8.35
O2 SO4 N . 54.72 2.22 -8.43
O3 SO4 N . 52.55 1.44 -7.59
O4 SO4 N . 53.08 1.26 -9.98
S SO4 O . 15.18 2.31 -42.51
O1 SO4 O . 16.48 1.66 -42.91
O2 SO4 O . 15.31 3.80 -42.65
O3 SO4 O . 14.87 1.96 -41.08
O4 SO4 O . 14.07 1.83 -43.40
S SO4 P . 19.94 30.35 -6.80
O1 SO4 P . 19.93 29.37 -5.66
O2 SO4 P . 21.36 30.72 -7.13
O3 SO4 P . 19.19 31.59 -6.38
O4 SO4 P . 19.27 29.75 -7.99
S SO4 Q . 21.48 14.64 -25.46
O1 SO4 Q . 21.54 14.77 -23.97
O2 SO4 Q . 22.69 15.30 -26.06
O3 SO4 Q . 20.24 15.32 -25.96
O4 SO4 Q . 21.45 13.19 -25.85
PA FAD R . 22.69 -2.02 -26.92
O1A FAD R . 23.05 -2.84 -25.69
O2A FAD R . 23.80 -1.33 -27.76
O5B FAD R . 21.89 -2.90 -27.89
C5B FAD R . 20.78 -3.73 -27.61
C4B FAD R . 20.68 -4.84 -28.71
O4B FAD R . 19.98 -4.39 -29.87
C3B FAD R . 22.00 -5.42 -29.29
O3B FAD R . 22.23 -6.70 -28.79
C2B FAD R . 21.78 -5.40 -30.81
O2B FAD R . 22.40 -6.44 -31.56
C1B FAD R . 20.27 -5.38 -30.89
N9A FAD R . 19.63 -4.93 -32.14
C8A FAD R . 19.82 -3.75 -32.81
N7A FAD R . 19.06 -3.65 -33.89
C5A FAD R . 18.36 -4.82 -33.95
C6A FAD R . 17.39 -5.31 -34.86
N6A FAD R . 16.96 -4.63 -35.91
N1A FAD R . 16.86 -6.58 -34.62
C2A FAD R . 17.27 -7.31 -33.53
N3A FAD R . 18.20 -6.90 -32.61
C4A FAD R . 18.71 -5.64 -32.86
N1 FAD R . 27.49 1.76 -19.70
C2 FAD R . 27.36 1.83 -18.34
O2 FAD R . 26.34 2.26 -17.82
N3 FAD R . 28.42 1.36 -17.55
C4 FAD R . 29.61 0.85 -18.05
O4 FAD R . 30.51 0.46 -17.26
C4X FAD R . 29.74 0.80 -19.47
N5 FAD R . 30.90 0.30 -20.08
C5X FAD R . 31.01 0.24 -21.48
C6 FAD R . 32.16 -0.25 -22.09
C7 FAD R . 32.31 -0.33 -23.49
C7M FAD R . 33.59 -0.88 -24.09
C8 FAD R . 31.20 0.10 -24.32
C8M FAD R . 31.25 0.04 -25.83
C9 FAD R . 30.02 0.62 -23.72
C9A FAD R . 29.91 0.69 -22.30
N10 FAD R . 28.75 1.20 -21.67
C10 FAD R . 28.66 1.27 -20.25
C1' FAD R . 27.58 1.69 -22.46
C2' FAD R . 26.44 0.68 -22.38
O2' FAD R . 26.94 -0.57 -22.76
C3' FAD R . 25.31 1.08 -23.30
O3' FAD R . 24.81 2.35 -22.94
C4' FAD R . 24.10 0.13 -23.25
O4' FAD R . 24.41 -1.19 -23.72
C5' FAD R . 22.94 0.70 -24.05
O5' FAD R . 21.91 -0.26 -23.92
P FAD R . 20.81 -0.54 -25.02
O1P FAD R . 20.00 -1.62 -24.44
O2P FAD R . 20.05 0.68 -25.39
O3P FAD R . 21.61 -0.94 -26.37
PA NAI S . 32.84 9.59 -24.87
O1A NAI S . 32.79 9.17 -23.45
O2A NAI S . 31.99 10.74 -25.28
O5B NAI S . 34.36 9.94 -25.26
C5B NAI S . 34.71 10.24 -26.61
C4B NAI S . 35.93 11.16 -26.59
O4B NAI S . 36.32 11.41 -27.95
C3B NAI S . 35.50 12.51 -25.99
O3B NAI S . 36.53 13.01 -25.13
C2B NAI S . 35.34 13.39 -27.23
O2B NAI S . 35.62 14.75 -26.85
C1B NAI S . 36.49 12.84 -28.07
N9A NAI S . 36.42 13.17 -29.50
C8A NAI S . 35.31 13.22 -30.24
N7A NAI S . 35.63 13.42 -31.51
C5A NAI S . 36.97 13.50 -31.59
C6A NAI S . 37.87 13.70 -32.62
N6A NAI S . 37.42 13.90 -33.87
N1A NAI S . 39.18 13.72 -32.35
C2A NAI S . 39.63 13.58 -31.11
N3A NAI S . 38.79 13.39 -30.10
C4A NAI S . 37.47 13.34 -30.30
O3 NAI S . 32.49 8.36 -25.84
PN NAI S . 33.13 6.89 -25.66
O1N NAI S . 34.27 6.92 -24.71
O2N NAI S . 33.38 6.32 -27.01
O5D NAI S . 31.93 6.05 -24.97
C5D NAI S . 30.73 5.81 -25.71
C4D NAI S . 29.48 5.74 -24.80
O4D NAI S . 29.62 4.61 -23.91
C3D NAI S . 29.35 6.97 -23.92
O3D NAI S . 27.99 7.19 -23.53
C2D NAI S . 30.19 6.58 -22.72
O2D NAI S . 29.85 7.33 -21.55
C1D NAI S . 29.71 5.13 -22.57
N1N NAI S . 30.58 4.32 -21.68
C2N NAI S . 30.32 4.33 -20.31
C3N NAI S . 31.22 3.71 -19.44
C7N NAI S . 31.00 3.83 -17.94
O7N NAI S . 29.96 4.33 -17.50
N7N NAI S . 31.99 3.37 -17.17
C4N NAI S . 32.35 3.07 -19.96
C5N NAI S . 32.60 3.05 -21.33
C6N NAI S . 31.71 3.68 -22.20
S SO4 T . -1.91 2.80 -76.98
O1 SO4 T . -1.25 1.73 -76.16
O2 SO4 T . -1.10 4.06 -76.89
O3 SO4 T . -3.29 3.05 -76.45
O4 SO4 T . -1.99 2.36 -78.41
S SO4 U . -40.73 3.93 -110.71
O1 SO4 U . -39.73 2.90 -111.14
O2 SO4 U . -40.26 5.30 -111.14
O3 SO4 U . -40.87 3.90 -109.22
O4 SO4 U . -42.05 3.65 -111.35
S SO4 V . -35.41 32.18 -75.04
O1 SO4 V . -35.26 31.10 -74.01
O2 SO4 V . -34.05 32.59 -75.53
O3 SO4 V . -36.10 33.36 -74.43
O4 SO4 V . -36.23 31.65 -76.19
S SO4 W . -33.97 16.32 -93.72
O1 SO4 W . -33.76 16.47 -92.24
O2 SO4 W . -32.86 17.02 -94.45
O3 SO4 W . -35.29 16.95 -94.10
O4 SO4 W . -33.98 14.87 -94.08
PA FAD X . -32.90 -0.24 -95.25
O1A FAD X . -32.54 -1.04 -94.01
O2A FAD X . -31.79 0.45 -96.08
O5B FAD X . -33.70 -1.13 -96.23
C5B FAD X . -34.82 -1.96 -95.95
C4B FAD X . -34.92 -3.11 -97.01
O4B FAD X . -35.65 -2.68 -98.16
C3B FAD X . -33.58 -3.66 -97.61
O3B FAD X . -33.29 -4.94 -97.09
C2B FAD X . -33.81 -3.66 -99.12
O2B FAD X . -33.23 -4.72 -99.85
C1B FAD X . -35.34 -3.63 -99.19
N9A FAD X . -35.97 -3.18 -100.45
C8A FAD X . -35.74 -1.99 -101.15
N7A FAD X . -36.48 -1.90 -102.25
C5A FAD X . -37.23 -3.07 -102.28
C6A FAD X . -38.21 -3.56 -103.19
N6A FAD X . -38.62 -2.90 -104.27
N1A FAD X . -38.78 -4.81 -102.92
C2A FAD X . -38.38 -5.52 -101.81
N3A FAD X . -37.45 -5.11 -100.89
C4A FAD X . -36.90 -3.87 -101.16
N1 FAD X . -28.06 3.49 -87.91
C2 FAD X . -28.19 3.54 -86.54
O2 FAD X . -29.18 3.96 -86.01
N3 FAD X . -27.10 3.08 -85.76
C4 FAD X . -25.90 2.58 -86.28
O4 FAD X . -24.98 2.18 -85.52
C4X FAD X . -25.78 2.54 -87.71
N5 FAD X . -24.61 2.06 -88.34
C5X FAD X . -24.51 2.02 -89.74
C6 FAD X . -23.36 1.56 -90.37
C7 FAD X . -23.23 1.50 -91.78
C7M FAD X . -21.92 0.99 -92.40
C8 FAD X . -24.33 1.93 -92.59
C8M FAD X . -24.27 1.89 -94.08
C9 FAD X . -25.51 2.42 -91.97
C9A FAD X . -25.63 2.47 -90.56
N10 FAD X . -26.81 2.97 -89.90
C10 FAD X . -26.89 3.01 -88.49
C1' FAD X . -28.00 3.45 -90.68
C2' FAD X . -29.10 2.40 -90.63
O2' FAD X . -28.58 1.17 -91.11
C3' FAD X . -30.28 2.83 -91.51
O3' FAD X . -30.83 4.07 -91.06
C4' FAD X . -31.46 1.86 -91.50
O4' FAD X . -31.08 0.55 -91.94
C5' FAD X . -32.59 2.38 -92.37
O5' FAD X . -33.63 1.41 -92.27
P FAD X . -34.75 1.19 -93.36
O1P FAD X . -35.55 0.07 -92.80
O2P FAD X . -35.52 2.43 -93.67
O3P FAD X . -33.97 0.85 -94.73
PA NAI Y . -22.71 11.27 -93.20
O1A NAI Y . -22.75 10.84 -91.78
O2A NAI Y . -23.62 12.36 -93.64
O5B NAI Y . -21.20 11.71 -93.54
C5B NAI Y . -20.79 11.97 -94.89
C4B NAI Y . -19.56 12.85 -94.83
O4B NAI Y . -19.13 13.11 -96.19
C3B NAI Y . -19.96 14.20 -94.23
O3B NAI Y . -18.90 14.70 -93.40
C2B NAI Y . -20.15 15.06 -95.48
O2B NAI Y . -19.94 16.44 -95.15
C1B NAI Y . -18.99 14.53 -96.30
N9A NAI Y . -19.10 14.85 -97.75
C8A NAI Y . -20.22 14.87 -98.47
N7A NAI Y . -19.93 15.07 -99.75
C5A NAI Y . -18.61 15.16 -99.85
C6A NAI Y . -17.74 15.37 -100.91
N6A NAI Y . -18.21 15.54 -102.14
N1A NAI Y . -16.42 15.45 -100.66
C2A NAI Y . -15.94 15.32 -99.43
N3A NAI Y . -16.75 15.12 -98.40
C4A NAI Y . -18.07 15.03 -98.58
O3 NAI Y . -22.94 10.00 -94.18
PN NAI Y . -22.32 8.54 -93.91
O1N NAI Y . -21.20 8.60 -92.95
O2N NAI Y . -22.08 7.91 -95.23
O5D NAI Y . -23.53 7.76 -93.19
C5D NAI Y . -24.75 7.52 -93.92
C4D NAI Y . -25.99 7.48 -93.01
O4D NAI Y . -25.88 6.35 -92.13
C3D NAI Y . -26.05 8.73 -92.13
O3D NAI Y . -27.41 9.01 -91.73
C2D NAI Y . -25.25 8.29 -90.91
O2D NAI Y . -25.58 9.04 -89.74
C1D NAI Y . -25.79 6.86 -90.78
N1N NAI Y . -24.92 6.04 -89.91
C2N NAI Y . -25.17 6.03 -88.53
C3N NAI Y . -24.26 5.41 -87.67
C7N NAI Y . -24.48 5.52 -86.16
O7N NAI Y . -25.50 6.04 -85.71
N7N NAI Y . -23.50 5.05 -85.41
C4N NAI Y . -23.14 4.80 -88.19
C5N NAI Y . -22.88 4.79 -89.56
C6N NAI Y . -23.78 5.40 -90.43
S SO4 Z . -14.27 -18.68 -70.46
O1 SO4 Z . -14.50 -18.95 -69.00
O2 SO4 Z . -12.89 -18.13 -70.65
O3 SO4 Z . -15.29 -17.71 -70.96
O4 SO4 Z . -14.40 -19.97 -71.24
S SO4 AA . -19.61 9.03 -27.53
O1 SO4 AA . -18.85 7.73 -27.46
O2 SO4 AA . -18.82 10.10 -26.84
O3 SO4 AA . -20.93 8.86 -26.83
O4 SO4 AA . -19.85 9.39 -28.96
S SO4 BA . -53.22 -1.20 -56.10
O1 SO4 BA . -52.95 -1.70 -54.71
O2 SO4 BA . -52.15 -0.20 -56.48
O3 SO4 BA . -54.56 -0.54 -56.14
O4 SO4 BA . -53.19 -2.34 -57.07
S SO4 CA . -33.03 1.01 -42.78
O1 SO4 CA . -34.13 0.96 -41.76
O2 SO4 CA . -32.02 2.05 -42.37
O3 SO4 CA . -33.60 1.38 -44.12
O4 SO4 CA . -32.35 -0.32 -42.88
PA FAD DA . -17.36 6.82 -44.74
O1A FAD DA . -16.90 7.08 -46.18
O2A FAD DA . -17.26 5.40 -44.16
O5B FAD DA . -16.59 7.76 -43.80
C5B FAD DA . -16.36 9.11 -43.81
C4B FAD DA . -15.07 9.41 -42.93
O4B FAD DA . -15.37 9.65 -41.55
C3B FAD DA . -13.92 8.36 -42.89
O3B FAD DA . -12.88 8.83 -43.70
C2B FAD DA . -13.56 8.26 -41.38
O2B FAD DA . -12.19 8.00 -41.06
C1B FAD DA . -14.08 9.63 -40.88
N9A FAD DA . -14.32 9.78 -39.43
C8A FAD DA . -15.13 8.98 -38.64
N7A FAD DA . -15.18 9.41 -37.39
C5A FAD DA . -14.36 10.52 -37.35
C6A FAD DA . -14.03 11.40 -36.31
N6A FAD DA . -14.51 11.29 -35.08
N1A FAD DA . -13.17 12.43 -36.58
C2A FAD DA . -12.66 12.60 -37.84
N3A FAD DA . -12.95 11.80 -38.89
C4A FAD DA . -13.80 10.76 -38.60
N1 FAD DA . -21.22 2.16 -52.14
C2 FAD DA . -21.73 2.50 -53.37
O2 FAD DA . -22.61 3.31 -53.46
N3 FAD DA . -21.18 1.90 -54.51
C4 FAD DA . -20.15 0.97 -54.46
O4 FAD DA . -19.70 0.46 -55.51
C4X FAD DA . -19.64 0.61 -53.17
N5 FAD DA . -18.60 -0.31 -53.04
C5X FAD DA . -18.08 -0.62 -51.77
C6 FAD DA . -17.05 -1.55 -51.65
C7 FAD DA . -16.48 -1.88 -50.39
C7M FAD DA . -15.34 -2.91 -50.34
C8 FAD DA . -16.99 -1.23 -49.22
C8M FAD DA . -16.43 -1.51 -47.86
C9 FAD DA . -18.08 -0.29 -49.32
C9A FAD DA . -18.63 0.02 -50.59
N10 FAD DA . -19.71 0.95 -50.75
C10 FAD DA . -20.21 1.25 -52.04
C1' FAD DA . -20.31 1.63 -49.58
C2' FAD DA . -19.80 3.05 -49.50
O2' FAD DA . -18.38 3.03 -49.43
C3' FAD DA . -20.38 3.76 -48.27
O3' FAD DA . -21.82 3.78 -48.33
C4' FAD DA . -19.92 5.23 -48.17
O4' FAD DA . -18.49 5.29 -48.13
C5' FAD DA . -20.53 5.91 -46.95
O5' FAD DA . -20.04 7.27 -46.96
P FAD DA . -19.91 8.13 -45.68
O1P FAD DA . -19.40 9.41 -46.17
O2P FAD DA . -21.17 8.17 -44.87
O3P FAD DA . -18.87 7.37 -44.71
PA NAI EA . -24.50 -7.02 -47.14
O1A NAI EA . -24.53 -6.58 -48.55
O2A NAI EA . -25.65 -6.66 -46.27
O5B NAI EA . -24.30 -8.61 -47.10
C5B NAI EA . -23.93 -9.27 -45.90
C4B NAI EA . -24.35 -10.73 -45.99
O4B NAI EA . -23.90 -11.43 -44.83
C3B NAI EA . -25.88 -10.84 -46.01
O3B NAI EA . -26.30 -11.66 -47.10
C2B NAI EA . -26.19 -11.53 -44.68
O2B NAI EA . -27.33 -12.37 -44.84
C1B NAI EA . -24.93 -12.39 -44.56
N9A NAI EA . -24.69 -12.92 -43.20
C8A NAI EA . -24.78 -12.24 -42.07
N7A NAI EA . -24.33 -12.99 -41.06
C5A NAI EA . -23.97 -14.17 -41.57
C6A NAI EA . -23.43 -15.33 -41.03
N6A NAI EA . -23.14 -15.41 -39.74
N1A NAI EA . -23.16 -16.36 -41.86
C2A NAI EA . -23.41 -16.29 -43.16
N3A NAI EA . -23.92 -15.20 -43.69
C4A NAI EA . -24.21 -14.14 -42.94
O3 NAI EA . -23.17 -6.47 -46.43
PN NAI EA . -21.80 -6.20 -47.23
O1N NAI EA . -21.75 -7.07 -48.44
O2N NAI EA . -20.67 -6.26 -46.27
O5D NAI EA . -21.98 -4.68 -47.73
C5D NAI EA . -21.97 -3.62 -46.74
C4D NAI EA . -22.53 -2.30 -47.28
O4D NAI EA . -21.69 -1.84 -48.36
C3D NAI EA . -23.94 -2.47 -47.85
O3D NAI EA . -24.70 -1.27 -47.75
C2D NAI EA . -23.63 -2.79 -49.31
O2D NAI EA . -24.73 -2.48 -50.16
C1D NAI EA . -22.48 -1.80 -49.56
N1N NAI EA . -21.71 -2.13 -50.77
C2N NAI EA . -22.16 -1.67 -52.01
C3N NAI EA . -21.52 -2.08 -53.17
C7N NAI EA . -22.08 -1.62 -54.52
O7N NAI EA . -22.89 -0.70 -54.56
N7N NAI EA . -21.62 -2.28 -55.58
C4N NAI EA . -20.42 -2.94 -53.10
C5N NAI EA . -19.97 -3.40 -51.88
C6N NAI EA . -20.61 -3.00 -50.71
S SO4 FA . -13.51 47.20 35.39
O1 SO4 FA . -13.34 45.84 34.80
O2 SO4 FA . -12.38 47.48 36.34
O3 SO4 FA . -14.81 47.27 36.14
O4 SO4 FA . -13.50 48.22 34.30
S SO4 GA . 20.54 35.61 72.29
O1 SO4 GA . 22.02 35.85 72.26
O2 SO4 GA . 19.82 36.90 72.52
O3 SO4 GA . 20.20 34.65 73.39
O4 SO4 GA . 20.09 35.02 70.97
S SO4 HA . 29.40 36.80 27.52
O1 SO4 HA . 28.20 35.93 27.23
O2 SO4 HA . 29.83 36.58 28.94
O3 SO4 HA . 29.02 38.24 27.32
O4 SO4 HA . 30.52 36.44 26.60
S SO4 IA . 21.01 38.60 50.50
O1 SO4 IA . 19.94 39.64 50.59
O2 SO4 IA . 20.83 37.58 51.59
O3 SO4 IA . 22.35 39.25 50.63
O4 SO4 IA . 20.92 37.90 49.17
PA FAD JA . 8.84 31.68 59.35
O1A FAD JA . 7.74 30.95 58.57
O2A FAD JA . 8.77 33.21 59.54
O5B FAD JA . 8.97 31.06 60.76
C5B FAD JA . 9.04 29.70 61.19
C4B FAD JA . 8.56 29.61 62.71
O4B FAD JA . 9.61 29.86 63.64
C3B FAD JA . 7.42 30.58 63.17
O3B FAD JA . 6.20 29.89 63.32
C2B FAD JA . 7.94 31.16 64.50
O2B FAD JA . 6.98 31.45 65.52
C1B FAD JA . 8.96 30.13 64.90
N9A FAD JA . 9.99 30.52 65.86
C8A FAD JA . 10.87 31.58 65.77
N7A FAD JA . 11.71 31.64 66.82
C5A FAD JA . 11.34 30.58 67.62
C6A FAD JA . 11.86 30.09 68.89
N6A FAD JA . 12.89 30.64 69.55
N1A FAD JA . 11.25 28.97 69.44
C2A FAD JA . 10.19 28.37 68.78
N3A FAD JA . 9.66 28.77 67.59
C4A FAD JA . 10.27 29.88 67.05
N1 FAD JA . 6.65 33.74 50.25
C2 FAD JA . 6.45 33.01 49.07
O2 FAD JA . 7.31 32.25 48.62
N3 FAD JA . 5.22 33.16 48.43
C4 FAD JA . 4.19 34.00 48.84
O4 FAD JA . 3.14 34.07 48.21
C4X FAD JA . 4.39 34.75 50.04
N5 FAD JA . 3.40 35.63 50.54
C5X FAD JA . 3.63 36.34 51.72
C6 FAD JA . 2.67 37.22 52.22
C7 FAD JA . 2.86 37.95 53.41
C7M FAD JA . 1.78 38.89 53.88
C8 FAD JA . 4.10 37.78 54.14
C8M FAD JA . 4.40 38.51 55.43
C9 FAD JA . 5.09 36.91 53.65
C9A FAD JA . 4.89 36.18 52.45
N10 FAD JA . 5.88 35.29 51.92
C10 FAD JA . 5.65 34.59 50.72
C1' FAD JA . 7.19 35.08 52.62
C2' FAD JA . 7.18 33.71 53.33
O2' FAD JA . 6.07 33.66 54.19
C3' FAD JA . 8.48 33.47 54.13
O3' FAD JA . 9.64 33.51 53.29
C4' FAD JA . 8.53 32.10 54.84
O4' FAD JA . 7.51 31.97 55.81
C5' FAD JA . 9.88 31.88 55.52
O5' FAD JA . 9.81 30.58 56.15
P FAD JA . 10.62 30.22 57.46
O1P FAD JA . 10.28 28.81 57.78
O2P FAD JA . 12.06 30.50 57.30
O3P FAD JA . 10.20 31.25 58.60
PA NAI KA . 10.05 43.94 49.91
O1A NAI KA . 9.38 43.06 48.93
O2A NAI KA . 11.53 43.97 49.95
O5B NAI KA . 9.51 45.43 49.67
C5B NAI KA . 9.71 46.47 50.63
C4B NAI KA . 9.54 47.80 49.92
O4B NAI KA . 9.76 48.84 50.88
C3B NAI KA . 10.63 47.93 48.85
O3B NAI KA . 10.09 48.50 47.65
C2B NAI KA . 11.63 48.88 49.51
O2B NAI KA . 12.32 49.65 48.53
C1B NAI KA . 10.65 49.78 50.26
N9A NAI KA . 11.28 50.54 51.36
C8A NAI KA . 12.20 50.07 52.20
N7A NAI KA . 12.48 50.99 53.12
C5A NAI KA . 11.72 52.05 52.87
C6A NAI KA . 11.57 53.29 53.47
N6A NAI KA . 12.29 53.61 54.54
N1A NAI KA . 10.71 54.17 52.94
C2A NAI KA . 9.99 53.86 51.86
N3A NAI KA . 10.11 52.69 51.27
C4A NAI KA . 10.96 51.77 51.74
O3 NAI KA . 9.53 43.63 51.41
PN NAI KA . 8.00 43.22 51.75
O1N NAI KA . 7.09 43.59 50.66
O2N NAI KA . 7.69 43.70 53.11
O5D NAI KA . 8.11 41.61 51.80
C5D NAI KA . 8.90 40.99 52.81
C4D NAI KA . 9.39 39.59 52.39
O4D NAI KA . 8.23 38.75 52.17
C3D NAI KA . 10.17 39.64 51.08
O3D NAI KA . 11.11 38.56 51.00
C2D NAI KA . 9.05 39.43 50.07
O2D NAI KA . 9.54 38.93 48.81
C1D NAI KA . 8.27 38.33 50.80
N1N NAI KA . 6.92 38.17 50.21
C2N NAI KA . 6.77 37.33 49.10
C3N NAI KA . 5.56 37.32 48.42
C7N NAI KA . 5.46 36.49 47.13
O7N NAI KA . 6.41 35.78 46.77
N7N NAI KA . 4.33 36.61 46.45
C4N NAI KA . 4.50 38.11 48.84
C5N NAI KA . 4.65 38.94 49.96
C6N NAI KA . 5.86 38.98 50.65
S SO4 LA . -22.19 24.27 42.69
O1 SO4 LA . -23.32 25.18 43.10
O2 SO4 LA . -21.83 23.36 43.82
O3 SO4 LA . -21.00 25.09 42.30
O4 SO4 LA . -22.64 23.45 41.51
S SO4 MA . -8.42 13.83 -5.72
O1 SO4 MA . -9.78 13.40 -5.26
O2 SO4 MA . -7.74 14.60 -4.63
O3 SO4 MA . -8.56 14.69 -6.94
O4 SO4 MA . -7.61 12.61 -6.06
S SO4 NA . 12.38 -2.43 31.42
O1 SO4 NA . 11.96 -3.22 32.61
O2 SO4 NA . 13.28 -1.31 31.85
O3 SO4 NA . 11.18 -1.87 30.74
O4 SO4 NA . 13.12 -3.32 30.46
S SO4 OA . -3.67 3.17 12.27
O1 SO4 OA . -4.16 4.36 13.05
O2 SO4 OA . -2.17 3.11 12.35
O3 SO4 OA . -4.08 3.32 10.84
O4 SO4 OA . -4.26 1.92 12.84
PA FAD PA . -7.67 22.66 9.58
O1A FAD PA . -7.52 23.74 10.59
O2A FAD PA . -8.86 21.71 9.63
O5B FAD PA . -7.65 23.30 8.15
C5B FAD PA . -6.85 24.20 7.47
C4B FAD PA . -7.65 24.87 6.25
O4B FAD PA . -7.57 24.19 4.99
C3B FAD PA . -9.18 25.14 6.45
O3B FAD PA . -9.33 26.51 6.68
C2B FAD PA . -9.84 24.67 5.13
O2B FAD PA . -11.00 25.38 4.70
C1B FAD PA . -8.66 24.73 4.16
N9A FAD PA . -8.70 23.91 2.93
C8A FAD PA . -8.93 22.55 2.83
N7A FAD PA . -8.85 22.11 1.59
C5A FAD PA . -8.57 23.25 0.83
C6A FAD PA . -8.33 23.44 -0.55
N6A FAD PA . -8.33 22.48 -1.43
N1A FAD PA . -8.08 24.73 -1.01
C2A FAD PA . -8.04 25.77 -0.14
N3A FAD PA . -8.23 25.66 1.23
C4A FAD PA . -8.49 24.37 1.65
N1 FAD PA . -6.80 21.03 18.94
C2 FAD PA . -5.97 21.42 19.95
O2 FAD PA . -4.81 21.24 19.87
N3 FAD PA . -6.50 22.05 21.07
C4 FAD PA . -7.85 22.32 21.25
O4 FAD PA . -8.24 22.89 22.28
C4X FAD PA . -8.74 21.91 20.20
N5 FAD PA . -10.11 22.14 20.26
C5X FAD PA . -10.94 21.76 19.23
C6 FAD PA . -12.33 21.99 19.31
C7 FAD PA . -13.21 21.64 18.27
C7M FAD PA . -14.71 21.91 18.42
C8 FAD PA . -12.67 21.04 17.10
C8M FAD PA . -13.54 20.68 15.91
C9 FAD PA . -11.28 20.79 17.00
C9A FAD PA . -10.39 21.13 18.06
N10 FAD PA . -8.99 20.88 17.99
C10 FAD PA . -8.16 21.27 19.05
C1' FAD PA . -8.39 20.21 16.79
C2' FAD PA . -7.72 21.23 15.92
O2' FAD PA . -8.66 22.20 15.54
C3' FAD PA . -7.12 20.60 14.67
O3' FAD PA . -6.17 19.58 14.97
C4' FAD PA . -6.38 21.65 13.84
O4' FAD PA . -7.28 22.70 13.45
C5' FAD PA . -5.72 20.99 12.62
O5' FAD PA . -5.04 22.03 11.89
P FAD PA . -4.85 21.96 10.35
O1P FAD PA . -4.11 23.19 10.02
O2P FAD PA . -4.25 20.72 9.94
O3P FAD PA . -6.28 21.85 9.66
PA NAI QA . -12.46 11.81 19.78
O1A NAI QA . -11.86 12.66 20.83
O2A NAI QA . -11.59 10.83 19.08
O5B NAI QA . -13.71 11.03 20.43
C5B NAI QA . -14.72 10.43 19.62
C4B NAI QA . -15.53 9.49 20.52
O4B NAI QA . -16.63 8.96 19.78
C3B NAI QA . -14.64 8.30 20.95
O3B NAI QA . -14.74 8.11 22.36
C2B NAI QA . -15.25 7.14 20.16
O2B NAI QA . -15.15 5.92 20.91
C1B NAI QA . -16.71 7.57 20.13
N9A NAI QA . -17.45 6.89 19.05
C8A NAI QA . -16.98 6.61 17.83
N7A NAI QA . -17.94 6.07 17.09
C5A NAI QA . -19.03 5.99 17.84
C6A NAI QA . -20.31 5.50 17.62
N6A NAI QA . -20.63 5.00 16.44
N1A NAI QA . -21.20 5.54 18.64
C2A NAI QA . -20.87 6.04 19.82
N3A NAI QA . -19.66 6.52 20.05
C4A NAI QA . -18.72 6.51 19.09
O3 NAI QA . -13.14 12.70 18.63
PN NAI QA . -13.69 14.18 18.89
O1N NAI QA . -14.02 14.35 20.33
O2N NAI QA . -14.76 14.45 17.90
O5D NAI QA . -12.42 15.10 18.54
C5D NAI QA . -11.97 15.17 17.18
C4D NAI QA . -10.50 15.57 17.04
O4D NAI QA . -10.35 16.93 17.49
C3D NAI QA . -9.60 14.72 17.94
O3D NAI QA . -8.26 14.67 17.43
C2D NAI QA . -9.66 15.50 19.24
O2D NAI QA . -8.55 15.23 20.10
C1D NAI QA . -9.53 16.92 18.68
N1N NAI QA . -9.95 17.92 19.70
C2N NAI QA . -8.99 18.35 20.62
C3N NAI QA . -9.40 19.13 21.70
C7N NAI QA . -8.34 19.55 22.71
O7N NAI QA . -7.15 19.28 22.51
N7N NAI QA . -8.81 20.21 23.77
C4N NAI QA . -10.74 19.47 21.86
C5N NAI QA . -11.69 19.05 20.94
C6N NAI QA . -11.30 18.27 19.85
S SO4 RA . 4.02 -26.99 16.92
O1 SO4 RA . 4.07 -27.96 15.78
O2 SO4 RA . 5.39 -26.45 17.20
O3 SO4 RA . 3.49 -27.68 18.14
O4 SO4 RA . 3.10 -25.85 16.55
S SO4 SA . -44.94 -14.57 24.86
O1 SO4 SA . -44.09 -14.33 23.65
O2 SO4 SA . -44.12 -15.33 25.87
O3 SO4 SA . -46.14 -15.38 24.47
O4 SO4 SA . -45.38 -13.27 25.45
S SO4 TA . -10.51 -1.79 51.30
O1 SO4 TA . -11.87 -1.18 51.27
O2 SO4 TA . -10.51 -2.98 52.23
O3 SO4 TA . -9.50 -0.79 51.77
O4 SO4 TA . -10.14 -2.26 49.92
S SO4 UA . -27.20 -4.87 32.55
O1 SO4 UA . -28.63 -4.75 32.12
O2 SO4 UA . -27.09 -4.53 34.00
O3 SO4 UA . -26.35 -3.91 31.75
O4 SO4 UA . -26.71 -6.26 32.33
PA FAD VA . -30.49 -24.13 27.12
O1A FAD VA . -29.50 -25.22 27.31
O2A FAD VA . -30.27 -23.10 25.96
O5B FAD VA . -31.90 -24.73 26.91
C5B FAD VA . -32.71 -25.66 27.55
C4B FAD VA . -33.89 -26.13 26.53
O4B FAD VA . -35.06 -25.30 26.47
C3B FAD VA . -33.51 -26.36 25.02
O3B FAD VA . -33.40 -27.74 24.85
C2B FAD VA . -34.69 -25.71 24.24
O2B FAD VA . -35.07 -26.30 23.01
C1B FAD VA . -35.79 -25.74 25.29
N9A FAD VA . -36.97 -24.84 25.12
C8A FAD VA . -36.97 -23.48 24.94
N7A FAD VA . -38.19 -22.99 24.88
C5A FAD VA . -39.02 -24.07 25.02
C6A FAD VA . -40.45 -24.19 25.05
N6A FAD VA . -41.25 -23.16 24.99
N1A FAD VA . -40.98 -25.45 25.19
C2A FAD VA . -40.16 -26.55 25.28
N3A FAD VA . -38.78 -26.50 25.28
C4A FAD VA . -38.27 -25.24 25.14
N1 FAD VA . -21.35 -23.09 29.26
C2 FAD VA . -20.48 -23.58 30.23
O2 FAD VA . -20.71 -23.48 31.38
N3 FAD VA . -19.31 -24.21 29.81
C4 FAD VA . -18.97 -24.38 28.46
O4 FAD VA . -17.93 -24.95 28.16
C4X FAD VA . -19.86 -23.88 27.49
N5 FAD VA . -19.58 -24.01 26.13
C5X FAD VA . -20.47 -23.56 25.17
C6 FAD VA . -20.19 -23.73 23.81
C7 FAD VA . -21.09 -23.29 22.81
C7M FAD VA . -20.74 -23.49 21.34
C8 FAD VA . -22.32 -22.69 23.21
C8M FAD VA . -23.34 -22.21 22.21
C9 FAD VA . -22.60 -22.50 24.58
C9A FAD VA . -21.70 -22.93 25.57
N10 FAD VA . -21.96 -22.76 26.95
C10 FAD VA . -21.04 -23.24 27.92
C1' FAD VA . -23.20 -22.08 27.41
C2' FAD VA . -24.16 -23.13 27.91
O2' FAD VA . -24.43 -24.03 26.86
C3' FAD VA . -25.46 -22.50 28.38
O3' FAD VA . -25.22 -21.55 29.39
C4' FAD VA . -26.40 -23.54 28.98
O4' FAD VA . -26.71 -24.53 28.01
C5' FAD VA . -27.65 -22.85 29.49
O5' FAD VA . -28.50 -23.84 30.03
P FAD VA . -30.06 -23.61 30.10
O1P FAD VA . -30.62 -24.84 30.71
O2P FAD VA . -30.43 -22.36 30.78
O3P FAD VA . -30.55 -23.37 28.56
PA NAI WA . -19.20 -13.37 24.13
O1A NAI WA . -18.36 -14.28 24.94
O2A NAI WA . -20.01 -12.34 24.81
O5B NAI WA . -18.27 -12.62 23.04
C5B NAI WA . -18.82 -11.95 21.92
C4B NAI WA . -17.86 -10.89 21.41
O4B NAI WA . -18.37 -10.30 20.21
C3B NAI WA . -17.70 -9.75 22.42
O3B NAI WA . -16.34 -9.71 22.86
C2B NAI WA . -18.09 -8.51 21.62
O2B NAI WA . -17.21 -7.42 21.95
C1B NAI WA . -17.82 -8.98 20.18
N9A NAI WA . -18.55 -8.24 19.13
C8A NAI WA . -19.86 -7.97 19.11
N7A NAI WA . -20.19 -7.40 17.95
C5A NAI WA . -19.09 -7.29 17.22
C6A NAI WA . -18.77 -6.75 15.98
N6A NAI WA . -19.74 -6.26 15.20
N1A NAI WA . -17.51 -6.75 15.56
C2A NAI WA . -16.53 -7.25 16.30
N3A NAI WA . -16.79 -7.77 17.49
C4A NAI WA . -18.04 -7.81 17.98
O3 NAI WA . -20.21 -14.23 23.21
PN NAI WA . -19.96 -15.76 22.77
O1N NAI WA . -18.50 -16.01 22.67
O2N NAI WA . -20.81 -16.06 21.59
O5D NAI WA . -20.51 -16.61 24.03
C5D NAI WA . -21.92 -16.62 24.32
C4D NAI WA . -22.25 -17.29 25.65
O4D NAI WA . -21.82 -18.67 25.63
C3D NAI WA . -21.52 -16.63 26.83
O3D NAI WA . -22.28 -16.73 28.04
C2D NAI WA . -20.26 -17.48 26.92
O2D NAI WA . -19.64 -17.42 28.21
C1D NAI WA . -20.88 -18.86 26.71
N1N NAI WA . -19.84 -19.87 26.41
C2N NAI WA . -19.08 -20.39 27.46
C3N NAI WA . -18.00 -21.22 27.15
C7N NAI WA . -17.15 -21.76 28.30
O7N NAI WA . -17.47 -21.52 29.47
N7N NAI WA . -16.10 -22.51 27.94
C4N NAI WA . -17.70 -21.54 25.84
C5N NAI WA . -18.48 -21.03 24.79
C6N NAI WA . -19.56 -20.19 25.08
S SO4 XA . -5.59 -49.76 23.10
O1 SO4 XA . -4.65 -49.86 21.94
O2 SO4 XA . -4.91 -50.21 24.36
O3 SO4 XA . -6.79 -50.61 22.85
O4 SO4 XA . -6.01 -48.32 23.25
S SO4 YA . 27.17 -42.71 62.45
O1 SO4 YA . 26.27 -41.85 61.62
O2 SO4 YA . 27.92 -43.65 61.56
O3 SO4 YA . 26.34 -43.49 63.43
O4 SO4 YA . 28.15 -41.85 63.20
S SO4 ZA . -18.38 -41.25 65.31
O1 SO4 ZA . -19.32 -40.98 66.45
O2 SO4 ZA . -16.96 -41.26 65.82
O3 SO4 ZA . -18.52 -40.17 64.28
O4 SO4 ZA . -18.72 -42.56 64.68
S SO4 AB . 5.26 -44.15 59.92
O1 SO4 AB . 4.01 -43.33 59.75
O2 SO4 AB . 5.51 -44.35 61.39
O3 SO4 AB . 6.43 -43.44 59.32
O4 SO4 AB . 5.08 -45.48 59.26
PA FAD BB . 16.04 -37.26 49.32
O1A FAD BB . 15.42 -36.48 48.16
O2A FAD BB . 16.17 -38.80 49.23
O5B FAD BB . 17.47 -36.70 49.62
C5B FAD BB . 17.99 -35.42 49.83
C4B FAD BB . 19.58 -35.43 49.60
O4B FAD BB . 20.32 -35.84 50.77
C3B FAD BB . 20.16 -36.32 48.46
O3B FAD BB . 20.51 -35.53 47.36
C2B FAD BB . 21.38 -37.02 49.11
O2B FAD BB . 22.51 -37.31 48.27
C1B FAD BB . 21.66 -36.07 50.28
N9A FAD BB . 22.47 -36.57 51.39
C8A FAD BB . 22.24 -37.68 52.15
N7A FAD BB . 23.17 -37.84 53.10
C5A FAD BB . 24.03 -36.78 52.93
C6A FAD BB . 25.21 -36.39 53.64
N6A FAD BB . 25.70 -37.06 54.67
N1A FAD BB . 25.86 -35.24 53.20
C2A FAD BB . 25.36 -34.52 52.13
N3A FAD BB . 24.24 -34.85 51.43
C4A FAD BB . 23.61 -35.99 51.87
N1 FAD BB . 7.24 -38.51 45.89
C2 FAD BB . 6.16 -37.73 45.58
O2 FAD BB . 5.65 -36.97 46.42
N3 FAD BB . 5.67 -37.79 44.29
C4 FAD BB . 6.17 -38.58 43.29
O4 FAD BB . 5.65 -38.55 42.16
C4X FAD BB . 7.29 -39.41 43.60
N5 FAD BB . 7.86 -40.26 42.66
C5X FAD BB . 8.96 -41.05 42.97
C6 FAD BB . 9.50 -41.89 42.01
C7 FAD BB . 10.62 -42.72 42.28
C7M FAD BB . 11.14 -43.61 41.18
C8 FAD BB . 11.21 -42.65 43.60
C8M FAD BB . 12.43 -43.49 43.96
C9 FAD BB . 10.67 -41.81 44.60
C9A FAD BB . 9.53 -41.00 44.31
N10 FAD BB . 8.93 -40.14 45.26
C10 FAD BB . 7.81 -39.35 44.93
C1' FAD BB . 9.45 -40.04 46.66
C2' FAD BB . 10.22 -38.72 46.83
O2' FAD BB . 11.18 -38.67 45.81
C3' FAD BB . 10.89 -38.64 48.20
O3' FAD BB . 9.93 -38.73 49.26
C4' FAD BB . 11.65 -37.31 48.43
O4' FAD BB . 12.76 -37.17 47.57
C5' FAD BB . 12.13 -37.22 49.85
O5' FAD BB . 12.81 -35.96 49.96
P FAD BB . 13.99 -35.74 50.99
O1P FAD BB . 14.40 -34.31 50.77
O2P FAD BB . 13.64 -36.10 52.38
O3P FAD BB . 15.14 -36.82 50.61
PA NAI CB . 5.80 -48.85 48.46
O1A NAI CB . 4.93 -47.88 47.76
O2A NAI CB . 5.67 -48.99 49.93
O5B NAI CB . 5.59 -50.29 47.78
C5B NAI CB . 6.41 -51.41 48.16
C4B NAI CB . 5.64 -52.67 47.78
O4B NAI CB . 6.50 -53.80 48.00
C3B NAI CB . 4.44 -52.81 48.73
O3B NAI CB . 3.29 -53.30 48.03
C2B NAI CB . 4.95 -53.85 49.73
O2B NAI CB . 3.83 -54.61 50.23
C1B NAI CB . 5.75 -54.74 48.79
N9A NAI CB . 6.73 -55.58 49.50
C8A NAI CB . 7.46 -55.21 50.56
N7A NAI CB . 8.31 -56.18 50.87
C5A NAI CB . 8.12 -57.18 50.02
C6A NAI CB . 8.68 -58.44 49.84
N6A NAI CB . 9.62 -58.87 50.69
N1A NAI CB . 8.24 -59.22 48.84
C2A NAI CB . 7.28 -58.82 48.03
N3A NAI CB . 6.71 -57.64 48.17
C4A NAI CB . 7.11 -56.80 49.14
O3 NAI CB . 7.35 -48.52 48.16
PN NAI CB . 7.92 -48.10 46.72
O1N NAI CB . 6.91 -48.30 45.66
O2N NAI CB . 9.25 -48.74 46.55
O5D NAI CB . 8.15 -46.52 46.91
C5D NAI CB . 9.04 -46.07 47.93
C4D NAI CB . 8.62 -44.71 48.52
O4D NAI CB . 8.62 -43.77 47.43
C3D NAI CB . 7.18 -44.74 49.07
O3D NAI CB . 6.99 -43.76 50.09
C2D NAI CB . 6.37 -44.38 47.83
O2D NAI CB . 5.10 -43.82 48.16
C1D NAI CB . 7.27 -43.28 47.27
N1N NAI CB . 6.92 -42.98 45.86
C2N NAI CB . 5.91 -42.04 45.63
C3N NAI CB . 5.40 -41.90 44.34
C7N NAI CB . 4.18 -41.00 44.15
O7N NAI CB . 3.77 -40.34 45.10
N7N NAI CB . 3.65 -41.01 42.93
C4N NAI CB . 5.92 -42.66 43.30
C5N NAI CB . 6.94 -43.58 43.53
C6N NAI CB . 7.45 -43.75 44.81
#